data_8FF5
#
_entry.id   8FF5
#
_cell.length_a   1.00
_cell.length_b   1.00
_cell.length_c   1.00
_cell.angle_alpha   90.00
_cell.angle_beta   90.00
_cell.angle_gamma   90.00
#
_symmetry.space_group_name_H-M   'P 1'
#
loop_
_entity.id
_entity.type
_entity.pdbx_description
1 polymer "Nostoc sp. 'Peltigera membranacea cyanobiont' 210A"
2 polymer 'Type I-B CRISPR-associated protein Cas6'
3 polymer 'Type I-B CRISPR-associated protein Cas7'
4 polymer 'Type I-B CRISPR-associated protein Cas8'
5 polymer 'Type I-B CRISPR-associated protein Cas11'
6 polymer RNA
7 polymer 'Target DNA strand'
8 polymer 'Non-target DNA strand'
#
loop_
_entity_poly.entity_id
_entity_poly.type
_entity_poly.pdbx_seq_one_letter_code
_entity_poly.pdbx_strand_id
1 'polypeptide(L)'
;MIAPLILYLDVPFTTFRESHAREMGKTYPVPPPATVYGMLLSLVGETNVYRHCGVELAIAMLSSPKKSRILRQMRRFKNA
DFSHPENVIPCYQEILSNLKCLIWVRSDEEKIQPSLRERIQLAFDHPELVRRFGCLFLGESDQLIKTIKLAREDYLEGVR
QWAIRDNRGRLTLPYWVDHVGSRNTRFLRYRIEEMDRLSPPDLAWTMVQSPI
;
A
2 'polypeptide(L)'
;MTAILIQSEEYVDLTFKLRGAPIPLDNGYLTYAALSRICPPLHELKSIGIHPIAGIPTRNNLLELTAQSRLKIRIYHQQI
PLIYPYLAGQAFHIGQNFYQLDIPDYKPLISSESVYSRLVIIKGFQDSTNFIEAVQRQMDNLGIQGKIELLTRQDGTPQR
RQLTINKEGKQFKVRGFGVKISELNPEDSLTLQEQGIGGKRKMMCGIFVPATRSKEEEET
;
B
3 'polypeptide(L)'
;MMTQKKNDSNIPNYYLYGTVLTRYGLASLNHDIRRGNKTILQKGYWNNGKIHSFVGSSAIRWALRFYLQKQGYLVNRVWD
EEEHINRLTSEDFDPEKFYDDDIFGFALLESAETEEDTSTTKRKKKQTKTSTPNQRMGALGMNMAVSLTPYDGAVKLGAK
SGREKDSTSLHFTEYHATRYQYYFGIDATHLKDFSRILPMIDGIMNLPKVGGSSNIFNYPFCPDSLVFQWTNHFASYISY
CFEYCDPKSKEAKLSQEFIDEVECGQIDPSKLWIGGTIVKDLQQLDNFESSPLNKAHIYRNRNEMIEALKTVIKRDLGLE
ESK
;
C,D,E,F,G,H
4 'polypeptide(L)'
;MHHHHHHHHIVSTQPKISLSLHAADTTIMHRVGMTGLYMTLKRLEKQYPLSRQRGGHISWFLTADTIELFWEGSDFIALS
WLINESFQLDDTGLIHLVGLDNDRIDLRQKIHIHEGICGVFLRLNKFYQAGEIINTELRFEEKQVEYQYKSLTWYAHQTF
AEKLCEADTQQLRHDYIQITSWLYLGGIVRHARTQNTTKLEEKPEYALALLFVPVVCHYCLLHIPSEDLKERKPHRYLVV
IPEIKDFEDASQRRWRLQQLETKQFHVSSLGEAGLLYYSLDDIQPEVAYYQACQVWLYEKTNKASRQRTLMSIEEIKIDK
NILITYQQVQKYFKTNYQIIKYKQIFIKVNPIRSLIADNLVKGIHWWSNFWEKLVIEDSKEYLFNQLFSNREGFIIMAEN
SEEDKQYLIFIKVFQQAMKGNFAKIYAKTEEGKDPPIKKKVERLRAELNYCYDELSFKEYLSDFLVRGGLNKYFNEHQEE
IALLIKKSPWQEIRIWSLLAIASYKPKDKLTNRDDSSLSNNQKLEEVNDDSEEE
;
I
5 'polypeptide(L)'
;MAENSEEDKQYLIFIKVFQQAMKGNFAKIYAKTEEGKDPPIKKKVERLRAELNYCYDELSFKEYLSDFLVRGGLNKYFNE
HQEEIALLIKKSPWQEIRIWSLLAIASYKPKDKLTNRDDSSLSNNQKLEEVNDDSEEE
;
J,K,L
6 'polyribonucleotide' UUGCUCAAGAGAAGUCAUUUAAUAAGGCCACUGUUAAACGUAGGUGAGUCGUGGCUUUAUGCCGUUAGGCG M
7 'polydeoxyribonucleotide'
;(DA)(DT)(DA)(DT)(DC)(DT)(DA)(DC)(DG)(DC)(DG)(DT)(DA)(DG)(DA)(DT)(DA)(DT)(DA)(DT)
(DC)(DT)(DA)(DC)(DG)(DT)(DT)(DT)(DA)(DA)(DC)(DA)(DG)(DT)(DG)(DG)(DC)(DC)(DT)(DT)
(DA)(DT)(DT)(DA)(DA)(DA)(DT)(DG)(DA)(DC)(DT)(DT)(DC)(DT)(DC)(DC)(DA)(DT)(DG)(DA)
(DT)(DC)(DT)(DA)(DC)
;
N
8 'polydeoxyribonucleotide'
;(DG)(DT)(DA)(DG)(DA)(DT)(DC)(DA)(DT)(DG)(DG)(DA)(DG)(DA)(DA)(DG)(DT)(DC)(DA)(DT)
(DT)(DT)(DA)(DA)(DT)(DA)(DA)(DG)(DG)(DC)(DC)(DA)(DC)(DT)(DG)(DT)(DT)(DA)(DA)(DA)
(DC)(DG)(DT)(DA)(DG)(DA)(DT)(DA)(DT)(DA)(DT)(DC)(DT)(DA)(DC)(DG)(DC)(DG)(DT)(DA)
(DG)(DA)(DT)(DA)(DT)
;
O
#
loop_
_chem_comp.id
_chem_comp.type
_chem_comp.name
_chem_comp.formula
A RNA linking ADENOSINE-5'-MONOPHOSPHATE 'C10 H14 N5 O7 P'
C RNA linking CYTIDINE-5'-MONOPHOSPHATE 'C9 H14 N3 O8 P'
DA DNA linking 2'-DEOXYADENOSINE-5'-MONOPHOSPHATE 'C10 H14 N5 O6 P'
DC DNA linking 2'-DEOXYCYTIDINE-5'-MONOPHOSPHATE 'C9 H14 N3 O7 P'
DG DNA linking 2'-DEOXYGUANOSINE-5'-MONOPHOSPHATE 'C10 H14 N5 O7 P'
DT DNA linking THYMIDINE-5'-MONOPHOSPHATE 'C10 H15 N2 O8 P'
G RNA linking GUANOSINE-5'-MONOPHOSPHATE 'C10 H14 N5 O8 P'
U RNA linking URIDINE-5'-MONOPHOSPHATE 'C9 H13 N2 O9 P'
#
# COMPACT_ATOMS: atom_id res chain seq x y z
N MET A 1 7.93 71.87 -35.27
CA MET A 1 8.45 71.01 -36.34
C MET A 1 7.65 69.74 -36.10
N ILE A 2 6.89 69.28 -37.11
CA ILE A 2 5.93 68.19 -36.96
C ILE A 2 6.58 66.98 -36.30
N ALA A 3 5.89 66.40 -35.32
CA ALA A 3 6.44 65.25 -34.60
C ALA A 3 6.78 64.11 -35.57
N PRO A 4 7.99 63.56 -35.51
CA PRO A 4 8.36 62.47 -36.42
C PRO A 4 7.50 61.24 -36.20
N LEU A 5 7.16 60.57 -37.29
CA LEU A 5 6.32 59.38 -37.20
C LEU A 5 7.07 58.25 -36.52
N ILE A 6 6.34 57.48 -35.69
CA ILE A 6 6.91 56.39 -34.91
C ILE A 6 6.16 55.11 -35.27
N LEU A 7 6.91 54.07 -35.57
CA LEU A 7 6.36 52.76 -35.86
C LEU A 7 6.85 51.73 -34.85
N TYR A 8 5.96 50.85 -34.43
CA TYR A 8 6.32 49.74 -33.55
C TYR A 8 6.52 48.50 -34.40
N LEU A 9 7.68 47.85 -34.21
CA LEU A 9 8.05 46.68 -34.99
C LEU A 9 8.10 45.45 -34.09
N ASP A 10 7.62 44.34 -34.61
CA ASP A 10 7.73 43.06 -33.91
C ASP A 10 7.86 41.99 -34.99
N VAL A 11 9.04 41.39 -35.09
CA VAL A 11 9.34 40.36 -36.06
C VAL A 11 9.74 39.10 -35.32
N PRO A 12 9.07 37.96 -35.54
CA PRO A 12 9.46 36.75 -34.82
C PRO A 12 10.88 36.28 -35.16
N PHE A 13 11.19 36.13 -36.45
CA PHE A 13 12.51 35.74 -36.89
C PHE A 13 13.01 36.74 -37.92
N THR A 14 14.28 37.12 -37.81
CA THR A 14 14.88 38.03 -38.76
C THR A 14 16.38 37.76 -38.84
N THR A 15 16.96 38.14 -39.98
CA THR A 15 18.39 37.98 -40.19
C THR A 15 18.89 39.13 -41.05
N PHE A 16 19.84 39.90 -40.53
CA PHE A 16 20.44 40.96 -41.34
C PHE A 16 21.89 40.59 -41.53
N ARG A 17 22.13 39.40 -42.09
CA ARG A 17 23.50 38.94 -42.30
C ARG A 17 24.34 40.07 -42.86
N GLU A 18 25.52 40.27 -42.29
CA GLU A 18 26.37 41.37 -42.73
C GLU A 18 26.93 41.17 -44.14
N SER A 19 27.37 42.27 -44.76
CA SER A 19 27.87 42.20 -46.13
C SER A 19 29.07 41.27 -46.29
N HIS A 20 30.22 41.68 -45.79
CA HIS A 20 31.44 40.91 -46.00
C HIS A 20 31.29 39.46 -45.54
N ALA A 21 30.23 39.13 -44.80
CA ALA A 21 29.98 37.75 -44.39
C ALA A 21 29.18 37.06 -45.50
N ARG A 22 29.88 36.73 -46.59
CA ARG A 22 29.28 36.00 -47.68
C ARG A 22 29.48 34.49 -47.59
N GLU A 23 30.46 34.04 -46.80
CA GLU A 23 30.61 32.61 -46.57
C GLU A 23 29.66 32.12 -45.49
N MET A 24 29.22 33.02 -44.61
CA MET A 24 28.36 32.68 -43.49
C MET A 24 27.21 33.66 -43.37
N GLY A 25 26.02 33.12 -43.05
CA GLY A 25 24.89 33.97 -42.73
C GLY A 25 24.97 34.55 -41.34
N LYS A 26 26.06 35.26 -41.04
CA LYS A 26 26.22 35.92 -39.76
C LYS A 26 25.70 37.35 -39.85
N THR A 27 24.89 37.73 -38.86
CA THR A 27 24.03 38.90 -38.96
C THR A 27 24.42 40.00 -37.99
N TYR A 28 24.00 41.24 -38.31
CA TYR A 28 24.08 42.36 -37.39
C TYR A 28 23.13 42.17 -36.22
N PRO A 29 23.51 42.66 -35.03
CA PRO A 29 22.55 42.66 -33.91
C PRO A 29 21.33 43.54 -34.15
N VAL A 30 21.46 44.61 -34.92
CA VAL A 30 20.39 45.58 -35.12
C VAL A 30 20.04 45.64 -36.60
N PRO A 31 18.78 45.84 -36.97
CA PRO A 31 18.44 46.06 -38.38
C PRO A 31 19.19 47.25 -38.93
N PRO A 32 19.91 47.09 -40.04
CA PRO A 32 20.65 48.21 -40.61
C PRO A 32 19.71 49.26 -41.17
N PRO A 33 20.14 50.51 -41.26
CA PRO A 33 19.26 51.54 -41.85
C PRO A 33 18.84 51.23 -43.27
N ALA A 34 19.70 50.56 -44.06
CA ALA A 34 19.34 50.24 -45.43
C ALA A 34 18.18 49.25 -45.50
N THR A 35 18.22 48.21 -44.67
CA THR A 35 17.14 47.22 -44.67
C THR A 35 15.83 47.84 -44.20
N VAL A 36 15.88 48.68 -43.17
CA VAL A 36 14.69 49.36 -42.70
C VAL A 36 14.14 50.28 -43.78
N TYR A 37 15.02 51.01 -44.46
CA TYR A 37 14.58 51.90 -45.53
C TYR A 37 13.91 51.11 -46.64
N GLY A 38 14.50 49.98 -47.03
CA GLY A 38 13.89 49.15 -48.05
C GLY A 38 12.54 48.60 -47.63
N MET A 39 12.42 48.20 -46.36
CA MET A 39 11.14 47.68 -45.89
C MET A 39 10.08 48.78 -45.85
N LEU A 40 10.47 50.00 -45.48
CA LEU A 40 9.53 51.12 -45.55
C LEU A 40 9.09 51.39 -46.98
N LEU A 41 10.04 51.32 -47.93
CA LEU A 41 9.68 51.46 -49.33
C LEU A 41 8.68 50.39 -49.75
N SER A 42 8.90 49.15 -49.31
CA SER A 42 7.96 48.07 -49.61
C SER A 42 6.59 48.34 -48.99
N LEU A 43 6.56 48.87 -47.77
CA LEU A 43 5.29 49.19 -47.12
C LEU A 43 4.53 50.25 -47.91
N VAL A 44 5.23 51.30 -48.35
CA VAL A 44 4.60 52.37 -49.13
C VAL A 44 4.49 52.01 -50.60
N GLY A 45 4.93 50.83 -51.00
CA GLY A 45 4.84 50.42 -52.40
C GLY A 45 5.68 51.26 -53.34
N GLU A 46 6.92 51.56 -52.97
CA GLU A 46 7.81 52.38 -53.78
C GLU A 46 8.90 51.47 -54.35
N THR A 47 8.80 51.17 -55.64
CA THR A 47 9.80 50.31 -56.27
C THR A 47 11.13 51.02 -56.44
N ASN A 48 11.10 52.29 -56.86
CA ASN A 48 12.33 53.03 -57.05
C ASN A 48 13.02 53.28 -55.72
N VAL A 49 14.34 53.16 -55.70
CA VAL A 49 15.09 53.34 -54.47
C VAL A 49 15.55 54.78 -54.30
N TYR A 50 15.72 55.53 -55.39
CA TYR A 50 16.18 56.91 -55.32
C TYR A 50 15.05 57.90 -55.04
N ARG A 51 13.81 57.44 -54.90
CA ARG A 51 12.70 58.35 -54.67
C ARG A 51 12.82 59.07 -53.34
N HIS A 52 13.20 58.36 -52.28
CA HIS A 52 13.13 58.86 -50.92
C HIS A 52 14.51 58.94 -50.27
N CYS A 53 15.51 59.44 -50.99
CA CYS A 53 16.80 59.72 -50.37
C CYS A 53 16.69 60.93 -49.45
N GLY A 54 17.42 60.89 -48.34
CA GLY A 54 17.44 61.97 -47.39
C GLY A 54 16.63 61.74 -46.13
N VAL A 55 15.76 60.72 -46.11
CA VAL A 55 14.95 60.46 -44.93
C VAL A 55 15.85 59.97 -43.80
N GLU A 56 15.67 60.52 -42.61
CA GLU A 56 16.47 60.17 -41.44
C GLU A 56 15.73 59.13 -40.61
N LEU A 57 16.42 58.03 -40.30
CA LEU A 57 15.84 56.93 -39.55
C LEU A 57 16.60 56.72 -38.25
N ALA A 58 15.86 56.52 -37.16
CA ALA A 58 16.43 56.19 -35.86
C ALA A 58 15.72 54.96 -35.32
N ILE A 59 16.49 54.05 -34.75
CA ILE A 59 15.98 52.75 -34.30
C ILE A 59 16.16 52.66 -32.79
N ALA A 60 15.09 52.33 -32.09
CA ALA A 60 15.11 52.05 -30.65
C ALA A 60 14.83 50.57 -30.47
N MET A 61 15.75 49.85 -29.85
CA MET A 61 15.63 48.41 -29.70
C MET A 61 15.04 48.10 -28.32
N LEU A 62 13.82 47.56 -28.31
CA LEU A 62 13.11 47.37 -27.05
C LEU A 62 13.74 46.26 -26.22
N SER A 63 14.09 45.13 -26.85
CA SER A 63 14.65 44.00 -26.13
C SER A 63 15.76 43.39 -26.96
N SER A 64 16.87 43.07 -26.30
CA SER A 64 17.99 42.44 -26.98
C SER A 64 17.62 41.02 -27.38
N PRO A 65 17.70 40.68 -28.66
CA PRO A 65 17.28 39.34 -29.10
C PRO A 65 18.39 38.32 -28.91
N LYS A 66 18.01 37.06 -29.02
CA LYS A 66 18.96 35.95 -28.97
C LYS A 66 19.41 35.61 -30.37
N LYS A 67 20.67 35.21 -30.50
CA LYS A 67 21.24 34.83 -31.79
C LYS A 67 21.33 33.32 -31.90
N SER A 68 20.77 32.76 -32.96
CA SER A 68 20.72 31.33 -33.16
C SER A 68 21.14 31.00 -34.58
N ARG A 69 21.79 29.85 -34.74
CA ARG A 69 22.26 29.41 -36.04
C ARG A 69 21.38 28.29 -36.57
N ILE A 70 21.08 28.35 -37.88
CA ILE A 70 20.30 27.33 -38.55
C ILE A 70 21.02 26.91 -39.82
N LEU A 71 20.77 25.68 -40.24
CA LEU A 71 21.36 25.13 -41.45
C LEU A 71 20.41 25.29 -42.63
N ARG A 72 20.98 25.58 -43.79
CA ARG A 72 20.19 25.76 -45.01
C ARG A 72 21.00 25.27 -46.20
N GLN A 73 20.32 24.55 -47.10
CA GLN A 73 20.93 24.12 -48.36
C GLN A 73 20.71 25.22 -49.41
N MET A 74 21.37 26.35 -49.19
CA MET A 74 21.20 27.50 -50.06
C MET A 74 21.73 27.20 -51.46
N ARG A 75 21.04 27.75 -52.45
CA ARG A 75 21.38 27.53 -53.85
C ARG A 75 22.19 28.70 -54.39
N ARG A 76 23.24 28.38 -55.14
CA ARG A 76 24.12 29.40 -55.68
C ARG A 76 24.34 29.16 -57.17
N PHE A 77 24.79 30.20 -57.86
CA PHE A 77 24.96 30.17 -59.31
C PHE A 77 26.43 29.86 -59.63
N LYS A 78 26.78 28.59 -59.46
CA LYS A 78 28.15 28.13 -59.71
C LYS A 78 28.29 27.42 -61.05
N ASN A 79 27.33 26.59 -61.43
CA ASN A 79 27.38 25.85 -62.67
C ASN A 79 26.22 26.26 -63.57
N ALA A 80 26.44 26.16 -64.88
CA ALA A 80 25.41 26.54 -65.84
C ALA A 80 24.18 25.64 -65.70
N ASP A 81 24.39 24.34 -65.52
CA ASP A 81 23.28 23.42 -65.36
C ASP A 81 22.62 23.61 -64.00
N PHE A 82 21.30 23.73 -64.00
CA PHE A 82 20.57 23.94 -62.75
C PHE A 82 20.59 22.68 -61.88
N SER A 83 20.52 21.50 -62.50
CA SER A 83 20.45 20.24 -61.77
C SER A 83 21.80 19.78 -61.25
N HIS A 84 22.89 20.48 -61.59
CA HIS A 84 24.21 20.07 -61.14
C HIS A 84 24.31 20.20 -59.62
N PRO A 85 24.87 19.20 -58.92
CA PRO A 85 24.97 19.28 -57.46
C PRO A 85 25.83 20.42 -56.96
N GLU A 86 26.68 21.01 -57.81
CA GLU A 86 27.53 22.10 -57.37
C GLU A 86 26.73 23.33 -56.95
N ASN A 87 25.47 23.45 -57.38
CA ASN A 87 24.66 24.61 -57.03
C ASN A 87 24.30 24.59 -55.56
N VAL A 88 23.87 23.45 -55.04
CA VAL A 88 23.41 23.33 -53.66
C VAL A 88 24.62 23.26 -52.74
N ILE A 89 24.65 24.12 -51.72
CA ILE A 89 25.74 24.13 -50.75
C ILE A 89 25.15 24.23 -49.35
N PRO A 90 25.57 23.38 -48.42
CA PRO A 90 25.09 23.50 -47.03
C PRO A 90 25.90 24.51 -46.24
N CYS A 91 25.25 25.50 -45.65
CA CYS A 91 25.93 26.50 -44.85
C CYS A 91 25.00 27.00 -43.77
N TYR A 92 25.58 27.62 -42.74
CA TYR A 92 24.85 28.09 -41.59
C TYR A 92 24.44 29.55 -41.76
N GLN A 93 23.27 29.90 -41.24
CA GLN A 93 22.81 31.28 -41.24
C GLN A 93 22.27 31.62 -39.86
N GLU A 94 22.70 32.76 -39.32
CA GLU A 94 22.26 33.20 -38.01
C GLU A 94 20.95 33.98 -38.13
N ILE A 95 20.09 33.83 -37.11
CA ILE A 95 18.79 34.49 -37.09
C ILE A 95 18.66 35.21 -35.75
N LEU A 96 17.82 36.24 -35.72
CA LEU A 96 17.49 36.94 -34.49
C LEU A 96 16.02 36.70 -34.16
N SER A 97 15.75 36.26 -32.94
CA SER A 97 14.43 35.82 -32.54
C SER A 97 13.77 36.83 -31.60
N ASN A 98 12.47 37.04 -31.81
CA ASN A 98 11.65 37.91 -30.97
C ASN A 98 12.22 39.33 -30.94
N LEU A 99 12.35 39.91 -32.13
CA LEU A 99 12.88 41.25 -32.30
C LEU A 99 11.75 42.27 -32.18
N LYS A 100 11.82 43.10 -31.15
CA LYS A 100 10.87 44.19 -30.95
C LYS A 100 11.64 45.51 -30.94
N CYS A 101 11.27 46.43 -31.82
CA CYS A 101 11.98 47.69 -31.91
C CYS A 101 11.02 48.77 -32.37
N LEU A 102 11.40 50.02 -32.09
CA LEU A 102 10.65 51.20 -32.48
C LEU A 102 11.46 52.01 -33.48
N ILE A 103 10.80 52.56 -34.49
CA ILE A 103 11.47 53.26 -35.58
C ILE A 103 10.96 54.70 -35.61
N TRP A 104 11.90 55.65 -35.67
CA TRP A 104 11.57 57.05 -35.86
C TRP A 104 11.90 57.46 -37.29
N VAL A 105 10.95 58.08 -37.96
CA VAL A 105 11.11 58.51 -39.35
C VAL A 105 11.03 60.03 -39.39
N ARG A 106 12.07 60.65 -39.93
CA ARG A 106 12.14 62.11 -40.09
C ARG A 106 12.46 62.40 -41.55
N SER A 107 11.45 62.80 -42.31
CA SER A 107 11.57 63.00 -43.75
C SER A 107 11.72 64.47 -44.14
N ASP A 108 12.15 65.32 -43.22
CA ASP A 108 12.23 66.75 -43.52
C ASP A 108 13.31 67.06 -44.54
N GLU A 109 14.37 66.26 -44.59
CA GLU A 109 15.45 66.46 -45.55
C GLU A 109 15.08 66.06 -46.98
N GLU A 110 13.95 65.38 -47.16
CA GLU A 110 13.53 64.97 -48.50
C GLU A 110 13.18 66.20 -49.34
N LYS A 111 13.57 66.19 -50.61
CA LYS A 111 13.31 67.29 -51.52
C LYS A 111 12.18 67.01 -52.50
N ILE A 112 11.53 65.85 -52.38
CA ILE A 112 10.46 65.45 -53.29
C ILE A 112 9.21 65.18 -52.48
N GLN A 113 8.08 65.81 -52.89
CA GLN A 113 6.82 65.63 -52.20
C GLN A 113 5.95 64.61 -52.92
N PRO A 114 5.18 63.79 -52.18
CA PRO A 114 5.08 63.75 -50.72
C PRO A 114 6.25 62.99 -50.09
N SER A 115 6.63 63.38 -48.87
CA SER A 115 7.76 62.74 -48.21
C SER A 115 7.37 61.35 -47.72
N LEU A 116 8.39 60.60 -47.27
CA LEU A 116 8.15 59.24 -46.80
C LEU A 116 7.27 59.20 -45.56
N ARG A 117 7.43 60.16 -44.66
CA ARG A 117 6.60 60.21 -43.46
C ARG A 117 5.13 60.38 -43.83
N GLU A 118 4.85 61.30 -44.77
CA GLU A 118 3.47 61.50 -45.20
C GLU A 118 2.91 60.25 -45.85
N ARG A 119 3.72 59.57 -46.67
CA ARG A 119 3.25 58.35 -47.33
C ARG A 119 2.94 57.26 -46.32
N ILE A 120 3.81 57.08 -45.32
CA ILE A 120 3.56 56.06 -44.30
C ILE A 120 2.32 56.39 -43.51
N GLN A 121 2.16 57.66 -43.11
CA GLN A 121 0.96 58.05 -42.38
C GLN A 121 -0.29 57.78 -43.19
N LEU A 122 -0.33 58.27 -44.43
CA LEU A 122 -1.50 58.08 -45.28
C LEU A 122 -1.77 56.61 -45.52
N ALA A 123 -0.72 55.80 -45.60
CA ALA A 123 -0.91 54.35 -45.71
C ALA A 123 -1.60 53.80 -44.48
N PHE A 124 -1.22 54.28 -43.29
CA PHE A 124 -1.80 53.74 -42.07
C PHE A 124 -3.22 54.24 -41.81
N ASP A 125 -3.57 55.47 -42.21
CA ASP A 125 -4.96 55.90 -42.01
C ASP A 125 -5.91 55.17 -42.96
N HIS A 126 -5.48 54.94 -44.20
CA HIS A 126 -6.32 54.31 -45.22
C HIS A 126 -5.56 53.14 -45.83
N PRO A 127 -5.59 51.98 -45.17
CA PRO A 127 -4.87 50.81 -45.73
C PRO A 127 -5.37 50.38 -47.10
N GLU A 128 -6.67 50.56 -47.39
CA GLU A 128 -7.21 50.09 -48.66
C GLU A 128 -6.75 50.93 -49.84
N LEU A 129 -6.41 52.21 -49.63
CA LEU A 129 -6.04 53.07 -50.75
C LEU A 129 -4.67 52.71 -51.31
N VAL A 130 -3.75 52.31 -50.44
CA VAL A 130 -2.38 52.06 -50.88
C VAL A 130 -2.32 50.81 -51.74
N ARG A 131 -1.70 50.94 -52.92
CA ARG A 131 -1.56 49.84 -53.86
C ARG A 131 -0.09 49.42 -53.89
N ARG A 132 0.15 48.14 -53.64
CA ARG A 132 1.50 47.58 -53.65
C ARG A 132 1.39 46.10 -53.96
N PHE A 133 2.48 45.37 -53.75
CA PHE A 133 2.51 43.94 -54.00
C PHE A 133 3.21 43.26 -52.82
N GLY A 134 3.47 41.97 -52.97
CA GLY A 134 4.24 41.21 -52.00
C GLY A 134 3.70 41.18 -50.58
N CYS A 135 4.43 40.55 -49.68
CA CYS A 135 4.11 40.54 -48.26
C CYS A 135 5.22 41.23 -47.49
N LEU A 136 4.83 42.11 -46.56
CA LEU A 136 5.81 42.88 -45.80
C LEU A 136 6.71 41.94 -44.99
N PHE A 137 8.02 42.16 -45.10
CA PHE A 137 9.00 41.33 -44.42
C PHE A 137 10.22 42.17 -44.04
N LEU A 138 10.92 41.72 -43.02
CA LEU A 138 12.16 42.34 -42.58
C LEU A 138 13.29 41.33 -42.77
N GLY A 139 14.29 41.72 -43.54
CA GLY A 139 15.42 40.84 -43.83
C GLY A 139 15.10 39.92 -45.00
N GLU A 140 15.11 38.61 -44.76
CA GLU A 140 14.82 37.65 -45.80
C GLU A 140 13.32 37.65 -46.10
N SER A 141 12.98 37.27 -47.34
CA SER A 141 11.59 37.38 -47.80
C SER A 141 10.64 36.53 -46.94
N ASP A 142 11.10 35.37 -46.49
CA ASP A 142 10.24 34.47 -45.73
C ASP A 142 10.07 34.90 -44.28
N GLN A 143 10.78 35.94 -43.84
CA GLN A 143 10.69 36.40 -42.45
C GLN A 143 9.68 37.54 -42.38
N LEU A 144 8.41 37.17 -42.21
CA LEU A 144 7.34 38.15 -42.15
C LEU A 144 7.37 38.92 -40.83
N ILE A 145 6.57 39.99 -40.78
CA ILE A 145 6.51 40.86 -39.62
C ILE A 145 5.22 40.55 -38.85
N LYS A 146 5.34 40.28 -37.56
CA LYS A 146 4.17 40.01 -36.73
C LYS A 146 3.30 41.25 -36.59
N THR A 147 3.91 42.38 -36.25
CA THR A 147 3.15 43.59 -35.94
C THR A 147 3.95 44.82 -36.32
N ILE A 148 3.40 45.60 -37.26
CA ILE A 148 3.88 46.96 -37.52
C ILE A 148 2.67 47.88 -37.41
N LYS A 149 2.72 48.82 -36.46
CA LYS A 149 1.58 49.67 -36.17
C LYS A 149 2.08 51.05 -35.79
N LEU A 150 1.20 52.04 -35.92
CA LEU A 150 1.50 53.39 -35.45
C LEU A 150 1.45 53.39 -33.93
N ALA A 151 2.51 53.91 -33.31
CA ALA A 151 2.64 53.91 -31.86
C ALA A 151 3.30 55.19 -31.39
N ARG A 152 3.12 55.49 -30.11
CA ARG A 152 3.70 56.66 -29.49
C ARG A 152 5.04 56.30 -28.85
N GLU A 153 5.64 57.27 -28.17
CA GLU A 153 6.90 57.05 -27.46
C GLU A 153 6.71 56.27 -26.18
N ASP A 154 5.47 56.00 -25.77
CA ASP A 154 5.13 55.46 -24.46
C ASP A 154 4.53 54.06 -24.60
N TYR A 155 4.66 53.48 -25.81
CA TYR A 155 3.98 52.22 -26.11
C TYR A 155 4.41 51.10 -25.17
N LEU A 156 5.71 51.01 -24.83
CA LEU A 156 6.18 50.10 -23.80
C LEU A 156 6.47 50.78 -22.48
N GLU A 157 6.49 52.12 -22.43
CA GLU A 157 6.78 52.93 -21.24
C GLU A 157 7.91 52.32 -20.41
N GLY A 158 8.91 51.77 -21.11
CA GLY A 158 9.97 51.03 -20.47
C GLY A 158 11.32 51.70 -20.70
N VAL A 159 12.34 50.87 -20.84
CA VAL A 159 13.70 51.32 -21.02
C VAL A 159 14.18 50.88 -22.40
N ARG A 160 14.88 51.76 -23.10
CA ARG A 160 15.14 51.61 -24.53
C ARG A 160 16.63 51.47 -24.79
N GLN A 161 16.98 50.61 -25.75
CA GLN A 161 18.37 50.45 -26.20
C GLN A 161 18.48 51.11 -27.57
N TRP A 162 19.14 52.26 -27.64
CA TRP A 162 19.27 53.01 -28.87
C TRP A 162 20.52 52.61 -29.64
N ALA A 163 20.48 52.83 -30.95
CA ALA A 163 21.64 52.67 -31.81
C ALA A 163 22.21 54.05 -32.11
N ILE A 164 23.42 54.31 -31.65
CA ILE A 164 24.02 55.64 -31.69
C ILE A 164 25.26 55.60 -32.56
N ARG A 165 25.36 56.56 -33.49
CA ARG A 165 26.56 56.69 -34.32
C ARG A 165 27.74 57.08 -33.42
N ASP A 166 28.71 56.18 -33.31
CA ASP A 166 29.92 56.44 -32.54
C ASP A 166 31.09 56.06 -33.42
N ASN A 167 32.07 56.96 -33.53
CA ASN A 167 33.24 56.69 -34.36
C ASN A 167 34.14 55.59 -33.80
N ARG A 168 33.90 55.18 -32.55
CA ARG A 168 34.66 54.10 -31.92
C ARG A 168 33.76 52.94 -31.51
N GLY A 169 32.60 52.81 -32.15
CA GLY A 169 31.67 51.75 -31.84
C GLY A 169 32.10 50.41 -32.41
N ARG A 170 31.23 49.42 -32.24
CA ARG A 170 31.49 48.06 -32.68
C ARG A 170 30.78 47.70 -33.97
N LEU A 171 29.48 47.93 -34.05
CA LEU A 171 28.70 47.56 -35.23
C LEU A 171 29.07 48.46 -36.40
N THR A 172 29.09 47.87 -37.59
CA THR A 172 29.35 48.60 -38.83
C THR A 172 28.16 48.39 -39.75
N LEU A 173 27.08 49.17 -39.53
CA LEU A 173 25.84 48.98 -40.26
C LEU A 173 25.87 49.77 -41.57
N PRO A 174 25.40 49.17 -42.66
CA PRO A 174 25.31 49.92 -43.92
C PRO A 174 23.97 50.62 -44.08
N TYR A 175 24.00 51.89 -44.46
CA TYR A 175 22.77 52.63 -44.73
C TYR A 175 22.40 52.65 -46.20
N TRP A 176 23.35 52.38 -47.10
CA TRP A 176 23.06 52.16 -48.51
C TRP A 176 23.76 50.87 -48.93
N VAL A 177 23.00 49.95 -49.49
CA VAL A 177 23.49 48.61 -49.81
C VAL A 177 23.63 48.48 -51.32
N ASP A 178 24.83 48.11 -51.77
CA ASP A 178 25.09 47.80 -53.17
C ASP A 178 24.99 46.28 -53.33
N HIS A 179 23.90 45.82 -53.93
CA HIS A 179 23.61 44.39 -53.99
C HIS A 179 24.55 43.63 -54.92
N VAL A 180 25.03 44.25 -55.99
CA VAL A 180 25.85 43.54 -56.97
C VAL A 180 27.20 43.18 -56.36
N GLY A 181 27.97 44.20 -55.98
CA GLY A 181 29.24 43.97 -55.33
C GLY A 181 29.35 44.67 -53.99
N SER A 182 30.39 45.50 -53.84
CA SER A 182 30.53 46.30 -52.62
C SER A 182 31.02 47.72 -52.92
N ARG A 183 30.94 48.16 -54.18
CA ARG A 183 31.45 49.49 -54.53
C ARG A 183 30.62 50.59 -53.88
N ASN A 184 29.31 50.54 -54.04
CA ASN A 184 28.44 51.61 -53.59
C ASN A 184 27.96 51.46 -52.15
N THR A 185 28.27 50.34 -51.51
CA THR A 185 27.86 50.15 -50.12
C THR A 185 28.57 51.17 -49.23
N ARG A 186 27.81 51.82 -48.36
CA ARG A 186 28.33 52.83 -47.46
C ARG A 186 28.04 52.42 -46.02
N PHE A 187 29.08 52.46 -45.18
CA PHE A 187 29.00 51.97 -43.82
C PHE A 187 29.07 53.13 -42.84
N LEU A 188 28.42 52.94 -41.69
CA LEU A 188 28.54 53.84 -40.55
C LEU A 188 28.73 52.99 -39.30
N ARG A 189 29.53 53.51 -38.37
CA ARG A 189 29.88 52.75 -37.17
C ARG A 189 28.95 53.15 -36.04
N TYR A 190 28.32 52.16 -35.41
CA TYR A 190 27.29 52.37 -34.42
C TYR A 190 27.68 51.73 -33.09
N ARG A 191 26.82 51.94 -32.09
CA ARG A 191 26.93 51.29 -30.80
C ARG A 191 25.54 51.18 -30.20
N ILE A 192 25.39 50.26 -29.26
CA ILE A 192 24.15 50.09 -28.52
C ILE A 192 24.37 50.66 -27.12
N GLU A 193 23.70 51.78 -26.83
CA GLU A 193 23.79 52.44 -25.54
C GLU A 193 22.43 52.35 -24.85
N GLU A 194 22.44 51.96 -23.59
CA GLU A 194 21.21 51.79 -22.83
C GLU A 194 20.89 53.12 -22.15
N MET A 195 19.89 53.81 -22.69
CA MET A 195 19.46 55.10 -22.14
C MET A 195 17.95 55.11 -21.98
N ASP A 196 17.49 55.84 -20.97
CA ASP A 196 16.07 55.95 -20.65
C ASP A 196 15.56 57.27 -21.23
N ARG A 197 15.27 57.25 -22.53
CA ARG A 197 14.68 58.39 -23.22
C ARG A 197 13.56 57.91 -24.13
N LEU A 198 12.49 58.70 -24.18
CA LEU A 198 11.39 58.43 -25.10
C LEU A 198 11.58 59.08 -26.46
N SER A 199 12.65 59.86 -26.64
CA SER A 199 12.97 60.48 -27.92
C SER A 199 14.41 60.17 -28.29
N PRO A 200 14.70 59.96 -29.57
CA PRO A 200 16.05 59.58 -29.98
C PRO A 200 17.05 60.69 -29.72
N PRO A 201 18.30 60.32 -29.40
CA PRO A 201 19.28 61.40 -29.30
C PRO A 201 19.71 61.78 -30.70
N ASP A 202 20.13 63.02 -30.92
CA ASP A 202 20.51 63.49 -32.25
C ASP A 202 21.08 62.40 -33.18
N LEU A 203 22.32 62.01 -32.93
CA LEU A 203 22.99 61.00 -33.77
C LEU A 203 22.09 59.91 -34.33
N ALA A 204 21.19 59.38 -33.51
CA ALA A 204 20.32 58.29 -33.94
C ALA A 204 19.68 58.52 -35.30
N TRP A 205 19.53 59.77 -35.72
CA TRP A 205 18.86 60.06 -36.99
C TRP A 205 19.69 59.73 -38.23
N THR A 206 20.07 58.48 -38.37
CA THR A 206 20.83 58.02 -39.53
C THR A 206 20.11 58.45 -40.79
N MET A 207 20.76 59.30 -41.58
CA MET A 207 20.14 59.92 -42.75
C MET A 207 20.67 59.25 -44.01
N VAL A 208 19.76 58.64 -44.77
CA VAL A 208 20.11 57.83 -45.93
C VAL A 208 20.37 58.75 -47.12
N GLN A 209 21.50 58.53 -47.80
CA GLN A 209 21.84 59.25 -49.01
C GLN A 209 22.35 58.27 -50.05
N SER A 210 22.30 58.69 -51.31
CA SER A 210 22.92 57.93 -52.38
C SER A 210 24.43 57.85 -52.15
N PRO A 211 25.08 56.77 -52.59
CA PRO A 211 26.51 56.63 -52.34
C PRO A 211 27.35 57.74 -52.95
N ILE A 212 26.88 58.39 -54.00
CA ILE A 212 27.61 59.47 -54.64
C ILE A 212 27.72 60.67 -53.72
N SER B 8 -46.09 -27.55 56.57
CA SER B 8 -46.00 -26.23 57.19
C SER B 8 -46.36 -25.14 56.20
N GLU B 9 -45.42 -24.80 55.32
CA GLU B 9 -45.64 -23.77 54.32
C GLU B 9 -46.58 -24.22 53.21
N GLU B 10 -46.95 -25.51 53.16
CA GLU B 10 -47.87 -26.00 52.14
C GLU B 10 -49.28 -25.46 52.31
N TYR B 11 -49.59 -24.84 53.46
CA TYR B 11 -50.85 -24.16 53.68
C TYR B 11 -50.55 -22.76 54.21
N VAL B 12 -51.41 -21.81 53.87
CA VAL B 12 -51.19 -20.41 54.15
C VAL B 12 -52.39 -19.84 54.89
N ASP B 13 -52.14 -18.87 55.75
CA ASP B 13 -53.19 -18.14 56.46
C ASP B 13 -53.24 -16.72 55.89
N LEU B 14 -54.29 -16.44 55.11
CA LEU B 14 -54.46 -15.14 54.49
C LEU B 14 -54.95 -14.13 55.53
N THR B 15 -54.19 -13.06 55.72
CA THR B 15 -54.49 -12.06 56.73
C THR B 15 -54.83 -10.73 56.07
N PHE B 16 -55.87 -10.07 56.58
CA PHE B 16 -56.32 -8.77 56.08
C PHE B 16 -56.45 -7.81 57.24
N LYS B 17 -55.84 -6.63 57.11
CA LYS B 17 -55.98 -5.58 58.12
C LYS B 17 -57.42 -5.10 58.08
N LEU B 18 -58.20 -5.47 59.09
CA LEU B 18 -59.63 -5.20 59.11
C LEU B 18 -59.93 -4.00 60.02
N ARG B 19 -60.74 -3.08 59.51
CA ARG B 19 -61.14 -1.88 60.24
C ARG B 19 -62.63 -1.66 60.06
N GLY B 20 -63.24 -0.99 61.04
CA GLY B 20 -64.65 -0.64 60.93
C GLY B 20 -65.32 -0.58 62.27
N ALA B 21 -66.64 -0.77 62.23
CA ALA B 21 -67.49 -0.69 63.41
C ALA B 21 -67.20 -1.85 64.37
N PRO B 22 -67.55 -1.72 65.64
CA PRO B 22 -67.35 -2.85 66.55
C PRO B 22 -68.32 -3.98 66.23
N ILE B 23 -67.90 -5.20 66.56
CA ILE B 23 -68.55 -6.41 66.04
C ILE B 23 -68.97 -7.31 67.20
N PRO B 24 -70.11 -7.98 67.10
CA PRO B 24 -70.47 -8.97 68.15
C PRO B 24 -69.44 -10.08 68.24
N LEU B 25 -69.35 -10.67 69.45
CA LEU B 25 -68.36 -11.70 69.71
C LEU B 25 -68.79 -13.08 69.22
N ASP B 26 -70.01 -13.21 68.69
CA ASP B 26 -70.46 -14.46 68.09
C ASP B 26 -70.80 -14.22 66.63
N ASN B 27 -69.90 -13.52 65.92
CA ASN B 27 -70.17 -12.98 64.60
C ASN B 27 -69.86 -13.95 63.47
N GLY B 28 -69.81 -15.26 63.75
CA GLY B 28 -69.45 -16.23 62.74
C GLY B 28 -70.26 -16.15 61.45
N TYR B 29 -71.56 -16.36 61.56
CA TYR B 29 -72.39 -16.36 60.35
C TYR B 29 -72.47 -14.98 59.72
N LEU B 30 -72.40 -13.92 60.53
CA LEU B 30 -72.45 -12.57 59.97
C LEU B 30 -71.29 -12.32 59.01
N THR B 31 -70.06 -12.56 59.47
CA THR B 31 -68.91 -12.32 58.61
C THR B 31 -68.86 -13.32 57.48
N TYR B 32 -69.25 -14.58 57.74
CA TYR B 32 -69.24 -15.56 56.66
C TYR B 32 -70.21 -15.17 55.56
N ALA B 33 -71.42 -14.74 55.93
CA ALA B 33 -72.40 -14.34 54.93
C ALA B 33 -71.97 -13.09 54.18
N ALA B 34 -71.38 -12.12 54.89
CA ALA B 34 -70.89 -10.93 54.20
C ALA B 34 -69.80 -11.28 53.20
N LEU B 35 -68.86 -12.13 53.62
CA LEU B 35 -67.77 -12.53 52.72
C LEU B 35 -68.30 -13.28 51.51
N SER B 36 -69.26 -14.20 51.73
CA SER B 36 -69.87 -14.91 50.61
C SER B 36 -70.64 -13.96 49.71
N ARG B 37 -71.20 -12.90 50.28
CA ARG B 37 -71.87 -11.88 49.47
C ARG B 37 -70.89 -11.17 48.57
N ILE B 38 -69.70 -10.83 49.10
CA ILE B 38 -68.70 -10.15 48.29
C ILE B 38 -67.70 -11.10 47.66
N CYS B 39 -67.87 -12.42 47.82
CA CYS B 39 -66.97 -13.40 47.22
C CYS B 39 -67.76 -14.67 46.94
N PRO B 40 -68.28 -14.83 45.73
CA PRO B 40 -69.05 -16.04 45.38
C PRO B 40 -68.26 -17.32 45.57
N PRO B 41 -67.00 -17.41 45.08
CA PRO B 41 -66.31 -18.70 45.16
C PRO B 41 -66.08 -19.20 46.58
N LEU B 42 -66.09 -18.31 47.57
CA LEU B 42 -65.95 -18.74 48.96
C LEU B 42 -67.07 -19.69 49.37
N HIS B 43 -68.24 -19.56 48.74
CA HIS B 43 -69.41 -20.35 49.14
C HIS B 43 -69.30 -21.82 48.75
N GLU B 44 -68.36 -22.18 47.87
CA GLU B 44 -68.24 -23.56 47.41
C GLU B 44 -66.93 -24.25 47.76
N LEU B 45 -65.95 -23.52 48.30
CA LEU B 45 -64.68 -24.15 48.62
C LEU B 45 -64.81 -25.08 49.82
N LYS B 46 -63.83 -25.97 49.98
CA LYS B 46 -63.89 -27.05 50.95
C LYS B 46 -62.89 -26.87 52.08
N SER B 47 -61.61 -26.67 51.77
CA SER B 47 -60.53 -26.68 52.75
C SER B 47 -60.24 -25.30 53.32
N ILE B 48 -61.24 -24.41 53.38
CA ILE B 48 -61.03 -23.02 53.79
C ILE B 48 -61.57 -22.84 55.21
N GLY B 49 -60.93 -21.96 55.97
CA GLY B 49 -61.37 -21.65 57.31
C GLY B 49 -60.91 -20.27 57.71
N ILE B 50 -61.64 -19.66 58.66
CA ILE B 50 -61.40 -18.29 59.08
C ILE B 50 -61.06 -18.28 60.57
N HIS B 51 -59.96 -17.62 60.91
CA HIS B 51 -59.47 -17.39 62.25
C HIS B 51 -60.34 -16.36 62.97
N PRO B 52 -60.55 -16.52 64.27
CA PRO B 52 -61.28 -15.49 65.03
C PRO B 52 -60.62 -14.13 64.93
N ILE B 53 -61.44 -13.09 64.96
CA ILE B 53 -60.98 -11.71 64.78
C ILE B 53 -60.64 -11.14 66.15
N ALA B 54 -59.37 -10.77 66.33
CA ALA B 54 -58.88 -10.29 67.62
C ALA B 54 -59.35 -8.87 67.88
N GLY B 55 -59.16 -8.43 69.13
CA GLY B 55 -59.49 -7.06 69.49
C GLY B 55 -59.69 -6.95 70.99
N ILE B 56 -60.22 -5.80 71.39
CA ILE B 56 -60.54 -5.51 72.79
C ILE B 56 -62.06 -5.54 72.93
N PRO B 57 -62.62 -6.46 73.70
CA PRO B 57 -64.08 -6.56 73.80
C PRO B 57 -64.67 -5.41 74.61
N THR B 58 -65.99 -5.32 74.54
CA THR B 58 -66.76 -4.30 75.25
C THR B 58 -67.67 -4.98 76.27
N ARG B 59 -68.44 -4.15 76.99
CA ARG B 59 -69.30 -4.67 78.04
C ARG B 59 -70.55 -5.36 77.50
N ASN B 60 -70.95 -5.03 76.26
CA ASN B 60 -72.19 -5.55 75.68
C ASN B 60 -71.94 -6.71 74.72
N ASN B 61 -70.96 -7.56 75.02
CA ASN B 61 -70.64 -8.74 74.21
C ASN B 61 -70.29 -8.34 72.77
N LEU B 62 -69.62 -7.19 72.63
CA LEU B 62 -69.14 -6.72 71.34
C LEU B 62 -67.64 -6.49 71.42
N LEU B 63 -66.98 -6.62 70.27
CA LEU B 63 -65.54 -6.49 70.17
C LEU B 63 -65.19 -5.20 69.44
N GLU B 64 -64.30 -4.40 70.04
CA GLU B 64 -63.82 -3.17 69.42
C GLU B 64 -62.54 -3.49 68.67
N LEU B 65 -62.58 -3.33 67.35
CA LEU B 65 -61.42 -3.66 66.51
C LEU B 65 -60.28 -2.69 66.80
N THR B 66 -59.07 -3.23 66.87
CA THR B 66 -57.86 -2.49 67.17
C THR B 66 -56.90 -2.57 65.99
N ALA B 67 -55.68 -2.06 66.20
CA ALA B 67 -54.65 -2.15 65.17
C ALA B 67 -54.25 -3.58 64.88
N GLN B 68 -54.20 -4.44 65.90
CA GLN B 68 -53.88 -5.84 65.71
C GLN B 68 -55.08 -6.67 65.30
N SER B 69 -56.28 -6.08 65.28
CA SER B 69 -57.45 -6.79 64.78
C SER B 69 -57.32 -7.02 63.29
N ARG B 70 -57.53 -8.25 62.85
CA ARG B 70 -57.38 -8.58 61.44
C ARG B 70 -58.16 -9.84 61.11
N LEU B 71 -58.70 -9.88 59.90
CA LEU B 71 -59.41 -11.04 59.38
C LEU B 71 -58.38 -12.00 58.79
N LYS B 72 -58.34 -13.22 59.32
CA LYS B 72 -57.36 -14.21 58.91
C LYS B 72 -58.07 -15.45 58.36
N ILE B 73 -57.69 -15.86 57.16
CA ILE B 73 -58.35 -16.94 56.44
C ILE B 73 -57.33 -18.04 56.15
N ARG B 74 -57.65 -19.26 56.54
CA ARG B 74 -56.81 -20.42 56.26
C ARG B 74 -57.23 -21.03 54.93
N ILE B 75 -56.26 -21.23 54.03
CA ILE B 75 -56.56 -21.70 52.68
C ILE B 75 -55.35 -22.44 52.11
N TYR B 76 -55.64 -23.42 51.26
CA TYR B 76 -54.63 -24.11 50.47
C TYR B 76 -54.02 -23.14 49.47
N HIS B 77 -52.72 -23.23 49.28
CA HIS B 77 -52.03 -22.29 48.40
C HIS B 77 -52.42 -22.44 46.95
N GLN B 78 -53.04 -23.57 46.58
CA GLN B 78 -53.49 -23.79 45.21
C GLN B 78 -54.92 -23.30 44.98
N GLN B 79 -55.48 -22.54 45.93
CA GLN B 79 -56.79 -21.94 45.74
C GLN B 79 -56.81 -20.45 46.04
N ILE B 80 -55.66 -19.83 46.35
CA ILE B 80 -55.64 -18.40 46.61
C ILE B 80 -56.13 -17.58 45.42
N PRO B 81 -55.72 -17.83 44.17
CA PRO B 81 -56.21 -17.00 43.07
C PRO B 81 -57.72 -17.02 42.87
N LEU B 82 -58.45 -17.93 43.52
CA LEU B 82 -59.90 -17.89 43.49
C LEU B 82 -60.51 -16.97 44.54
N ILE B 83 -59.72 -16.53 45.52
CA ILE B 83 -60.20 -15.67 46.58
C ILE B 83 -59.57 -14.28 46.55
N TYR B 84 -58.31 -14.18 46.14
CA TYR B 84 -57.61 -12.90 46.12
C TYR B 84 -58.33 -11.80 45.33
N PRO B 85 -58.88 -12.05 44.12
CA PRO B 85 -59.55 -10.95 43.41
C PRO B 85 -60.71 -10.32 44.16
N TYR B 86 -61.48 -11.10 44.90
CA TYR B 86 -62.69 -10.61 45.54
C TYR B 86 -62.46 -10.04 46.94
N LEU B 87 -61.22 -10.06 47.44
CA LEU B 87 -60.97 -9.56 48.80
C LEU B 87 -59.85 -8.54 48.86
N ALA B 88 -58.98 -8.51 47.86
CA ALA B 88 -57.84 -7.58 47.88
C ALA B 88 -58.37 -6.15 47.77
N GLY B 89 -58.33 -5.41 48.87
CA GLY B 89 -58.78 -4.03 48.87
C GLY B 89 -60.29 -3.89 48.98
N GLN B 90 -60.99 -5.02 49.03
CA GLN B 90 -62.44 -5.00 48.97
C GLN B 90 -63.05 -4.69 50.33
N ALA B 91 -64.30 -4.23 50.30
CA ALA B 91 -65.06 -3.89 51.49
C ALA B 91 -66.40 -4.61 51.49
N PHE B 92 -66.90 -4.92 52.69
CA PHE B 92 -68.16 -5.62 52.85
C PHE B 92 -68.97 -4.96 53.97
N HIS B 93 -70.25 -5.29 54.02
CA HIS B 93 -71.16 -4.77 55.03
C HIS B 93 -71.68 -5.92 55.89
N ILE B 94 -71.58 -5.77 57.20
CA ILE B 94 -72.25 -6.66 58.15
C ILE B 94 -73.43 -5.89 58.72
N GLY B 95 -74.64 -6.24 58.29
CA GLY B 95 -75.81 -5.48 58.65
C GLY B 95 -75.75 -4.06 58.12
N GLN B 96 -75.66 -3.08 59.00
CA GLN B 96 -75.53 -1.69 58.63
C GLN B 96 -74.13 -1.13 58.90
N ASN B 97 -73.14 -1.99 59.11
CA ASN B 97 -71.79 -1.58 59.46
C ASN B 97 -70.87 -1.79 58.26
N PHE B 98 -69.95 -0.84 58.05
CA PHE B 98 -69.03 -0.91 56.93
C PHE B 98 -67.67 -1.45 57.38
N TYR B 99 -67.15 -2.42 56.64
CA TYR B 99 -65.86 -3.02 56.93
C TYR B 99 -64.99 -3.00 55.70
N GLN B 100 -63.71 -2.70 55.89
CA GLN B 100 -62.76 -2.56 54.80
C GLN B 100 -61.56 -3.47 55.03
N LEU B 101 -61.08 -4.09 53.95
CA LEU B 101 -59.90 -4.94 53.97
C LEU B 101 -58.80 -4.34 53.12
N ASP B 102 -57.57 -4.39 53.62
CA ASP B 102 -56.42 -3.85 52.92
C ASP B 102 -55.84 -4.91 51.98
N ILE B 103 -54.65 -4.64 51.45
CA ILE B 103 -53.93 -5.61 50.63
C ILE B 103 -53.53 -6.78 51.52
N PRO B 104 -53.88 -8.02 51.17
CA PRO B 104 -53.60 -9.15 52.06
C PRO B 104 -52.11 -9.45 52.17
N ASP B 105 -51.76 -10.07 53.29
CA ASP B 105 -50.42 -10.60 53.52
C ASP B 105 -50.51 -12.08 53.88
N TYR B 106 -49.46 -12.82 53.54
CA TYR B 106 -49.43 -14.26 53.74
C TYR B 106 -48.63 -14.61 54.99
N LYS B 107 -49.19 -15.51 55.80
CA LYS B 107 -48.58 -15.99 57.03
C LYS B 107 -48.51 -17.51 57.00
N PRO B 108 -47.42 -18.08 57.49
CA PRO B 108 -47.24 -19.53 57.41
C PRO B 108 -47.97 -20.27 58.52
N LEU B 109 -48.06 -21.58 58.34
CA LEU B 109 -48.65 -22.48 59.34
C LEU B 109 -47.50 -23.06 60.16
N ILE B 110 -47.24 -22.46 61.32
CA ILE B 110 -46.12 -22.82 62.16
C ILE B 110 -46.58 -23.88 63.16
N SER B 111 -45.71 -24.84 63.46
CA SER B 111 -46.02 -25.84 64.46
C SER B 111 -45.66 -25.35 65.85
N SER B 112 -46.41 -25.81 66.84
CA SER B 112 -46.12 -25.49 68.23
C SER B 112 -46.37 -26.72 69.08
N GLU B 113 -45.80 -26.72 70.28
CA GLU B 113 -45.85 -27.89 71.14
C GLU B 113 -47.29 -28.22 71.53
N SER B 114 -48.09 -27.19 71.80
CA SER B 114 -49.49 -27.34 72.17
C SER B 114 -50.36 -26.46 71.29
N VAL B 115 -51.62 -26.87 71.06
CA VAL B 115 -52.54 -26.11 70.23
C VAL B 115 -53.81 -25.82 71.02
N TYR B 116 -54.76 -25.14 70.37
CA TYR B 116 -55.97 -24.68 71.02
C TYR B 116 -57.00 -24.28 69.97
N SER B 117 -58.28 -24.46 70.29
CA SER B 117 -59.37 -23.99 69.44
C SER B 117 -60.41 -23.27 70.31
N ARG B 118 -60.89 -22.12 69.82
CA ARG B 118 -61.81 -21.32 70.62
C ARG B 118 -63.20 -21.96 70.70
N LEU B 119 -63.63 -22.59 69.61
CA LEU B 119 -64.99 -23.13 69.55
C LEU B 119 -64.98 -24.27 68.54
N VAL B 120 -65.37 -25.46 68.98
CA VAL B 120 -65.52 -26.63 68.13
C VAL B 120 -66.93 -27.18 68.36
N ILE B 121 -67.61 -27.52 67.26
CA ILE B 121 -68.94 -28.13 67.33
C ILE B 121 -68.97 -29.38 66.47
N ILE B 122 -69.51 -30.46 67.05
CA ILE B 122 -69.78 -31.70 66.34
C ILE B 122 -71.24 -32.06 66.60
N LYS B 123 -71.95 -32.46 65.55
CA LYS B 123 -73.40 -32.60 65.63
C LYS B 123 -73.80 -33.65 66.67
N GLY B 124 -74.77 -33.30 67.51
CA GLY B 124 -75.31 -34.24 68.47
C GLY B 124 -74.43 -34.54 69.66
N PHE B 125 -73.62 -33.58 70.10
CA PHE B 125 -72.74 -33.77 71.26
C PHE B 125 -72.78 -32.50 72.10
N GLN B 126 -73.51 -32.54 73.22
CA GLN B 126 -73.63 -31.40 74.11
C GLN B 126 -72.87 -31.56 75.41
N ASP B 127 -72.82 -32.77 75.98
CA ASP B 127 -72.10 -32.98 77.22
C ASP B 127 -70.59 -32.98 76.97
N SER B 128 -69.85 -32.62 78.02
CA SER B 128 -68.40 -32.47 77.89
C SER B 128 -67.72 -33.81 77.64
N THR B 129 -68.17 -34.87 78.32
CA THR B 129 -67.48 -36.16 78.23
C THR B 129 -67.62 -36.75 76.83
N ASN B 130 -68.84 -36.80 76.29
CA ASN B 130 -69.02 -37.31 74.94
C ASN B 130 -68.38 -36.39 73.91
N PHE B 131 -68.31 -35.09 74.20
CA PHE B 131 -67.58 -34.19 73.32
C PHE B 131 -66.09 -34.55 73.29
N ILE B 132 -65.51 -34.86 74.45
CA ILE B 132 -64.12 -35.30 74.50
C ILE B 132 -63.96 -36.59 73.72
N GLU B 133 -64.91 -37.51 73.86
CA GLU B 133 -64.83 -38.77 73.12
C GLU B 133 -64.90 -38.54 71.61
N ALA B 134 -65.79 -37.65 71.17
CA ALA B 134 -65.91 -37.38 69.74
C ALA B 134 -64.70 -36.64 69.19
N VAL B 135 -64.14 -35.70 69.96
CA VAL B 135 -62.93 -35.03 69.52
C VAL B 135 -61.77 -36.02 69.46
N GLN B 136 -61.76 -37.00 70.38
CA GLN B 136 -60.78 -38.08 70.31
C GLN B 136 -60.97 -38.94 69.06
N ARG B 137 -62.23 -39.19 68.69
CA ARG B 137 -62.50 -40.01 67.51
C ARG B 137 -62.02 -39.31 66.24
N GLN B 138 -62.38 -38.03 66.08
CA GLN B 138 -61.85 -37.25 64.97
C GLN B 138 -60.34 -37.14 65.06
N MET B 139 -59.80 -37.15 66.27
CA MET B 139 -58.37 -37.10 66.51
C MET B 139 -57.68 -38.35 65.96
N ASP B 140 -58.27 -39.53 66.17
CA ASP B 140 -57.72 -40.75 65.58
C ASP B 140 -57.91 -40.77 64.07
N ASN B 141 -59.04 -40.26 63.58
CA ASN B 141 -59.32 -40.31 62.15
C ASN B 141 -58.26 -39.57 61.34
N LEU B 142 -57.57 -38.62 61.95
CA LEU B 142 -56.54 -37.84 61.29
C LEU B 142 -55.13 -38.39 61.50
N GLY B 143 -54.99 -39.51 62.21
CA GLY B 143 -53.67 -40.05 62.52
C GLY B 143 -52.87 -39.14 63.42
N ILE B 144 -53.49 -38.65 64.48
CA ILE B 144 -52.91 -37.61 65.32
C ILE B 144 -52.77 -38.21 66.71
N GLN B 145 -51.73 -37.81 67.45
CA GLN B 145 -51.51 -38.25 68.83
C GLN B 145 -51.45 -37.03 69.74
N GLY B 146 -52.14 -37.10 70.86
CA GLY B 146 -52.14 -36.01 71.83
C GLY B 146 -53.11 -36.31 72.95
N LYS B 147 -53.18 -35.38 73.89
CA LYS B 147 -54.11 -35.46 75.01
C LYS B 147 -55.12 -34.33 74.93
N ILE B 148 -56.37 -34.61 75.31
CA ILE B 148 -57.48 -33.69 75.13
C ILE B 148 -57.79 -33.02 76.47
N GLU B 149 -57.86 -31.69 76.46
CA GLU B 149 -58.31 -30.91 77.60
C GLU B 149 -59.30 -29.87 77.12
N LEU B 150 -60.21 -29.48 78.01
CA LEU B 150 -61.23 -28.48 77.70
C LEU B 150 -60.94 -27.22 78.48
N LEU B 151 -60.92 -26.08 77.79
CA LEU B 151 -60.68 -24.81 78.45
C LEU B 151 -61.81 -24.50 79.43
N THR B 152 -61.44 -24.02 80.61
CA THR B 152 -62.37 -23.84 81.71
C THR B 152 -62.50 -22.36 82.06
N ARG B 153 -63.66 -22.02 82.61
CA ARG B 153 -63.94 -20.65 83.05
C ARG B 153 -63.21 -20.39 84.38
N GLN B 154 -63.47 -19.23 84.96
CA GLN B 154 -62.86 -18.91 86.24
C GLN B 154 -63.35 -19.90 87.26
N ASP B 155 -64.56 -20.42 87.05
CA ASP B 155 -65.12 -21.40 87.97
C ASP B 155 -64.51 -22.77 87.76
N GLY B 156 -63.81 -22.96 86.65
CA GLY B 156 -63.24 -24.26 86.34
C GLY B 156 -64.19 -25.09 85.52
N THR B 157 -65.43 -24.61 85.38
CA THR B 157 -66.39 -25.31 84.54
C THR B 157 -65.93 -25.25 83.10
N PRO B 158 -66.06 -26.36 82.36
CA PRO B 158 -65.67 -26.22 80.95
C PRO B 158 -66.47 -25.11 80.28
N GLN B 159 -65.78 -24.32 79.46
CA GLN B 159 -66.36 -23.15 78.83
C GLN B 159 -67.01 -23.55 77.51
N ARG B 160 -68.31 -23.28 77.38
CA ARG B 160 -69.01 -23.47 76.13
C ARG B 160 -69.14 -22.13 75.40
N ARG B 161 -69.04 -22.17 74.08
CA ARG B 161 -69.30 -21.02 73.23
C ARG B 161 -70.42 -21.36 72.26
N GLN B 162 -71.21 -20.35 71.90
CA GLN B 162 -72.41 -20.54 71.13
C GLN B 162 -72.33 -19.76 69.81
N LEU B 163 -72.79 -20.40 68.74
CA LEU B 163 -72.82 -19.80 67.42
C LEU B 163 -74.27 -19.63 66.99
N THR B 164 -74.63 -18.40 66.60
CA THR B 164 -75.99 -18.07 66.21
C THR B 164 -76.05 -17.94 64.68
N ILE B 165 -76.54 -18.99 64.03
CA ILE B 165 -76.74 -18.97 62.58
C ILE B 165 -78.15 -18.44 62.32
N ASN B 166 -78.24 -17.24 61.75
CA ASN B 166 -79.52 -16.58 61.51
C ASN B 166 -80.05 -16.89 60.11
N LYS B 167 -80.15 -18.19 59.83
CA LYS B 167 -80.64 -18.63 58.52
C LYS B 167 -82.11 -18.31 58.36
N GLU B 168 -82.44 -17.64 57.26
CA GLU B 168 -83.81 -17.21 56.94
C GLU B 168 -84.38 -16.41 58.10
N GLY B 169 -85.70 -16.51 58.33
CA GLY B 169 -86.30 -15.80 59.45
C GLY B 169 -85.87 -16.34 60.78
N LYS B 170 -85.75 -17.66 60.89
CA LYS B 170 -85.40 -18.32 62.14
C LYS B 170 -83.90 -18.14 62.43
N GLN B 171 -83.46 -18.75 63.53
CA GLN B 171 -82.04 -18.81 63.86
C GLN B 171 -81.82 -20.08 64.68
N PHE B 172 -80.76 -20.82 64.35
CA PHE B 172 -80.49 -22.08 65.04
C PHE B 172 -79.35 -21.90 66.04
N LYS B 173 -79.39 -22.71 67.10
CA LYS B 173 -78.37 -22.66 68.14
C LYS B 173 -77.47 -23.88 68.04
N VAL B 174 -76.17 -23.65 68.02
CA VAL B 174 -75.17 -24.71 68.08
C VAL B 174 -74.17 -24.35 69.16
N ARG B 175 -73.98 -25.24 70.13
CA ARG B 175 -73.11 -25.01 71.26
C ARG B 175 -71.86 -25.86 71.11
N GLY B 176 -70.72 -25.30 71.51
CA GLY B 176 -69.46 -25.99 71.36
C GLY B 176 -68.55 -25.73 72.55
N PHE B 177 -67.39 -26.38 72.53
CA PHE B 177 -66.42 -26.30 73.60
C PHE B 177 -65.09 -25.79 73.05
N GLY B 178 -64.30 -25.21 73.94
CA GLY B 178 -62.91 -24.90 73.65
C GLY B 178 -62.05 -26.11 74.00
N VAL B 179 -61.24 -26.52 73.04
CA VAL B 179 -60.45 -27.75 73.16
C VAL B 179 -58.97 -27.39 73.09
N LYS B 180 -58.21 -27.83 74.08
CA LYS B 180 -56.76 -27.69 74.09
C LYS B 180 -56.11 -29.06 74.03
N ILE B 181 -55.25 -29.26 73.03
CA ILE B 181 -54.56 -30.53 72.83
C ILE B 181 -53.06 -30.25 72.86
N SER B 182 -52.33 -30.99 73.66
CA SER B 182 -50.89 -30.83 73.80
C SER B 182 -50.18 -32.12 73.45
N GLU B 183 -48.85 -32.05 73.39
CA GLU B 183 -47.99 -33.18 73.03
C GLU B 183 -48.41 -33.81 71.70
N LEU B 184 -48.29 -33.02 70.63
CA LEU B 184 -48.65 -33.46 69.29
C LEU B 184 -47.49 -33.96 68.46
N ASN B 185 -46.26 -33.45 68.67
CA ASN B 185 -45.12 -33.60 67.77
C ASN B 185 -45.37 -32.72 66.54
N PRO B 186 -44.38 -31.92 66.12
CA PRO B 186 -44.67 -30.83 65.16
C PRO B 186 -45.36 -31.26 63.87
N GLU B 187 -45.02 -32.41 63.31
CA GLU B 187 -45.71 -32.86 62.09
C GLU B 187 -47.19 -33.06 62.35
N ASP B 188 -47.53 -33.79 63.41
CA ASP B 188 -48.92 -33.98 63.77
C ASP B 188 -49.57 -32.66 64.18
N SER B 189 -48.81 -31.77 64.80
CA SER B 189 -49.33 -30.44 65.14
C SER B 189 -49.77 -29.70 63.88
N LEU B 190 -48.92 -29.71 62.85
CA LEU B 190 -49.27 -29.06 61.59
C LEU B 190 -50.50 -29.70 60.97
N THR B 191 -50.55 -31.03 60.98
CA THR B 191 -51.73 -31.73 60.46
C THR B 191 -52.98 -31.29 61.20
N LEU B 192 -52.89 -31.11 62.51
CA LEU B 192 -54.05 -30.68 63.28
C LEU B 192 -54.48 -29.27 62.91
N GLN B 193 -53.51 -28.33 62.89
CA GLN B 193 -53.86 -26.95 62.53
C GLN B 193 -54.44 -26.87 61.13
N GLU B 194 -54.01 -27.74 60.23
CA GLU B 194 -54.51 -27.58 58.86
C GLU B 194 -55.88 -28.24 58.73
N GLN B 195 -56.01 -29.51 59.17
CA GLN B 195 -57.32 -30.16 59.25
C GLN B 195 -58.26 -29.46 60.22
N GLY B 196 -57.85 -29.32 61.48
CA GLY B 196 -58.79 -28.88 62.48
C GLY B 196 -59.82 -29.93 62.85
N ILE B 197 -60.69 -29.61 63.82
CA ILE B 197 -61.74 -30.50 64.28
C ILE B 197 -63.02 -29.69 64.44
N GLY B 198 -64.13 -30.25 63.98
CA GLY B 198 -65.43 -29.59 64.08
C GLY B 198 -66.13 -29.43 62.75
N GLY B 199 -65.35 -29.15 61.71
CA GLY B 199 -65.85 -29.00 60.37
C GLY B 199 -66.36 -27.63 60.02
N LYS B 200 -66.96 -26.94 60.99
CA LYS B 200 -67.51 -25.61 60.74
C LYS B 200 -66.40 -24.57 60.68
N ARG B 201 -65.42 -24.81 59.80
CA ARG B 201 -64.31 -23.88 59.63
C ARG B 201 -64.72 -22.67 58.81
N LYS B 202 -65.58 -22.87 57.80
CA LYS B 202 -66.22 -21.73 57.17
C LYS B 202 -67.09 -20.98 58.17
N MET B 203 -67.62 -21.68 59.16
CA MET B 203 -68.44 -21.07 60.20
C MET B 203 -67.60 -20.47 61.31
N MET B 204 -66.30 -20.30 61.11
CA MET B 204 -65.45 -19.47 61.97
C MET B 204 -65.19 -20.17 63.32
N CYS B 205 -65.24 -21.50 63.32
CA CYS B 205 -65.05 -22.26 64.56
C CYS B 205 -63.77 -23.09 64.57
N GLY B 206 -63.58 -23.98 63.60
CA GLY B 206 -62.69 -25.11 63.74
C GLY B 206 -61.20 -24.87 63.61
N ILE B 207 -60.77 -23.63 63.40
CA ILE B 207 -59.35 -23.36 63.19
C ILE B 207 -58.60 -23.51 64.52
N PHE B 208 -57.44 -24.16 64.48
CA PHE B 208 -56.61 -24.33 65.66
C PHE B 208 -55.46 -23.31 65.65
N VAL B 209 -55.03 -22.92 66.84
CA VAL B 209 -54.06 -21.85 67.03
C VAL B 209 -53.06 -22.30 68.10
N PRO B 210 -51.83 -21.80 68.09
CA PRO B 210 -50.91 -22.04 69.22
C PRO B 210 -51.55 -21.71 70.57
N ALA B 211 -50.94 -22.23 71.63
CA ALA B 211 -51.60 -22.31 72.94
C ALA B 211 -51.61 -20.99 73.70
N THR B 212 -50.89 -19.97 73.24
CA THR B 212 -50.88 -18.70 73.97
C THR B 212 -52.25 -18.03 73.93
N ARG B 213 -52.95 -18.14 72.80
CA ARG B 213 -54.28 -17.55 72.70
C ARG B 213 -55.25 -18.25 73.64
N SER B 214 -54.98 -19.51 73.99
CA SER B 214 -55.78 -20.18 75.01
C SER B 214 -55.64 -19.48 76.35
N LYS B 215 -54.42 -19.10 76.73
CA LYS B 215 -54.22 -18.31 77.95
C LYS B 215 -54.91 -16.97 77.83
N GLU B 216 -54.83 -16.34 76.65
CA GLU B 216 -55.49 -15.06 76.43
C GLU B 216 -56.99 -15.17 76.70
N GLU B 217 -57.63 -16.21 76.18
CA GLU B 217 -59.05 -16.40 76.39
C GLU B 217 -59.39 -16.85 77.81
N GLU B 218 -58.47 -17.56 78.47
CA GLU B 218 -58.74 -18.01 79.83
C GLU B 218 -58.62 -16.88 80.85
N GLU B 219 -57.73 -15.92 80.61
CA GLU B 219 -57.63 -14.78 81.52
C GLU B 219 -58.94 -14.00 81.56
N THR B 220 -59.49 -13.69 80.40
CA THR B 220 -60.79 -13.03 80.31
C THR B 220 -61.70 -13.80 79.36
N PRO C 12 -2.80 -28.72 61.35
CA PRO C 12 -3.45 -29.50 60.28
C PRO C 12 -4.55 -28.70 59.59
N ASN C 13 -4.43 -28.52 58.27
CA ASN C 13 -5.42 -27.78 57.50
C ASN C 13 -6.71 -28.59 57.47
N TYR C 14 -7.70 -28.12 58.23
CA TYR C 14 -8.98 -28.80 58.33
C TYR C 14 -10.05 -28.03 57.57
N TYR C 15 -10.93 -28.75 56.89
CA TYR C 15 -11.99 -28.16 56.10
C TYR C 15 -13.31 -28.84 56.44
N LEU C 16 -14.39 -28.08 56.44
CA LEU C 16 -15.74 -28.61 56.67
C LEU C 16 -16.62 -28.21 55.49
N TYR C 17 -16.91 -29.16 54.63
CA TYR C 17 -17.83 -28.95 53.53
C TYR C 17 -19.17 -29.61 53.85
N GLY C 18 -20.22 -29.13 53.21
CA GLY C 18 -21.52 -29.72 53.44
C GLY C 18 -22.60 -29.26 52.49
N THR C 19 -23.52 -30.16 52.17
CA THR C 19 -24.73 -29.84 51.43
C THR C 19 -25.92 -30.02 52.34
N VAL C 20 -26.63 -28.94 52.62
CA VAL C 20 -27.78 -28.96 53.52
C VAL C 20 -29.04 -28.72 52.70
N LEU C 21 -30.13 -29.37 53.10
CA LEU C 21 -31.38 -29.34 52.35
C LEU C 21 -32.48 -28.78 53.25
N THR C 22 -33.33 -27.95 52.68
CA THR C 22 -34.37 -27.28 53.45
C THR C 22 -35.69 -28.04 53.30
N ARG C 23 -36.73 -27.54 53.97
CA ARG C 23 -38.04 -28.18 53.99
C ARG C 23 -38.87 -27.69 52.82
N TYR C 24 -39.83 -28.52 52.41
CA TYR C 24 -40.68 -28.17 51.28
C TYR C 24 -41.58 -26.99 51.63
N GLY C 25 -41.80 -26.12 50.65
CA GLY C 25 -42.66 -24.98 50.85
C GLY C 25 -42.59 -24.03 49.67
N LEU C 26 -43.35 -22.94 49.79
CA LEU C 26 -43.43 -21.94 48.75
C LEU C 26 -42.27 -20.96 48.88
N ALA C 27 -41.73 -20.53 47.73
CA ALA C 27 -40.57 -19.65 47.72
C ALA C 27 -40.75 -18.52 46.72
N SER C 28 -40.55 -17.30 47.20
CA SER C 28 -40.59 -16.08 46.37
C SER C 28 -39.44 -15.17 46.78
N LEU C 29 -38.25 -15.75 46.92
CA LEU C 29 -37.23 -15.17 47.79
C LEU C 29 -36.44 -14.06 47.09
N ASN C 30 -35.83 -14.36 45.95
CA ASN C 30 -34.78 -13.51 45.40
C ASN C 30 -35.14 -12.94 44.04
N HIS C 31 -36.33 -12.35 43.94
CA HIS C 31 -36.86 -11.84 42.68
C HIS C 31 -35.85 -11.02 41.90
N ASP C 32 -35.95 -11.10 40.58
CA ASP C 32 -35.07 -10.45 39.61
C ASP C 32 -35.63 -9.10 39.19
N ILE C 33 -35.12 -8.57 38.08
CA ILE C 33 -35.35 -7.21 37.60
C ILE C 33 -36.84 -6.89 37.41
N ARG C 34 -37.70 -7.91 37.42
CA ARG C 34 -39.15 -7.71 37.34
C ARG C 34 -39.52 -7.00 36.02
N ARG C 35 -39.36 -7.77 34.94
CA ARG C 35 -39.36 -7.23 33.57
C ARG C 35 -40.44 -6.18 33.30
N GLY C 36 -41.72 -6.56 33.31
CA GLY C 36 -42.73 -5.53 33.22
C GLY C 36 -43.77 -5.49 34.32
N ASN C 37 -44.25 -6.65 34.76
CA ASN C 37 -45.18 -6.72 35.88
C ASN C 37 -44.91 -7.86 36.86
N LYS C 38 -44.23 -8.93 36.44
CA LYS C 38 -44.07 -10.11 37.28
C LYS C 38 -42.73 -10.03 37.99
N THR C 39 -42.76 -10.21 39.31
CA THR C 39 -41.51 -10.37 40.05
C THR C 39 -40.98 -11.76 39.78
N ILE C 40 -40.26 -11.92 38.66
CA ILE C 40 -39.84 -13.23 38.22
C ILE C 40 -38.88 -13.83 39.23
N LEU C 41 -39.02 -15.14 39.46
CA LEU C 41 -38.13 -15.83 40.39
C LEU C 41 -36.81 -16.15 39.69
N GLN C 42 -35.72 -16.03 40.43
CA GLN C 42 -34.38 -16.22 39.87
C GLN C 42 -34.24 -17.67 39.43
N LYS C 43 -34.21 -17.89 38.12
CA LYS C 43 -34.19 -19.23 37.57
C LYS C 43 -33.05 -19.36 36.57
N GLY C 44 -32.64 -20.60 36.35
CA GLY C 44 -31.61 -20.90 35.38
C GLY C 44 -31.73 -22.33 34.93
N TYR C 45 -30.66 -22.83 34.33
CA TYR C 45 -30.62 -24.21 33.85
C TYR C 45 -29.85 -25.08 34.82
N TRP C 46 -30.27 -26.34 34.94
CA TRP C 46 -29.71 -27.29 35.88
C TRP C 46 -29.69 -28.64 35.20
N ASN C 47 -29.55 -29.71 36.00
CA ASN C 47 -29.49 -31.07 35.47
C ASN C 47 -30.65 -31.35 34.53
N ASN C 48 -30.36 -32.12 33.49
CA ASN C 48 -31.32 -32.55 32.47
C ASN C 48 -31.86 -31.39 31.64
N GLY C 49 -31.31 -30.20 31.80
CA GLY C 49 -31.75 -29.06 31.02
C GLY C 49 -33.16 -28.58 31.28
N LYS C 50 -33.60 -28.65 32.53
CA LYS C 50 -34.90 -28.10 32.93
C LYS C 50 -34.67 -26.92 33.86
N ILE C 51 -35.54 -25.93 33.75
CA ILE C 51 -35.37 -24.68 34.49
C ILE C 51 -35.58 -24.92 35.97
N HIS C 52 -34.63 -24.44 36.78
CA HIS C 52 -34.72 -24.55 38.23
C HIS C 52 -34.59 -23.16 38.84
N SER C 53 -35.27 -22.95 39.96
CA SER C 53 -35.22 -21.68 40.66
C SER C 53 -34.05 -21.67 41.63
N PHE C 54 -33.42 -20.51 41.76
CA PHE C 54 -32.21 -20.36 42.58
C PHE C 54 -32.43 -19.33 43.67
N VAL C 55 -31.60 -19.41 44.70
CA VAL C 55 -31.54 -18.41 45.77
C VAL C 55 -30.08 -17.97 45.89
N GLY C 56 -29.86 -16.67 45.82
CA GLY C 56 -28.50 -16.16 45.84
C GLY C 56 -27.79 -16.51 47.14
N SER C 57 -26.53 -16.93 47.01
CA SER C 57 -25.75 -17.28 48.19
C SER C 57 -25.48 -16.06 49.07
N SER C 58 -25.43 -14.87 48.47
CA SER C 58 -25.20 -13.66 49.26
C SER C 58 -26.36 -13.41 50.23
N ALA C 59 -27.58 -13.79 49.85
CA ALA C 59 -28.69 -13.68 50.78
C ALA C 59 -28.49 -14.58 52.00
N ILE C 60 -28.01 -15.80 51.79
CA ILE C 60 -27.76 -16.71 52.90
C ILE C 60 -26.62 -16.18 53.76
N ARG C 61 -25.59 -15.62 53.14
CA ARG C 61 -24.51 -15.01 53.91
C ARG C 61 -25.01 -13.85 54.75
N TRP C 62 -25.89 -13.02 54.18
CA TRP C 62 -26.48 -11.93 54.95
C TRP C 62 -27.31 -12.45 56.11
N ALA C 63 -28.08 -13.53 55.88
CA ALA C 63 -28.87 -14.12 56.96
C ALA C 63 -27.97 -14.63 58.07
N LEU C 64 -26.85 -15.29 57.71
CA LEU C 64 -25.91 -15.75 58.71
C LEU C 64 -25.31 -14.59 59.50
N ARG C 65 -24.97 -13.50 58.80
CA ARG C 65 -24.43 -12.33 59.47
C ARG C 65 -25.45 -11.73 60.43
N PHE C 66 -26.72 -11.67 60.01
CA PHE C 66 -27.76 -11.17 60.88
C PHE C 66 -27.92 -12.04 62.12
N TYR C 67 -27.87 -13.37 61.93
CA TYR C 67 -27.93 -14.27 63.09
C TYR C 67 -26.77 -14.01 64.04
N LEU C 68 -25.57 -13.83 63.48
CA LEU C 68 -24.40 -13.57 64.31
C LEU C 68 -24.58 -12.28 65.11
N GLN C 69 -25.08 -11.23 64.45
CA GLN C 69 -25.32 -9.96 65.14
C GLN C 69 -26.41 -10.08 66.20
N LYS C 70 -27.38 -10.98 66.01
CA LYS C 70 -28.48 -11.10 66.96
C LYS C 70 -27.99 -11.52 68.34
N GLN C 71 -27.23 -12.60 68.41
CA GLN C 71 -26.86 -13.21 69.68
C GLN C 71 -25.45 -12.80 70.08
N GLY C 72 -25.35 -11.56 70.57
CA GLY C 72 -24.04 -11.03 70.94
C GLY C 72 -23.13 -11.03 69.73
N TYR C 73 -21.94 -11.62 69.89
CA TYR C 73 -21.03 -11.88 68.78
C TYR C 73 -20.68 -10.59 68.04
N LEU C 74 -19.91 -9.74 68.73
CA LEU C 74 -19.52 -8.42 68.23
C LEU C 74 -19.23 -8.46 66.73
N VAL C 75 -19.97 -7.64 65.97
CA VAL C 75 -19.95 -7.67 64.52
C VAL C 75 -19.87 -6.24 64.00
N ASN C 76 -19.06 -6.04 62.96
CA ASN C 76 -18.88 -4.70 62.41
C ASN C 76 -20.18 -4.15 61.82
N ARG C 77 -20.92 -4.98 61.10
CA ARG C 77 -22.12 -4.54 60.38
C ARG C 77 -23.35 -4.83 61.22
N VAL C 78 -23.97 -3.78 61.74
CA VAL C 78 -25.16 -3.90 62.58
C VAL C 78 -26.39 -3.58 61.73
N TRP C 79 -27.36 -4.48 61.73
CA TRP C 79 -28.60 -4.30 60.99
C TRP C 79 -29.58 -3.53 61.86
N ASP C 80 -30.04 -2.38 61.37
CA ASP C 80 -30.86 -1.49 62.18
C ASP C 80 -32.22 -2.11 62.47
N GLU C 81 -32.80 -2.81 61.50
CA GLU C 81 -34.10 -3.49 61.60
C GLU C 81 -35.25 -2.50 61.60
N GLU C 82 -34.94 -1.20 61.62
CA GLU C 82 -35.96 -0.16 61.52
C GLU C 82 -35.71 0.78 60.36
N GLU C 83 -34.52 1.39 60.30
CA GLU C 83 -34.17 2.26 59.18
C GLU C 83 -33.51 1.49 58.04
N HIS C 84 -33.24 0.20 58.23
CA HIS C 84 -32.68 -0.65 57.18
C HIS C 84 -31.36 -0.10 56.67
N ILE C 85 -30.50 0.31 57.59
CA ILE C 85 -29.18 0.85 57.28
C ILE C 85 -28.13 0.09 58.08
N ASN C 86 -27.11 -0.41 57.38
CA ASN C 86 -25.97 -1.03 58.00
C ASN C 86 -25.04 0.05 58.55
N ARG C 87 -24.65 -0.08 59.81
CA ARG C 87 -23.73 0.84 60.45
C ARG C 87 -22.48 0.10 60.89
N LEU C 88 -21.32 0.69 60.60
CA LEU C 88 -20.04 0.10 60.93
C LEU C 88 -19.66 0.50 62.35
N THR C 89 -19.49 -0.50 63.21
CA THR C 89 -19.06 -0.23 64.58
C THR C 89 -17.68 0.41 64.60
N SER C 90 -16.78 -0.06 63.75
CA SER C 90 -15.46 0.53 63.58
C SER C 90 -15.18 0.73 62.09
N GLU C 91 -14.54 1.84 61.75
CA GLU C 91 -14.22 2.11 60.35
C GLU C 91 -13.22 1.10 59.83
N ASP C 92 -12.13 0.88 60.55
CA ASP C 92 -11.15 -0.12 60.17
C ASP C 92 -11.66 -1.51 60.50
N PHE C 93 -11.54 -2.42 59.53
CA PHE C 93 -11.96 -3.80 59.72
C PHE C 93 -10.94 -4.51 60.61
N ASP C 94 -11.43 -5.20 61.63
CA ASP C 94 -10.57 -5.93 62.57
C ASP C 94 -11.12 -7.35 62.73
N PRO C 95 -10.71 -8.28 61.87
CA PRO C 95 -11.20 -9.66 61.99
C PRO C 95 -10.80 -10.33 63.27
N GLU C 96 -9.76 -9.85 63.96
CA GLU C 96 -9.34 -10.46 65.22
C GLU C 96 -10.42 -10.31 66.28
N LYS C 97 -11.13 -9.18 66.27
CA LYS C 97 -12.13 -8.90 67.29
C LYS C 97 -13.56 -9.20 66.85
N PHE C 98 -13.88 -8.99 65.58
CA PHE C 98 -15.25 -9.13 65.09
C PHE C 98 -15.45 -10.51 64.47
N TYR C 99 -16.58 -11.14 64.77
CA TYR C 99 -16.92 -12.41 64.14
C TYR C 99 -17.14 -12.24 62.65
N ASP C 100 -17.82 -11.15 62.26
CA ASP C 100 -18.22 -10.99 60.87
C ASP C 100 -17.01 -10.84 59.95
N ASP C 101 -16.09 -9.94 60.31
CA ASP C 101 -14.90 -9.74 59.48
C ASP C 101 -14.04 -11.01 59.44
N ASP C 102 -13.96 -11.72 60.57
CA ASP C 102 -13.18 -12.95 60.61
C ASP C 102 -13.77 -14.01 59.69
N ILE C 103 -15.10 -14.10 59.65
CA ILE C 103 -15.75 -15.20 58.92
C ILE C 103 -15.92 -14.84 57.45
N PHE C 104 -16.66 -13.79 57.15
CA PHE C 104 -17.07 -13.49 55.79
C PHE C 104 -16.07 -12.63 55.03
N GLY C 105 -15.05 -12.10 55.69
CA GLY C 105 -14.10 -11.24 55.01
C GLY C 105 -14.67 -9.86 54.74
N PHE C 106 -13.90 -9.05 54.02
CA PHE C 106 -14.30 -7.68 53.71
C PHE C 106 -13.48 -7.19 52.53
N ALA C 107 -13.93 -6.08 51.96
CA ALA C 107 -13.19 -5.44 50.87
C ALA C 107 -13.53 -3.95 50.90
N LEU C 108 -12.53 -3.11 51.16
CA LEU C 108 -12.75 -1.68 51.30
C LEU C 108 -12.63 -0.95 49.96
N LEU C 109 -11.49 -1.08 49.30
CA LEU C 109 -11.22 -0.41 48.03
C LEU C 109 -11.44 1.10 48.12
N PRO C 133 -6.56 -1.68 52.79
CA PRO C 133 -6.37 -2.19 54.14
C PRO C 133 -5.83 -3.62 54.16
N ASN C 134 -6.69 -4.59 54.40
CA ASN C 134 -6.28 -5.99 54.48
C ASN C 134 -7.02 -6.91 53.52
N GLN C 135 -8.28 -6.63 53.23
CA GLN C 135 -9.06 -7.36 52.23
C GLN C 135 -9.06 -8.87 52.54
N ARG C 136 -9.71 -9.21 53.65
CA ARG C 136 -9.68 -10.59 54.13
C ARG C 136 -10.31 -11.54 53.12
N MET C 137 -9.70 -12.71 52.97
CA MET C 137 -10.18 -13.70 52.01
C MET C 137 -11.52 -14.30 52.46
N GLY C 138 -11.74 -14.41 53.76
CA GLY C 138 -12.99 -14.93 54.26
C GLY C 138 -13.01 -16.44 54.37
N ALA C 139 -13.33 -16.96 55.55
CA ALA C 139 -13.30 -18.40 55.76
C ALA C 139 -14.44 -19.09 55.01
N LEU C 140 -15.66 -18.57 55.12
CA LEU C 140 -16.81 -19.28 54.60
C LEU C 140 -16.97 -19.07 53.10
N GLY C 141 -17.16 -20.16 52.38
CA GLY C 141 -17.51 -20.10 50.98
C GLY C 141 -18.86 -20.75 50.77
N MET C 142 -19.63 -20.21 49.82
CA MET C 142 -21.01 -20.62 49.64
C MET C 142 -21.33 -20.71 48.15
N ASN C 143 -22.34 -21.51 47.84
CA ASN C 143 -22.92 -21.61 46.51
C ASN C 143 -24.42 -21.36 46.60
N MET C 144 -24.99 -20.93 45.48
CA MET C 144 -26.41 -20.61 45.46
C MET C 144 -27.26 -21.87 45.65
N ALA C 145 -28.42 -21.69 46.28
CA ALA C 145 -29.32 -22.79 46.56
C ALA C 145 -30.10 -23.14 45.30
N VAL C 146 -30.12 -24.42 44.94
CA VAL C 146 -30.76 -24.89 43.72
C VAL C 146 -32.02 -25.65 44.10
N SER C 147 -33.14 -25.30 43.47
CA SER C 147 -34.39 -25.97 43.74
C SER C 147 -34.32 -27.44 43.34
N LEU C 148 -34.85 -28.31 44.20
CA LEU C 148 -34.80 -29.74 43.94
C LEU C 148 -35.60 -30.10 42.69
N THR C 149 -36.80 -29.55 42.57
CA THR C 149 -37.64 -29.86 41.42
C THR C 149 -37.61 -28.71 40.42
N PRO C 150 -37.76 -29.01 39.13
CA PRO C 150 -37.74 -27.94 38.13
C PRO C 150 -38.89 -26.96 38.31
N TYR C 151 -38.62 -25.70 37.98
CA TYR C 151 -39.64 -24.66 38.05
C TYR C 151 -40.50 -24.70 36.79
N ASP C 152 -41.77 -25.04 36.95
CA ASP C 152 -42.67 -25.23 35.81
C ASP C 152 -43.58 -24.02 35.58
N GLY C 153 -44.42 -23.71 36.55
CA GLY C 153 -45.43 -22.68 36.43
C GLY C 153 -45.56 -21.87 37.70
N ALA C 154 -46.78 -21.83 38.25
CA ALA C 154 -47.04 -21.29 39.58
C ALA C 154 -46.72 -19.81 39.67
N VAL C 155 -47.46 -19.03 38.89
CA VAL C 155 -47.51 -17.58 39.07
C VAL C 155 -48.69 -17.27 39.99
N LYS C 156 -48.56 -16.19 40.76
CA LYS C 156 -49.55 -15.85 41.77
C LYS C 156 -50.07 -14.44 41.53
N LEU C 157 -51.32 -14.21 41.95
CA LEU C 157 -51.98 -12.93 41.74
C LEU C 157 -51.64 -11.98 42.88
N GLY C 158 -50.97 -10.87 42.56
CA GLY C 158 -50.66 -9.86 43.55
C GLY C 158 -51.09 -8.48 43.12
N ALA C 159 -51.99 -7.86 43.88
CA ALA C 159 -52.51 -6.54 43.55
C ALA C 159 -51.82 -5.51 44.43
N LYS C 160 -51.11 -4.56 43.81
CA LYS C 160 -50.49 -3.47 44.54
C LYS C 160 -51.41 -2.27 44.55
N SER C 161 -51.37 -1.52 45.65
CA SER C 161 -52.25 -0.37 45.82
C SER C 161 -51.81 0.79 44.93
N GLY C 162 -52.67 1.80 44.86
CA GLY C 162 -52.38 2.99 44.09
C GLY C 162 -53.10 4.21 44.61
N ARG C 163 -52.44 5.38 44.56
CA ARG C 163 -53.03 6.62 45.05
C ARG C 163 -54.13 7.15 44.14
N GLU C 164 -54.31 6.57 42.96
CA GLU C 164 -55.26 7.07 41.97
C GLU C 164 -56.68 6.73 42.41
N LYS C 165 -57.20 7.52 43.35
CA LYS C 165 -58.55 7.35 43.87
C LYS C 165 -58.77 5.93 44.40
N ASP C 166 -57.79 5.46 45.18
CA ASP C 166 -57.80 4.10 45.73
C ASP C 166 -57.89 3.07 44.60
N SER C 167 -56.85 3.03 43.78
CA SER C 167 -56.80 2.10 42.67
C SER C 167 -55.88 0.92 43.00
N THR C 168 -56.25 -0.25 42.50
CA THR C 168 -55.46 -1.47 42.68
C THR C 168 -55.16 -2.06 41.32
N SER C 169 -53.89 -2.01 40.93
CA SER C 169 -53.42 -2.57 39.67
C SER C 169 -52.88 -3.97 39.93
N LEU C 170 -53.35 -4.95 39.16
CA LEU C 170 -52.93 -6.33 39.34
C LEU C 170 -51.58 -6.55 38.68
N HIS C 171 -50.67 -7.19 39.43
CA HIS C 171 -49.38 -7.59 38.91
C HIS C 171 -49.16 -9.07 39.23
N PHE C 172 -48.11 -9.64 38.67
CA PHE C 172 -47.82 -11.06 38.81
C PHE C 172 -46.61 -11.26 39.71
N THR C 173 -46.51 -12.46 40.28
CA THR C 173 -45.40 -12.82 41.15
C THR C 173 -45.19 -14.33 41.04
N GLU C 174 -43.96 -14.73 40.70
CA GLU C 174 -43.64 -16.14 40.59
C GLU C 174 -43.36 -16.74 41.96
N TYR C 175 -43.90 -17.93 42.20
CA TYR C 175 -43.61 -18.69 43.40
C TYR C 175 -43.29 -20.13 43.01
N HIS C 176 -42.49 -20.79 43.84
CA HIS C 176 -42.06 -22.15 43.57
C HIS C 176 -42.22 -22.98 44.83
N ALA C 177 -42.78 -24.18 44.69
CA ALA C 177 -42.96 -25.12 45.79
C ALA C 177 -41.89 -26.20 45.63
N THR C 178 -40.82 -26.09 46.41
CA THR C 178 -39.67 -26.98 46.28
C THR C 178 -38.85 -26.89 47.56
N ARG C 179 -37.78 -27.67 47.61
CA ARG C 179 -36.82 -27.64 48.70
C ARG C 179 -35.46 -27.21 48.15
N TYR C 180 -34.87 -26.19 48.76
CA TYR C 180 -33.60 -25.66 48.30
C TYR C 180 -32.44 -26.33 49.01
N GLN C 181 -31.49 -26.82 48.22
CA GLN C 181 -30.23 -27.35 48.74
C GLN C 181 -29.11 -26.43 48.29
N TYR C 182 -28.12 -26.23 49.17
CA TYR C 182 -26.97 -25.43 48.79
C TYR C 182 -25.72 -26.03 49.40
N TYR C 183 -24.58 -25.58 48.90
CA TYR C 183 -23.27 -26.12 49.24
C TYR C 183 -22.42 -25.02 49.85
N PHE C 184 -21.62 -25.39 50.85
CA PHE C 184 -20.77 -24.44 51.54
C PHE C 184 -19.51 -25.13 52.03
N GLY C 185 -18.46 -24.35 52.17
CA GLY C 185 -17.19 -24.86 52.66
C GLY C 185 -16.56 -23.90 53.65
N ILE C 186 -15.97 -24.44 54.72
CA ILE C 186 -15.40 -23.65 55.80
C ILE C 186 -13.92 -23.97 55.89
N ASP C 187 -13.08 -22.96 55.67
CA ASP C 187 -11.64 -23.09 55.84
C ASP C 187 -11.33 -22.82 57.30
N ALA C 188 -11.48 -23.84 58.14
CA ALA C 188 -11.39 -23.67 59.59
C ALA C 188 -10.03 -23.08 59.99
N THR C 189 -8.96 -23.50 59.32
CA THR C 189 -7.64 -22.95 59.62
C THR C 189 -7.55 -21.47 59.31
N HIS C 190 -8.35 -20.97 58.36
CA HIS C 190 -8.26 -19.57 57.98
C HIS C 190 -8.83 -18.63 59.03
N LEU C 191 -9.66 -19.14 59.94
CA LEU C 191 -10.26 -18.29 60.96
C LEU C 191 -9.18 -17.74 61.89
N LYS C 192 -9.31 -16.45 62.22
CA LYS C 192 -8.37 -15.84 63.15
C LYS C 192 -8.52 -16.44 64.55
N ASP C 193 -9.74 -16.74 64.96
CA ASP C 193 -10.02 -17.43 66.21
C ASP C 193 -10.68 -18.76 65.87
N PHE C 194 -10.05 -19.86 66.25
CA PHE C 194 -10.52 -21.18 65.84
C PHE C 194 -11.86 -21.52 66.49
N SER C 195 -12.19 -20.88 67.62
CA SER C 195 -13.44 -21.17 68.29
C SER C 195 -14.65 -20.59 67.56
N ARG C 196 -14.43 -19.71 66.59
CA ARG C 196 -15.54 -19.05 65.92
C ARG C 196 -16.30 -19.99 64.98
N ILE C 197 -15.78 -21.19 64.71
CA ILE C 197 -16.49 -22.13 63.86
C ILE C 197 -17.79 -22.58 64.53
N LEU C 198 -17.77 -22.75 65.85
CA LEU C 198 -18.93 -23.30 66.55
C LEU C 198 -20.19 -22.47 66.36
N PRO C 199 -20.17 -21.13 66.50
CA PRO C 199 -21.41 -20.37 66.24
C PRO C 199 -21.90 -20.50 64.81
N MET C 200 -21.01 -20.77 63.86
CA MET C 200 -21.41 -20.80 62.45
C MET C 200 -22.35 -21.98 62.17
N ILE C 201 -22.05 -23.14 62.75
CA ILE C 201 -22.91 -24.29 62.56
C ILE C 201 -24.27 -24.05 63.19
N ASP C 202 -24.28 -23.42 64.37
CA ASP C 202 -25.55 -23.05 65.01
C ASP C 202 -26.35 -22.10 64.12
N GLY C 203 -25.68 -21.10 63.54
CA GLY C 203 -26.37 -20.19 62.64
C GLY C 203 -26.94 -20.89 61.43
N ILE C 204 -26.20 -21.83 60.88
CA ILE C 204 -26.73 -22.63 59.78
C ILE C 204 -27.96 -23.40 60.23
N MET C 205 -27.94 -23.94 61.44
CA MET C 205 -29.09 -24.69 61.96
C MET C 205 -30.26 -23.76 62.27
N ASN C 206 -29.96 -22.54 62.75
CA ASN C 206 -31.00 -21.60 63.16
C ASN C 206 -30.96 -20.35 62.28
N LEU C 207 -30.89 -20.59 60.97
CA LEU C 207 -30.82 -19.49 60.01
C LEU C 207 -32.09 -18.64 60.08
N PRO C 208 -31.97 -17.31 60.15
CA PRO C 208 -33.16 -16.46 60.19
C PRO C 208 -33.86 -16.37 58.85
N LYS C 209 -34.88 -15.52 58.76
CA LYS C 209 -35.61 -15.33 57.52
C LYS C 209 -34.68 -14.77 56.45
N VAL C 210 -34.71 -15.39 55.27
CA VAL C 210 -33.83 -15.00 54.17
C VAL C 210 -34.53 -13.94 53.33
N GLY C 211 -33.82 -12.87 53.03
CA GLY C 211 -34.38 -11.76 52.26
C GLY C 211 -35.20 -10.79 53.07
N GLY C 212 -36.20 -11.29 53.78
CA GLY C 212 -36.99 -10.45 54.66
C GLY C 212 -38.30 -9.98 54.05
N SER C 213 -38.32 -8.72 53.59
CA SER C 213 -39.56 -8.14 53.10
C SER C 213 -40.09 -8.88 51.87
N SER C 214 -39.20 -9.20 50.93
CA SER C 214 -39.65 -9.83 49.68
C SER C 214 -39.93 -11.31 49.82
N ASN C 215 -39.62 -11.90 50.97
CA ASN C 215 -40.01 -13.28 51.21
C ASN C 215 -41.51 -13.31 51.49
N ILE C 216 -42.30 -13.34 50.41
CA ILE C 216 -43.75 -13.22 50.54
C ILE C 216 -44.30 -14.30 51.46
N PHE C 217 -44.07 -15.56 51.10
CA PHE C 217 -44.39 -16.67 52.00
C PHE C 217 -43.17 -16.92 52.89
N ASN C 218 -43.39 -16.93 54.20
CA ASN C 218 -42.27 -17.08 55.13
C ASN C 218 -41.64 -18.46 54.95
N TYR C 219 -40.51 -18.51 54.27
CA TYR C 219 -39.87 -19.77 53.92
C TYR C 219 -38.70 -20.02 54.84
N PRO C 220 -38.77 -20.99 55.75
CA PRO C 220 -37.64 -21.26 56.64
C PRO C 220 -36.47 -21.84 55.86
N PHE C 221 -35.26 -21.48 56.29
CA PHE C 221 -34.03 -22.04 55.74
C PHE C 221 -33.25 -22.85 56.77
N CYS C 222 -33.88 -23.24 57.87
CA CYS C 222 -33.27 -24.22 58.74
C CYS C 222 -33.25 -25.58 58.05
N PRO C 223 -32.09 -26.21 57.96
CA PRO C 223 -31.99 -27.45 57.18
C PRO C 223 -32.76 -28.58 57.83
N ASP C 224 -33.32 -29.45 56.99
CA ASP C 224 -34.02 -30.64 57.45
C ASP C 224 -33.25 -31.92 57.21
N SER C 225 -32.19 -31.88 56.40
CA SER C 225 -31.31 -33.03 56.20
C SER C 225 -29.92 -32.50 55.87
N LEU C 226 -28.91 -33.04 56.53
CA LEU C 226 -27.54 -32.56 56.40
C LEU C 226 -26.65 -33.67 55.85
N VAL C 227 -25.63 -33.26 55.09
CA VAL C 227 -24.56 -34.14 54.66
C VAL C 227 -23.26 -33.37 54.88
N PHE C 228 -22.55 -33.69 55.96
CA PHE C 228 -21.35 -32.98 56.35
C PHE C 228 -20.12 -33.89 56.20
N GLN C 229 -19.06 -33.33 55.63
CA GLN C 229 -17.79 -34.03 55.52
C GLN C 229 -16.72 -33.17 56.17
N TRP C 230 -16.22 -33.62 57.31
CA TRP C 230 -15.16 -32.93 58.05
C TRP C 230 -13.87 -33.69 57.77
N THR C 231 -13.13 -33.23 56.77
CA THR C 231 -11.88 -33.86 56.37
C THR C 231 -10.74 -32.85 56.46
N ASN C 232 -9.56 -33.29 56.04
CA ASN C 232 -8.35 -32.49 56.15
C ASN C 232 -7.63 -32.29 54.82
N HIS C 233 -8.29 -32.59 53.70
CA HIS C 233 -7.71 -32.37 52.38
C HIS C 233 -8.66 -31.57 51.52
N PHE C 234 -8.09 -30.87 50.53
CA PHE C 234 -8.86 -29.90 49.75
C PHE C 234 -9.92 -30.57 48.88
N ALA C 235 -9.67 -31.78 48.41
CA ALA C 235 -10.62 -32.46 47.54
C ALA C 235 -11.96 -32.62 48.25
N SER C 236 -13.04 -32.24 47.57
CA SER C 236 -14.36 -32.23 48.19
C SER C 236 -15.41 -32.68 47.18
N TYR C 237 -16.00 -33.82 47.44
CA TYR C 237 -17.21 -34.27 46.77
C TYR C 237 -18.42 -33.79 47.58
N ILE C 238 -19.58 -34.39 47.36
CA ILE C 238 -20.84 -34.17 48.08
C ILE C 238 -21.32 -32.73 47.88
N SER C 239 -20.87 -32.11 46.79
CA SER C 239 -21.25 -30.72 46.52
C SER C 239 -22.76 -30.56 46.41
N TYR C 240 -23.41 -31.40 45.61
CA TYR C 240 -24.85 -31.34 45.41
C TYR C 240 -25.45 -32.73 45.48
N CYS C 241 -25.10 -33.47 46.54
CA CYS C 241 -25.51 -34.87 46.66
C CYS C 241 -27.02 -35.02 46.64
N PHE C 242 -27.75 -34.08 47.24
CA PHE C 242 -29.20 -34.21 47.30
C PHE C 242 -29.83 -34.01 45.92
N GLU C 243 -30.74 -34.91 45.56
CA GLU C 243 -31.47 -34.83 44.31
C GLU C 243 -32.60 -35.84 44.34
N TYR C 244 -33.80 -35.43 43.93
CA TYR C 244 -34.89 -36.39 43.85
C TYR C 244 -35.47 -36.34 42.44
N CYS C 245 -35.63 -35.13 41.90
CA CYS C 245 -36.43 -34.84 40.70
C CYS C 245 -37.84 -35.36 40.94
N ASP C 246 -38.55 -35.86 39.92
CA ASP C 246 -39.94 -36.32 40.04
C ASP C 246 -40.79 -35.32 40.81
N PRO C 247 -41.17 -34.19 40.20
CA PRO C 247 -41.81 -33.11 40.96
C PRO C 247 -43.11 -33.50 41.63
N LYS C 248 -43.73 -34.63 41.25
CA LYS C 248 -45.00 -35.01 41.83
C LYS C 248 -44.93 -35.22 43.35
N SER C 249 -43.75 -35.52 43.90
CA SER C 249 -43.59 -35.75 45.32
C SER C 249 -42.47 -34.89 45.86
N LYS C 250 -42.23 -35.02 47.17
CA LYS C 250 -41.24 -34.22 47.88
C LYS C 250 -40.41 -35.07 48.84
N GLU C 251 -40.03 -36.27 48.43
CA GLU C 251 -39.31 -37.19 49.31
C GLU C 251 -37.84 -36.79 49.48
N ALA C 252 -37.25 -36.10 48.50
CA ALA C 252 -35.88 -35.58 48.58
C ALA C 252 -34.88 -36.72 48.83
N LYS C 253 -34.80 -37.59 47.83
CA LYS C 253 -33.89 -38.73 47.89
C LYS C 253 -32.44 -38.28 47.74
N LEU C 254 -31.54 -39.26 47.74
CA LEU C 254 -30.11 -39.03 47.57
C LEU C 254 -29.70 -39.45 46.17
N SER C 255 -28.80 -38.68 45.56
CA SER C 255 -28.36 -38.99 44.21
C SER C 255 -27.60 -40.30 44.18
N GLN C 256 -27.81 -41.08 43.12
CA GLN C 256 -27.09 -42.34 42.96
C GLN C 256 -25.59 -42.11 42.84
N GLU C 257 -25.18 -40.96 42.30
CA GLU C 257 -23.76 -40.67 42.16
C GLU C 257 -23.08 -40.58 43.52
N PHE C 258 -23.72 -39.90 44.48
CA PHE C 258 -23.14 -39.80 45.81
C PHE C 258 -23.07 -41.16 46.51
N ILE C 259 -24.12 -41.96 46.37
CA ILE C 259 -24.12 -43.30 46.96
C ILE C 259 -23.00 -44.14 46.37
N ASP C 260 -22.84 -44.07 45.04
CA ASP C 260 -21.76 -44.80 44.39
C ASP C 260 -20.39 -44.32 44.87
N GLU C 261 -20.21 -43.00 44.97
CA GLU C 261 -18.93 -42.47 45.41
C GLU C 261 -18.60 -42.90 46.83
N VAL C 262 -19.61 -42.95 47.69
CA VAL C 262 -19.40 -43.45 49.06
C VAL C 262 -19.02 -44.92 49.03
N GLU C 263 -19.72 -45.72 48.20
CA GLU C 263 -19.51 -47.16 48.20
C GLU C 263 -18.16 -47.54 47.59
N CYS C 264 -17.66 -46.74 46.65
CA CYS C 264 -16.45 -47.12 45.91
C CYS C 264 -15.24 -47.19 46.82
N GLY C 265 -15.13 -46.26 47.77
CA GLY C 265 -13.94 -46.18 48.60
C GLY C 265 -13.54 -44.74 48.89
N GLN C 266 -13.93 -43.83 47.99
CA GLN C 266 -13.76 -42.42 48.27
C GLN C 266 -14.77 -41.98 49.33
N ILE C 267 -14.57 -40.75 49.82
CA ILE C 267 -15.35 -40.22 50.93
C ILE C 267 -15.28 -41.19 52.10
N ASP C 268 -14.20 -41.10 52.87
CA ASP C 268 -13.98 -42.01 53.99
C ASP C 268 -15.16 -41.94 54.95
N PRO C 269 -15.81 -43.06 55.26
CA PRO C 269 -17.03 -43.00 56.10
C PRO C 269 -16.79 -42.36 57.45
N SER C 270 -15.61 -42.55 58.05
CA SER C 270 -15.32 -41.88 59.32
C SER C 270 -15.33 -40.37 59.19
N LYS C 271 -15.17 -39.84 57.98
CA LYS C 271 -15.22 -38.41 57.73
C LYS C 271 -16.59 -37.92 57.29
N LEU C 272 -17.59 -38.80 57.20
CA LEU C 272 -18.90 -38.46 56.67
C LEU C 272 -19.92 -38.35 57.79
N TRP C 273 -20.61 -37.21 57.84
CA TRP C 273 -21.68 -36.98 58.80
C TRP C 273 -22.98 -36.76 58.02
N ILE C 274 -23.96 -37.62 58.26
CA ILE C 274 -25.24 -37.59 57.55
C ILE C 274 -26.37 -37.61 58.57
N GLY C 275 -27.43 -36.85 58.31
CA GLY C 275 -28.57 -36.81 59.20
C GLY C 275 -29.75 -36.01 58.70
N GLY C 276 -30.90 -36.18 59.36
CA GLY C 276 -32.13 -35.54 58.96
C GLY C 276 -33.18 -36.56 58.59
N THR C 277 -34.23 -36.08 57.90
CA THR C 277 -35.27 -36.98 57.42
C THR C 277 -34.72 -37.96 56.39
N ILE C 278 -33.62 -37.62 55.72
CA ILE C 278 -33.04 -38.52 54.72
C ILE C 278 -32.49 -39.78 55.39
N VAL C 279 -32.06 -39.67 56.65
CA VAL C 279 -31.58 -40.86 57.36
C VAL C 279 -32.71 -41.84 57.60
N LYS C 280 -33.92 -41.34 57.83
CA LYS C 280 -35.07 -42.23 57.98
C LYS C 280 -35.29 -43.05 56.72
N ASP C 281 -35.16 -42.42 55.56
CA ASP C 281 -35.26 -43.16 54.30
C ASP C 281 -34.09 -44.12 54.12
N LEU C 282 -32.88 -43.68 54.49
CA LEU C 282 -31.69 -44.51 54.28
C LEU C 282 -31.74 -45.78 55.11
N GLN C 283 -32.14 -45.67 56.38
CA GLN C 283 -32.14 -46.82 57.27
C GLN C 283 -33.11 -47.90 56.83
N GLN C 284 -34.19 -47.54 56.14
CA GLN C 284 -35.14 -48.52 55.63
C GLN C 284 -34.58 -49.30 54.45
N LEU C 285 -33.58 -48.76 53.75
CA LEU C 285 -33.03 -49.40 52.57
C LEU C 285 -32.43 -50.77 52.89
N ASP C 286 -32.57 -51.69 51.95
CA ASP C 286 -31.96 -53.01 52.09
C ASP C 286 -30.44 -52.90 51.94
N ASN C 287 -29.74 -53.86 52.53
CA ASN C 287 -28.28 -53.95 52.53
C ASN C 287 -27.62 -52.73 53.16
N PHE C 288 -28.38 -51.91 53.90
CA PHE C 288 -27.82 -50.72 54.53
C PHE C 288 -26.76 -51.10 55.56
N GLU C 289 -27.01 -52.14 56.34
CA GLU C 289 -26.03 -52.59 57.33
C GLU C 289 -24.73 -53.03 56.66
N SER C 290 -24.85 -53.78 55.56
CA SER C 290 -23.66 -54.24 54.85
C SER C 290 -23.01 -53.12 54.05
N SER C 291 -23.77 -52.11 53.65
CA SER C 291 -23.23 -51.05 52.82
C SER C 291 -22.21 -50.22 53.59
N PRO C 292 -21.19 -49.68 52.92
CA PRO C 292 -20.25 -48.78 53.61
C PRO C 292 -20.91 -47.50 54.10
N LEU C 293 -22.12 -47.19 53.67
CA LEU C 293 -22.82 -46.02 54.18
C LEU C 293 -23.12 -46.15 55.67
N ASN C 294 -23.19 -47.38 56.18
CA ASN C 294 -23.56 -47.59 57.58
C ASN C 294 -22.49 -47.05 58.53
N LYS C 295 -21.22 -47.33 58.24
CA LYS C 295 -20.15 -46.91 59.14
C LYS C 295 -19.93 -45.40 59.13
N ALA C 296 -20.52 -44.68 58.18
CA ALA C 296 -20.51 -43.23 58.22
C ALA C 296 -21.30 -42.73 59.42
N HIS C 297 -20.82 -41.65 60.03
CA HIS C 297 -21.51 -41.06 61.18
C HIS C 297 -22.91 -40.64 60.78
N ILE C 298 -23.92 -41.32 61.32
CA ILE C 298 -25.30 -41.15 60.90
C ILE C 298 -26.18 -41.00 62.14
N TYR C 299 -27.10 -40.04 62.09
CA TYR C 299 -27.99 -39.79 63.21
C TYR C 299 -29.35 -39.35 62.67
N ARG C 300 -30.42 -39.92 63.23
CA ARG C 300 -31.76 -39.49 62.85
C ARG C 300 -32.01 -38.05 63.25
N ASN C 301 -31.63 -37.67 64.47
CA ASN C 301 -31.83 -36.31 64.94
C ASN C 301 -30.69 -35.43 64.47
N ARG C 302 -31.01 -34.20 64.06
CA ARG C 302 -29.98 -33.28 63.59
C ARG C 302 -29.14 -32.74 64.74
N ASN C 303 -29.76 -32.52 65.90
CA ASN C 303 -29.04 -31.98 67.04
C ASN C 303 -27.98 -32.97 67.54
N GLU C 304 -28.26 -34.27 67.42
CA GLU C 304 -27.25 -35.26 67.76
C GLU C 304 -26.03 -35.13 66.85
N MET C 305 -26.27 -34.96 65.54
CA MET C 305 -25.17 -34.63 64.64
C MET C 305 -24.41 -33.42 65.12
N ILE C 306 -25.13 -32.34 65.43
CA ILE C 306 -24.46 -31.09 65.75
C ILE C 306 -23.58 -31.26 66.98
N GLU C 307 -24.10 -31.93 68.01
CA GLU C 307 -23.33 -32.11 69.23
C GLU C 307 -22.11 -33.02 69.00
N ALA C 308 -22.31 -34.14 68.32
CA ALA C 308 -21.19 -35.06 68.09
C ALA C 308 -20.12 -34.41 67.22
N LEU C 309 -20.54 -33.73 66.14
CA LEU C 309 -19.59 -33.06 65.27
C LEU C 309 -18.86 -31.95 66.00
N LYS C 310 -19.56 -31.18 66.84
CA LYS C 310 -18.90 -30.11 67.58
C LYS C 310 -17.90 -30.68 68.57
N THR C 311 -18.22 -31.82 69.18
CA THR C 311 -17.24 -32.51 70.01
C THR C 311 -16.00 -32.88 69.19
N VAL C 312 -16.22 -33.38 67.97
CA VAL C 312 -15.09 -33.75 67.12
C VAL C 312 -14.24 -32.53 66.79
N ILE C 313 -14.90 -31.41 66.45
CA ILE C 313 -14.16 -30.20 66.11
C ILE C 313 -13.35 -29.71 67.30
N LYS C 314 -13.98 -29.64 68.47
CA LYS C 314 -13.27 -29.18 69.66
C LYS C 314 -12.12 -30.11 70.03
N ARG C 315 -12.24 -31.39 69.69
CA ARG C 315 -11.12 -32.30 69.88
C ARG C 315 -9.99 -32.00 68.90
N ASP C 316 -10.33 -31.79 67.62
CA ASP C 316 -9.33 -31.60 66.59
C ASP C 316 -8.69 -30.23 66.62
N LEU C 317 -9.40 -29.20 67.07
CA LEU C 317 -8.87 -27.84 67.09
C LEU C 317 -8.35 -27.43 68.46
N GLY C 318 -8.32 -28.35 69.42
CA GLY C 318 -7.83 -28.05 70.75
C GLY C 318 -8.60 -26.95 71.45
N LEU C 319 -9.93 -27.01 71.38
CA LEU C 319 -10.77 -26.00 71.99
C LEU C 319 -11.14 -26.38 73.42
N PRO D 12 15.44 -43.11 30.31
CA PRO D 12 14.53 -42.90 29.18
C PRO D 12 13.53 -41.79 29.45
N ASN D 13 13.17 -41.03 28.41
CA ASN D 13 12.20 -39.97 28.57
C ASN D 13 10.82 -40.55 28.85
N TYR D 14 10.11 -39.96 29.81
CA TYR D 14 8.77 -40.39 30.16
C TYR D 14 7.85 -39.19 30.26
N TYR D 15 6.62 -39.36 29.78
CA TYR D 15 5.63 -38.29 29.72
C TYR D 15 4.31 -38.79 30.26
N LEU D 16 3.68 -38.00 31.12
CA LEU D 16 2.36 -38.30 31.65
C LEU D 16 1.40 -37.24 31.15
N TYR D 17 0.47 -37.66 30.28
CA TYR D 17 -0.55 -36.77 29.74
C TYR D 17 -1.91 -37.12 30.33
N GLY D 18 -2.71 -36.10 30.56
CA GLY D 18 -4.00 -36.32 31.19
C GLY D 18 -5.08 -35.31 30.88
N THR D 19 -6.25 -35.81 30.49
CA THR D 19 -7.45 -35.00 30.35
C THR D 19 -8.32 -35.23 31.58
N VAL D 20 -8.64 -34.16 32.28
CA VAL D 20 -9.30 -34.23 33.58
C VAL D 20 -10.56 -33.38 33.55
N LEU D 21 -11.64 -33.91 34.12
CA LEU D 21 -12.94 -33.26 34.14
C LEU D 21 -13.35 -32.97 35.57
N THR D 22 -13.78 -31.74 35.83
CA THR D 22 -14.15 -31.33 37.17
C THR D 22 -15.59 -31.75 37.48
N ARG D 23 -16.08 -31.32 38.64
CA ARG D 23 -17.42 -31.67 39.09
C ARG D 23 -18.43 -30.63 38.62
N TYR D 24 -19.69 -31.06 38.50
CA TYR D 24 -20.76 -30.17 38.10
C TYR D 24 -21.07 -29.17 39.22
N GLY D 25 -21.43 -27.96 38.81
CA GLY D 25 -21.76 -26.93 39.78
C GLY D 25 -21.86 -25.59 39.10
N LEU D 26 -22.01 -24.56 39.94
CA LEU D 26 -22.06 -23.18 39.47
C LEU D 26 -20.70 -22.53 39.68
N ALA D 27 -20.13 -21.98 38.62
CA ALA D 27 -18.78 -21.44 38.68
C ALA D 27 -18.73 -20.07 38.04
N SER D 28 -17.94 -19.19 38.65
CA SER D 28 -17.63 -17.86 38.11
C SER D 28 -16.13 -17.61 38.24
N LEU D 29 -15.33 -18.60 37.85
CA LEU D 29 -13.93 -18.62 38.23
C LEU D 29 -13.13 -17.48 37.60
N ASN D 30 -13.24 -17.30 36.29
CA ASN D 30 -12.41 -16.33 35.58
C ASN D 30 -13.27 -15.20 35.02
N HIS D 31 -12.77 -13.97 35.12
CA HIS D 31 -13.48 -12.78 34.69
C HIS D 31 -12.56 -11.93 33.81
N ASP D 32 -13.11 -11.37 32.73
CA ASP D 32 -12.26 -10.68 31.76
C ASP D 32 -11.99 -9.21 32.11
N ILE D 33 -13.00 -8.36 31.96
CA ILE D 33 -12.72 -6.92 31.86
C ILE D 33 -13.68 -6.09 32.69
N ARG D 34 -14.81 -6.69 33.11
CA ARG D 34 -15.78 -5.98 33.94
C ARG D 34 -16.34 -4.77 33.20
N ARG D 35 -17.13 -5.06 32.17
CA ARG D 35 -17.60 -4.08 31.20
C ARG D 35 -18.08 -2.79 31.84
N GLY D 36 -19.22 -2.83 32.54
CA GLY D 36 -19.54 -1.77 33.49
C GLY D 36 -20.01 -2.28 34.83
N ASN D 37 -20.74 -3.40 34.83
CA ASN D 37 -21.24 -4.00 36.07
C ASN D 37 -21.12 -5.52 36.12
N LYS D 38 -21.04 -6.21 34.98
CA LYS D 38 -20.88 -7.65 35.01
C LYS D 38 -19.41 -8.02 35.07
N THR D 39 -19.09 -9.03 35.86
CA THR D 39 -17.78 -9.68 35.81
C THR D 39 -17.89 -10.78 34.76
N ILE D 40 -17.48 -10.47 33.53
CA ILE D 40 -17.73 -11.35 32.40
C ILE D 40 -16.94 -12.64 32.57
N LEU D 41 -17.65 -13.77 32.57
CA LEU D 41 -16.98 -15.06 32.57
C LEU D 41 -16.12 -15.21 31.32
N GLN D 42 -14.91 -15.72 31.50
CA GLN D 42 -13.98 -15.85 30.39
C GLN D 42 -14.55 -16.81 29.38
N LYS D 43 -15.02 -16.28 28.24
CA LYS D 43 -15.73 -17.09 27.27
C LYS D 43 -15.13 -16.88 25.89
N GLY D 44 -15.33 -17.88 25.04
CA GLY D 44 -14.85 -17.84 23.67
C GLY D 44 -15.44 -19.00 22.89
N TYR D 45 -15.23 -18.96 21.59
CA TYR D 45 -15.77 -20.00 20.73
C TYR D 45 -15.01 -21.31 20.94
N TRP D 46 -15.70 -22.42 20.68
CA TRP D 46 -15.15 -23.75 20.90
C TRP D 46 -15.79 -24.67 19.87
N ASN D 47 -15.75 -25.99 20.13
CA ASN D 47 -16.31 -26.97 19.21
C ASN D 47 -17.76 -26.65 18.89
N ASN D 48 -18.13 -26.86 17.63
CA ASN D 48 -19.47 -26.65 17.09
C ASN D 48 -19.87 -25.19 17.06
N GLY D 49 -18.95 -24.28 17.34
CA GLY D 49 -19.19 -22.86 17.15
C GLY D 49 -20.23 -22.22 18.04
N LYS D 50 -20.27 -22.62 19.31
CA LYS D 50 -21.06 -21.93 20.31
C LYS D 50 -20.16 -21.53 21.47
N ILE D 51 -20.52 -20.43 22.12
CA ILE D 51 -19.64 -19.83 23.12
C ILE D 51 -19.56 -20.72 24.35
N HIS D 52 -18.34 -21.08 24.73
CA HIS D 52 -18.07 -21.81 25.96
C HIS D 52 -17.27 -20.94 26.91
N SER D 53 -17.53 -21.10 28.21
CA SER D 53 -16.74 -20.39 29.21
C SER D 53 -15.41 -21.11 29.43
N PHE D 54 -14.41 -20.35 29.86
CA PHE D 54 -13.07 -20.87 30.00
C PHE D 54 -12.53 -20.58 31.39
N VAL D 55 -11.60 -21.43 31.83
CA VAL D 55 -10.88 -21.24 33.07
C VAL D 55 -9.40 -21.20 32.74
N GLY D 56 -8.73 -20.11 33.09
CA GLY D 56 -7.33 -19.93 32.76
C GLY D 56 -6.43 -21.00 33.32
N SER D 57 -5.53 -21.52 32.48
CA SER D 57 -4.56 -22.51 32.95
C SER D 57 -3.62 -21.90 33.99
N SER D 58 -3.37 -20.60 33.90
CA SER D 58 -2.54 -19.95 34.91
C SER D 58 -3.20 -20.03 36.29
N ALA D 59 -4.54 -19.96 36.34
CA ALA D 59 -5.22 -20.11 37.62
C ALA D 59 -5.01 -21.51 38.19
N ILE D 60 -5.05 -22.54 37.34
CA ILE D 60 -4.83 -23.90 37.80
C ILE D 60 -3.39 -24.08 38.27
N ARG D 61 -2.44 -23.47 37.56
CA ARG D 61 -1.05 -23.51 37.99
C ARG D 61 -0.87 -22.82 39.34
N TRP D 62 -1.55 -21.69 39.54
CA TRP D 62 -1.52 -21.04 40.84
C TRP D 62 -2.12 -21.93 41.92
N ALA D 63 -3.21 -22.62 41.60
CA ALA D 63 -3.82 -23.52 42.58
C ALA D 63 -2.87 -24.65 42.96
N LEU D 64 -2.18 -25.23 41.97
CA LEU D 64 -1.23 -26.30 42.27
C LEU D 64 -0.06 -25.78 43.09
N ARG D 65 0.45 -24.59 42.76
CA ARG D 65 1.54 -24.00 43.54
C ARG D 65 1.10 -23.73 44.98
N PHE D 66 -0.13 -23.24 45.16
CA PHE D 66 -0.66 -23.02 46.50
C PHE D 66 -0.80 -24.33 47.25
N TYR D 67 -1.22 -25.40 46.55
CA TYR D 67 -1.25 -26.72 47.16
C TYR D 67 0.12 -27.11 47.67
N LEU D 68 1.14 -26.97 46.83
CA LEU D 68 2.50 -27.33 47.24
C LEU D 68 2.95 -26.48 48.42
N GLN D 69 2.52 -25.23 48.48
CA GLN D 69 2.83 -24.38 49.62
C GLN D 69 2.16 -24.90 50.90
N LYS D 70 0.89 -25.29 50.81
CA LYS D 70 0.13 -25.63 52.01
C LYS D 70 0.66 -26.90 52.67
N GLN D 71 0.83 -27.96 51.90
CA GLN D 71 1.25 -29.25 52.47
C GLN D 71 2.77 -29.31 52.67
N GLY D 72 3.29 -28.37 53.46
CA GLY D 72 4.72 -28.33 53.69
C GLY D 72 5.45 -27.98 52.41
N TYR D 73 6.49 -28.77 52.10
CA TYR D 73 7.29 -28.61 50.90
C TYR D 73 8.02 -27.27 50.86
N LEU D 74 8.95 -27.12 49.91
CA LEU D 74 9.70 -25.89 49.74
C LEU D 74 9.25 -25.20 48.46
N VAL D 75 8.90 -23.93 48.58
CA VAL D 75 8.45 -23.13 47.44
C VAL D 75 9.14 -21.77 47.50
N ASN D 76 9.56 -21.27 46.34
CA ASN D 76 10.17 -19.95 46.29
C ASN D 76 9.13 -18.86 46.52
N ARG D 77 7.98 -18.95 45.84
CA ARG D 77 6.90 -18.00 46.01
C ARG D 77 5.99 -18.46 47.14
N VAL D 78 5.80 -17.60 48.14
CA VAL D 78 4.96 -17.91 49.29
C VAL D 78 3.73 -17.01 49.24
N TRP D 79 2.55 -17.63 49.30
CA TRP D 79 1.29 -16.89 49.28
C TRP D 79 0.97 -16.47 50.72
N ASP D 80 0.91 -15.16 50.95
CA ASP D 80 0.83 -14.64 52.31
C ASP D 80 -0.48 -15.01 53.00
N GLU D 81 -1.59 -14.98 52.24
CA GLU D 81 -2.93 -15.28 52.73
C GLU D 81 -3.45 -14.22 53.70
N GLU D 82 -2.62 -13.23 54.03
CA GLU D 82 -3.02 -12.12 54.87
C GLU D 82 -2.77 -10.77 54.22
N GLU D 83 -1.59 -10.58 53.63
CA GLU D 83 -1.31 -9.39 52.84
C GLU D 83 -1.70 -9.55 51.38
N HIS D 84 -2.09 -10.76 50.97
CA HIS D 84 -2.44 -11.05 49.57
C HIS D 84 -1.28 -10.69 48.64
N ILE D 85 -0.06 -10.93 49.10
CA ILE D 85 1.14 -10.60 48.36
C ILE D 85 1.99 -11.86 48.23
N ASN D 86 2.82 -11.90 47.18
CA ASN D 86 3.70 -13.01 46.92
C ASN D 86 5.11 -12.65 47.34
N ARG D 87 5.73 -13.49 48.16
CA ARG D 87 7.08 -13.25 48.67
C ARG D 87 8.03 -14.32 48.17
N LEU D 88 9.25 -13.90 47.86
CA LEU D 88 10.28 -14.80 47.36
C LEU D 88 11.23 -15.15 48.50
N THR D 89 11.39 -16.46 48.74
CA THR D 89 12.35 -16.90 49.76
C THR D 89 13.76 -16.49 49.39
N SER D 90 14.12 -16.63 48.12
CA SER D 90 15.40 -16.17 47.60
C SER D 90 15.16 -15.47 46.27
N GLU D 91 15.83 -14.34 46.07
CA GLU D 91 15.66 -13.59 44.82
C GLU D 91 16.15 -14.40 43.63
N ASP D 92 17.17 -15.24 43.83
CA ASP D 92 17.70 -16.09 42.78
C ASP D 92 17.00 -17.45 42.84
N PHE D 93 16.39 -17.85 41.73
CA PHE D 93 15.67 -19.11 41.69
C PHE D 93 16.63 -20.30 41.71
N ASP D 94 16.15 -21.42 42.24
CA ASP D 94 16.95 -22.64 42.33
C ASP D 94 16.03 -23.83 42.12
N PRO D 95 15.95 -24.37 40.91
CA PRO D 95 15.10 -25.55 40.68
C PRO D 95 15.55 -26.79 41.44
N GLU D 96 16.81 -26.87 41.85
CA GLU D 96 17.29 -28.04 42.55
C GLU D 96 16.58 -28.23 43.89
N LYS D 97 16.37 -27.14 44.62
CA LYS D 97 15.79 -27.23 45.97
C LYS D 97 14.28 -27.06 45.97
N PHE D 98 13.79 -25.93 45.46
CA PHE D 98 12.37 -25.61 45.57
C PHE D 98 11.55 -26.42 44.57
N TYR D 99 10.41 -26.93 45.04
CA TYR D 99 9.48 -27.62 44.14
C TYR D 99 8.88 -26.65 43.13
N ASP D 100 8.57 -25.43 43.57
CA ASP D 100 7.86 -24.48 42.73
C ASP D 100 8.67 -24.14 41.48
N ASP D 101 9.93 -23.74 41.65
CA ASP D 101 10.74 -23.32 40.51
C ASP D 101 11.05 -24.49 39.60
N ASP D 102 11.23 -25.68 40.16
CA ASP D 102 11.54 -26.85 39.35
C ASP D 102 10.34 -27.23 38.50
N ILE D 103 9.15 -27.24 39.09
CA ILE D 103 7.96 -27.73 38.39
C ILE D 103 7.45 -26.68 37.40
N PHE D 104 7.26 -25.44 37.86
CA PHE D 104 6.57 -24.43 37.06
C PHE D 104 7.51 -23.56 36.24
N GLY D 105 8.80 -23.54 36.54
CA GLY D 105 9.70 -22.66 35.85
C GLY D 105 9.65 -21.23 36.41
N PHE D 106 10.44 -20.36 35.78
CA PHE D 106 10.58 -18.99 36.26
C PHE D 106 11.23 -18.15 35.18
N ALA D 107 10.82 -16.89 35.08
CA ALA D 107 11.47 -15.92 34.20
C ALA D 107 11.84 -14.69 35.01
N LEU D 108 13.07 -14.20 34.82
CA LEU D 108 13.58 -13.06 35.56
C LEU D 108 13.51 -11.78 34.76
N LEU D 109 14.12 -11.75 33.58
CA LEU D 109 14.15 -10.57 32.71
C LEU D 109 14.74 -9.37 33.43
N PRO D 133 19.88 -15.36 33.86
CA PRO D 133 19.96 -16.47 34.80
C PRO D 133 19.83 -17.82 34.11
N ASN D 134 18.73 -18.53 34.37
CA ASN D 134 18.45 -19.82 33.76
C ASN D 134 17.14 -19.85 33.01
N GLN D 135 16.10 -19.20 33.54
CA GLN D 135 14.80 -19.06 32.90
C GLN D 135 14.04 -20.38 32.77
N ARG D 136 14.68 -21.49 33.13
CA ARG D 136 14.17 -22.86 32.99
C ARG D 136 13.23 -23.09 31.81
N MET D 137 12.44 -24.16 31.87
CA MET D 137 11.45 -24.45 30.85
C MET D 137 10.12 -24.79 31.50
N GLY D 138 10.18 -25.37 32.70
CA GLY D 138 8.97 -25.78 33.39
C GLY D 138 8.57 -27.20 33.03
N ALA D 139 8.48 -28.06 34.03
CA ALA D 139 8.14 -29.46 33.76
C ALA D 139 6.65 -29.61 33.44
N LEU D 140 5.80 -28.81 34.08
CA LEU D 140 4.36 -28.94 33.92
C LEU D 140 3.87 -28.02 32.80
N GLY D 141 3.21 -28.62 31.81
CA GLY D 141 2.55 -27.87 30.77
C GLY D 141 1.07 -28.15 30.76
N MET D 142 0.25 -27.11 30.83
CA MET D 142 -1.19 -27.26 30.98
C MET D 142 -1.91 -26.44 29.92
N ASN D 143 -3.10 -26.91 29.55
CA ASN D 143 -3.97 -26.22 28.62
C ASN D 143 -5.16 -25.60 29.35
N MET D 144 -5.73 -24.58 28.73
CA MET D 144 -6.84 -23.85 29.32
C MET D 144 -8.07 -24.74 29.45
N ALA D 145 -8.83 -24.50 30.52
CA ALA D 145 -9.97 -25.34 30.88
C ALA D 145 -11.22 -24.85 30.15
N VAL D 146 -11.82 -25.72 29.35
CA VAL D 146 -13.05 -25.35 28.67
C VAL D 146 -14.27 -25.84 29.45
N SER D 147 -15.43 -25.26 29.18
CA SER D 147 -16.65 -25.69 29.85
C SER D 147 -17.34 -26.77 29.02
N LEU D 148 -17.54 -27.95 29.60
CA LEU D 148 -18.20 -29.02 28.87
C LEU D 148 -19.53 -28.56 28.30
N THR D 149 -20.21 -27.66 29.00
CA THR D 149 -21.50 -27.18 28.55
C THR D 149 -21.40 -25.83 27.85
N PRO D 150 -22.10 -25.67 26.71
CA PRO D 150 -22.09 -24.34 26.12
C PRO D 150 -22.67 -23.31 27.08
N TYR D 151 -22.11 -22.11 27.06
CA TYR D 151 -22.50 -21.06 27.98
C TYR D 151 -23.44 -20.09 27.28
N ASP D 152 -24.68 -19.98 27.80
CA ASP D 152 -25.68 -19.11 27.20
C ASP D 152 -25.89 -17.81 27.97
N GLY D 153 -26.30 -17.91 29.23
CA GLY D 153 -26.75 -16.76 29.99
C GLY D 153 -26.33 -16.75 31.44
N ALA D 154 -27.33 -16.65 32.33
CA ALA D 154 -27.15 -16.86 33.78
C ALA D 154 -26.18 -15.85 34.38
N VAL D 155 -26.64 -14.60 34.41
CA VAL D 155 -25.95 -13.53 35.13
C VAL D 155 -26.67 -13.29 36.46
N LYS D 156 -25.89 -13.20 37.53
CA LYS D 156 -26.37 -13.06 38.90
C LYS D 156 -26.57 -11.60 39.26
N LEU D 157 -27.55 -11.32 40.11
CA LEU D 157 -27.77 -9.94 40.57
C LEU D 157 -26.69 -9.49 41.55
N GLY D 158 -27.03 -8.56 42.44
CA GLY D 158 -26.07 -8.09 43.42
C GLY D 158 -26.45 -6.75 44.03
N ALA D 159 -27.21 -6.80 45.13
CA ALA D 159 -27.63 -5.57 45.80
C ALA D 159 -26.86 -5.35 47.08
N LYS D 160 -27.50 -4.72 48.07
CA LYS D 160 -26.84 -4.45 49.34
C LYS D 160 -27.78 -3.86 50.36
N SER D 161 -28.00 -4.56 51.47
CA SER D 161 -28.85 -4.05 52.55
C SER D 161 -29.99 -3.20 52.02
N GLY D 162 -29.95 -1.89 52.29
CA GLY D 162 -30.98 -1.02 51.77
C GLY D 162 -30.66 0.44 52.03
N ARG D 163 -31.06 1.30 51.09
CA ARG D 163 -30.91 2.75 51.20
C ARG D 163 -29.46 3.18 51.26
N GLU D 164 -29.21 4.50 51.23
CA GLU D 164 -27.87 5.07 51.20
C GLU D 164 -27.02 4.39 50.13
N LYS D 165 -27.62 4.17 48.97
CA LYS D 165 -26.98 3.42 47.89
C LYS D 165 -25.94 4.30 47.20
N ASP D 166 -24.73 3.78 47.08
CA ASP D 166 -23.59 4.46 46.47
C ASP D 166 -23.19 3.73 45.19
N SER D 167 -22.04 4.14 44.63
CA SER D 167 -21.58 3.57 43.36
C SER D 167 -21.40 2.06 43.41
N THR D 168 -21.24 1.48 44.61
CA THR D 168 -21.01 0.06 44.76
C THR D 168 -22.28 -0.71 45.14
N SER D 169 -23.45 -0.07 45.03
CA SER D 169 -24.68 -0.72 45.44
C SER D 169 -25.13 -1.81 44.48
N LEU D 170 -25.07 -1.56 43.18
CA LEU D 170 -25.56 -2.49 42.18
C LEU D 170 -24.39 -3.13 41.44
N HIS D 171 -24.43 -4.45 41.29
CA HIS D 171 -23.38 -5.18 40.60
C HIS D 171 -23.93 -6.51 40.10
N PHE D 172 -23.64 -6.84 38.85
CA PHE D 172 -24.01 -8.12 38.29
C PHE D 172 -22.81 -9.06 38.26
N THR D 173 -23.09 -10.35 38.10
CA THR D 173 -22.03 -11.36 38.08
C THR D 173 -22.49 -12.51 37.19
N GLU D 174 -21.63 -12.97 36.30
CA GLU D 174 -21.97 -14.07 35.42
C GLU D 174 -21.61 -15.41 36.06
N TYR D 175 -22.41 -16.42 35.79
CA TYR D 175 -22.12 -17.77 36.28
C TYR D 175 -22.53 -18.79 35.22
N HIS D 176 -21.86 -19.94 35.26
CA HIS D 176 -22.12 -21.02 34.33
C HIS D 176 -22.29 -22.32 35.09
N ALA D 177 -23.36 -23.06 34.77
CA ALA D 177 -23.63 -24.36 35.39
C ALA D 177 -23.08 -25.43 34.45
N THR D 178 -21.85 -25.86 34.73
CA THR D 178 -21.17 -26.80 33.85
C THR D 178 -20.12 -27.55 34.65
N ARG D 179 -19.34 -28.38 33.96
CA ARG D 179 -18.22 -29.10 34.56
C ARG D 179 -17.01 -28.86 33.68
N TYR D 180 -16.04 -28.12 34.21
CA TYR D 180 -14.88 -27.73 33.41
C TYR D 180 -13.94 -28.90 33.18
N GLN D 181 -13.26 -28.88 32.05
CA GLN D 181 -12.36 -29.97 31.71
C GLN D 181 -11.20 -29.46 30.87
N TYR D 182 -10.01 -29.97 31.15
CA TYR D 182 -8.84 -29.54 30.41
C TYR D 182 -7.85 -30.68 30.31
N TYR D 183 -6.81 -30.48 29.52
CA TYR D 183 -5.79 -31.50 29.38
C TYR D 183 -4.44 -30.94 29.81
N PHE D 184 -3.57 -31.78 30.34
CA PHE D 184 -2.25 -31.33 30.79
C PHE D 184 -1.19 -32.31 30.37
N GLY D 185 0.07 -31.92 30.47
CA GLY D 185 1.13 -32.87 30.20
C GLY D 185 2.41 -32.44 30.87
N ILE D 186 3.20 -33.39 31.37
CA ILE D 186 4.39 -33.08 32.16
C ILE D 186 5.56 -33.88 31.63
N ASP D 187 6.73 -33.24 31.55
CA ASP D 187 7.96 -33.88 31.12
C ASP D 187 8.70 -34.32 32.37
N ALA D 188 8.51 -35.59 32.76
CA ALA D 188 9.08 -36.09 34.00
C ALA D 188 10.61 -36.02 33.98
N THR D 189 11.21 -36.32 32.83
CA THR D 189 12.67 -36.27 32.72
C THR D 189 13.19 -34.86 32.94
N HIS D 190 12.42 -33.84 32.58
CA HIS D 190 12.86 -32.46 32.77
C HIS D 190 12.93 -32.08 34.25
N LEU D 191 12.26 -32.83 35.13
CA LEU D 191 12.28 -32.52 36.54
C LEU D 191 13.69 -32.63 37.09
N LYS D 192 14.09 -31.64 37.89
CA LYS D 192 15.40 -31.70 38.54
C LYS D 192 15.47 -32.88 39.50
N ASP D 193 14.41 -33.11 40.26
CA ASP D 193 14.27 -34.28 41.11
C ASP D 193 13.10 -35.09 40.60
N PHE D 194 13.35 -36.36 40.27
CA PHE D 194 12.31 -37.19 39.67
C PHE D 194 11.21 -37.52 40.67
N SER D 195 11.52 -37.47 41.97
CA SER D 195 10.54 -37.82 42.98
C SER D 195 9.45 -36.76 43.13
N ARG D 196 9.64 -35.57 42.57
CA ARG D 196 8.66 -34.49 42.72
C ARG D 196 7.39 -34.73 41.93
N ILE D 197 7.34 -35.75 41.07
CA ILE D 197 6.15 -36.01 40.28
C ILE D 197 4.98 -36.43 41.15
N LEU D 198 5.25 -37.20 42.23
CA LEU D 198 4.16 -37.68 43.07
C LEU D 198 3.39 -36.56 43.77
N PRO D 199 4.03 -35.58 44.42
CA PRO D 199 3.23 -34.48 45.00
C PRO D 199 2.40 -33.74 43.98
N MET D 200 2.86 -33.64 42.74
CA MET D 200 2.07 -32.98 41.70
C MET D 200 0.78 -33.73 41.42
N ILE D 201 0.85 -35.05 41.31
CA ILE D 201 -0.35 -35.85 41.07
C ILE D 201 -1.26 -35.77 42.29
N ASP D 202 -0.68 -35.78 43.49
CA ASP D 202 -1.48 -35.63 44.70
C ASP D 202 -2.23 -34.30 44.71
N GLY D 203 -1.55 -33.23 44.30
CA GLY D 203 -2.21 -31.94 44.21
C GLY D 203 -3.30 -31.91 43.15
N ILE D 204 -3.04 -32.54 42.01
CA ILE D 204 -4.06 -32.62 40.97
C ILE D 204 -5.30 -33.33 41.49
N MET D 205 -5.11 -34.36 42.33
CA MET D 205 -6.25 -34.99 43.00
C MET D 205 -6.92 -34.01 43.96
N ASN D 206 -6.21 -33.56 44.98
CA ASN D 206 -6.76 -32.63 45.97
C ASN D 206 -6.40 -31.19 45.60
N LEU D 207 -6.96 -30.72 44.50
CA LEU D 207 -6.69 -29.37 44.03
C LEU D 207 -7.41 -28.36 44.93
N PRO D 208 -6.70 -27.37 45.47
CA PRO D 208 -7.36 -26.35 46.27
C PRO D 208 -8.26 -25.46 45.43
N LYS D 209 -8.83 -24.42 46.05
CA LYS D 209 -9.72 -23.53 45.32
C LYS D 209 -8.99 -22.89 44.13
N VAL D 210 -9.68 -22.84 43.00
CA VAL D 210 -9.16 -22.19 41.80
C VAL D 210 -9.66 -20.76 41.78
N GLY D 211 -8.75 -19.82 41.53
CA GLY D 211 -9.03 -18.41 41.64
C GLY D 211 -10.34 -17.96 41.03
N GLY D 212 -11.25 -17.51 41.89
CA GLY D 212 -12.56 -17.08 41.45
C GLY D 212 -13.38 -16.63 42.64
N SER D 213 -14.59 -16.17 42.36
CA SER D 213 -15.47 -15.63 43.39
C SER D 213 -15.99 -16.78 44.23
N SER D 214 -15.13 -17.27 45.13
CA SER D 214 -15.48 -18.40 45.98
C SER D 214 -16.40 -17.99 47.13
N ASN D 215 -16.48 -16.70 47.43
CA ASN D 215 -17.37 -16.24 48.50
C ASN D 215 -18.83 -16.53 48.16
N ILE D 216 -19.23 -16.31 46.91
CA ILE D 216 -20.60 -16.55 46.47
C ILE D 216 -20.71 -17.69 45.48
N PHE D 217 -19.60 -18.14 44.89
CA PHE D 217 -19.59 -19.26 43.95
C PHE D 217 -18.44 -20.17 44.34
N ASN D 218 -18.71 -21.11 45.24
CA ASN D 218 -17.70 -22.06 45.70
C ASN D 218 -17.74 -23.26 44.77
N TYR D 219 -16.79 -23.31 43.84
CA TYR D 219 -16.72 -24.38 42.84
C TYR D 219 -15.59 -25.34 43.20
N PRO D 220 -15.89 -26.57 43.61
CA PRO D 220 -14.82 -27.53 43.87
C PRO D 220 -14.21 -28.03 42.58
N PHE D 221 -12.89 -27.90 42.47
CA PHE D 221 -12.16 -28.27 41.26
C PHE D 221 -11.55 -29.65 41.37
N CYS D 222 -11.94 -30.43 42.37
CA CYS D 222 -11.43 -31.78 42.51
C CYS D 222 -11.93 -32.64 41.34
N PRO D 223 -11.06 -33.44 40.73
CA PRO D 223 -11.48 -34.27 39.60
C PRO D 223 -12.52 -35.31 39.99
N ASP D 224 -13.40 -35.60 39.03
CA ASP D 224 -14.30 -36.74 39.15
C ASP D 224 -14.13 -37.76 38.04
N SER D 225 -13.27 -37.49 37.06
CA SER D 225 -12.97 -38.43 35.99
C SER D 225 -11.59 -38.11 35.43
N LEU D 226 -10.79 -39.15 35.21
CA LEU D 226 -9.42 -38.99 34.75
C LEU D 226 -9.17 -39.88 33.55
N VAL D 227 -8.35 -39.40 32.62
CA VAL D 227 -7.81 -40.20 31.54
C VAL D 227 -6.32 -39.85 31.46
N PHE D 228 -5.48 -40.71 32.03
CA PHE D 228 -4.05 -40.48 32.09
C PHE D 228 -3.34 -41.42 31.13
N GLN D 229 -2.21 -40.96 30.59
CA GLN D 229 -1.37 -41.77 29.71
C GLN D 229 0.08 -41.59 30.14
N TRP D 230 0.69 -42.66 30.60
CA TRP D 230 2.09 -42.68 31.01
C TRP D 230 2.87 -43.45 29.96
N THR D 231 3.58 -42.72 29.10
CA THR D 231 4.29 -43.32 27.98
C THR D 231 5.59 -42.57 27.76
N ASN D 232 6.39 -43.07 26.80
CA ASN D 232 7.70 -42.52 26.51
C ASN D 232 7.76 -41.80 25.17
N HIS D 233 6.61 -41.45 24.60
CA HIS D 233 6.54 -40.79 23.32
C HIS D 233 6.07 -39.34 23.47
N PHE D 234 6.51 -38.50 22.54
CA PHE D 234 6.05 -37.11 22.53
C PHE D 234 4.64 -36.99 21.99
N ALA D 235 4.23 -37.90 21.12
CA ALA D 235 2.91 -37.86 20.52
C ALA D 235 1.84 -37.99 21.60
N SER D 236 1.09 -36.91 21.83
CA SER D 236 0.14 -36.85 22.93
C SER D 236 -1.28 -36.80 22.40
N TYR D 237 -1.90 -37.97 22.27
CA TYR D 237 -3.34 -38.07 22.06
C TYR D 237 -4.02 -37.93 23.42
N ILE D 238 -5.28 -38.34 23.50
CA ILE D 238 -6.12 -38.24 24.70
C ILE D 238 -6.17 -36.78 25.18
N SER D 239 -6.31 -35.87 24.22
CA SER D 239 -6.61 -34.48 24.50
C SER D 239 -8.08 -34.40 24.92
N TYR D 240 -8.68 -33.21 24.91
CA TYR D 240 -10.06 -33.09 25.34
C TYR D 240 -10.92 -34.17 24.70
N CYS D 241 -11.39 -35.10 25.53
CA CYS D 241 -12.17 -36.22 25.02
C CYS D 241 -13.53 -36.30 25.68
N PHE D 242 -13.60 -35.92 26.96
CA PHE D 242 -14.89 -35.92 27.62
C PHE D 242 -15.85 -35.07 26.82
N GLU D 243 -17.04 -35.58 26.55
CA GLU D 243 -18.01 -34.85 25.76
C GLU D 243 -19.35 -34.82 26.44
N TYR D 244 -20.20 -33.86 26.07
CA TYR D 244 -21.50 -33.74 26.70
C TYR D 244 -22.57 -34.38 25.84
N CYS D 245 -23.29 -35.35 26.40
CA CYS D 245 -24.33 -36.03 25.65
C CYS D 245 -25.45 -35.07 25.30
N ASP D 246 -25.87 -34.28 26.28
CA ASP D 246 -26.96 -33.34 26.06
C ASP D 246 -26.54 -31.96 26.49
N PRO D 247 -26.69 -30.98 25.59
CA PRO D 247 -26.40 -29.62 26.02
C PRO D 247 -27.22 -29.29 27.24
N LYS D 248 -26.73 -28.43 28.11
CA LYS D 248 -27.46 -28.05 29.31
C LYS D 248 -27.74 -29.25 30.19
N SER D 249 -26.76 -30.15 30.33
CA SER D 249 -26.93 -31.31 31.18
C SER D 249 -25.59 -31.71 31.78
N LYS D 250 -25.57 -32.79 32.54
CA LYS D 250 -24.33 -33.24 33.15
C LYS D 250 -24.08 -34.72 32.88
N GLU D 251 -24.03 -35.10 31.62
CA GLU D 251 -23.77 -36.49 31.27
C GLU D 251 -22.28 -36.76 31.24
N ALA D 252 -21.56 -36.05 30.36
CA ALA D 252 -20.11 -36.18 30.33
C ALA D 252 -19.66 -37.54 29.81
N LYS D 253 -20.23 -38.00 28.70
CA LYS D 253 -19.79 -39.25 28.10
C LYS D 253 -18.45 -39.04 27.41
N LEU D 254 -17.85 -40.11 26.89
CA LEU D 254 -16.53 -39.98 26.27
C LEU D 254 -16.63 -39.85 24.75
N SER D 255 -15.87 -38.92 24.18
CA SER D 255 -15.94 -38.67 22.73
C SER D 255 -15.84 -39.93 21.89
N GLN D 256 -16.55 -39.96 20.78
CA GLN D 256 -16.48 -41.13 19.92
C GLN D 256 -15.13 -41.21 19.21
N GLU D 257 -14.52 -40.06 18.92
CA GLU D 257 -13.21 -40.07 18.28
C GLU D 257 -12.14 -40.68 19.17
N PHE D 258 -12.18 -40.41 20.47
CA PHE D 258 -11.19 -40.97 21.37
C PHE D 258 -11.35 -42.49 21.50
N ILE D 259 -12.59 -42.96 21.61
CA ILE D 259 -12.84 -44.40 21.67
C ILE D 259 -12.41 -45.08 20.38
N ASP D 260 -12.69 -44.44 19.24
CA ASP D 260 -12.27 -44.99 17.97
C ASP D 260 -10.75 -45.02 17.85
N GLU D 261 -10.08 -44.00 18.36
CA GLU D 261 -8.62 -43.98 18.37
C GLU D 261 -8.07 -45.12 19.21
N VAL D 262 -8.65 -45.35 20.39
CA VAL D 262 -8.21 -46.44 21.24
C VAL D 262 -8.44 -47.79 20.55
N GLU D 263 -9.60 -47.95 19.91
CA GLU D 263 -9.93 -49.23 19.28
C GLU D 263 -9.06 -49.49 18.05
N CYS D 264 -8.73 -48.44 17.29
CA CYS D 264 -8.06 -48.64 16.01
C CYS D 264 -6.67 -49.23 16.18
N GLY D 265 -6.06 -49.07 17.34
CA GLY D 265 -4.73 -49.62 17.56
C GLY D 265 -3.78 -48.65 18.23
N GLN D 266 -3.94 -47.36 17.95
CA GLN D 266 -3.13 -46.35 18.60
C GLN D 266 -3.61 -46.14 20.03
N ILE D 267 -2.83 -45.39 20.82
CA ILE D 267 -3.08 -45.22 22.25
C ILE D 267 -3.10 -46.59 22.90
N ASP D 268 -1.92 -47.14 23.18
CA ASP D 268 -1.80 -48.49 23.72
C ASP D 268 -2.57 -48.60 25.03
N PRO D 269 -3.51 -49.53 25.15
CA PRO D 269 -4.29 -49.64 26.40
C PRO D 269 -3.44 -49.91 27.63
N SER D 270 -2.32 -50.61 27.48
CA SER D 270 -1.44 -50.85 28.63
C SER D 270 -0.87 -49.56 29.20
N LYS D 271 -0.81 -48.49 28.40
CA LYS D 271 -0.34 -47.19 28.84
C LYS D 271 -1.47 -46.26 29.25
N LEU D 272 -2.71 -46.73 29.21
CA LEU D 272 -3.89 -45.89 29.45
C LEU D 272 -4.37 -46.06 30.87
N TRP D 273 -4.68 -44.94 31.52
CA TRP D 273 -5.03 -44.89 32.94
C TRP D 273 -6.33 -44.10 33.07
N ILE D 274 -7.44 -44.82 33.28
CA ILE D 274 -8.77 -44.22 33.36
C ILE D 274 -9.30 -44.41 34.77
N GLY D 275 -9.77 -43.33 35.37
CA GLY D 275 -10.40 -43.40 36.68
C GLY D 275 -11.37 -42.26 36.88
N GLY D 276 -12.49 -42.58 37.51
CA GLY D 276 -13.51 -41.60 37.79
C GLY D 276 -14.93 -42.10 37.53
N THR D 277 -15.85 -41.13 37.50
CA THR D 277 -17.26 -41.46 37.31
C THR D 277 -17.53 -42.00 35.92
N ILE D 278 -16.65 -41.70 34.97
CA ILE D 278 -16.83 -42.19 33.61
C ILE D 278 -16.66 -43.70 33.52
N VAL D 279 -16.09 -44.31 34.56
CA VAL D 279 -15.86 -45.75 34.55
C VAL D 279 -17.18 -46.51 34.51
N LYS D 280 -18.17 -46.04 35.27
CA LYS D 280 -19.48 -46.69 35.27
C LYS D 280 -20.11 -46.66 33.88
N ASP D 281 -20.06 -45.48 33.24
CA ASP D 281 -20.60 -45.36 31.89
C ASP D 281 -19.86 -46.26 30.92
N LEU D 282 -18.53 -46.33 31.05
CA LEU D 282 -17.75 -47.22 30.19
C LEU D 282 -18.15 -48.67 30.38
N GLN D 283 -18.33 -49.10 31.63
CA GLN D 283 -18.70 -50.48 31.92
C GLN D 283 -20.13 -50.81 31.51
N GLN D 284 -21.01 -49.80 31.43
CA GLN D 284 -22.35 -50.04 30.92
C GLN D 284 -22.42 -50.04 29.39
N LEU D 285 -21.30 -49.74 28.71
CA LEU D 285 -21.28 -49.84 27.25
C LEU D 285 -21.34 -51.30 26.83
N ASP D 286 -22.02 -51.55 25.71
CA ASP D 286 -22.12 -52.90 25.18
C ASP D 286 -20.76 -53.38 24.68
N ASN D 287 -20.59 -54.71 24.68
CA ASN D 287 -19.38 -55.40 24.22
C ASN D 287 -18.10 -54.72 24.71
N PHE D 288 -18.13 -54.18 25.93
CA PHE D 288 -16.96 -53.51 26.47
C PHE D 288 -15.81 -54.48 26.68
N GLU D 289 -16.12 -55.73 27.06
CA GLU D 289 -15.08 -56.73 27.27
C GLU D 289 -14.30 -57.00 26.00
N SER D 290 -14.99 -57.11 24.86
CA SER D 290 -14.32 -57.35 23.60
C SER D 290 -13.53 -56.13 23.14
N SER D 291 -13.94 -54.94 23.54
CA SER D 291 -13.26 -53.73 23.10
C SER D 291 -11.85 -53.65 23.70
N PRO D 292 -10.91 -53.06 22.97
CA PRO D 292 -9.56 -52.87 23.54
C PRO D 292 -9.55 -51.96 24.75
N LEU D 293 -10.60 -51.16 24.97
CA LEU D 293 -10.67 -50.31 26.15
C LEU D 293 -10.63 -51.12 27.43
N ASN D 294 -11.22 -52.32 27.41
CA ASN D 294 -11.23 -53.14 28.62
C ASN D 294 -9.83 -53.55 29.05
N LYS D 295 -8.88 -53.63 28.12
CA LYS D 295 -7.51 -53.95 28.45
C LYS D 295 -6.76 -52.76 29.05
N ALA D 296 -7.35 -51.58 29.03
CA ALA D 296 -6.73 -50.42 29.66
C ALA D 296 -6.91 -50.49 31.17
N HIS D 297 -6.03 -49.79 31.88
CA HIS D 297 -6.08 -49.73 33.34
C HIS D 297 -7.25 -48.85 33.75
N ILE D 298 -8.36 -49.46 34.14
CA ILE D 298 -9.55 -48.73 34.58
C ILE D 298 -9.78 -49.04 36.05
N TYR D 299 -10.10 -48.00 36.82
CA TYR D 299 -10.50 -48.14 38.22
C TYR D 299 -11.64 -47.19 38.49
N ARG D 300 -12.75 -47.73 39.00
CA ARG D 300 -13.89 -46.87 39.34
C ARG D 300 -13.52 -45.92 40.47
N ASN D 301 -12.75 -46.39 41.45
CA ASN D 301 -12.24 -45.53 42.50
C ASN D 301 -11.04 -44.75 41.97
N ARG D 302 -10.97 -43.46 42.32
CA ARG D 302 -9.88 -42.62 41.84
C ARG D 302 -8.59 -42.89 42.62
N ASN D 303 -8.69 -43.11 43.93
CA ASN D 303 -7.50 -43.29 44.74
C ASN D 303 -6.77 -44.59 44.38
N GLU D 304 -7.52 -45.64 44.07
CA GLU D 304 -6.89 -46.89 43.67
C GLU D 304 -6.07 -46.72 42.39
N MET D 305 -6.66 -46.04 41.40
CA MET D 305 -5.95 -45.78 40.16
C MET D 305 -4.74 -44.88 40.40
N ILE D 306 -4.86 -43.91 41.30
CA ILE D 306 -3.72 -43.04 41.60
C ILE D 306 -2.60 -43.84 42.23
N GLU D 307 -2.93 -44.73 43.17
CA GLU D 307 -1.91 -45.56 43.80
C GLU D 307 -1.22 -46.46 42.78
N ALA D 308 -2.01 -47.08 41.88
CA ALA D 308 -1.42 -47.94 40.87
C ALA D 308 -0.51 -47.15 39.92
N LEU D 309 -0.96 -45.97 39.50
CA LEU D 309 -0.15 -45.13 38.62
C LEU D 309 1.14 -44.71 39.31
N LYS D 310 1.06 -44.34 40.59
CA LYS D 310 2.28 -43.93 41.29
C LYS D 310 3.23 -45.09 41.50
N THR D 311 2.70 -46.29 41.72
CA THR D 311 3.56 -47.47 41.79
C THR D 311 4.28 -47.70 40.47
N VAL D 312 3.54 -47.60 39.35
CA VAL D 312 4.16 -47.79 38.04
C VAL D 312 5.22 -46.72 37.79
N ILE D 313 4.92 -45.48 38.16
CA ILE D 313 5.87 -44.38 37.94
C ILE D 313 7.12 -44.59 38.77
N LYS D 314 6.96 -45.01 40.02
CA LYS D 314 8.11 -45.27 40.87
C LYS D 314 8.95 -46.42 40.33
N ARG D 315 8.30 -47.43 39.74
CA ARG D 315 9.04 -48.50 39.09
C ARG D 315 9.85 -47.97 37.91
N ASP D 316 9.20 -47.16 37.06
CA ASP D 316 9.84 -46.69 35.84
C ASP D 316 10.83 -45.56 36.05
N LEU D 317 10.89 -44.99 37.26
CA LEU D 317 11.87 -43.95 37.57
C LEU D 317 12.91 -44.41 38.58
N GLY D 318 12.84 -45.65 39.05
CA GLY D 318 13.79 -46.17 40.00
C GLY D 318 13.78 -45.43 41.32
N LEU D 319 12.58 -45.15 41.83
CA LEU D 319 12.43 -44.43 43.10
C LEU D 319 12.40 -45.39 44.27
N PRO E 12 17.32 -43.93 -8.81
CA PRO E 12 16.53 -42.83 -9.36
C PRO E 12 16.34 -41.70 -8.36
N ASN E 13 15.45 -40.75 -8.68
CA ASN E 13 15.12 -39.64 -7.80
C ASN E 13 13.76 -39.90 -7.19
N TYR E 14 13.68 -39.85 -5.86
CA TYR E 14 12.44 -40.09 -5.14
C TYR E 14 12.12 -38.90 -4.25
N TYR E 15 10.84 -38.50 -4.24
CA TYR E 15 10.37 -37.35 -3.48
C TYR E 15 9.22 -37.80 -2.58
N LEU E 16 9.25 -37.34 -1.33
CA LEU E 16 8.19 -37.63 -0.36
C LEU E 16 7.44 -36.35 -0.08
N TYR E 17 6.23 -36.24 -0.63
CA TYR E 17 5.35 -35.11 -0.37
C TYR E 17 4.20 -35.55 0.53
N GLY E 18 3.87 -34.69 1.49
CA GLY E 18 2.81 -35.01 2.42
C GLY E 18 2.22 -33.75 3.02
N THR E 19 0.92 -33.81 3.28
CA THR E 19 0.20 -32.76 4.00
C THR E 19 -0.39 -33.37 5.26
N VAL E 20 -0.14 -32.74 6.39
CA VAL E 20 -0.49 -33.30 7.70
C VAL E 20 -1.31 -32.28 8.48
N LEU E 21 -2.38 -32.75 9.10
CA LEU E 21 -3.27 -31.93 9.91
C LEU E 21 -3.10 -32.29 11.38
N THR E 22 -2.94 -31.28 12.23
CA THR E 22 -2.76 -31.49 13.66
C THR E 22 -4.11 -31.79 14.30
N ARG E 23 -4.14 -31.86 15.62
CA ARG E 23 -5.35 -32.13 16.38
C ARG E 23 -5.92 -30.84 16.94
N TYR E 24 -7.23 -30.85 17.16
CA TYR E 24 -7.92 -29.66 17.63
C TYR E 24 -7.48 -29.28 19.05
N GLY E 25 -7.45 -27.99 19.32
CA GLY E 25 -7.06 -27.51 20.63
C GLY E 25 -6.75 -26.02 20.58
N LEU E 26 -6.32 -25.52 21.73
CA LEU E 26 -5.96 -24.12 21.87
C LEU E 26 -4.46 -23.96 21.63
N ALA E 27 -4.08 -23.02 20.78
CA ALA E 27 -2.69 -22.83 20.42
C ALA E 27 -2.32 -21.36 20.43
N SER E 28 -1.12 -21.06 20.92
CA SER E 28 -0.55 -19.72 20.95
C SER E 28 0.91 -19.78 20.54
N LEU E 29 1.19 -20.55 19.49
CA LEU E 29 2.55 -20.96 19.15
C LEU E 29 3.27 -19.99 18.22
N ASN E 30 2.67 -18.87 17.87
CA ASN E 30 3.18 -18.01 16.80
C ASN E 30 3.08 -16.53 17.17
N HIS E 31 3.48 -16.18 18.40
CA HIS E 31 3.44 -14.79 18.82
C HIS E 31 4.28 -13.93 17.89
N ASP E 32 3.66 -12.90 17.31
CA ASP E 32 4.27 -12.17 16.18
C ASP E 32 5.23 -11.08 16.62
N ILE E 33 4.71 -10.02 17.25
CA ILE E 33 5.56 -8.86 17.50
C ILE E 33 5.40 -8.33 18.93
N ARG E 34 4.33 -8.74 19.62
CA ARG E 34 4.01 -8.22 20.94
C ARG E 34 3.86 -6.70 20.90
N ARG E 35 2.78 -6.28 20.23
CA ARG E 35 2.49 -4.87 20.01
C ARG E 35 2.37 -4.11 21.34
N GLY E 36 1.66 -4.68 22.32
CA GLY E 36 1.55 -4.09 23.63
C GLY E 36 1.60 -5.15 24.71
N ASN E 37 0.61 -5.16 25.61
CA ASN E 37 0.39 -6.32 26.44
C ASN E 37 0.05 -7.53 25.58
N LYS E 38 -0.73 -7.32 24.53
CA LYS E 38 -1.19 -8.41 23.68
C LYS E 38 -0.02 -9.03 22.93
N THR E 39 0.09 -10.35 23.02
CA THR E 39 1.02 -11.12 22.20
C THR E 39 0.23 -11.70 21.03
N ILE E 40 0.35 -11.09 19.87
CA ILE E 40 -0.51 -11.40 18.73
C ILE E 40 0.03 -12.60 17.98
N LEU E 41 -0.87 -13.51 17.62
CA LEU E 41 -0.50 -14.62 16.76
C LEU E 41 -0.07 -14.12 15.39
N GLN E 42 0.87 -14.84 14.78
CA GLN E 42 1.26 -14.53 13.41
C GLN E 42 0.11 -14.91 12.47
N LYS E 43 -0.42 -13.93 11.75
CA LYS E 43 -1.66 -14.13 11.02
C LYS E 43 -1.63 -13.34 9.72
N GLY E 44 -2.47 -13.77 8.78
CA GLY E 44 -2.59 -13.11 7.49
C GLY E 44 -3.74 -13.72 6.72
N TYR E 45 -4.05 -13.07 5.60
CA TYR E 45 -5.17 -13.53 4.77
C TYR E 45 -4.78 -14.83 4.06
N TRP E 46 -5.62 -15.85 4.20
CA TRP E 46 -5.34 -17.17 3.66
C TRP E 46 -6.28 -17.57 2.55
N ASN E 47 -7.60 -17.56 2.79
CA ASN E 47 -8.56 -18.02 1.81
C ASN E 47 -9.88 -17.31 2.04
N ASN E 48 -10.56 -16.98 0.94
CA ASN E 48 -11.84 -16.27 0.97
C ASN E 48 -11.73 -14.92 1.67
N GLY E 49 -10.51 -14.38 1.76
CA GLY E 49 -10.32 -13.08 2.38
C GLY E 49 -10.45 -13.08 3.88
N LYS E 50 -10.33 -14.24 4.53
CA LYS E 50 -10.47 -14.35 5.97
C LYS E 50 -9.11 -14.53 6.62
N ILE E 51 -8.96 -13.94 7.81
CA ILE E 51 -7.69 -13.95 8.51
C ILE E 51 -7.49 -15.30 9.18
N HIS E 52 -6.34 -15.92 8.91
CA HIS E 52 -5.99 -17.19 9.51
C HIS E 52 -4.67 -17.04 10.26
N SER E 53 -4.46 -17.91 11.25
CA SER E 53 -3.25 -17.89 12.05
C SER E 53 -2.26 -18.91 11.52
N PHE E 54 -1.01 -18.50 11.38
CA PHE E 54 0.04 -19.34 10.80
C PHE E 54 1.09 -19.66 11.84
N VAL E 55 1.59 -20.90 11.82
CA VAL E 55 2.71 -21.32 12.64
C VAL E 55 3.95 -21.36 11.78
N GLY E 56 5.01 -20.70 12.22
CA GLY E 56 6.23 -20.66 11.44
C GLY E 56 6.80 -22.05 11.20
N SER E 57 7.19 -22.31 9.95
CA SER E 57 7.77 -23.59 9.62
C SER E 57 9.13 -23.79 10.27
N SER E 58 9.85 -22.70 10.55
CA SER E 58 11.11 -22.81 11.26
C SER E 58 10.91 -23.40 12.65
N ALA E 59 9.77 -23.11 13.28
CA ALA E 59 9.48 -23.74 14.57
C ALA E 59 9.34 -25.24 14.44
N ILE E 60 8.68 -25.71 13.38
CA ILE E 60 8.54 -27.14 13.15
C ILE E 60 9.89 -27.78 12.85
N ARG E 61 10.74 -27.07 12.10
CA ARG E 61 12.10 -27.57 11.86
C ARG E 61 12.89 -27.67 13.15
N TRP E 62 12.74 -26.68 14.04
CA TRP E 62 13.37 -26.76 15.35
C TRP E 62 12.84 -27.96 16.14
N ALA E 63 11.53 -28.20 16.06
CA ALA E 63 10.96 -29.36 16.75
C ALA E 63 11.55 -30.65 16.22
N LEU E 64 11.72 -30.77 14.90
CA LEU E 64 12.31 -31.96 14.33
C LEU E 64 13.78 -32.12 14.75
N ARG E 65 14.53 -31.01 14.76
CA ARG E 65 15.90 -31.06 15.24
C ARG E 65 15.96 -31.53 16.69
N PHE E 66 15.06 -31.01 17.53
CA PHE E 66 15.02 -31.43 18.92
C PHE E 66 14.66 -32.89 19.05
N TYR E 67 13.74 -33.38 18.21
CA TYR E 67 13.40 -34.80 18.25
C TYR E 67 14.60 -35.65 17.92
N LEU E 68 15.34 -35.29 16.86
CA LEU E 68 16.53 -36.05 16.49
C LEU E 68 17.57 -35.99 17.59
N GLN E 69 17.67 -34.85 18.28
CA GLN E 69 18.61 -34.73 19.39
C GLN E 69 18.22 -35.64 20.55
N LYS E 70 16.92 -35.70 20.87
CA LYS E 70 16.48 -36.41 22.07
C LYS E 70 16.67 -37.91 21.93
N GLN E 71 16.23 -38.49 20.81
CA GLN E 71 16.28 -39.94 20.63
C GLN E 71 17.65 -40.39 20.15
N GLY E 72 18.67 -40.02 20.93
CA GLY E 72 20.02 -40.39 20.58
C GLY E 72 20.47 -39.67 19.33
N TYR E 73 20.97 -40.44 18.36
CA TYR E 73 21.44 -39.94 17.08
C TYR E 73 22.60 -38.95 17.25
N LEU E 74 23.15 -38.47 16.13
CA LEU E 74 24.20 -37.47 16.14
C LEU E 74 23.65 -36.20 15.50
N VAL E 75 23.64 -35.11 16.26
CA VAL E 75 23.15 -33.82 15.78
C VAL E 75 24.16 -32.76 16.18
N ASN E 76 24.61 -31.96 15.21
CA ASN E 76 25.65 -30.98 15.47
C ASN E 76 25.17 -29.89 16.43
N ARG E 77 23.97 -29.38 16.22
CA ARG E 77 23.42 -28.36 17.12
C ARG E 77 22.72 -29.02 18.30
N VAL E 78 23.36 -28.97 19.46
CA VAL E 78 22.83 -29.59 20.68
C VAL E 78 22.12 -28.52 21.49
N TRP E 79 20.85 -28.77 21.80
CA TRP E 79 20.06 -27.86 22.62
C TRP E 79 20.41 -28.11 24.08
N ASP E 80 20.88 -27.06 24.76
CA ASP E 80 21.33 -27.22 26.14
C ASP E 80 20.19 -27.63 27.06
N GLU E 81 19.01 -27.06 26.84
CA GLU E 81 17.79 -27.40 27.58
C GLU E 81 17.87 -26.98 29.04
N GLU E 82 18.96 -26.34 29.43
CA GLU E 82 19.08 -25.79 30.77
C GLU E 82 19.45 -24.32 30.78
N GLU E 83 20.33 -23.88 29.89
CA GLU E 83 20.58 -22.45 29.67
C GLU E 83 19.85 -21.92 28.45
N HIS E 84 19.16 -22.77 27.70
CA HIS E 84 18.55 -22.41 26.43
C HIS E 84 19.57 -21.75 25.51
N ILE E 85 20.69 -22.43 25.31
CA ILE E 85 21.77 -21.95 24.45
C ILE E 85 22.15 -23.07 23.49
N ASN E 86 22.46 -22.70 22.25
CA ASN E 86 22.83 -23.67 21.24
C ASN E 86 24.34 -23.84 21.20
N ARG E 87 24.79 -25.09 21.10
CA ARG E 87 26.20 -25.42 20.99
C ARG E 87 26.44 -26.30 19.77
N LEU E 88 27.63 -26.20 19.21
CA LEU E 88 28.02 -26.97 18.04
C LEU E 88 29.12 -27.94 18.41
N THR E 89 28.89 -29.24 18.16
CA THR E 89 29.90 -30.24 18.45
C THR E 89 31.12 -30.06 17.56
N SER E 90 30.90 -29.74 16.28
CA SER E 90 31.97 -29.45 15.35
C SER E 90 31.62 -28.18 14.58
N GLU E 91 32.53 -27.21 14.59
CA GLU E 91 32.28 -25.94 13.92
C GLU E 91 32.13 -26.14 12.41
N ASP E 92 33.00 -26.95 11.82
CA ASP E 92 32.88 -27.27 10.40
C ASP E 92 31.77 -28.30 10.21
N PHE E 93 30.69 -27.87 9.57
CA PHE E 93 29.53 -28.75 9.38
C PHE E 93 29.91 -29.93 8.50
N ASP E 94 29.52 -31.13 8.92
CA ASP E 94 29.84 -32.37 8.21
C ASP E 94 28.53 -33.11 7.93
N PRO E 95 27.93 -32.91 6.75
CA PRO E 95 26.67 -33.61 6.45
C PRO E 95 26.81 -35.12 6.41
N GLU E 96 28.02 -35.65 6.21
CA GLU E 96 28.21 -37.09 6.17
C GLU E 96 27.89 -37.72 7.52
N LYS E 97 28.34 -37.08 8.61
CA LYS E 97 28.20 -37.63 9.95
C LYS E 97 26.91 -37.19 10.65
N PHE E 98 26.73 -35.88 10.81
CA PHE E 98 25.63 -35.36 11.63
C PHE E 98 24.31 -35.50 10.89
N TYR E 99 23.26 -35.84 11.64
CA TYR E 99 21.92 -35.95 11.05
C TYR E 99 21.34 -34.57 10.71
N ASP E 100 21.48 -33.61 11.64
CA ASP E 100 20.84 -32.32 11.46
C ASP E 100 21.43 -31.58 10.25
N ASP E 101 22.75 -31.62 10.10
CA ASP E 101 23.37 -30.97 8.95
C ASP E 101 23.03 -31.68 7.66
N ASP E 102 22.90 -33.01 7.69
CA ASP E 102 22.54 -33.76 6.51
C ASP E 102 21.12 -33.46 6.06
N ILE E 103 20.22 -33.24 7.01
CA ILE E 103 18.80 -33.09 6.70
C ILE E 103 18.45 -31.63 6.45
N PHE E 104 18.64 -30.78 7.46
CA PHE E 104 18.14 -29.41 7.41
C PHE E 104 19.07 -28.46 6.69
N GLY E 105 20.29 -28.86 6.40
CA GLY E 105 21.26 -27.96 5.79
C GLY E 105 21.87 -27.01 6.81
N PHE E 106 22.71 -26.12 6.31
CA PHE E 106 23.44 -25.19 7.16
C PHE E 106 24.01 -24.07 6.31
N ALA E 107 24.11 -22.88 6.90
CA ALA E 107 24.79 -21.75 6.28
C ALA E 107 25.82 -21.21 7.25
N LEU E 108 27.07 -21.13 6.81
CA LEU E 108 28.18 -20.78 7.70
C LEU E 108 28.45 -19.27 7.71
N LEU E 109 28.68 -18.69 6.53
CA LEU E 109 28.97 -17.26 6.40
C LEU E 109 30.22 -16.87 7.17
N THR E 132 35.02 -29.47 2.64
CA THR E 132 33.57 -29.62 2.58
C THR E 132 32.91 -28.28 2.30
N PRO E 133 31.80 -28.30 1.55
CA PRO E 133 31.08 -27.07 1.25
C PRO E 133 30.54 -26.42 2.52
N ASN E 134 30.57 -25.10 2.59
CA ASN E 134 30.06 -24.40 3.75
C ASN E 134 28.55 -24.20 3.65
N GLN E 135 27.97 -24.66 2.55
CA GLN E 135 26.53 -24.48 2.35
C GLN E 135 25.85 -25.80 1.99
N ARG E 136 24.72 -26.06 2.63
CA ARG E 136 23.98 -27.29 2.35
C ARG E 136 22.61 -26.93 1.83
N MET E 137 22.08 -27.76 0.94
CA MET E 137 20.79 -27.45 0.32
C MET E 137 19.60 -27.65 1.25
N GLY E 138 19.62 -28.72 2.03
CA GLY E 138 18.48 -29.01 2.88
C GLY E 138 17.57 -30.06 2.27
N ALA E 139 17.60 -31.27 2.84
CA ALA E 139 16.81 -32.35 2.28
C ALA E 139 15.33 -32.16 2.56
N LEU E 140 14.99 -31.47 3.65
CA LEU E 140 13.59 -31.28 4.01
C LEU E 140 13.16 -29.86 3.66
N GLY E 141 12.11 -29.77 2.84
CA GLY E 141 11.50 -28.49 2.52
C GLY E 141 10.05 -28.46 2.91
N MET E 142 9.69 -27.57 3.83
CA MET E 142 8.36 -27.55 4.40
C MET E 142 7.78 -26.14 4.39
N ASN E 143 6.46 -26.07 4.45
CA ASN E 143 5.73 -24.81 4.42
C ASN E 143 5.24 -24.45 5.81
N MET E 144 4.80 -23.19 5.96
CA MET E 144 4.25 -22.73 7.22
C MET E 144 2.91 -23.40 7.49
N ALA E 145 2.61 -23.61 8.77
CA ALA E 145 1.40 -24.30 9.16
C ALA E 145 0.22 -23.33 9.15
N VAL E 146 -0.83 -23.69 8.43
CA VAL E 146 -2.02 -22.86 8.28
C VAL E 146 -3.06 -23.32 9.30
N SER E 147 -3.91 -22.39 9.72
CA SER E 147 -5.04 -22.76 10.59
C SER E 147 -6.25 -23.10 9.74
N LEU E 148 -6.82 -24.28 9.97
CA LEU E 148 -7.97 -24.72 9.21
C LEU E 148 -9.22 -23.90 9.50
N THR E 149 -9.19 -23.06 10.53
CA THR E 149 -10.31 -22.23 10.96
C THR E 149 -9.90 -20.76 10.93
N PRO E 150 -10.76 -19.89 10.41
CA PRO E 150 -10.48 -18.45 10.50
C PRO E 150 -10.37 -18.00 11.94
N TYR E 151 -9.43 -17.10 12.20
CA TYR E 151 -9.12 -16.65 13.55
C TYR E 151 -9.85 -15.33 13.81
N ASP E 152 -10.85 -15.36 14.70
CA ASP E 152 -11.67 -14.17 14.90
C ASP E 152 -11.21 -13.31 16.07
N GLY E 153 -11.33 -13.85 17.29
CA GLY E 153 -11.04 -13.12 18.50
C GLY E 153 -9.99 -13.79 19.37
N ALA E 154 -10.47 -14.36 20.48
CA ALA E 154 -9.69 -15.27 21.33
C ALA E 154 -8.44 -14.57 21.90
N VAL E 155 -8.70 -13.56 22.71
CA VAL E 155 -7.68 -12.97 23.56
C VAL E 155 -7.97 -13.34 25.00
N LYS E 156 -6.91 -13.58 25.78
CA LYS E 156 -7.02 -14.06 27.14
C LYS E 156 -6.23 -13.17 28.08
N LEU E 157 -6.84 -12.81 29.20
CA LEU E 157 -6.18 -11.94 30.17
C LEU E 157 -5.13 -12.70 30.96
N GLY E 158 -4.16 -11.96 31.48
CA GLY E 158 -3.25 -12.46 32.48
C GLY E 158 -2.95 -11.42 33.53
N ALA E 159 -3.23 -11.74 34.79
CA ALA E 159 -2.97 -10.84 35.91
C ALA E 159 -2.09 -11.58 36.91
N LYS E 160 -1.07 -10.90 37.43
CA LYS E 160 -0.05 -11.53 38.25
C LYS E 160 -0.37 -11.31 39.73
N SER E 161 -0.86 -12.37 40.37
CA SER E 161 -1.06 -12.42 41.84
C SER E 161 -2.02 -11.31 42.25
N GLY E 162 -1.70 -10.55 43.28
CA GLY E 162 -2.56 -9.46 43.72
C GLY E 162 -1.77 -8.48 44.55
N ARG E 163 -2.24 -7.23 44.57
CA ARG E 163 -1.62 -6.13 45.31
C ARG E 163 -0.23 -5.80 44.78
N GLU E 164 0.27 -4.62 45.13
CA GLU E 164 1.61 -4.17 44.74
C GLU E 164 1.82 -4.30 43.22
N LYS E 165 0.79 -3.94 42.46
CA LYS E 165 0.83 -4.15 41.02
C LYS E 165 1.69 -3.09 40.34
N ASP E 166 2.52 -3.55 39.41
CA ASP E 166 3.42 -2.71 38.63
C ASP E 166 3.08 -2.83 37.15
N SER E 167 3.95 -2.27 36.31
CA SER E 167 3.70 -2.23 34.87
C SER E 167 3.58 -3.61 34.25
N THR E 168 4.12 -4.65 34.90
CA THR E 168 4.07 -6.01 34.38
C THR E 168 2.98 -6.85 35.04
N SER E 169 1.98 -6.21 35.64
CA SER E 169 0.92 -6.93 36.33
C SER E 169 -0.22 -7.32 35.41
N LEU E 170 -0.47 -6.56 34.34
CA LEU E 170 -1.57 -6.82 33.43
C LEU E 170 -1.01 -7.16 32.05
N HIS E 171 -1.48 -8.28 31.48
CA HIS E 171 -1.04 -8.68 30.16
C HIS E 171 -2.11 -9.53 29.50
N PHE E 172 -2.13 -9.50 28.17
CA PHE E 172 -3.08 -10.25 27.37
C PHE E 172 -2.35 -11.25 26.50
N THR E 173 -2.95 -12.43 26.33
CA THR E 173 -2.39 -13.45 25.47
C THR E 173 -3.45 -13.89 24.48
N GLU E 174 -3.14 -13.77 23.19
CA GLU E 174 -4.05 -14.23 22.15
C GLU E 174 -3.92 -15.74 21.98
N TYR E 175 -5.00 -16.37 21.56
CA TYR E 175 -5.01 -17.81 21.32
C TYR E 175 -5.93 -18.11 20.14
N HIS E 176 -6.12 -19.40 19.85
CA HIS E 176 -6.93 -19.81 18.72
C HIS E 176 -7.28 -21.28 18.88
N ALA E 177 -8.56 -21.60 18.79
CA ALA E 177 -9.05 -22.98 18.87
C ALA E 177 -9.29 -23.47 17.44
N THR E 178 -8.33 -24.22 16.91
CA THR E 178 -8.38 -24.64 15.51
C THR E 178 -7.53 -25.88 15.34
N ARG E 179 -7.46 -26.38 14.10
CA ARG E 179 -6.55 -27.43 13.71
C ARG E 179 -5.53 -26.85 12.74
N TYR E 180 -4.25 -27.10 13.00
CA TYR E 180 -3.19 -26.60 12.15
C TYR E 180 -2.78 -27.65 11.13
N GLN E 181 -2.39 -27.18 9.94
CA GLN E 181 -2.08 -28.04 8.81
C GLN E 181 -0.91 -27.44 8.06
N TYR E 182 0.09 -28.27 7.76
CA TYR E 182 1.29 -27.79 7.07
C TYR E 182 1.73 -28.80 6.02
N TYR E 183 2.55 -28.31 5.09
CA TYR E 183 2.99 -29.06 3.92
C TYR E 183 4.50 -29.16 3.91
N PHE E 184 5.00 -30.36 3.64
CA PHE E 184 6.43 -30.63 3.67
C PHE E 184 6.78 -31.59 2.54
N GLY E 185 8.04 -31.53 2.12
CA GLY E 185 8.54 -32.39 1.05
C GLY E 185 10.01 -32.71 1.20
N ILE E 186 10.37 -33.98 1.02
CA ILE E 186 11.75 -34.43 1.14
C ILE E 186 12.14 -35.18 -0.12
N ASP E 187 13.37 -34.96 -0.59
CA ASP E 187 13.97 -35.76 -1.64
C ASP E 187 15.01 -36.68 -1.00
N ALA E 188 14.66 -37.95 -0.83
CA ALA E 188 15.56 -38.89 -0.16
C ALA E 188 16.86 -39.06 -0.93
N THR E 189 16.84 -38.81 -2.24
CA THR E 189 18.06 -38.93 -3.03
C THR E 189 19.11 -37.92 -2.58
N HIS E 190 18.70 -36.73 -2.16
CA HIS E 190 19.65 -35.69 -1.78
C HIS E 190 20.33 -35.98 -0.46
N LEU E 191 19.80 -36.91 0.34
CA LEU E 191 20.41 -37.21 1.63
C LEU E 191 21.75 -37.92 1.43
N LYS E 192 22.73 -37.53 2.25
CA LYS E 192 24.04 -38.18 2.19
C LYS E 192 23.93 -39.65 2.57
N ASP E 193 23.10 -39.97 3.56
CA ASP E 193 22.77 -41.34 3.92
C ASP E 193 21.27 -41.52 3.72
N PHE E 194 20.90 -42.47 2.85
CA PHE E 194 19.50 -42.67 2.52
C PHE E 194 18.72 -43.19 3.71
N SER E 195 19.39 -43.84 4.66
CA SER E 195 18.71 -44.38 5.82
C SER E 195 18.21 -43.29 6.77
N ARG E 196 18.65 -42.05 6.58
CA ARG E 196 18.21 -40.97 7.44
C ARG E 196 16.78 -40.51 7.16
N ILE E 197 16.16 -41.02 6.10
CA ILE E 197 14.75 -40.71 5.85
C ILE E 197 13.87 -41.33 6.93
N LEU E 198 14.27 -42.50 7.44
CA LEU E 198 13.45 -43.19 8.43
C LEU E 198 13.28 -42.42 9.73
N PRO E 199 14.33 -41.87 10.36
CA PRO E 199 14.11 -41.09 11.58
C PRO E 199 13.22 -39.88 11.36
N MET E 200 13.26 -39.27 10.18
CA MET E 200 12.50 -38.05 9.94
C MET E 200 11.00 -38.32 9.97
N ILE E 201 10.55 -39.45 9.41
CA ILE E 201 9.13 -39.78 9.44
C ILE E 201 8.67 -40.00 10.88
N ASP E 202 9.48 -40.71 11.66
CA ASP E 202 9.15 -40.93 13.07
C ASP E 202 9.08 -39.60 13.82
N GLY E 203 9.98 -38.68 13.49
CA GLY E 203 9.92 -37.36 14.10
C GLY E 203 8.67 -36.59 13.71
N ILE E 204 8.26 -36.71 12.44
CA ILE E 204 7.01 -36.11 12.01
C ILE E 204 5.84 -36.67 12.81
N MET E 205 5.83 -37.99 13.04
CA MET E 205 4.77 -38.59 13.83
C MET E 205 4.84 -38.16 15.29
N ASN E 206 5.98 -38.43 15.94
CA ASN E 206 6.15 -38.06 17.35
C ASN E 206 6.92 -36.74 17.47
N LEU E 207 6.28 -35.68 16.98
CA LEU E 207 6.89 -34.36 17.02
C LEU E 207 6.86 -33.81 18.44
N PRO E 208 7.97 -33.33 18.97
CA PRO E 208 7.95 -32.69 20.29
C PRO E 208 7.20 -31.37 20.25
N LYS E 209 7.20 -30.65 21.38
CA LYS E 209 6.46 -29.39 21.44
C LYS E 209 6.99 -28.41 20.41
N VAL E 210 6.06 -27.75 19.72
CA VAL E 210 6.41 -26.71 18.76
C VAL E 210 6.49 -25.38 19.51
N GLY E 211 7.53 -24.60 19.21
CA GLY E 211 7.81 -23.37 19.93
C GLY E 211 6.61 -22.49 20.17
N GLY E 212 6.22 -22.37 21.44
CA GLY E 212 5.07 -21.57 21.82
C GLY E 212 4.87 -21.66 23.30
N SER E 213 3.87 -20.91 23.78
CA SER E 213 3.62 -20.86 25.22
C SER E 213 2.98 -22.16 25.69
N SER E 214 3.79 -23.21 25.83
CA SER E 214 3.27 -24.49 26.29
C SER E 214 2.96 -24.50 27.77
N ASN E 215 3.48 -23.52 28.52
CA ASN E 215 3.19 -23.45 29.95
C ASN E 215 1.70 -23.24 30.20
N ILE E 216 1.07 -22.36 29.44
CA ILE E 216 -0.35 -22.06 29.60
C ILE E 216 -1.20 -22.52 28.43
N PHE E 217 -0.62 -22.74 27.26
CA PHE E 217 -1.34 -23.25 26.08
C PHE E 217 -0.54 -24.43 25.53
N ASN E 218 -0.80 -25.62 26.06
CA ASN E 218 -0.09 -26.83 25.66
C ASN E 218 -0.82 -27.41 24.46
N TYR E 219 -0.25 -27.23 23.27
CA TYR E 219 -0.85 -27.70 22.03
C TYR E 219 -0.07 -28.88 21.49
N PRO E 220 -0.60 -30.11 21.55
CA PRO E 220 0.12 -31.25 20.98
C PRO E 220 0.08 -31.20 19.46
N PHE E 221 1.25 -31.27 18.84
CA PHE E 221 1.38 -31.15 17.39
C PHE E 221 1.45 -32.51 16.70
N CYS E 222 1.10 -33.59 17.40
CA CYS E 222 1.16 -34.90 16.78
C CYS E 222 0.10 -35.01 15.68
N PRO E 223 0.40 -35.68 14.58
CA PRO E 223 -0.59 -35.84 13.51
C PRO E 223 -1.81 -36.62 13.97
N ASP E 224 -2.97 -36.23 13.45
CA ASP E 224 -4.18 -37.02 13.57
C ASP E 224 -4.76 -37.42 12.23
N SER E 225 -4.28 -36.85 11.13
CA SER E 225 -4.69 -37.23 9.79
C SER E 225 -3.55 -36.91 8.83
N LEU E 226 -3.19 -37.89 8.01
CA LEU E 226 -2.04 -37.79 7.12
C LEU E 226 -2.45 -38.05 5.69
N VAL E 227 -1.80 -37.35 4.76
CA VAL E 227 -1.94 -37.60 3.33
C VAL E 227 -0.54 -37.54 2.74
N PHE E 228 0.06 -38.69 2.49
CA PHE E 228 1.43 -38.80 2.01
C PHE E 228 1.46 -39.28 0.57
N GLN E 229 2.32 -38.68 -0.23
CA GLN E 229 2.56 -39.13 -1.60
C GLN E 229 4.04 -39.37 -1.78
N TRP E 230 4.41 -40.57 -2.21
CA TRP E 230 5.79 -40.97 -2.42
C TRP E 230 5.93 -41.29 -3.91
N THR E 231 6.56 -40.38 -4.65
CA THR E 231 6.66 -40.50 -6.10
C THR E 231 8.06 -40.13 -6.54
N ASN E 232 8.33 -40.34 -7.83
CA ASN E 232 9.65 -40.11 -8.41
C ASN E 232 9.68 -38.89 -9.32
N HIS E 233 8.73 -37.97 -9.19
CA HIS E 233 8.72 -36.76 -9.99
C HIS E 233 8.30 -35.58 -9.13
N PHE E 234 8.57 -34.37 -9.64
CA PHE E 234 8.54 -33.18 -8.79
C PHE E 234 7.13 -32.67 -8.57
N ALA E 235 6.15 -33.16 -9.31
CA ALA E 235 4.78 -32.70 -9.14
C ALA E 235 4.20 -33.22 -7.84
N SER E 236 3.53 -32.33 -7.10
CA SER E 236 2.94 -32.69 -5.81
C SER E 236 1.42 -32.63 -5.82
N TYR E 237 0.84 -31.48 -6.18
CA TYR E 237 -0.61 -31.30 -6.29
C TYR E 237 -1.36 -31.61 -4.99
N ILE E 238 -0.64 -31.83 -3.89
CA ILE E 238 -1.27 -32.18 -2.62
C ILE E 238 -0.87 -31.16 -1.56
N SER E 239 -0.66 -29.91 -1.98
CA SER E 239 -0.09 -28.87 -1.12
C SER E 239 -0.87 -28.72 0.18
N TYR E 240 -2.15 -28.34 0.09
CA TYR E 240 -3.03 -28.26 1.26
C TYR E 240 -4.32 -28.99 0.92
N CYS E 241 -4.33 -30.31 1.12
CA CYS E 241 -5.49 -31.11 0.79
C CYS E 241 -6.60 -30.98 1.83
N PHE E 242 -6.25 -30.70 3.08
CA PHE E 242 -7.23 -30.62 4.15
C PHE E 242 -7.86 -29.23 4.18
N GLU E 243 -9.19 -29.19 4.08
CA GLU E 243 -9.92 -27.94 4.17
C GLU E 243 -11.37 -28.23 4.54
N TYR E 244 -11.86 -27.51 5.54
CA TYR E 244 -13.22 -27.74 6.05
C TYR E 244 -14.03 -26.46 6.21
N CYS E 245 -13.38 -25.32 6.40
CA CYS E 245 -14.10 -24.07 6.61
C CYS E 245 -14.98 -24.13 7.86
N ASP E 246 -16.27 -24.40 7.69
CA ASP E 246 -17.22 -24.42 8.82
C ASP E 246 -16.68 -23.64 10.01
N PRO E 247 -16.60 -22.32 9.88
CA PRO E 247 -16.03 -21.47 10.94
C PRO E 247 -15.52 -22.18 12.18
N LYS E 248 -16.25 -22.10 13.29
CA LYS E 248 -15.74 -22.68 14.53
C LYS E 248 -16.14 -24.13 14.76
N SER E 249 -15.93 -24.98 13.75
CA SER E 249 -16.20 -26.39 13.96
C SER E 249 -14.86 -27.14 13.97
N LYS E 250 -14.92 -28.47 14.00
CA LYS E 250 -13.74 -29.31 13.90
C LYS E 250 -13.97 -30.50 12.99
N GLU E 251 -14.80 -30.32 11.95
CA GLU E 251 -15.14 -31.42 11.06
C GLU E 251 -13.91 -31.94 10.32
N ALA E 252 -13.12 -31.03 9.75
CA ALA E 252 -11.87 -31.35 9.08
C ALA E 252 -12.08 -32.35 7.93
N LYS E 253 -12.86 -31.90 6.95
CA LYS E 253 -13.10 -32.72 5.77
C LYS E 253 -11.97 -32.52 4.76
N LEU E 254 -11.92 -33.38 3.74
CA LEU E 254 -10.95 -33.29 2.67
C LEU E 254 -11.49 -32.36 1.58
N SER E 255 -10.60 -31.55 1.01
CA SER E 255 -11.03 -30.55 0.04
C SER E 255 -11.60 -31.21 -1.21
N GLN E 256 -12.59 -30.56 -1.81
CA GLN E 256 -13.25 -31.11 -2.99
C GLN E 256 -12.30 -31.19 -4.18
N GLU E 257 -11.43 -30.18 -4.33
CA GLU E 257 -10.53 -30.16 -5.47
C GLU E 257 -9.54 -31.33 -5.43
N PHE E 258 -9.07 -31.69 -4.24
CA PHE E 258 -8.16 -32.83 -4.12
C PHE E 258 -8.86 -34.13 -4.53
N ILE E 259 -10.10 -34.32 -4.10
CA ILE E 259 -10.84 -35.52 -4.49
C ILE E 259 -11.09 -35.53 -5.99
N ASP E 260 -11.39 -34.37 -6.56
CA ASP E 260 -11.57 -34.29 -8.01
C ASP E 260 -10.27 -34.66 -8.74
N GLU E 261 -9.14 -34.16 -8.25
CA GLU E 261 -7.85 -34.50 -8.86
C GLU E 261 -7.59 -35.99 -8.77
N VAL E 262 -7.94 -36.61 -7.64
CA VAL E 262 -7.78 -38.05 -7.50
C VAL E 262 -8.64 -38.79 -8.51
N GLU E 263 -9.90 -38.36 -8.67
CA GLU E 263 -10.78 -39.00 -9.64
C GLU E 263 -10.33 -38.77 -11.08
N CYS E 264 -9.57 -37.70 -11.33
CA CYS E 264 -9.15 -37.37 -12.69
C CYS E 264 -8.19 -38.40 -13.27
N GLY E 265 -7.60 -39.24 -12.43
CA GLY E 265 -6.58 -40.17 -12.89
C GLY E 265 -5.20 -39.66 -12.55
N GLN E 266 -5.07 -38.34 -12.44
CA GLN E 266 -3.85 -37.73 -11.96
C GLN E 266 -3.67 -38.05 -10.48
N ILE E 267 -2.42 -38.10 -10.03
CA ILE E 267 -2.05 -38.55 -8.71
C ILE E 267 -2.48 -40.00 -8.56
N ASP E 268 -1.62 -40.92 -8.95
CA ASP E 268 -1.97 -42.34 -8.93
C ASP E 268 -2.29 -42.79 -7.51
N PRO E 269 -3.39 -43.49 -7.29
CA PRO E 269 -3.68 -44.00 -5.93
C PRO E 269 -2.60 -44.92 -5.41
N SER E 270 -1.88 -45.62 -6.29
CA SER E 270 -0.79 -46.48 -5.85
C SER E 270 0.32 -45.69 -5.17
N LYS E 271 0.42 -44.39 -5.44
CA LYS E 271 1.45 -43.55 -4.83
C LYS E 271 0.93 -42.69 -3.69
N LEU E 272 -0.30 -42.91 -3.25
CA LEU E 272 -0.92 -42.09 -2.21
C LEU E 272 -1.02 -42.87 -0.91
N TRP E 273 -0.73 -42.17 0.19
CA TRP E 273 -0.80 -42.75 1.54
C TRP E 273 -1.63 -41.82 2.41
N ILE E 274 -2.84 -42.27 2.77
CA ILE E 274 -3.77 -41.50 3.59
C ILE E 274 -4.02 -42.27 4.88
N GLY E 275 -3.83 -41.59 6.01
CA GLY E 275 -4.07 -42.22 7.31
C GLY E 275 -4.47 -41.20 8.34
N GLY E 276 -5.29 -41.66 9.27
CA GLY E 276 -5.77 -40.80 10.35
C GLY E 276 -7.28 -40.83 10.49
N THR E 277 -7.78 -39.82 11.20
CA THR E 277 -9.21 -39.74 11.46
C THR E 277 -9.99 -39.43 10.18
N ILE E 278 -9.33 -38.81 9.20
CA ILE E 278 -10.00 -38.50 7.93
C ILE E 278 -10.40 -39.79 7.21
N VAL E 279 -9.77 -40.91 7.56
CA VAL E 279 -10.08 -42.19 6.93
C VAL E 279 -11.53 -42.56 7.17
N LYS E 280 -12.03 -42.32 8.39
CA LYS E 280 -13.41 -42.65 8.70
C LYS E 280 -14.38 -41.87 7.81
N ASP E 281 -14.13 -40.56 7.65
CA ASP E 281 -14.98 -39.76 6.79
C ASP E 281 -14.89 -40.22 5.34
N LEU E 282 -13.69 -40.62 4.90
CA LEU E 282 -13.54 -41.12 3.53
C LEU E 282 -14.35 -42.41 3.33
N GLN E 283 -14.31 -43.33 4.30
CA GLN E 283 -15.11 -44.54 4.20
C GLN E 283 -16.60 -44.28 4.25
N GLN E 284 -17.04 -43.29 5.02
CA GLN E 284 -18.47 -42.97 5.10
C GLN E 284 -19.00 -42.33 3.83
N LEU E 285 -18.14 -41.95 2.89
CA LEU E 285 -18.59 -41.34 1.64
C LEU E 285 -19.31 -42.37 0.77
N ASP E 286 -20.35 -41.91 0.08
CA ASP E 286 -21.11 -42.77 -0.81
C ASP E 286 -20.30 -43.07 -2.07
N ASN E 287 -20.54 -44.26 -2.64
CA ASN E 287 -19.82 -44.73 -3.83
C ASN E 287 -18.32 -44.70 -3.65
N PHE E 288 -17.85 -44.94 -2.42
CA PHE E 288 -16.43 -44.89 -2.13
C PHE E 288 -15.69 -46.03 -2.83
N GLU E 289 -16.31 -47.22 -2.88
CA GLU E 289 -15.66 -48.36 -3.52
C GLU E 289 -15.43 -48.11 -5.00
N SER E 290 -16.41 -47.53 -5.69
CA SER E 290 -16.25 -47.23 -7.11
C SER E 290 -15.26 -46.09 -7.33
N SER E 291 -15.07 -45.24 -6.33
CA SER E 291 -14.15 -44.12 -6.48
C SER E 291 -12.71 -44.61 -6.55
N PRO E 292 -11.85 -43.92 -7.31
CA PRO E 292 -10.44 -44.30 -7.36
C PRO E 292 -9.73 -44.16 -6.01
N LEU E 293 -10.28 -43.37 -5.09
CA LEU E 293 -9.66 -43.23 -3.77
C LEU E 293 -9.58 -44.56 -3.04
N ASN E 294 -10.51 -45.48 -3.32
CA ASN E 294 -10.49 -46.78 -2.68
C ASN E 294 -9.24 -47.59 -3.03
N LYS E 295 -8.63 -47.33 -4.17
CA LYS E 295 -7.43 -48.03 -4.58
C LYS E 295 -6.16 -47.46 -3.96
N ALA E 296 -6.25 -46.32 -3.29
CA ALA E 296 -5.09 -45.74 -2.64
C ALA E 296 -4.81 -46.45 -1.32
N HIS E 297 -3.57 -46.32 -0.86
CA HIS E 297 -3.16 -46.92 0.42
C HIS E 297 -3.81 -46.11 1.55
N ILE E 298 -4.90 -46.65 2.11
CA ILE E 298 -5.66 -45.99 3.15
C ILE E 298 -5.64 -46.86 4.39
N TYR E 299 -5.20 -46.30 5.51
CA TYR E 299 -5.14 -47.01 6.79
C TYR E 299 -5.74 -46.12 7.86
N ARG E 300 -6.71 -46.66 8.60
CA ARG E 300 -7.29 -45.88 9.69
C ARG E 300 -6.25 -45.61 10.78
N ASN E 301 -5.45 -46.62 11.12
CA ASN E 301 -4.38 -46.45 12.08
C ASN E 301 -3.21 -45.73 11.43
N ARG E 302 -2.57 -44.84 12.18
CA ARG E 302 -1.45 -44.07 11.63
C ARG E 302 -0.17 -44.89 11.62
N ASN E 303 0.11 -45.63 12.71
CA ASN E 303 1.37 -46.34 12.83
C ASN E 303 1.51 -47.43 11.77
N GLU E 304 0.43 -48.15 11.48
CA GLU E 304 0.50 -49.19 10.46
C GLU E 304 0.73 -48.58 9.07
N MET E 305 0.13 -47.43 8.80
CA MET E 305 0.39 -46.74 7.53
C MET E 305 1.85 -46.30 7.45
N ILE E 306 2.39 -45.81 8.57
CA ILE E 306 3.80 -45.42 8.60
C ILE E 306 4.70 -46.62 8.36
N GLU E 307 4.37 -47.76 8.96
CA GLU E 307 5.15 -48.98 8.76
C GLU E 307 5.12 -49.41 7.30
N ALA E 308 3.95 -49.38 6.68
CA ALA E 308 3.85 -49.74 5.26
C ALA E 308 4.65 -48.78 4.40
N LEU E 309 4.55 -47.48 4.68
CA LEU E 309 5.31 -46.50 3.92
C LEU E 309 6.81 -46.72 4.06
N LYS E 310 7.28 -47.01 5.28
CA LYS E 310 8.70 -47.24 5.47
C LYS E 310 9.15 -48.53 4.80
N THR E 311 8.30 -49.56 4.79
CA THR E 311 8.62 -50.78 4.06
C THR E 311 8.79 -50.49 2.57
N VAL E 312 7.86 -49.73 2.00
CA VAL E 312 7.96 -49.39 0.58
C VAL E 312 9.21 -48.55 0.31
N ILE E 313 9.51 -47.60 1.20
CA ILE E 313 10.67 -46.73 1.02
C ILE E 313 11.95 -47.55 1.06
N LYS E 314 12.07 -48.46 2.02
CA LYS E 314 13.26 -49.30 2.10
C LYS E 314 13.38 -50.22 0.89
N ARG E 315 12.25 -50.75 0.41
CA ARG E 315 12.28 -51.61 -0.76
C ARG E 315 12.73 -50.83 -2.00
N ASP E 316 12.29 -49.58 -2.14
CA ASP E 316 12.64 -48.78 -3.30
C ASP E 316 13.93 -47.99 -3.10
N LEU E 317 14.59 -48.12 -1.96
CA LEU E 317 15.88 -47.48 -1.72
C LEU E 317 16.99 -48.49 -1.42
N GLY E 318 16.68 -49.79 -1.42
CA GLY E 318 17.67 -50.81 -1.18
C GLY E 318 18.28 -50.76 0.21
N LEU E 319 17.44 -50.59 1.23
CA LEU E 319 17.92 -50.57 2.61
C LEU E 319 17.50 -51.82 3.35
N PRO F 12 7.71 -25.72 -42.41
CA PRO F 12 6.79 -24.67 -41.96
C PRO F 12 7.08 -24.22 -40.54
N ASN F 13 7.03 -22.91 -40.30
CA ASN F 13 7.27 -22.39 -38.97
C ASN F 13 6.17 -22.82 -38.02
N TYR F 14 6.55 -23.14 -36.78
CA TYR F 14 5.61 -23.52 -35.75
C TYR F 14 6.06 -22.93 -34.41
N TYR F 15 5.09 -22.51 -33.62
CA TYR F 15 5.35 -21.93 -32.30
C TYR F 15 4.39 -22.51 -31.29
N LEU F 16 4.82 -22.53 -30.03
CA LEU F 16 3.99 -23.02 -28.92
C LEU F 16 3.95 -21.95 -27.86
N TYR F 17 2.85 -21.21 -27.81
CA TYR F 17 2.62 -20.20 -26.79
C TYR F 17 1.69 -20.76 -25.72
N GLY F 18 1.96 -20.42 -24.47
CA GLY F 18 1.18 -20.95 -23.38
C GLY F 18 1.29 -20.08 -22.14
N THR F 19 0.27 -20.16 -21.30
CA THR F 19 0.25 -19.48 -20.01
C THR F 19 -0.37 -20.43 -19.00
N VAL F 20 0.42 -20.87 -18.03
CA VAL F 20 -0.02 -21.84 -17.04
C VAL F 20 -0.08 -21.18 -15.68
N LEU F 21 -0.93 -21.71 -14.81
CA LEU F 21 -1.17 -21.17 -13.49
C LEU F 21 -0.70 -22.16 -12.44
N THR F 22 -0.04 -21.64 -11.40
CA THR F 22 0.47 -22.49 -10.33
C THR F 22 -0.62 -22.79 -9.32
N ARG F 23 -0.29 -23.64 -8.35
CA ARG F 23 -1.20 -23.95 -7.27
C ARG F 23 -1.19 -22.85 -6.21
N TYR F 24 -2.18 -22.89 -5.33
CA TYR F 24 -2.27 -21.95 -4.23
C TYR F 24 -1.30 -22.34 -3.11
N GLY F 25 -0.66 -21.34 -2.53
CA GLY F 25 0.25 -21.59 -1.42
C GLY F 25 1.09 -20.36 -1.15
N LEU F 26 1.91 -20.47 -0.11
CA LEU F 26 2.79 -19.39 0.31
C LEU F 26 3.96 -19.30 -0.65
N ALA F 27 4.46 -18.08 -0.85
CA ALA F 27 5.53 -17.84 -1.82
C ALA F 27 6.49 -16.78 -1.31
N SER F 28 7.78 -17.14 -1.30
CA SER F 28 8.86 -16.20 -1.01
C SER F 28 10.01 -16.49 -1.98
N LEU F 29 9.66 -16.66 -3.26
CA LEU F 29 10.59 -17.23 -4.23
C LEU F 29 11.65 -16.25 -4.73
N ASN F 30 11.37 -14.95 -4.76
CA ASN F 30 12.21 -14.03 -5.51
C ASN F 30 12.55 -12.79 -4.69
N HIS F 31 13.06 -13.00 -3.46
CA HIS F 31 13.54 -11.91 -2.63
C HIS F 31 14.38 -10.92 -3.43
N ASP F 32 14.07 -9.63 -3.27
CA ASP F 32 14.69 -8.60 -4.13
C ASP F 32 16.03 -8.12 -3.61
N ILE F 33 16.05 -7.41 -2.48
CA ILE F 33 17.25 -6.70 -2.07
C ILE F 33 17.56 -6.84 -0.58
N ARG F 34 16.58 -7.32 0.19
CA ARG F 34 16.65 -7.39 1.66
C ARG F 34 17.04 -6.01 2.24
N ARG F 35 16.10 -5.08 2.07
CA ARG F 35 16.27 -3.70 2.51
C ARG F 35 16.90 -3.61 3.90
N GLY F 36 16.18 -4.11 4.92
CA GLY F 36 16.72 -4.17 6.26
C GLY F 36 16.82 -5.61 6.73
N ASN F 37 16.00 -5.98 7.71
CA ASN F 37 15.81 -7.39 8.03
C ASN F 37 14.76 -8.04 7.13
N LYS F 38 14.01 -7.24 6.38
CA LYS F 38 12.93 -7.73 5.55
C LYS F 38 13.51 -8.17 4.21
N THR F 39 13.52 -9.47 3.96
CA THR F 39 13.87 -9.98 2.64
C THR F 39 12.73 -9.61 1.70
N ILE F 40 12.90 -8.52 0.97
CA ILE F 40 11.80 -7.92 0.21
C ILE F 40 11.42 -8.87 -0.92
N LEU F 41 10.25 -9.50 -0.81
CA LEU F 41 9.70 -10.25 -1.93
C LEU F 41 9.43 -9.30 -3.08
N GLN F 42 10.06 -9.57 -4.22
CA GLN F 42 10.04 -8.62 -5.32
C GLN F 42 8.62 -8.43 -5.85
N LYS F 43 8.25 -7.16 -6.08
CA LYS F 43 6.89 -6.82 -6.44
C LYS F 43 6.90 -5.58 -7.32
N GLY F 44 5.78 -5.36 -7.99
CA GLY F 44 5.60 -4.17 -8.81
C GLY F 44 4.15 -4.06 -9.23
N TYR F 45 3.83 -2.94 -9.86
CA TYR F 45 2.46 -2.68 -10.26
C TYR F 45 2.04 -3.58 -11.41
N TRP F 46 0.74 -3.83 -11.47
CA TRP F 46 0.14 -4.75 -12.45
C TRP F 46 -1.27 -4.23 -12.73
N ASN F 47 -2.13 -5.08 -13.28
CA ASN F 47 -3.52 -4.74 -13.57
C ASN F 47 -4.16 -3.99 -12.40
N ASN F 48 -4.95 -2.97 -12.74
CA ASN F 48 -5.72 -2.17 -11.78
C ASN F 48 -4.84 -1.40 -10.80
N GLY F 49 -3.55 -1.25 -11.11
CA GLY F 49 -2.68 -0.45 -10.28
C GLY F 49 -2.40 -1.00 -8.90
N LYS F 50 -2.63 -2.28 -8.67
CA LYS F 50 -2.34 -2.91 -7.39
C LYS F 50 -0.99 -3.62 -7.45
N ILE F 51 -0.27 -3.54 -6.33
CA ILE F 51 1.08 -4.12 -6.27
C ILE F 51 0.96 -5.64 -6.27
N HIS F 52 1.60 -6.28 -7.24
CA HIS F 52 1.62 -7.72 -7.36
C HIS F 52 3.04 -8.24 -7.22
N SER F 53 3.21 -9.35 -6.51
CA SER F 53 4.52 -9.95 -6.35
C SER F 53 4.92 -10.67 -7.63
N PHE F 54 6.22 -10.71 -7.90
CA PHE F 54 6.74 -11.26 -9.14
C PHE F 54 7.72 -12.38 -8.86
N VAL F 55 7.77 -13.33 -9.78
CA VAL F 55 8.77 -14.39 -9.78
C VAL F 55 9.55 -14.27 -11.09
N GLY F 56 10.87 -14.17 -10.99
CA GLY F 56 11.67 -13.92 -12.17
C GLY F 56 11.56 -15.04 -13.18
N SER F 57 11.55 -14.65 -14.46
CA SER F 57 11.52 -15.64 -15.53
C SER F 57 12.82 -16.43 -15.58
N SER F 58 13.94 -15.79 -15.24
CA SER F 58 15.20 -16.50 -15.14
C SER F 58 15.11 -17.64 -14.13
N ALA F 59 14.26 -17.51 -13.11
CA ALA F 59 14.06 -18.60 -12.17
C ALA F 59 13.46 -19.82 -12.87
N ILE F 60 12.45 -19.61 -13.72
CA ILE F 60 11.87 -20.74 -14.44
C ILE F 60 12.86 -21.31 -15.45
N ARG F 61 13.66 -20.45 -16.09
CA ARG F 61 14.67 -20.96 -17.01
C ARG F 61 15.69 -21.83 -16.26
N TRP F 62 16.11 -21.38 -15.07
CA TRP F 62 17.01 -22.20 -14.26
C TRP F 62 16.36 -23.50 -13.84
N ALA F 63 15.06 -23.45 -13.50
CA ALA F 63 14.37 -24.68 -13.11
C ALA F 63 14.31 -25.67 -14.26
N LEU F 64 14.05 -25.18 -15.48
CA LEU F 64 14.04 -26.07 -16.63
C LEU F 64 15.44 -26.62 -16.92
N ARG F 65 16.47 -25.78 -16.76
CA ARG F 65 17.84 -26.26 -16.92
C ARG F 65 18.14 -27.38 -15.94
N PHE F 66 17.75 -27.19 -14.68
CA PHE F 66 17.96 -28.22 -13.67
C PHE F 66 17.19 -29.49 -14.00
N TYR F 67 15.95 -29.34 -14.48
CA TYR F 67 15.17 -30.52 -14.86
C TYR F 67 15.86 -31.29 -15.97
N LEU F 68 16.36 -30.59 -16.99
CA LEU F 68 17.06 -31.24 -18.08
C LEU F 68 18.32 -31.94 -17.58
N GLN F 69 19.05 -31.29 -16.67
CA GLN F 69 20.27 -31.89 -16.16
C GLN F 69 19.99 -33.14 -15.33
N LYS F 70 18.90 -33.14 -14.56
CA LYS F 70 18.62 -34.22 -13.63
C LYS F 70 18.34 -35.55 -14.32
N GLN F 71 17.81 -35.53 -15.55
CA GLN F 71 17.35 -36.75 -16.23
C GLN F 71 18.09 -36.87 -17.56
N GLY F 72 19.27 -37.48 -17.52
CA GLY F 72 20.05 -37.66 -18.73
C GLY F 72 20.28 -36.33 -19.41
N TYR F 73 19.99 -36.28 -20.71
CA TYR F 73 19.82 -35.01 -21.42
C TYR F 73 21.07 -34.13 -21.28
N LEU F 74 22.15 -34.58 -21.93
CA LEU F 74 23.43 -33.86 -21.92
C LEU F 74 23.23 -32.36 -22.01
N VAL F 75 23.79 -31.64 -21.04
CA VAL F 75 23.77 -30.18 -20.97
C VAL F 75 25.19 -29.68 -20.74
N ASN F 76 25.49 -28.49 -21.26
CA ASN F 76 26.82 -27.91 -21.07
C ASN F 76 27.05 -27.49 -19.61
N ARG F 77 26.05 -26.87 -18.99
CA ARG F 77 26.18 -26.34 -17.63
C ARG F 77 25.65 -27.37 -16.63
N VAL F 78 26.56 -27.97 -15.87
CA VAL F 78 26.20 -28.95 -14.85
C VAL F 78 26.14 -28.26 -13.49
N TRP F 79 25.03 -28.42 -12.78
CA TRP F 79 24.87 -27.86 -11.45
C TRP F 79 25.39 -28.85 -10.43
N ASP F 80 26.31 -28.39 -9.57
CA ASP F 80 27.05 -29.31 -8.71
C ASP F 80 26.16 -29.96 -7.66
N GLU F 81 25.27 -29.17 -7.04
CA GLU F 81 24.36 -29.60 -5.98
C GLU F 81 25.09 -29.88 -4.68
N GLU F 82 26.42 -29.80 -4.69
CA GLU F 82 27.23 -29.98 -3.49
C GLU F 82 28.14 -28.79 -3.23
N GLU F 83 28.89 -28.34 -4.23
CA GLU F 83 29.74 -27.17 -4.08
C GLU F 83 29.00 -25.86 -4.36
N HIS F 84 27.75 -25.95 -4.81
CA HIS F 84 26.98 -24.77 -5.24
C HIS F 84 27.76 -23.96 -6.27
N ILE F 85 28.05 -24.62 -7.38
CA ILE F 85 28.83 -24.02 -8.46
C ILE F 85 28.37 -24.65 -9.78
N ASN F 86 28.62 -23.94 -10.87
CA ASN F 86 28.25 -24.41 -12.20
C ASN F 86 29.49 -24.77 -13.00
N ARG F 87 29.51 -25.98 -13.54
CA ARG F 87 30.63 -26.49 -14.31
C ARG F 87 30.24 -26.63 -15.77
N LEU F 88 31.16 -26.22 -16.65
CA LEU F 88 30.95 -26.31 -18.09
C LEU F 88 31.70 -27.51 -18.63
N THR F 89 30.98 -28.45 -19.23
CA THR F 89 31.62 -29.62 -19.81
C THR F 89 32.55 -29.23 -20.97
N SER F 90 32.10 -28.31 -21.81
CA SER F 90 32.91 -27.82 -22.91
C SER F 90 32.62 -26.35 -23.12
N GLU F 91 33.67 -25.52 -23.08
CA GLU F 91 33.47 -24.08 -23.24
C GLU F 91 32.95 -23.73 -24.62
N ASP F 92 33.33 -24.49 -25.64
CA ASP F 92 32.78 -24.33 -26.99
C ASP F 92 31.34 -24.84 -26.98
N PHE F 93 30.39 -23.91 -26.90
CA PHE F 93 28.98 -24.29 -26.91
C PHE F 93 28.62 -24.93 -28.25
N ASP F 94 27.98 -26.10 -28.19
CA ASP F 94 27.61 -26.88 -29.36
C ASP F 94 26.12 -27.20 -29.27
N PRO F 95 25.26 -26.34 -29.83
CA PRO F 95 23.81 -26.62 -29.78
C PRO F 95 23.41 -27.89 -30.50
N GLU F 96 24.21 -28.38 -31.44
CA GLU F 96 23.88 -29.63 -32.13
C GLU F 96 23.87 -30.82 -31.18
N LYS F 97 24.59 -30.75 -30.06
CA LYS F 97 24.71 -31.87 -29.14
C LYS F 97 24.05 -31.60 -27.79
N PHE F 98 24.38 -30.50 -27.13
CA PHE F 98 23.83 -30.21 -25.82
C PHE F 98 22.39 -29.72 -25.92
N TYR F 99 21.56 -30.19 -24.99
CA TYR F 99 20.19 -29.69 -24.92
C TYR F 99 20.15 -28.25 -24.43
N ASP F 100 21.00 -27.93 -23.44
CA ASP F 100 20.99 -26.60 -22.83
C ASP F 100 21.31 -25.51 -23.85
N ASP F 101 22.39 -25.70 -24.61
CA ASP F 101 22.77 -24.71 -25.60
C ASP F 101 21.75 -24.60 -26.72
N ASP F 102 21.18 -25.74 -27.13
CA ASP F 102 20.18 -25.73 -28.18
C ASP F 102 18.92 -24.99 -27.75
N ILE F 103 18.54 -25.13 -26.49
CA ILE F 103 17.27 -24.58 -26.02
C ILE F 103 17.42 -23.15 -25.52
N PHE F 104 18.25 -22.92 -24.51
CA PHE F 104 18.28 -21.63 -23.82
C PHE F 104 19.23 -20.63 -24.45
N GLY F 105 20.15 -21.06 -25.32
CA GLY F 105 21.11 -20.14 -25.91
C GLY F 105 22.29 -19.88 -24.99
N PHE F 106 23.21 -19.03 -25.48
CA PHE F 106 24.43 -18.73 -24.76
C PHE F 106 24.99 -17.40 -25.27
N ALA F 107 25.95 -16.86 -24.51
CA ALA F 107 26.63 -15.62 -24.88
C ALA F 107 28.01 -15.61 -24.25
N LEU F 108 29.05 -15.44 -25.08
CA LEU F 108 30.42 -15.53 -24.58
C LEU F 108 30.88 -14.22 -23.95
N LEU F 109 30.93 -13.16 -24.74
CA LEU F 109 31.50 -11.87 -24.31
C LEU F 109 32.88 -12.04 -23.68
N PRO F 133 31.40 -16.09 -31.26
CA PRO F 133 31.07 -17.46 -31.68
C PRO F 133 29.80 -17.51 -32.52
N ASN F 134 28.74 -18.07 -31.94
CA ASN F 134 27.43 -18.12 -32.58
C ASN F 134 26.36 -17.42 -31.77
N GLN F 135 26.42 -17.52 -30.44
CA GLN F 135 25.58 -16.76 -29.52
C GLN F 135 24.13 -17.24 -29.54
N ARG F 136 23.81 -18.13 -30.48
CA ARG F 136 22.46 -18.67 -30.65
C ARG F 136 21.38 -17.59 -30.65
N MET F 137 20.14 -17.99 -30.40
CA MET F 137 19.05 -17.06 -30.21
C MET F 137 18.16 -17.49 -29.06
N GLY F 138 18.26 -18.73 -28.60
CA GLY F 138 17.37 -19.26 -27.60
C GLY F 138 16.09 -19.72 -28.23
N ALA F 139 15.67 -20.95 -27.93
CA ALA F 139 14.42 -21.46 -28.45
C ALA F 139 13.22 -21.10 -27.59
N LEU F 140 13.44 -20.75 -26.32
CA LEU F 140 12.38 -20.59 -25.35
C LEU F 140 12.36 -19.14 -24.87
N GLY F 141 11.21 -18.49 -25.00
CA GLY F 141 11.04 -17.13 -24.53
C GLY F 141 10.12 -17.07 -23.34
N MET F 142 10.58 -16.48 -22.24
CA MET F 142 9.84 -16.48 -20.98
C MET F 142 9.49 -15.06 -20.57
N ASN F 143 8.37 -14.94 -19.85
CA ASN F 143 7.96 -13.71 -19.21
C ASN F 143 7.93 -13.91 -17.70
N MET F 144 8.12 -12.81 -16.97
CA MET F 144 8.16 -12.88 -15.52
C MET F 144 6.81 -13.32 -14.98
N ALA F 145 6.85 -14.23 -14.00
CA ALA F 145 5.64 -14.72 -13.38
C ALA F 145 5.02 -13.64 -12.50
N VAL F 146 3.71 -13.46 -12.62
CA VAL F 146 2.98 -12.46 -11.85
C VAL F 146 2.11 -13.18 -10.83
N SER F 147 1.83 -12.49 -9.73
CA SER F 147 0.91 -13.02 -8.74
C SER F 147 -0.52 -12.68 -9.14
N LEU F 148 -1.38 -13.70 -9.14
CA LEU F 148 -2.77 -13.51 -9.54
C LEU F 148 -3.56 -12.66 -8.55
N THR F 149 -3.01 -12.39 -7.38
CA THR F 149 -3.66 -11.63 -6.32
C THR F 149 -2.72 -10.54 -5.82
N PRO F 150 -3.24 -9.35 -5.52
CA PRO F 150 -2.39 -8.29 -4.97
C PRO F 150 -1.79 -8.69 -3.62
N TYR F 151 -0.61 -8.14 -3.34
CA TYR F 151 0.16 -8.46 -2.15
C TYR F 151 0.03 -7.32 -1.15
N ASP F 152 -0.53 -7.61 0.03
CA ASP F 152 -0.75 -6.54 0.99
C ASP F 152 0.48 -6.23 1.84
N GLY F 153 0.78 -7.07 2.84
CA GLY F 153 2.09 -6.98 3.48
C GLY F 153 2.79 -8.31 3.71
N ALA F 154 1.99 -9.35 4.02
CA ALA F 154 2.42 -10.73 4.17
C ALA F 154 3.83 -10.91 4.73
N VAL F 155 4.11 -10.40 5.92
CA VAL F 155 5.44 -10.47 6.50
C VAL F 155 5.44 -11.53 7.60
N LYS F 156 6.64 -12.01 7.93
CA LYS F 156 6.81 -13.10 8.90
C LYS F 156 8.05 -12.85 9.74
N LEU F 157 7.96 -13.16 11.04
CA LEU F 157 9.08 -13.01 11.95
C LEU F 157 10.11 -14.12 11.76
N GLY F 158 11.29 -13.91 12.33
CA GLY F 158 12.32 -14.93 12.40
C GLY F 158 13.29 -14.69 13.53
N ALA F 159 13.52 -15.71 14.35
CA ALA F 159 14.43 -15.61 15.49
C ALA F 159 15.27 -16.87 15.57
N LYS F 160 16.39 -16.77 16.29
CA LYS F 160 17.36 -17.87 16.38
C LYS F 160 17.45 -18.35 17.82
N SER F 161 16.68 -19.40 18.10
CA SER F 161 16.68 -20.11 19.40
C SER F 161 16.53 -19.09 20.53
N GLY F 162 17.35 -19.15 21.56
CA GLY F 162 17.26 -18.20 22.66
C GLY F 162 18.63 -17.89 23.23
N ARG F 163 18.74 -16.73 23.87
CA ARG F 163 19.94 -16.26 24.55
C ARG F 163 21.11 -16.05 23.60
N GLU F 164 22.13 -15.32 24.05
CA GLU F 164 23.32 -15.01 23.27
C GLU F 164 22.95 -14.50 21.89
N LYS F 165 22.13 -13.44 21.86
CA LYS F 165 21.61 -12.93 20.60
C LYS F 165 22.54 -11.90 20.00
N ASP F 166 22.77 -12.03 18.69
CA ASP F 166 23.63 -11.10 17.96
C ASP F 166 22.82 -10.37 16.90
N SER F 167 23.49 -9.66 16.00
CA SER F 167 22.80 -8.91 14.96
C SER F 167 22.02 -9.83 14.01
N THR F 168 22.37 -11.11 13.95
CA THR F 168 21.70 -12.06 13.07
C THR F 168 20.52 -12.74 13.74
N SER F 169 20.21 -12.38 14.99
CA SER F 169 19.16 -13.08 15.73
C SER F 169 17.77 -12.77 15.19
N LEU F 170 17.49 -11.50 14.91
CA LEU F 170 16.15 -11.07 14.52
C LEU F 170 16.13 -10.72 13.04
N HIS F 171 15.14 -11.25 12.32
CA HIS F 171 15.00 -10.98 10.89
C HIS F 171 13.56 -11.24 10.46
N PHE F 172 13.22 -10.71 9.29
CA PHE F 172 11.87 -10.81 8.73
C PHE F 172 11.93 -11.42 7.34
N THR F 173 10.84 -12.08 6.96
CA THR F 173 10.72 -12.64 5.63
C THR F 173 9.31 -12.38 5.10
N GLU F 174 9.23 -11.91 3.86
CA GLU F 174 7.95 -11.65 3.21
C GLU F 174 7.50 -12.90 2.46
N TYR F 175 6.21 -13.20 2.56
CA TYR F 175 5.61 -14.31 1.82
C TYR F 175 4.45 -13.79 0.99
N HIS F 176 3.69 -14.72 0.42
CA HIS F 176 2.53 -14.36 -0.39
C HIS F 176 1.73 -15.63 -0.65
N ALA F 177 0.44 -15.61 -0.31
CA ALA F 177 -0.42 -16.78 -0.48
C ALA F 177 -1.33 -16.55 -1.68
N THR F 178 -0.80 -16.85 -2.87
CA THR F 178 -1.53 -16.71 -4.12
C THR F 178 -1.11 -17.81 -5.08
N ARG F 179 -1.66 -17.75 -6.28
CA ARG F 179 -1.23 -18.57 -7.41
C ARG F 179 -0.47 -17.68 -8.38
N TYR F 180 0.62 -18.20 -8.93
CA TYR F 180 1.46 -17.44 -9.85
C TYR F 180 1.16 -17.84 -11.29
N GLN F 181 1.32 -16.86 -12.18
CA GLN F 181 0.97 -17.01 -13.59
C GLN F 181 2.06 -16.39 -14.44
N TYR F 182 2.53 -17.14 -15.44
CA TYR F 182 3.56 -16.65 -16.35
C TYR F 182 3.27 -17.16 -17.77
N TYR F 183 3.86 -16.46 -18.73
CA TYR F 183 3.63 -16.71 -20.14
C TYR F 183 4.95 -17.05 -20.82
N PHE F 184 4.95 -18.10 -21.64
CA PHE F 184 6.16 -18.56 -22.30
C PHE F 184 5.85 -18.89 -23.75
N GLY F 185 6.89 -18.83 -24.59
CA GLY F 185 6.76 -19.19 -25.99
C GLY F 185 8.03 -19.79 -26.58
N ILE F 186 7.90 -20.88 -27.33
CA ILE F 186 9.02 -21.51 -28.03
C ILE F 186 8.79 -21.43 -29.53
N ASP F 187 9.85 -21.10 -30.27
CA ASP F 187 9.88 -21.29 -31.71
C ASP F 187 10.33 -22.72 -31.94
N ALA F 188 9.40 -23.57 -32.40
CA ALA F 188 9.70 -24.98 -32.61
C ALA F 188 10.76 -25.17 -33.70
N THR F 189 10.62 -24.44 -34.81
CA THR F 189 11.51 -24.64 -35.94
C THR F 189 12.95 -24.26 -35.59
N HIS F 190 13.12 -23.29 -34.69
CA HIS F 190 14.45 -22.79 -34.37
C HIS F 190 15.29 -23.80 -33.60
N LEU F 191 14.69 -24.87 -33.08
CA LEU F 191 15.46 -25.89 -32.38
C LEU F 191 16.34 -26.65 -33.36
N LYS F 192 17.60 -26.87 -32.97
CA LYS F 192 18.51 -27.62 -33.82
C LYS F 192 18.04 -29.05 -34.00
N ASP F 193 17.58 -29.68 -32.93
CA ASP F 193 16.95 -31.00 -32.98
C ASP F 193 15.48 -30.84 -32.62
N PHE F 194 14.61 -31.16 -33.58
CA PHE F 194 13.18 -30.89 -33.41
C PHE F 194 12.59 -31.73 -32.28
N SER F 195 13.21 -32.86 -31.96
CA SER F 195 12.71 -33.72 -30.89
C SER F 195 12.92 -33.10 -29.51
N ARG F 196 13.69 -32.01 -29.42
CA ARG F 196 13.99 -31.42 -28.12
C ARG F 196 12.81 -30.63 -27.55
N ILE F 197 11.74 -30.45 -28.32
CA ILE F 197 10.56 -29.78 -27.78
C ILE F 197 9.86 -30.65 -26.75
N LEU F 198 9.95 -31.98 -26.89
CA LEU F 198 9.28 -32.87 -25.94
C LEU F 198 9.82 -32.73 -24.52
N PRO F 199 11.13 -32.75 -24.28
CA PRO F 199 11.61 -32.63 -22.90
C PRO F 199 11.19 -31.36 -22.19
N MET F 200 11.07 -30.23 -22.92
CA MET F 200 10.68 -29.01 -22.24
C MET F 200 9.23 -29.07 -21.79
N ILE F 201 8.37 -29.68 -22.61
CA ILE F 201 6.98 -29.88 -22.20
C ILE F 201 6.92 -30.77 -20.98
N ASP F 202 7.71 -31.85 -20.98
CA ASP F 202 7.76 -32.73 -19.81
C ASP F 202 8.24 -31.97 -18.57
N GLY F 203 9.22 -31.08 -18.74
CA GLY F 203 9.73 -30.33 -17.61
C GLY F 203 8.78 -29.26 -17.11
N ILE F 204 8.08 -28.58 -18.02
CA ILE F 204 7.09 -27.60 -17.59
C ILE F 204 5.96 -28.28 -16.85
N MET F 205 5.56 -29.46 -17.30
CA MET F 205 4.60 -30.24 -16.54
C MET F 205 5.16 -30.73 -15.21
N ASN F 206 6.46 -30.90 -15.10
CA ASN F 206 7.11 -31.47 -13.92
C ASN F 206 8.23 -30.57 -13.43
N LEU F 207 7.93 -29.28 -13.30
CA LEU F 207 8.96 -28.30 -12.97
C LEU F 207 9.52 -28.56 -11.57
N PRO F 208 10.84 -28.63 -11.41
CA PRO F 208 11.42 -28.81 -10.08
C PRO F 208 11.31 -27.54 -9.25
N LYS F 209 11.93 -27.53 -8.07
CA LYS F 209 11.90 -26.36 -7.22
C LYS F 209 12.38 -25.13 -7.98
N VAL F 210 11.53 -24.10 -8.02
CA VAL F 210 11.92 -22.82 -8.56
C VAL F 210 12.66 -22.04 -7.48
N GLY F 211 13.80 -21.45 -7.85
CA GLY F 211 14.66 -20.75 -6.93
C GLY F 211 13.92 -19.90 -5.92
N GLY F 212 14.10 -20.21 -4.64
CA GLY F 212 13.38 -19.53 -3.59
C GLY F 212 13.61 -20.22 -2.26
N SER F 213 13.00 -19.66 -1.21
CA SER F 213 13.19 -20.16 0.14
C SER F 213 12.40 -21.45 0.29
N SER F 214 12.99 -22.54 -0.22
CA SER F 214 12.31 -23.84 -0.16
C SER F 214 12.25 -24.38 1.26
N ASN F 215 13.23 -24.01 2.10
CA ASN F 215 13.25 -24.52 3.48
C ASN F 215 12.05 -24.00 4.27
N ILE F 216 11.78 -22.70 4.18
CA ILE F 216 10.71 -22.09 4.97
C ILE F 216 9.39 -22.09 4.20
N PHE F 217 9.43 -21.76 2.90
CA PHE F 217 8.22 -21.69 2.08
C PHE F 217 8.42 -22.60 0.86
N ASN F 218 8.09 -23.88 1.02
CA ASN F 218 8.24 -24.85 -0.06
C ASN F 218 7.04 -24.71 -0.99
N TYR F 219 7.23 -23.97 -2.08
CA TYR F 219 6.16 -23.69 -3.02
C TYR F 219 6.33 -24.58 -4.25
N PRO F 220 5.44 -25.53 -4.50
CA PRO F 220 5.53 -26.29 -5.75
C PRO F 220 5.04 -25.44 -6.92
N PHE F 221 5.86 -25.40 -7.97
CA PHE F 221 5.54 -24.62 -9.17
C PHE F 221 4.88 -25.45 -10.25
N CYS F 222 4.41 -26.65 -9.91
CA CYS F 222 3.67 -27.45 -10.87
C CYS F 222 2.37 -26.73 -11.25
N PRO F 223 1.94 -26.81 -12.51
CA PRO F 223 0.76 -26.06 -12.93
C PRO F 223 -0.53 -26.88 -12.79
N ASP F 224 -1.62 -26.17 -12.49
CA ASP F 224 -2.92 -26.79 -12.32
C ASP F 224 -3.95 -26.34 -13.34
N SER F 225 -3.60 -25.43 -14.26
CA SER F 225 -4.51 -25.01 -15.31
C SER F 225 -3.68 -24.47 -16.47
N LEU F 226 -3.88 -25.06 -17.64
CA LEU F 226 -3.04 -24.78 -18.80
C LEU F 226 -3.86 -24.16 -19.91
N VAL F 227 -3.24 -23.22 -20.62
CA VAL F 227 -3.80 -22.65 -21.85
C VAL F 227 -2.68 -22.65 -22.88
N PHE F 228 -2.68 -23.64 -23.76
CA PHE F 228 -1.65 -23.80 -24.77
C PHE F 228 -2.26 -23.60 -26.14
N GLN F 229 -1.49 -23.00 -27.04
CA GLN F 229 -1.88 -22.88 -28.45
C GLN F 229 -0.70 -23.29 -29.31
N TRP F 230 -0.97 -24.05 -30.36
CA TRP F 230 0.04 -24.55 -31.27
C TRP F 230 -0.38 -24.16 -32.69
N THR F 231 0.19 -23.06 -33.19
CA THR F 231 -0.19 -22.52 -34.49
C THR F 231 1.07 -22.32 -35.32
N ASN F 232 0.87 -21.97 -36.59
CA ASN F 232 1.97 -21.89 -37.56
C ASN F 232 2.28 -20.45 -37.96
N HIS F 233 1.70 -19.47 -37.27
CA HIS F 233 2.03 -18.08 -37.49
C HIS F 233 2.32 -17.42 -36.15
N PHE F 234 3.14 -16.37 -36.19
CA PHE F 234 3.65 -15.78 -34.96
C PHE F 234 2.55 -15.16 -34.11
N ALA F 235 1.43 -14.77 -34.71
CA ALA F 235 0.41 -13.98 -34.01
C ALA F 235 0.03 -14.67 -32.71
N SER F 236 0.44 -14.09 -31.59
CA SER F 236 0.44 -14.78 -30.30
C SER F 236 -0.43 -14.01 -29.32
N TYR F 237 -1.71 -14.38 -29.29
CA TYR F 237 -2.59 -14.05 -28.19
C TYR F 237 -2.36 -15.07 -27.08
N ILE F 238 -3.32 -15.20 -26.16
CA ILE F 238 -3.22 -15.99 -24.93
C ILE F 238 -1.95 -15.58 -24.17
N SER F 239 -1.86 -14.28 -23.91
CA SER F 239 -0.95 -13.69 -22.94
C SER F 239 -1.53 -13.97 -21.57
N TYR F 240 -1.19 -13.17 -20.56
CA TYR F 240 -1.64 -13.53 -19.21
C TYR F 240 -3.16 -13.44 -19.15
N CYS F 241 -3.82 -14.44 -19.72
CA CYS F 241 -5.27 -14.46 -19.75
C CYS F 241 -5.86 -14.75 -18.39
N PHE F 242 -5.28 -15.71 -17.67
CA PHE F 242 -5.76 -16.06 -16.34
C PHE F 242 -5.80 -14.82 -15.45
N GLU F 243 -7.02 -14.41 -15.09
CA GLU F 243 -7.19 -13.23 -14.25
C GLU F 243 -8.49 -13.41 -13.47
N TYR F 244 -8.40 -13.26 -12.15
CA TYR F 244 -9.55 -13.42 -11.28
C TYR F 244 -9.71 -12.31 -10.25
N CYS F 245 -8.64 -11.63 -9.87
CA CYS F 245 -8.68 -10.57 -8.87
C CYS F 245 -9.38 -11.04 -7.61
N ASP F 246 -10.67 -10.72 -7.47
CA ASP F 246 -11.53 -11.10 -6.36
C ASP F 246 -10.78 -11.02 -5.03
N PRO F 247 -10.11 -9.90 -4.76
CA PRO F 247 -8.99 -9.87 -3.80
C PRO F 247 -8.50 -11.21 -3.29
N LYS F 248 -8.62 -11.44 -1.98
CA LYS F 248 -7.98 -12.59 -1.34
C LYS F 248 -8.87 -13.82 -1.50
N SER F 249 -8.60 -14.61 -2.53
CA SER F 249 -9.34 -15.84 -2.79
C SER F 249 -8.43 -16.79 -3.57
N LYS F 250 -9.02 -17.88 -4.08
CA LYS F 250 -8.28 -18.81 -4.92
C LYS F 250 -9.14 -19.33 -6.07
N GLU F 251 -10.16 -18.58 -6.46
CA GLU F 251 -11.09 -19.06 -7.47
C GLU F 251 -10.41 -19.21 -8.83
N ALA F 252 -9.65 -18.20 -9.25
CA ALA F 252 -8.87 -18.23 -10.49
C ALA F 252 -9.75 -18.47 -11.71
N LYS F 253 -10.68 -17.55 -11.94
CA LYS F 253 -11.46 -17.60 -13.16
C LYS F 253 -10.59 -17.24 -14.36
N LEU F 254 -10.98 -17.73 -15.54
CA LEU F 254 -10.14 -17.59 -16.71
C LEU F 254 -9.94 -16.13 -17.12
N SER F 255 -10.98 -15.49 -17.66
CA SER F 255 -10.93 -14.10 -18.06
C SER F 255 -12.26 -13.69 -18.67
N GLN F 256 -12.39 -12.41 -19.02
CA GLN F 256 -13.45 -11.96 -19.91
C GLN F 256 -12.94 -11.64 -21.31
N GLU F 257 -11.74 -11.06 -21.42
CA GLU F 257 -11.23 -10.67 -22.72
C GLU F 257 -10.80 -11.87 -23.55
N PHE F 258 -10.16 -12.85 -22.94
CA PHE F 258 -9.69 -14.01 -23.69
C PHE F 258 -10.86 -14.71 -24.34
N ILE F 259 -11.91 -14.94 -23.56
CA ILE F 259 -13.10 -15.58 -24.09
C ILE F 259 -13.67 -14.71 -25.18
N ASP F 260 -13.78 -13.42 -24.92
CA ASP F 260 -14.27 -12.51 -25.94
C ASP F 260 -13.54 -12.83 -27.22
N GLU F 261 -12.21 -12.81 -27.16
CA GLU F 261 -11.42 -13.16 -28.33
C GLU F 261 -11.90 -14.48 -28.90
N VAL F 262 -12.03 -15.50 -28.06
CA VAL F 262 -12.41 -16.80 -28.58
C VAL F 262 -13.75 -16.71 -29.30
N GLU F 263 -14.70 -16.00 -28.71
CA GLU F 263 -16.03 -15.86 -29.32
C GLU F 263 -15.95 -15.15 -30.67
N CYS F 264 -15.10 -14.12 -30.77
CA CYS F 264 -15.15 -13.23 -31.93
C CYS F 264 -14.82 -13.97 -33.22
N GLY F 265 -13.88 -14.91 -33.17
CA GLY F 265 -13.54 -15.66 -34.37
C GLY F 265 -12.07 -15.94 -34.55
N GLN F 266 -11.22 -15.05 -34.04
CA GLN F 266 -9.80 -15.34 -34.05
C GLN F 266 -9.46 -16.31 -32.91
N ILE F 267 -8.19 -16.71 -32.86
CA ILE F 267 -7.73 -17.75 -31.94
C ILE F 267 -8.66 -18.96 -32.12
N ASP F 268 -8.60 -19.58 -33.29
CA ASP F 268 -9.53 -20.65 -33.61
C ASP F 268 -9.40 -21.80 -32.62
N PRO F 269 -10.52 -22.36 -32.16
CA PRO F 269 -10.46 -23.38 -31.10
C PRO F 269 -9.64 -24.61 -31.48
N SER F 270 -9.54 -24.92 -32.77
CA SER F 270 -8.75 -26.08 -33.18
C SER F 270 -7.27 -25.90 -32.81
N LYS F 271 -6.82 -24.66 -32.70
CA LYS F 271 -5.43 -24.38 -32.33
C LYS F 271 -5.25 -24.15 -30.83
N LEU F 272 -6.30 -24.25 -30.03
CA LEU F 272 -6.23 -23.99 -28.60
C LEU F 272 -6.22 -25.28 -27.80
N TRP F 273 -5.50 -25.26 -26.68
CA TRP F 273 -5.45 -26.39 -25.76
C TRP F 273 -5.64 -25.86 -24.35
N ILE F 274 -6.72 -26.28 -23.69
CA ILE F 274 -7.03 -25.87 -22.33
C ILE F 274 -7.16 -27.11 -21.48
N GLY F 275 -6.44 -27.13 -20.35
CA GLY F 275 -6.51 -28.26 -19.44
C GLY F 275 -6.18 -27.83 -18.03
N GLY F 276 -6.77 -28.55 -17.08
CA GLY F 276 -6.53 -28.30 -15.67
C GLY F 276 -7.82 -28.12 -14.88
N THR F 277 -7.68 -27.55 -13.69
CA THR F 277 -8.84 -27.29 -12.84
C THR F 277 -9.74 -26.23 -13.45
N ILE F 278 -9.19 -25.39 -14.33
CA ILE F 278 -9.99 -24.37 -14.99
C ILE F 278 -11.05 -25.01 -15.88
N VAL F 279 -10.83 -26.27 -16.28
CA VAL F 279 -11.83 -26.99 -17.07
C VAL F 279 -13.13 -27.13 -16.30
N LYS F 280 -13.03 -27.42 -15.00
CA LYS F 280 -14.22 -27.58 -14.18
C LYS F 280 -15.05 -26.31 -14.16
N ASP F 281 -14.40 -25.16 -14.02
CA ASP F 281 -15.12 -23.89 -14.09
C ASP F 281 -15.69 -23.64 -15.48
N LEU F 282 -14.93 -23.98 -16.51
CA LEU F 282 -15.38 -23.73 -17.88
C LEU F 282 -16.62 -24.53 -18.24
N GLN F 283 -16.67 -25.81 -17.85
CA GLN F 283 -17.81 -26.66 -18.16
C GLN F 283 -19.09 -26.25 -17.46
N GLN F 284 -19.00 -25.42 -16.42
CA GLN F 284 -20.18 -24.96 -15.70
C GLN F 284 -20.73 -23.64 -16.22
N LEU F 285 -20.08 -23.03 -17.21
CA LEU F 285 -20.59 -21.80 -17.79
C LEU F 285 -21.83 -22.09 -18.62
N ASP F 286 -22.78 -21.16 -18.60
CA ASP F 286 -23.99 -21.31 -19.40
C ASP F 286 -23.68 -21.11 -20.87
N ASN F 287 -24.46 -21.80 -21.72
CA ASN F 287 -24.30 -21.78 -23.17
C ASN F 287 -22.92 -22.25 -23.61
N PHE F 288 -22.25 -23.04 -22.77
CA PHE F 288 -20.92 -23.54 -23.13
C PHE F 288 -21.01 -24.54 -24.29
N GLU F 289 -22.12 -25.27 -24.39
CA GLU F 289 -22.27 -26.23 -25.48
C GLU F 289 -22.33 -25.55 -26.84
N SER F 290 -22.90 -24.36 -26.93
CA SER F 290 -23.00 -23.63 -28.19
C SER F 290 -21.85 -22.67 -28.44
N SER F 291 -21.08 -22.34 -27.40
CA SER F 291 -19.97 -21.41 -27.57
C SER F 291 -18.86 -22.05 -28.39
N PRO F 292 -18.12 -21.26 -29.18
CA PRO F 292 -16.97 -21.81 -29.92
C PRO F 292 -15.90 -22.40 -29.02
N LEU F 293 -15.83 -21.96 -27.77
CA LEU F 293 -14.85 -22.52 -26.84
C LEU F 293 -15.06 -24.02 -26.61
N ASN F 294 -16.26 -24.53 -26.89
CA ASN F 294 -16.52 -25.95 -26.68
C ASN F 294 -15.69 -26.83 -27.61
N LYS F 295 -15.58 -26.45 -28.88
CA LYS F 295 -14.92 -27.28 -29.88
C LYS F 295 -13.39 -27.18 -29.81
N ALA F 296 -12.86 -26.53 -28.77
CA ALA F 296 -11.44 -26.53 -28.53
C ALA F 296 -11.03 -27.79 -27.78
N HIS F 297 -9.74 -28.10 -27.82
CA HIS F 297 -9.25 -29.28 -27.12
C HIS F 297 -9.28 -29.05 -25.61
N ILE F 298 -10.28 -29.62 -24.94
CA ILE F 298 -10.47 -29.43 -23.51
C ILE F 298 -10.33 -30.79 -22.84
N TYR F 299 -9.38 -30.90 -21.91
CA TYR F 299 -9.21 -32.10 -21.10
C TYR F 299 -9.06 -31.69 -19.65
N ARG F 300 -9.93 -32.22 -18.78
CA ARG F 300 -9.82 -31.91 -17.36
C ARG F 300 -8.50 -32.43 -16.79
N ASN F 301 -8.10 -33.64 -17.18
CA ASN F 301 -6.81 -34.17 -16.76
C ASN F 301 -5.70 -33.53 -17.58
N ARG F 302 -4.63 -33.11 -16.90
CA ARG F 302 -3.51 -32.47 -17.58
C ARG F 302 -2.72 -33.47 -18.41
N ASN F 303 -2.57 -34.71 -17.92
CA ASN F 303 -1.77 -35.70 -18.61
C ASN F 303 -2.36 -36.04 -19.98
N GLU F 304 -3.69 -36.19 -20.06
CA GLU F 304 -4.32 -36.50 -21.33
C GLU F 304 -4.10 -35.39 -22.35
N MET F 305 -4.28 -34.14 -21.94
CA MET F 305 -4.08 -33.02 -22.85
C MET F 305 -2.63 -32.93 -23.29
N ILE F 306 -1.69 -33.17 -22.37
CA ILE F 306 -0.29 -33.13 -22.73
C ILE F 306 0.06 -34.25 -23.71
N GLU F 307 -0.49 -35.44 -23.51
CA GLU F 307 -0.25 -36.54 -24.44
C GLU F 307 -0.80 -36.20 -25.82
N ALA F 308 -2.01 -35.62 -25.87
CA ALA F 308 -2.59 -35.25 -27.16
C ALA F 308 -1.75 -34.18 -27.85
N LEU F 309 -1.29 -33.17 -27.10
CA LEU F 309 -0.45 -32.14 -27.68
C LEU F 309 0.87 -32.71 -28.19
N LYS F 310 1.45 -33.64 -27.43
CA LYS F 310 2.68 -34.29 -27.86
C LYS F 310 2.45 -35.07 -29.16
N THR F 311 1.34 -35.79 -29.25
CA THR F 311 1.03 -36.52 -30.48
C THR F 311 0.88 -35.56 -31.66
N VAL F 312 0.18 -34.44 -31.45
CA VAL F 312 -0.01 -33.48 -32.52
C VAL F 312 1.33 -32.89 -32.96
N ILE F 313 2.18 -32.53 -32.01
CA ILE F 313 3.48 -31.94 -32.34
C ILE F 313 4.34 -32.95 -33.10
N LYS F 314 4.37 -34.20 -32.63
CA LYS F 314 5.17 -35.22 -33.30
C LYS F 314 4.66 -35.47 -34.72
N ARG F 315 3.34 -35.48 -34.90
CA ARG F 315 2.79 -35.66 -36.25
C ARG F 315 3.16 -34.49 -37.15
N ASP F 316 3.06 -33.26 -36.63
CA ASP F 316 3.30 -32.08 -37.45
C ASP F 316 4.77 -31.91 -37.81
N LEU F 317 5.69 -32.20 -36.89
CA LEU F 317 7.10 -31.99 -37.12
C LEU F 317 7.81 -33.20 -37.70
N GLY F 318 7.09 -34.30 -37.94
CA GLY F 318 7.69 -35.46 -38.57
C GLY F 318 8.63 -36.24 -37.70
N LEU F 319 8.51 -36.14 -36.38
CA LEU F 319 9.38 -36.87 -35.47
C LEU F 319 9.02 -38.36 -35.46
N PRO G 12 -4.87 7.94 -59.03
CA PRO G 12 -4.96 8.85 -57.88
C PRO G 12 -3.78 8.72 -56.95
N ASN G 13 -3.93 9.18 -55.70
CA ASN G 13 -2.87 9.14 -54.69
C ASN G 13 -3.48 8.61 -53.40
N TYR G 14 -3.43 7.30 -53.21
CA TYR G 14 -3.95 6.68 -52.00
C TYR G 14 -2.84 6.41 -51.00
N TYR G 15 -3.15 6.61 -49.73
CA TYR G 15 -2.21 6.35 -48.64
C TYR G 15 -2.92 5.59 -47.54
N LEU G 16 -2.14 4.88 -46.72
CA LEU G 16 -2.65 4.10 -45.60
C LEU G 16 -1.97 4.57 -44.33
N TYR G 17 -2.76 5.01 -43.36
CA TYR G 17 -2.26 5.43 -42.06
C TYR G 17 -2.96 4.64 -40.96
N GLY G 18 -2.23 4.38 -39.88
CA GLY G 18 -2.80 3.62 -38.78
C GLY G 18 -2.07 3.85 -37.49
N THR G 19 -2.80 3.76 -36.39
CA THR G 19 -2.24 3.74 -35.05
C THR G 19 -2.61 2.41 -34.41
N VAL G 20 -1.62 1.69 -33.91
CA VAL G 20 -1.79 0.33 -33.43
C VAL G 20 -1.49 0.27 -31.95
N LEU G 21 -2.27 -0.52 -31.23
CA LEU G 21 -2.08 -0.76 -29.81
C LEU G 21 -1.82 -2.26 -29.58
N THR G 22 -0.88 -2.54 -28.69
CA THR G 22 -0.47 -3.91 -28.41
C THR G 22 -1.15 -4.41 -27.14
N ARG G 23 -0.95 -5.69 -26.85
CA ARG G 23 -1.51 -6.27 -25.64
C ARG G 23 -0.78 -5.76 -24.41
N TYR G 24 -1.21 -6.24 -23.24
CA TYR G 24 -0.60 -5.86 -21.98
C TYR G 24 0.38 -6.93 -21.53
N GLY G 25 1.58 -6.49 -21.18
CA GLY G 25 2.60 -7.42 -20.71
C GLY G 25 3.84 -6.68 -20.29
N LEU G 26 4.78 -7.42 -19.74
CA LEU G 26 6.06 -6.88 -19.29
C LEU G 26 7.00 -6.78 -20.50
N ALA G 27 7.58 -5.59 -20.69
CA ALA G 27 8.41 -5.33 -21.86
C ALA G 27 9.69 -4.63 -21.44
N SER G 28 10.80 -5.06 -22.04
CA SER G 28 12.10 -4.43 -21.87
C SER G 28 12.80 -4.37 -23.23
N LEU G 29 12.08 -3.95 -24.26
CA LEU G 29 12.48 -4.17 -25.65
C LEU G 29 13.51 -3.16 -26.14
N ASN G 30 13.71 -2.04 -25.46
CA ASN G 30 14.55 -1.01 -26.05
C ASN G 30 15.59 -0.48 -25.07
N HIS G 31 16.35 -1.37 -24.45
CA HIS G 31 17.47 -0.97 -23.61
C HIS G 31 18.35 0.04 -24.33
N ASP G 32 18.58 1.18 -23.68
CA ASP G 32 19.49 2.18 -24.20
C ASP G 32 20.88 1.91 -23.64
N ILE G 33 21.80 2.87 -23.81
CA ILE G 33 23.17 2.69 -23.32
C ILE G 33 23.13 2.55 -21.80
N ARG G 34 23.51 1.38 -21.30
CA ARG G 34 23.38 1.06 -19.89
C ARG G 34 24.41 1.83 -19.06
N ARG G 35 24.06 2.06 -17.79
CA ARG G 35 24.94 2.69 -16.83
C ARG G 35 25.21 1.70 -15.70
N GLY G 36 26.47 1.67 -15.24
CA GLY G 36 26.85 0.81 -14.13
C GLY G 36 26.42 -0.64 -14.28
N ASN G 37 25.56 -1.09 -13.38
CA ASN G 37 25.07 -2.46 -13.38
C ASN G 37 23.65 -2.58 -13.91
N LYS G 38 22.92 -1.47 -14.01
CA LYS G 38 21.52 -1.49 -14.41
C LYS G 38 21.41 -1.25 -15.91
N THR G 39 20.59 -2.06 -16.58
CA THR G 39 20.35 -1.93 -18.01
C THR G 39 19.11 -1.08 -18.21
N ILE G 40 19.30 0.24 -18.39
CA ILE G 40 18.18 1.15 -18.56
C ILE G 40 17.53 0.92 -19.91
N LEU G 41 16.20 0.80 -19.91
CA LEU G 41 15.43 0.79 -21.14
C LEU G 41 15.08 2.22 -21.52
N GLN G 42 15.14 2.52 -22.81
CA GLN G 42 15.04 3.90 -23.26
C GLN G 42 13.67 4.49 -22.93
N LYS G 43 13.68 5.73 -22.45
CA LYS G 43 12.45 6.38 -22.01
C LYS G 43 12.57 7.87 -22.25
N GLY G 44 11.41 8.53 -22.32
CA GLY G 44 11.37 9.96 -22.51
C GLY G 44 10.01 10.50 -22.12
N TYR G 45 9.87 11.82 -22.27
CA TYR G 45 8.64 12.47 -21.87
C TYR G 45 7.56 12.34 -22.95
N TRP G 46 6.31 12.48 -22.52
CA TRP G 46 5.15 12.33 -23.39
C TRP G 46 4.00 13.07 -22.70
N ASN G 47 2.77 12.81 -23.14
CA ASN G 47 1.58 13.47 -22.60
C ASN G 47 1.63 13.64 -21.10
N ASN G 48 1.22 14.82 -20.64
CA ASN G 48 1.13 15.22 -19.23
C ASN G 48 2.49 15.37 -18.56
N GLY G 49 3.59 15.23 -19.30
CA GLY G 49 4.90 15.41 -18.71
C GLY G 49 5.45 14.22 -17.96
N LYS G 50 4.77 13.08 -18.03
CA LYS G 50 5.22 11.88 -17.34
C LYS G 50 6.11 11.05 -18.27
N ILE G 51 7.14 10.42 -17.70
CA ILE G 51 8.09 9.67 -18.51
C ILE G 51 7.44 8.39 -19.04
N HIS G 52 7.60 8.15 -20.34
CA HIS G 52 7.09 6.95 -20.98
C HIS G 52 8.24 6.20 -21.62
N SER G 53 8.08 4.89 -21.76
CA SER G 53 9.10 4.04 -22.37
C SER G 53 8.83 3.93 -23.87
N PHE G 54 9.88 4.08 -24.66
CA PHE G 54 9.77 4.11 -26.12
C PHE G 54 10.45 2.88 -26.72
N VAL G 55 9.79 2.29 -27.71
CA VAL G 55 10.41 1.27 -28.55
C VAL G 55 10.57 1.85 -29.94
N GLY G 56 11.80 1.83 -30.45
CA GLY G 56 12.12 2.56 -31.66
C GLY G 56 11.43 1.99 -32.89
N SER G 57 11.20 2.88 -33.86
CA SER G 57 10.57 2.47 -35.11
C SER G 57 11.48 1.58 -35.95
N SER G 58 12.80 1.77 -35.83
CA SER G 58 13.72 0.89 -36.56
C SER G 58 13.54 -0.56 -36.16
N ALA G 59 13.16 -0.82 -34.91
CA ALA G 59 12.92 -2.19 -34.47
C ALA G 59 11.74 -2.80 -35.22
N ILE G 60 10.65 -2.05 -35.37
CA ILE G 60 9.49 -2.57 -36.10
C ILE G 60 9.80 -2.70 -37.58
N ARG G 61 10.61 -1.78 -38.12
CA ARG G 61 11.02 -1.93 -39.52
C ARG G 61 11.84 -3.20 -39.71
N TRP G 62 12.74 -3.49 -38.77
CA TRP G 62 13.49 -4.75 -38.82
C TRP G 62 12.56 -5.94 -38.71
N ALA G 63 11.54 -5.85 -37.86
CA ALA G 63 10.59 -6.95 -37.71
C ALA G 63 9.82 -7.19 -39.00
N LEU G 64 9.41 -6.11 -39.69
CA LEU G 64 8.75 -6.26 -40.98
C LEU G 64 9.68 -6.87 -42.02
N ARG G 65 10.94 -6.43 -42.02
CA ARG G 65 11.93 -7.04 -42.92
C ARG G 65 12.06 -8.53 -42.66
N PHE G 66 12.11 -8.91 -41.38
CA PHE G 66 12.22 -10.33 -41.03
C PHE G 66 10.97 -11.10 -41.45
N TYR G 67 9.80 -10.49 -41.29
CA TYR G 67 8.57 -11.14 -41.74
C TYR G 67 8.60 -11.39 -43.24
N LEU G 68 9.01 -10.38 -44.01
CA LEU G 68 9.08 -10.53 -45.46
C LEU G 68 10.10 -11.58 -45.86
N GLN G 69 11.22 -11.66 -45.11
CA GLN G 69 12.20 -12.70 -45.38
C GLN G 69 11.63 -14.08 -45.09
N LYS G 70 10.91 -14.23 -43.98
CA LYS G 70 10.43 -15.53 -43.57
C LYS G 70 9.30 -16.03 -44.47
N GLN G 71 8.42 -15.14 -44.92
CA GLN G 71 7.28 -15.58 -45.71
C GLN G 71 7.69 -16.08 -47.09
N GLY G 72 8.90 -15.76 -47.53
CA GLY G 72 9.40 -16.29 -48.78
C GLY G 72 9.57 -15.27 -49.88
N TYR G 73 9.31 -14.00 -49.57
CA TYR G 73 9.51 -12.94 -50.55
C TYR G 73 11.00 -12.69 -50.75
N LEU G 74 11.32 -11.96 -51.82
CA LEU G 74 12.70 -11.83 -52.28
C LEU G 74 13.62 -11.28 -51.20
N VAL G 75 13.42 -10.01 -50.81
CA VAL G 75 14.14 -9.37 -49.72
C VAL G 75 15.64 -9.32 -50.02
N ASN G 76 16.14 -8.13 -50.35
CA ASN G 76 17.55 -7.97 -50.67
C ASN G 76 18.45 -8.32 -49.49
N ARG G 77 18.07 -7.89 -48.29
CA ARG G 77 18.87 -8.13 -47.09
C ARG G 77 18.43 -9.43 -46.44
N VAL G 78 19.31 -10.43 -46.45
CA VAL G 78 19.04 -11.71 -45.80
C VAL G 78 19.70 -11.71 -44.44
N TRP G 79 18.93 -12.13 -43.42
CA TRP G 79 19.38 -12.14 -42.03
C TRP G 79 19.68 -13.57 -41.64
N ASP G 80 20.95 -13.91 -41.54
CA ASP G 80 21.37 -15.25 -41.12
C ASP G 80 21.13 -15.37 -39.63
N GLU G 81 20.11 -16.14 -39.24
CA GLU G 81 19.76 -16.27 -37.83
C GLU G 81 20.88 -16.92 -37.04
N GLU G 82 21.50 -17.97 -37.58
CA GLU G 82 22.54 -18.68 -36.84
C GLU G 82 23.81 -17.84 -36.72
N GLU G 83 24.18 -17.16 -37.80
CA GLU G 83 25.36 -16.29 -37.77
C GLU G 83 25.08 -14.94 -37.12
N HIS G 84 23.81 -14.56 -36.95
CA HIS G 84 23.42 -13.25 -36.44
C HIS G 84 24.06 -12.14 -37.27
N ILE G 85 24.12 -12.34 -38.58
CA ILE G 85 24.75 -11.40 -39.50
C ILE G 85 23.77 -11.10 -40.63
N ASN G 86 23.99 -9.97 -41.28
CA ASN G 86 23.16 -9.51 -42.38
C ASN G 86 23.98 -9.55 -43.67
N ARG G 87 23.43 -10.18 -44.70
CA ARG G 87 24.09 -10.31 -45.98
C ARG G 87 23.22 -9.70 -47.08
N LEU G 88 23.87 -9.27 -48.15
CA LEU G 88 23.21 -8.64 -49.28
C LEU G 88 23.20 -9.61 -50.46
N THR G 89 22.01 -9.90 -50.97
CA THR G 89 21.91 -10.79 -52.14
C THR G 89 22.57 -10.17 -53.36
N SER G 90 22.41 -8.87 -53.56
CA SER G 90 23.05 -8.15 -54.65
C SER G 90 23.52 -6.80 -54.14
N GLU G 91 24.73 -6.40 -54.57
CA GLU G 91 25.30 -5.14 -54.09
C GLU G 91 24.51 -3.94 -54.62
N ASP G 92 23.85 -4.10 -55.76
CA ASP G 92 23.07 -3.01 -56.34
C ASP G 92 21.61 -3.15 -55.93
N PHE G 93 21.07 -2.11 -55.30
CA PHE G 93 19.68 -2.14 -54.88
C PHE G 93 18.76 -2.05 -56.10
N ASP G 94 17.77 -2.95 -56.16
CA ASP G 94 16.82 -3.00 -57.27
C ASP G 94 15.42 -2.99 -56.67
N PRO G 95 14.84 -1.81 -56.46
CA PRO G 95 13.48 -1.74 -55.88
C PRO G 95 12.42 -2.43 -56.73
N GLU G 96 12.67 -2.60 -58.03
CA GLU G 96 11.70 -3.30 -58.88
C GLU G 96 11.57 -4.77 -58.46
N LYS G 97 12.68 -5.40 -58.05
CA LYS G 97 12.70 -6.82 -57.78
C LYS G 97 12.62 -7.17 -56.30
N PHE G 98 13.16 -6.34 -55.42
CA PHE G 98 13.27 -6.67 -54.01
C PHE G 98 12.22 -5.93 -53.20
N TYR G 99 11.50 -6.67 -52.34
CA TYR G 99 10.43 -6.07 -51.57
C TYR G 99 10.95 -5.07 -50.54
N ASP G 100 12.03 -5.44 -49.84
CA ASP G 100 12.56 -4.54 -48.81
C ASP G 100 13.11 -3.26 -49.44
N ASP G 101 13.81 -3.38 -50.57
CA ASP G 101 14.29 -2.18 -51.25
C ASP G 101 13.12 -1.34 -51.74
N ASP G 102 12.03 -1.99 -52.17
CA ASP G 102 10.85 -1.26 -52.62
C ASP G 102 10.21 -0.47 -51.48
N ILE G 103 10.08 -1.10 -50.31
CA ILE G 103 9.27 -0.55 -49.23
C ILE G 103 10.11 0.33 -48.30
N PHE G 104 11.13 -0.27 -47.67
CA PHE G 104 11.90 0.42 -46.64
C PHE G 104 12.92 1.40 -47.20
N GLY G 105 13.23 1.33 -48.49
CA GLY G 105 14.23 2.22 -49.07
C GLY G 105 15.64 1.75 -48.77
N PHE G 106 16.60 2.55 -49.26
CA PHE G 106 18.01 2.20 -49.10
C PHE G 106 18.86 3.45 -49.28
N ALA G 107 20.10 3.39 -48.79
CA ALA G 107 21.09 4.44 -49.00
C ALA G 107 22.47 3.82 -48.81
N LEU G 108 23.18 3.59 -49.91
CA LEU G 108 24.46 2.90 -49.87
C LEU G 108 25.63 3.82 -49.54
N LEU G 109 25.61 5.05 -50.06
CA LEU G 109 26.67 6.03 -49.81
C LEU G 109 28.05 5.49 -50.17
N PRO G 133 19.97 3.73 -59.25
CA PRO G 133 20.41 4.95 -58.57
C PRO G 133 21.18 4.66 -57.29
N ASN G 134 21.01 5.52 -56.28
CA ASN G 134 21.71 5.37 -55.01
C ASN G 134 20.78 5.26 -53.81
N GLN G 135 19.65 5.98 -53.83
CA GLN G 135 18.78 6.06 -52.68
C GLN G 135 17.32 6.06 -53.12
N ARG G 136 16.46 5.62 -52.22
CA ARG G 136 15.02 5.62 -52.44
C ARG G 136 14.32 6.22 -51.23
N MET G 137 13.21 6.93 -51.50
CA MET G 137 12.50 7.61 -50.43
C MET G 137 11.93 6.62 -49.42
N GLY G 138 11.37 5.50 -49.91
CA GLY G 138 10.81 4.51 -49.02
C GLY G 138 9.33 4.73 -48.75
N ALA G 139 8.51 3.73 -49.10
CA ALA G 139 7.06 3.89 -48.94
C ALA G 139 6.67 3.89 -47.48
N LEU G 140 7.17 2.94 -46.70
CA LEU G 140 6.77 2.81 -45.30
C LEU G 140 7.40 3.90 -44.46
N GLY G 141 6.56 4.71 -43.82
CA GLY G 141 7.03 5.69 -42.87
C GLY G 141 6.43 5.44 -41.50
N MET G 142 7.26 5.04 -40.55
CA MET G 142 6.81 4.60 -39.24
C MET G 142 7.40 5.49 -38.16
N ASN G 143 6.63 5.66 -37.08
CA ASN G 143 7.04 6.46 -35.94
C ASN G 143 7.34 5.53 -34.77
N MET G 144 7.78 6.11 -33.66
CA MET G 144 8.21 5.32 -32.51
C MET G 144 7.02 4.66 -31.83
N ALA G 145 7.33 3.67 -31.00
CA ALA G 145 6.31 2.95 -30.23
C ALA G 145 6.35 3.45 -28.79
N VAL G 146 5.36 4.26 -28.42
CA VAL G 146 5.28 4.86 -27.11
C VAL G 146 4.53 3.92 -26.17
N SER G 147 4.76 4.09 -24.87
CA SER G 147 4.04 3.32 -23.87
C SER G 147 2.79 4.07 -23.45
N LEU G 148 1.65 3.39 -23.51
CA LEU G 148 0.38 4.04 -23.19
C LEU G 148 0.34 4.51 -21.73
N THR G 149 1.02 3.79 -20.84
CA THR G 149 1.05 4.06 -19.41
C THR G 149 2.41 4.62 -19.02
N PRO G 150 2.46 5.66 -18.20
CA PRO G 150 3.75 6.24 -17.79
C PRO G 150 4.60 5.23 -17.04
N TYR G 151 5.92 5.40 -17.15
CA TYR G 151 6.88 4.47 -16.59
C TYR G 151 7.20 4.87 -15.15
N ASP G 152 6.83 4.00 -14.20
CA ASP G 152 7.08 4.31 -12.79
C ASP G 152 8.56 4.19 -12.45
N GLY G 153 9.23 3.16 -12.96
CA GLY G 153 10.62 2.93 -12.65
C GLY G 153 10.91 1.55 -12.13
N ALA G 154 10.00 0.60 -12.38
CA ALA G 154 10.18 -0.76 -11.90
C ALA G 154 11.44 -1.39 -12.46
N VAL G 155 12.18 -2.09 -11.61
CA VAL G 155 13.44 -2.73 -11.99
C VAL G 155 13.42 -4.17 -11.50
N LYS G 156 14.24 -5.00 -12.14
CA LYS G 156 14.36 -6.42 -11.83
C LYS G 156 15.81 -6.78 -11.63
N LEU G 157 16.09 -7.52 -10.55
CA LEU G 157 17.45 -7.96 -10.25
C LEU G 157 17.69 -9.36 -10.82
N GLY G 158 18.81 -9.52 -11.49
CA GLY G 158 19.24 -10.83 -11.97
C GLY G 158 20.67 -11.10 -11.51
N ALA G 159 20.91 -12.34 -11.11
CA ALA G 159 22.20 -12.71 -10.55
C ALA G 159 22.60 -14.10 -11.03
N LYS G 160 23.88 -14.28 -11.32
CA LYS G 160 24.39 -15.58 -11.71
C LYS G 160 24.37 -16.52 -10.51
N SER G 161 23.92 -17.76 -10.73
CA SER G 161 23.81 -18.72 -9.65
C SER G 161 25.18 -19.26 -9.25
N GLY G 162 25.21 -19.92 -8.10
CA GLY G 162 26.42 -20.55 -7.61
C GLY G 162 27.14 -19.67 -6.61
N ARG G 163 27.86 -20.32 -5.69
CA ARG G 163 28.66 -19.59 -4.72
C ARG G 163 29.84 -18.87 -5.35
N GLU G 164 30.37 -19.38 -6.45
CA GLU G 164 31.45 -18.72 -7.18
C GLU G 164 30.89 -17.47 -7.84
N LYS G 165 31.20 -16.31 -7.27
CA LYS G 165 30.65 -15.04 -7.72
C LYS G 165 31.76 -14.13 -8.21
N ASP G 166 31.55 -13.51 -9.37
CA ASP G 166 32.55 -12.65 -9.99
C ASP G 166 31.93 -11.28 -10.26
N SER G 167 32.64 -10.43 -11.00
CA SER G 167 32.12 -9.09 -11.28
C SER G 167 30.80 -9.15 -12.03
N THR G 168 30.62 -10.16 -12.89
CA THR G 168 29.39 -10.33 -13.66
C THR G 168 28.35 -11.16 -12.92
N SER G 169 28.39 -11.19 -11.59
CA SER G 169 27.47 -12.05 -10.84
C SER G 169 26.04 -11.53 -10.91
N LEU G 170 25.80 -10.33 -10.38
CA LEU G 170 24.45 -9.79 -10.27
C LEU G 170 24.29 -8.58 -11.17
N HIS G 171 23.04 -8.34 -11.59
CA HIS G 171 22.74 -7.24 -12.50
C HIS G 171 21.27 -6.85 -12.33
N PHE G 172 20.95 -5.65 -12.77
CA PHE G 172 19.58 -5.14 -12.72
C PHE G 172 19.10 -4.84 -14.13
N THR G 173 17.89 -5.30 -14.44
CA THR G 173 17.27 -5.06 -15.73
C THR G 173 15.96 -4.31 -15.52
N GLU G 174 15.81 -3.18 -16.20
CA GLU G 174 14.60 -2.38 -16.11
C GLU G 174 13.54 -2.95 -17.04
N TYR G 175 12.29 -2.98 -16.57
CA TYR G 175 11.18 -3.51 -17.32
C TYR G 175 9.97 -2.60 -17.15
N HIS G 176 8.98 -2.79 -18.01
CA HIS G 176 7.78 -1.98 -17.99
C HIS G 176 6.59 -2.84 -18.38
N ALA G 177 5.49 -2.71 -17.63
CA ALA G 177 4.26 -3.45 -17.89
C ALA G 177 3.28 -2.47 -18.54
N THR G 178 3.19 -2.51 -19.87
CA THR G 178 2.46 -1.49 -20.61
C THR G 178 1.97 -2.06 -21.93
N ARG G 179 0.95 -1.41 -22.48
CA ARG G 179 0.59 -1.57 -23.87
C ARG G 179 1.34 -0.53 -24.69
N TYR G 180 1.90 -0.97 -25.81
CA TYR G 180 2.71 -0.09 -26.66
C TYR G 180 1.91 0.34 -27.89
N GLN G 181 2.15 1.57 -28.31
CA GLN G 181 1.37 2.21 -29.38
C GLN G 181 2.32 2.92 -30.33
N TYR G 182 2.25 2.58 -31.61
CA TYR G 182 3.08 3.24 -32.61
C TYR G 182 2.24 3.63 -33.81
N TYR G 183 2.73 4.63 -34.54
CA TYR G 183 2.06 5.20 -35.68
C TYR G 183 2.89 4.98 -36.94
N PHE G 184 2.22 4.59 -38.02
CA PHE G 184 2.88 4.33 -39.29
C PHE G 184 2.06 4.88 -40.43
N GLY G 185 2.75 5.21 -41.52
CA GLY G 185 2.10 5.74 -42.70
C GLY G 185 2.82 5.33 -43.97
N ILE G 186 2.08 4.77 -44.93
CA ILE G 186 2.65 4.28 -46.17
C ILE G 186 1.98 4.96 -47.34
N ASP G 187 2.69 5.03 -48.46
CA ASP G 187 2.21 5.66 -49.68
C ASP G 187 2.02 4.57 -50.72
N ALA G 188 0.76 4.25 -51.02
CA ALA G 188 0.46 3.18 -51.97
C ALA G 188 1.02 3.49 -53.36
N THR G 189 0.87 4.74 -53.80
CA THR G 189 1.37 5.12 -55.12
C THR G 189 2.87 4.98 -55.21
N HIS G 190 3.60 5.31 -54.15
CA HIS G 190 5.05 5.28 -54.17
C HIS G 190 5.63 3.89 -54.33
N LEU G 191 4.86 2.84 -54.04
CA LEU G 191 5.34 1.48 -54.22
C LEU G 191 5.59 1.21 -55.70
N LYS G 192 6.75 0.62 -56.00
CA LYS G 192 7.06 0.27 -57.39
C LYS G 192 6.08 -0.77 -57.91
N ASP G 193 5.75 -1.76 -57.09
CA ASP G 193 4.69 -2.71 -57.38
C ASP G 193 3.58 -2.51 -56.36
N PHE G 194 2.37 -2.23 -56.85
CA PHE G 194 1.26 -1.89 -55.95
C PHE G 194 0.80 -3.10 -55.15
N SER G 195 1.06 -4.32 -55.64
CA SER G 195 0.65 -5.52 -54.93
C SER G 195 1.44 -5.74 -53.65
N ARG G 196 2.54 -5.00 -53.46
CA ARG G 196 3.38 -5.18 -52.29
C ARG G 196 2.73 -4.64 -51.01
N ILE G 197 1.61 -3.93 -51.11
CA ILE G 197 0.96 -3.40 -49.92
C ILE G 197 0.31 -4.52 -49.11
N LEU G 198 -0.13 -5.58 -49.79
CA LEU G 198 -0.78 -6.69 -49.08
C LEU G 198 0.18 -7.39 -48.11
N PRO G 199 1.38 -7.82 -48.51
CA PRO G 199 2.27 -8.48 -47.53
C PRO G 199 2.64 -7.60 -46.36
N MET G 200 2.76 -6.29 -46.57
CA MET G 200 3.10 -5.40 -45.46
C MET G 200 1.97 -5.33 -44.44
N ILE G 201 0.72 -5.30 -44.90
CA ILE G 201 -0.41 -5.34 -43.99
C ILE G 201 -0.45 -6.66 -43.24
N ASP G 202 -0.23 -7.77 -43.97
CA ASP G 202 -0.21 -9.08 -43.32
C ASP G 202 0.88 -9.14 -42.26
N GLY G 203 2.05 -8.56 -42.56
CA GLY G 203 3.12 -8.52 -41.59
C GLY G 203 2.80 -7.68 -40.38
N ILE G 204 2.15 -6.53 -40.58
CA ILE G 204 1.76 -5.71 -39.44
C ILE G 204 0.81 -6.47 -38.54
N MET G 205 -0.16 -7.17 -39.14
CA MET G 205 -1.11 -7.94 -38.33
C MET G 205 -0.46 -9.20 -37.76
N ASN G 206 0.63 -9.66 -38.36
CA ASN G 206 1.33 -10.85 -37.87
C ASN G 206 2.79 -10.51 -37.60
N LEU G 207 3.02 -9.44 -36.87
CA LEU G 207 4.38 -8.94 -36.67
C LEU G 207 5.20 -9.95 -35.88
N PRO G 208 6.36 -10.37 -36.40
CA PRO G 208 7.24 -11.23 -35.61
C PRO G 208 7.82 -10.51 -34.40
N LYS G 209 8.75 -11.14 -33.70
CA LYS G 209 9.30 -10.54 -32.49
C LYS G 209 9.93 -9.19 -32.80
N VAL G 210 9.63 -8.21 -31.97
CA VAL G 210 10.28 -6.91 -32.03
C VAL G 210 11.50 -6.95 -31.12
N GLY G 211 12.64 -6.49 -31.64
CA GLY G 211 13.90 -6.55 -30.93
C GLY G 211 13.82 -6.17 -29.48
N GLY G 212 14.18 -7.10 -28.60
CA GLY G 212 14.12 -6.89 -27.17
C GLY G 212 14.86 -7.96 -26.40
N SER G 213 14.36 -8.31 -25.22
CA SER G 213 14.96 -9.37 -24.40
C SER G 213 13.91 -10.48 -24.23
N SER G 214 13.85 -11.38 -25.21
CA SER G 214 12.81 -12.41 -25.19
C SER G 214 13.06 -13.49 -24.16
N ASN G 215 14.29 -13.63 -23.68
CA ASN G 215 14.60 -14.65 -22.68
C ASN G 215 13.80 -14.40 -21.41
N ILE G 216 13.87 -13.19 -20.87
CA ILE G 216 13.26 -12.89 -19.58
C ILE G 216 12.07 -11.94 -19.70
N PHE G 217 11.89 -11.23 -20.81
CA PHE G 217 10.70 -10.42 -21.04
C PHE G 217 10.24 -10.66 -22.48
N ASN G 218 9.45 -11.70 -22.67
CA ASN G 218 8.96 -12.06 -24.00
C ASN G 218 7.64 -11.31 -24.21
N TYR G 219 7.71 -10.19 -24.89
CA TYR G 219 6.57 -9.30 -25.06
C TYR G 219 6.03 -9.43 -26.46
N PRO G 220 4.85 -10.03 -26.66
CA PRO G 220 4.28 -10.11 -28.01
C PRO G 220 3.83 -8.74 -28.49
N PHE G 221 4.23 -8.40 -29.71
CA PHE G 221 3.89 -7.12 -30.32
C PHE G 221 2.71 -7.24 -31.29
N CYS G 222 1.98 -8.35 -31.23
CA CYS G 222 0.86 -8.54 -32.13
C CYS G 222 -0.23 -7.51 -31.84
N PRO G 223 -0.84 -6.92 -32.87
CA PRO G 223 -1.88 -5.92 -32.64
C PRO G 223 -3.11 -6.53 -31.97
N ASP G 224 -3.76 -5.72 -31.15
CA ASP G 224 -5.05 -6.07 -30.56
C ASP G 224 -6.08 -4.96 -30.67
N SER G 225 -5.74 -3.83 -31.29
CA SER G 225 -6.70 -2.75 -31.54
C SER G 225 -6.10 -1.82 -32.59
N LEU G 226 -6.78 -1.68 -33.72
CA LEU G 226 -6.30 -0.85 -34.82
C LEU G 226 -7.21 0.34 -35.05
N VAL G 227 -6.63 1.40 -35.60
CA VAL G 227 -7.37 2.53 -36.15
C VAL G 227 -6.73 2.86 -37.49
N PHE G 228 -7.33 2.39 -38.57
CA PHE G 228 -6.75 2.49 -39.90
C PHE G 228 -7.53 3.49 -40.75
N GLN G 229 -6.79 4.26 -41.56
CA GLN G 229 -7.38 5.25 -42.45
C GLN G 229 -6.81 5.02 -43.85
N TRP G 230 -7.68 4.91 -44.84
CA TRP G 230 -7.31 4.64 -46.22
C TRP G 230 -7.99 5.70 -47.09
N THR G 231 -7.29 6.81 -47.33
CA THR G 231 -7.87 7.97 -47.99
C THR G 231 -6.95 8.46 -49.10
N ASN G 232 -7.52 9.31 -49.96
CA ASN G 232 -6.76 9.93 -51.03
C ASN G 232 -6.12 11.25 -50.61
N HIS G 233 -6.74 11.99 -49.70
CA HIS G 233 -6.10 13.13 -49.07
C HIS G 233 -5.00 12.64 -48.14
N PHE G 234 -4.03 13.50 -47.86
CA PHE G 234 -2.97 13.05 -46.96
C PHE G 234 -3.35 13.27 -45.49
N ALA G 235 -4.08 14.33 -45.18
CA ALA G 235 -4.27 14.75 -43.79
C ALA G 235 -4.72 13.60 -42.91
N SER G 236 -4.00 13.38 -41.82
CA SER G 236 -4.20 12.25 -40.94
C SER G 236 -4.48 12.74 -39.53
N TYR G 237 -5.56 12.25 -38.93
CA TYR G 237 -5.96 12.67 -37.59
C TYR G 237 -6.20 11.46 -36.71
N ILE G 238 -5.38 10.42 -36.89
CA ILE G 238 -5.45 9.21 -36.10
C ILE G 238 -4.12 8.89 -35.42
N SER G 239 -3.19 9.83 -35.41
CA SER G 239 -1.88 9.60 -34.83
C SER G 239 -1.97 9.62 -33.30
N TYR G 240 -1.68 8.48 -32.69
CA TYR G 240 -1.71 8.32 -31.23
C TYR G 240 -3.07 8.70 -30.67
N CYS G 241 -4.09 7.96 -31.11
CA CYS G 241 -5.47 8.20 -30.71
C CYS G 241 -5.92 7.33 -29.55
N PHE G 242 -4.98 6.86 -28.74
CA PHE G 242 -5.28 5.97 -27.62
C PHE G 242 -4.84 6.63 -26.32
N GLU G 243 -5.64 6.45 -25.27
CA GLU G 243 -5.37 7.04 -23.97
C GLU G 243 -5.78 6.07 -22.87
N TYR G 244 -5.15 6.21 -21.71
CA TYR G 244 -5.40 5.34 -20.58
C TYR G 244 -6.51 5.91 -19.70
N CYS G 245 -7.34 5.02 -19.15
CA CYS G 245 -8.37 5.45 -18.21
C CYS G 245 -7.76 5.83 -16.87
N ASP G 246 -6.82 5.03 -16.37
CA ASP G 246 -6.17 5.26 -15.10
C ASP G 246 -4.66 5.18 -15.30
N PRO G 247 -3.88 5.97 -14.55
CA PRO G 247 -2.43 6.03 -14.83
C PRO G 247 -1.71 4.69 -14.68
N LYS G 248 -2.25 3.74 -13.92
CA LYS G 248 -1.64 2.41 -13.80
C LYS G 248 -2.76 1.39 -13.99
N SER G 249 -3.01 1.00 -15.23
CA SER G 249 -4.10 0.09 -15.53
C SER G 249 -3.98 -0.40 -16.96
N LYS G 250 -4.62 -1.53 -17.23
CA LYS G 250 -4.77 -2.04 -18.60
C LYS G 250 -6.22 -1.84 -19.00
N GLU G 251 -6.52 -0.62 -19.47
CA GLU G 251 -7.87 -0.25 -19.89
C GLU G 251 -7.93 0.12 -21.36
N ALA G 252 -7.07 1.04 -21.81
CA ALA G 252 -6.87 1.35 -23.22
C ALA G 252 -8.16 1.80 -23.90
N LYS G 253 -8.66 2.94 -23.46
CA LYS G 253 -9.83 3.54 -24.09
C LYS G 253 -9.40 4.46 -25.22
N LEU G 254 -10.34 4.72 -26.14
CA LEU G 254 -10.08 5.64 -27.23
C LEU G 254 -9.96 7.07 -26.72
N SER G 255 -9.09 7.85 -27.34
CA SER G 255 -8.88 9.22 -26.90
C SER G 255 -10.10 10.08 -27.20
N GLN G 256 -10.28 11.11 -26.38
CA GLN G 256 -11.42 12.02 -26.57
C GLN G 256 -11.26 12.85 -27.83
N GLU G 257 -10.02 13.23 -28.16
CA GLU G 257 -9.79 14.08 -29.32
C GLU G 257 -10.21 13.40 -30.61
N PHE G 258 -9.88 12.12 -30.77
CA PHE G 258 -10.23 11.40 -31.99
C PHE G 258 -11.74 11.28 -32.16
N ILE G 259 -12.45 10.90 -31.09
CA ILE G 259 -13.89 10.77 -31.16
C ILE G 259 -14.53 12.12 -31.45
N ASP G 260 -14.04 13.17 -30.77
CA ASP G 260 -14.59 14.51 -30.98
C ASP G 260 -14.37 14.98 -32.40
N GLU G 261 -13.20 14.71 -32.96
CA GLU G 261 -12.92 15.10 -34.35
C GLU G 261 -13.79 14.33 -35.32
N VAL G 262 -14.07 13.06 -35.05
CA VAL G 262 -15.01 12.33 -35.88
C VAL G 262 -16.41 12.94 -35.77
N GLU G 263 -16.78 13.39 -34.57
CA GLU G 263 -18.07 14.05 -34.39
C GLU G 263 -18.16 15.35 -35.20
N CYS G 264 -17.08 16.13 -35.20
CA CYS G 264 -17.17 17.51 -35.68
C CYS G 264 -17.45 17.56 -37.18
N GLY G 265 -16.93 16.61 -37.95
CA GLY G 265 -17.24 16.58 -39.38
C GLY G 265 -16.12 16.15 -40.30
N GLN G 266 -14.87 16.31 -39.88
CA GLN G 266 -13.75 15.84 -40.69
C GLN G 266 -13.61 14.33 -40.53
N ILE G 267 -12.49 13.81 -41.05
CA ILE G 267 -12.09 12.40 -40.99
C ILE G 267 -13.31 11.51 -41.27
N ASP G 268 -13.62 11.34 -42.55
CA ASP G 268 -14.87 10.73 -42.97
C ASP G 268 -14.99 9.31 -42.42
N PRO G 269 -16.12 8.97 -41.78
CA PRO G 269 -16.27 7.61 -41.24
C PRO G 269 -16.16 6.52 -42.29
N SER G 270 -16.54 6.81 -43.53
CA SER G 270 -16.42 5.83 -44.60
C SER G 270 -14.97 5.42 -44.86
N LYS G 271 -14.01 6.29 -44.53
CA LYS G 271 -12.60 5.99 -44.70
C LYS G 271 -11.94 5.55 -43.39
N LEU G 272 -12.72 5.36 -42.33
CA LEU G 272 -12.21 4.94 -41.04
C LEU G 272 -12.30 3.43 -40.90
N TRP G 273 -11.29 2.84 -40.26
CA TRP G 273 -11.25 1.40 -40.03
C TRP G 273 -10.74 1.17 -38.62
N ILE G 274 -11.64 0.75 -37.73
CA ILE G 274 -11.32 0.49 -36.34
C ILE G 274 -11.65 -0.96 -36.03
N GLY G 275 -10.70 -1.67 -35.45
CA GLY G 275 -10.93 -3.05 -35.06
C GLY G 275 -10.09 -3.40 -33.85
N GLY G 276 -10.53 -4.43 -33.13
CA GLY G 276 -9.82 -4.91 -31.97
C GLY G 276 -10.64 -4.84 -30.69
N THR G 277 -9.91 -4.75 -29.57
CA THR G 277 -10.56 -4.75 -28.27
C THR G 277 -11.30 -3.45 -28.00
N ILE G 278 -10.88 -2.36 -28.66
CA ILE G 278 -11.52 -1.06 -28.44
C ILE G 278 -12.93 -1.06 -29.02
N VAL G 279 -13.26 -2.04 -29.88
CA VAL G 279 -14.59 -2.11 -30.46
C VAL G 279 -15.64 -2.32 -29.38
N LYS G 280 -15.33 -3.17 -28.39
CA LYS G 280 -16.26 -3.40 -27.30
C LYS G 280 -16.53 -2.11 -26.52
N ASP G 281 -15.47 -1.37 -26.19
CA ASP G 281 -15.65 -0.14 -25.44
C ASP G 281 -16.42 0.89 -26.25
N LEU G 282 -16.16 0.97 -27.56
CA LEU G 282 -16.93 1.87 -28.41
C LEU G 282 -18.40 1.49 -28.45
N GLN G 283 -18.71 0.20 -28.55
CA GLN G 283 -20.09 -0.27 -28.58
C GLN G 283 -20.80 -0.12 -27.24
N GLN G 284 -20.07 -0.07 -26.12
CA GLN G 284 -20.67 0.18 -24.83
C GLN G 284 -20.85 1.66 -24.52
N LEU G 285 -20.40 2.55 -25.40
CA LEU G 285 -20.60 3.97 -25.18
C LEU G 285 -22.07 4.34 -25.36
N ASP G 286 -22.48 5.38 -24.64
CA ASP G 286 -23.85 5.89 -24.79
C ASP G 286 -24.02 6.54 -26.15
N ASN G 287 -25.28 6.61 -26.60
CA ASN G 287 -25.71 7.20 -27.86
C ASN G 287 -24.85 6.79 -29.05
N PHE G 288 -24.26 5.58 -29.00
CA PHE G 288 -23.36 5.15 -30.06
C PHE G 288 -24.09 4.98 -31.38
N GLU G 289 -25.36 4.56 -31.35
CA GLU G 289 -26.12 4.36 -32.57
C GLU G 289 -26.44 5.67 -33.28
N SER G 290 -26.27 6.81 -32.63
CA SER G 290 -26.50 8.11 -33.25
C SER G 290 -25.23 8.84 -33.64
N SER G 291 -24.10 8.51 -33.01
CA SER G 291 -22.86 9.21 -33.31
C SER G 291 -22.34 8.81 -34.69
N PRO G 292 -21.56 9.69 -35.33
CA PRO G 292 -20.93 9.32 -36.61
C PRO G 292 -20.02 8.12 -36.53
N LEU G 293 -19.55 7.75 -35.32
CA LEU G 293 -18.77 6.53 -35.18
C LEU G 293 -19.56 5.30 -35.63
N ASN G 294 -20.90 5.36 -35.59
CA ASN G 294 -21.71 4.20 -35.96
C ASN G 294 -21.50 3.81 -37.42
N LYS G 295 -21.43 4.81 -38.32
CA LYS G 295 -21.34 4.56 -39.75
C LYS G 295 -19.89 4.41 -40.23
N ALA G 296 -18.99 3.99 -39.34
CA ALA G 296 -17.61 3.73 -39.70
C ALA G 296 -17.33 2.23 -39.64
N HIS G 297 -16.35 1.79 -40.41
CA HIS G 297 -16.01 0.37 -40.46
C HIS G 297 -15.44 -0.09 -39.13
N ILE G 298 -16.25 -0.80 -38.35
CA ILE G 298 -15.84 -1.32 -37.05
C ILE G 298 -16.08 -2.82 -37.03
N TYR G 299 -15.06 -3.58 -36.64
CA TYR G 299 -15.17 -5.03 -36.58
C TYR G 299 -14.52 -5.52 -35.29
N ARG G 300 -15.24 -6.35 -34.54
CA ARG G 300 -14.68 -6.95 -33.35
C ARG G 300 -13.49 -7.83 -33.69
N ASN G 301 -13.65 -8.72 -34.66
CA ASN G 301 -12.55 -9.56 -35.12
C ASN G 301 -11.63 -8.77 -36.03
N ARG G 302 -10.33 -8.78 -35.72
CA ARG G 302 -9.38 -8.00 -36.51
C ARG G 302 -9.20 -8.60 -37.90
N ASN G 303 -9.28 -9.92 -38.02
CA ASN G 303 -9.09 -10.58 -39.31
C ASN G 303 -10.17 -10.15 -40.30
N GLU G 304 -11.42 -10.02 -39.85
CA GLU G 304 -12.49 -9.59 -40.74
C GLU G 304 -12.27 -8.16 -41.24
N MET G 305 -11.88 -7.26 -40.33
CA MET G 305 -11.62 -5.89 -40.73
C MET G 305 -10.45 -5.81 -41.71
N ILE G 306 -9.43 -6.63 -41.46
CA ILE G 306 -8.28 -6.68 -42.38
C ILE G 306 -8.69 -7.19 -43.74
N GLU G 307 -9.54 -8.24 -43.77
CA GLU G 307 -10.02 -8.74 -45.06
C GLU G 307 -10.81 -7.69 -45.81
N ALA G 308 -11.69 -6.96 -45.10
CA ALA G 308 -12.47 -5.92 -45.76
C ALA G 308 -11.58 -4.80 -46.28
N LEU G 309 -10.61 -4.36 -45.48
CA LEU G 309 -9.71 -3.31 -45.93
C LEU G 309 -8.86 -3.76 -47.11
N LYS G 310 -8.41 -5.01 -47.09
CA LYS G 310 -7.64 -5.54 -48.21
C LYS G 310 -8.49 -5.62 -49.48
N THR G 311 -9.75 -6.02 -49.36
CA THR G 311 -10.64 -6.03 -50.52
C THR G 311 -10.82 -4.61 -51.06
N VAL G 312 -11.01 -3.64 -50.17
CA VAL G 312 -11.16 -2.25 -50.60
C VAL G 312 -9.91 -1.77 -51.33
N ILE G 313 -8.73 -2.08 -50.77
CA ILE G 313 -7.48 -1.65 -51.37
C ILE G 313 -7.29 -2.29 -52.75
N LYS G 314 -7.57 -3.59 -52.85
CA LYS G 314 -7.42 -4.28 -54.13
C LYS G 314 -8.40 -3.74 -55.17
N ARG G 315 -9.59 -3.34 -54.74
CA ARG G 315 -10.54 -2.72 -55.66
C ARG G 315 -10.06 -1.34 -56.09
N ASP G 316 -9.46 -0.58 -55.16
CA ASP G 316 -9.07 0.79 -55.46
C ASP G 316 -7.86 0.85 -56.38
N LEU G 317 -6.89 -0.04 -56.15
CA LEU G 317 -5.64 0.00 -56.90
C LEU G 317 -5.62 -0.96 -58.08
N GLY G 318 -6.75 -1.56 -58.43
CA GLY G 318 -6.80 -2.45 -59.58
C GLY G 318 -5.94 -3.69 -59.45
N LEU G 319 -6.02 -4.36 -58.29
CA LEU G 319 -5.25 -5.58 -58.07
C LEU G 319 -6.15 -6.80 -58.00
N PRO H 12 -6.84 47.17 -55.43
CA PRO H 12 -7.28 46.74 -54.11
C PRO H 12 -6.52 45.52 -53.62
N ASN H 13 -5.45 45.75 -52.85
CA ASN H 13 -4.64 44.65 -52.37
C ASN H 13 -5.43 43.76 -51.42
N TYR H 14 -5.23 42.45 -51.55
CA TYR H 14 -5.83 41.47 -50.65
C TYR H 14 -4.76 40.49 -50.23
N TYR H 15 -4.72 40.21 -48.92
CA TYR H 15 -3.74 39.28 -48.35
C TYR H 15 -4.46 38.18 -47.61
N LEU H 16 -3.74 37.11 -47.32
CA LEU H 16 -4.24 36.01 -46.51
C LEU H 16 -3.11 35.52 -45.62
N TYR H 17 -3.14 35.92 -44.35
CA TYR H 17 -2.16 35.49 -43.37
C TYR H 17 -2.76 34.36 -42.55
N GLY H 18 -1.88 33.57 -41.93
CA GLY H 18 -2.36 32.45 -41.14
C GLY H 18 -1.35 31.82 -40.22
N THR H 19 -1.76 31.59 -38.98
CA THR H 19 -0.97 30.85 -38.00
C THR H 19 -1.60 29.48 -37.82
N VAL H 20 -0.82 28.44 -38.07
CA VAL H 20 -1.32 27.07 -38.11
C VAL H 20 -0.51 26.22 -37.14
N LEU H 21 -1.21 25.45 -36.31
CA LEU H 21 -0.60 24.58 -35.32
C LEU H 21 -0.87 23.12 -35.68
N THR H 22 0.19 22.33 -35.73
CA THR H 22 0.11 20.93 -36.09
C THR H 22 -0.25 20.08 -34.86
N ARG H 23 -0.34 18.77 -35.08
CA ARG H 23 -0.71 17.85 -34.03
C ARG H 23 0.44 17.58 -33.08
N TYR H 24 0.21 16.70 -32.10
CA TYR H 24 1.25 16.27 -31.17
C TYR H 24 1.82 14.95 -31.66
N GLY H 25 3.15 14.88 -31.78
CA GLY H 25 3.78 13.67 -32.26
C GLY H 25 5.28 13.75 -32.09
N LEU H 26 5.94 12.67 -32.51
CA LEU H 26 7.38 12.55 -32.41
C LEU H 26 8.03 12.97 -33.72
N ALA H 27 8.91 13.97 -33.65
CA ALA H 27 9.44 14.59 -34.85
C ALA H 27 10.94 14.80 -34.74
N SER H 28 11.65 14.52 -35.83
CA SER H 28 13.06 14.84 -36.00
C SER H 28 13.28 15.43 -37.39
N LEU H 29 12.44 16.41 -37.74
CA LEU H 29 12.25 16.77 -39.13
C LEU H 29 13.54 17.28 -39.77
N ASN H 30 13.99 18.46 -39.37
CA ASN H 30 14.94 19.15 -40.23
C ASN H 30 16.38 18.68 -39.99
N HIS H 31 16.80 18.64 -38.73
CA HIS H 31 18.19 18.32 -38.37
C HIS H 31 19.17 19.36 -38.89
N ASP H 32 20.43 19.20 -38.53
CA ASP H 32 21.52 20.03 -39.03
C ASP H 32 22.77 19.16 -39.11
N ILE H 33 23.94 19.80 -39.27
CA ILE H 33 25.18 19.04 -39.43
C ILE H 33 25.47 18.21 -38.19
N ARG H 34 25.80 16.94 -38.41
CA ARG H 34 26.06 16.00 -37.33
C ARG H 34 27.45 16.21 -36.74
N ARG H 35 27.70 15.54 -35.62
CA ARG H 35 28.96 15.60 -34.90
C ARG H 35 29.61 14.23 -34.77
N GLY H 36 29.61 13.46 -35.85
CA GLY H 36 30.08 12.09 -35.79
C GLY H 36 29.02 11.21 -35.16
N ASN H 37 28.79 11.39 -33.87
CA ASN H 37 27.60 10.87 -33.22
C ASN H 37 26.53 11.94 -33.21
N LYS H 38 25.27 11.51 -33.08
CA LYS H 38 24.11 12.41 -32.96
C LYS H 38 23.80 13.11 -34.27
N THR H 39 22.52 13.20 -34.61
CA THR H 39 22.03 14.02 -35.71
C THR H 39 21.22 15.14 -35.08
N ILE H 40 21.88 16.27 -34.83
CA ILE H 40 21.27 17.33 -34.04
C ILE H 40 20.11 17.95 -34.82
N LEU H 41 18.91 17.86 -34.24
CA LEU H 41 17.82 18.71 -34.67
C LEU H 41 18.19 20.16 -34.39
N GLN H 42 18.11 21.02 -35.40
CA GLN H 42 18.51 22.41 -35.21
C GLN H 42 17.53 23.08 -34.26
N LYS H 43 18.03 24.03 -33.48
CA LYS H 43 17.22 24.68 -32.48
C LYS H 43 17.77 26.07 -32.20
N GLY H 44 16.94 26.90 -31.61
CA GLY H 44 17.34 28.26 -31.28
C GLY H 44 16.39 28.80 -30.24
N TYR H 45 16.71 30.00 -29.78
CA TYR H 45 15.96 30.57 -28.68
C TYR H 45 14.60 31.07 -29.16
N TRP H 46 13.69 31.19 -28.20
CA TRP H 46 12.31 31.60 -28.47
C TRP H 46 11.84 32.38 -27.23
N ASN H 47 10.53 32.48 -27.06
CA ASN H 47 9.96 33.20 -25.93
C ASN H 47 10.53 32.69 -24.62
N ASN H 48 10.92 33.63 -23.75
CA ASN H 48 11.54 33.39 -22.46
C ASN H 48 12.94 32.80 -22.56
N GLY H 49 13.49 32.69 -23.76
CA GLY H 49 14.83 32.17 -23.93
C GLY H 49 14.95 30.66 -23.93
N LYS H 50 13.84 29.95 -23.79
CA LYS H 50 13.88 28.49 -23.83
C LYS H 50 14.14 28.02 -25.25
N ILE H 51 14.91 26.95 -25.37
CA ILE H 51 15.34 26.46 -26.67
C ILE H 51 14.23 25.60 -27.28
N HIS H 52 13.81 25.96 -28.49
CA HIS H 52 12.79 25.23 -29.21
C HIS H 52 13.36 24.69 -30.52
N SER H 53 12.86 23.53 -30.95
CA SER H 53 13.29 22.95 -32.21
C SER H 53 12.58 23.63 -33.37
N PHE H 54 13.33 23.91 -34.43
CA PHE H 54 12.81 24.64 -35.58
C PHE H 54 12.67 23.72 -36.79
N VAL H 55 11.91 24.20 -37.77
CA VAL H 55 11.82 23.60 -39.09
C VAL H 55 11.96 24.72 -40.10
N GLY H 56 12.93 24.59 -41.00
CA GLY H 56 13.26 25.69 -41.89
C GLY H 56 12.09 26.09 -42.77
N SER H 57 12.06 27.37 -43.13
CA SER H 57 11.02 27.86 -44.02
C SER H 57 11.11 27.20 -45.39
N SER H 58 12.34 27.05 -45.89
CA SER H 58 12.54 26.38 -47.16
C SER H 58 11.99 24.97 -47.15
N ALA H 59 11.97 24.32 -45.98
CA ALA H 59 11.38 22.98 -45.87
C ALA H 59 9.90 23.01 -46.22
N ILE H 60 9.15 23.95 -45.63
CA ILE H 60 7.71 24.02 -45.89
C ILE H 60 7.45 24.49 -47.32
N ARG H 61 8.27 25.40 -47.83
CA ARG H 61 8.11 25.79 -49.24
C ARG H 61 8.37 24.62 -50.17
N TRP H 62 9.37 23.79 -49.86
CA TRP H 62 9.61 22.58 -50.63
C TRP H 62 8.43 21.62 -50.54
N ALA H 63 7.82 21.52 -49.37
CA ALA H 63 6.64 20.67 -49.20
C ALA H 63 5.48 21.16 -50.07
N LEU H 64 5.26 22.47 -50.11
CA LEU H 64 4.21 23.01 -50.97
C LEU H 64 4.53 22.80 -52.45
N ARG H 65 5.80 22.97 -52.83
CA ARG H 65 6.19 22.70 -54.22
C ARG H 65 5.91 21.25 -54.58
N PHE H 66 6.25 20.33 -53.68
CA PHE H 66 5.99 18.91 -53.93
C PHE H 66 4.50 18.64 -54.02
N TYR H 67 3.69 19.29 -53.18
CA TYR H 67 2.25 19.12 -53.26
C TYR H 67 1.73 19.59 -54.62
N LEU H 68 2.19 20.77 -55.06
CA LEU H 68 1.73 21.30 -56.34
C LEU H 68 2.12 20.40 -57.49
N GLN H 69 3.33 19.83 -57.43
CA GLN H 69 3.78 18.94 -58.49
C GLN H 69 3.02 17.62 -58.46
N LYS H 70 2.64 17.14 -57.27
CA LYS H 70 2.01 15.82 -57.15
C LYS H 70 0.61 15.78 -57.75
N GLN H 71 -0.07 16.92 -57.86
CA GLN H 71 -1.45 16.96 -58.35
C GLN H 71 -1.52 17.96 -59.50
N GLY H 72 -1.16 17.51 -60.70
CA GLY H 72 -1.19 18.39 -61.87
C GLY H 72 -0.42 19.66 -61.61
N TYR H 73 -1.04 20.80 -61.95
CA TYR H 73 -0.58 22.12 -61.52
C TYR H 73 0.87 22.36 -61.96
N LEU H 74 1.04 22.43 -63.28
CA LEU H 74 2.33 22.47 -63.97
C LEU H 74 3.40 23.22 -63.17
N VAL H 75 4.54 22.57 -62.95
CA VAL H 75 5.62 23.11 -62.15
C VAL H 75 6.87 23.20 -63.02
N ASN H 76 7.51 24.38 -63.02
CA ASN H 76 8.79 24.52 -63.70
C ASN H 76 9.89 23.72 -63.01
N ARG H 77 9.91 23.72 -61.68
CA ARG H 77 10.95 23.06 -60.88
C ARG H 77 10.43 21.68 -60.48
N VAL H 78 10.52 20.73 -61.39
CA VAL H 78 10.06 19.37 -61.13
C VAL H 78 11.09 18.63 -60.30
N TRP H 79 10.62 17.81 -59.37
CA TRP H 79 11.48 17.05 -58.47
C TRP H 79 11.50 15.59 -58.90
N ASP H 80 12.66 15.13 -59.37
CA ASP H 80 12.82 13.74 -59.79
C ASP H 80 12.94 12.87 -58.55
N GLU H 81 11.87 12.15 -58.22
CA GLU H 81 11.87 11.30 -57.04
C GLU H 81 12.91 10.19 -57.15
N GLU H 82 13.06 9.61 -58.34
CA GLU H 82 14.00 8.52 -58.52
C GLU H 82 15.43 8.97 -58.29
N GLU H 83 15.80 10.14 -58.83
CA GLU H 83 17.17 10.62 -58.76
C GLU H 83 17.42 11.53 -57.56
N HIS H 84 16.38 11.93 -56.84
CA HIS H 84 16.50 12.88 -55.73
C HIS H 84 17.25 14.14 -56.15
N ILE H 85 16.79 14.71 -57.25
CA ILE H 85 17.39 15.92 -57.83
C ILE H 85 16.26 16.80 -58.36
N ASN H 86 16.60 18.07 -58.59
CA ASN H 86 15.64 19.06 -59.06
C ASN H 86 15.98 19.43 -60.50
N ARG H 87 15.13 19.00 -61.43
CA ARG H 87 15.26 19.34 -62.84
C ARG H 87 14.36 20.52 -63.15
N LEU H 88 14.83 21.40 -64.05
CA LEU H 88 14.12 22.63 -64.37
C LEU H 88 13.69 22.57 -65.84
N THR H 89 12.38 22.66 -66.07
CA THR H 89 11.82 22.41 -67.41
C THR H 89 12.19 23.54 -68.38
N SER H 90 11.96 24.79 -67.97
CA SER H 90 12.14 25.93 -68.86
C SER H 90 13.02 26.95 -68.17
N GLU H 91 14.25 27.13 -68.66
CA GLU H 91 15.21 28.00 -68.00
C GLU H 91 14.73 29.44 -67.95
N ASP H 92 13.87 29.84 -68.88
CA ASP H 92 13.23 31.16 -68.83
C ASP H 92 11.94 31.00 -68.06
N PHE H 93 11.94 31.47 -66.81
CA PHE H 93 10.78 31.30 -65.95
C PHE H 93 9.58 32.07 -66.49
N ASP H 94 8.41 31.43 -66.46
CA ASP H 94 7.18 32.00 -66.99
C ASP H 94 6.12 31.92 -65.90
N PRO H 95 6.04 32.93 -65.04
CA PRO H 95 5.04 32.90 -63.96
C PRO H 95 3.60 32.84 -64.45
N GLU H 96 3.31 33.34 -65.64
CA GLU H 96 1.95 33.28 -66.17
C GLU H 96 1.50 31.85 -66.44
N LYS H 97 2.43 30.90 -66.53
CA LYS H 97 2.11 29.51 -66.82
C LYS H 97 2.42 28.58 -65.66
N PHE H 98 3.64 28.63 -65.12
CA PHE H 98 4.03 27.72 -64.05
C PHE H 98 3.53 28.22 -62.71
N TYR H 99 2.90 27.31 -61.95
CA TYR H 99 2.37 27.66 -60.64
C TYR H 99 3.49 28.04 -59.68
N ASP H 100 4.60 27.29 -59.70
CA ASP H 100 5.69 27.53 -58.76
C ASP H 100 6.34 28.90 -58.96
N ASP H 101 6.57 29.29 -60.22
CA ASP H 101 7.11 30.63 -60.46
C ASP H 101 6.08 31.72 -60.12
N ASP H 102 4.79 31.40 -60.24
CA ASP H 102 3.77 32.37 -59.86
C ASP H 102 3.76 32.59 -58.35
N ILE H 103 3.90 31.52 -57.58
CA ILE H 103 3.79 31.62 -56.12
C ILE H 103 5.13 31.88 -55.47
N PHE H 104 6.03 30.90 -55.53
CA PHE H 104 7.30 30.98 -54.84
C PHE H 104 8.30 31.88 -55.54
N GLY H 105 8.03 32.29 -56.77
CA GLY H 105 8.94 33.16 -57.49
C GLY H 105 10.14 32.42 -58.01
N PHE H 106 11.14 33.21 -58.43
CA PHE H 106 12.37 32.66 -58.97
C PHE H 106 13.45 33.73 -58.86
N ALA H 107 14.68 33.34 -59.19
CA ALA H 107 15.81 34.25 -59.22
C ALA H 107 16.69 33.93 -60.40
N LEU H 108 17.39 34.95 -60.89
CA LEU H 108 18.27 34.79 -62.05
C LEU H 108 19.44 35.75 -61.91
N LEU H 109 20.37 35.66 -62.84
CA LEU H 109 21.56 36.48 -62.84
C LEU H 109 21.21 37.94 -63.12
N PRO H 133 10.86 38.48 -66.11
CA PRO H 133 12.12 39.04 -66.62
C PRO H 133 13.32 38.65 -65.77
N ASN H 134 13.94 39.64 -65.12
CA ASN H 134 15.13 39.36 -64.33
C ASN H 134 14.80 38.50 -63.12
N GLN H 135 13.79 38.87 -62.35
CA GLN H 135 13.44 38.16 -61.14
C GLN H 135 11.97 38.39 -60.83
N ARG H 136 11.47 37.68 -59.83
CA ARG H 136 10.08 37.83 -59.38
C ARG H 136 10.01 37.44 -57.92
N MET H 137 9.66 38.39 -57.06
CA MET H 137 9.51 38.10 -55.65
C MET H 137 8.39 37.08 -55.44
N GLY H 138 8.66 36.07 -54.63
CA GLY H 138 7.65 35.06 -54.37
C GLY H 138 6.42 35.66 -53.71
N ALA H 139 5.25 35.23 -54.17
CA ALA H 139 3.98 35.68 -53.62
C ALA H 139 3.61 34.96 -52.33
N LEU H 140 4.56 34.22 -51.75
CA LEU H 140 4.32 33.48 -50.52
C LEU H 140 5.51 33.69 -49.59
N GLY H 141 5.23 34.03 -48.34
CA GLY H 141 6.26 34.15 -47.34
C GLY H 141 5.85 33.49 -46.04
N MET H 142 6.63 32.52 -45.57
CA MET H 142 6.33 31.80 -44.35
C MET H 142 7.56 31.75 -43.45
N ASN H 143 7.35 32.01 -42.17
CA ASN H 143 8.42 31.86 -41.17
C ASN H 143 8.74 30.38 -40.96
N MET H 144 9.82 30.14 -40.22
CA MET H 144 10.19 28.77 -39.89
C MET H 144 9.30 28.23 -38.77
N ALA H 145 8.97 26.95 -38.86
CA ALA H 145 8.11 26.33 -37.86
C ALA H 145 8.81 26.26 -36.51
N VAL H 146 8.04 26.37 -35.44
CA VAL H 146 8.57 26.40 -34.09
C VAL H 146 7.84 25.35 -33.25
N SER H 147 8.61 24.54 -32.53
CA SER H 147 8.02 23.60 -31.59
C SER H 147 7.35 24.37 -30.45
N LEU H 148 6.07 24.06 -30.21
CA LEU H 148 5.30 24.81 -29.23
C LEU H 148 5.85 24.66 -27.82
N THR H 149 6.59 23.58 -27.54
CA THR H 149 7.14 23.32 -26.22
C THR H 149 8.66 23.37 -26.26
N PRO H 150 9.31 23.86 -25.21
CA PRO H 150 10.78 23.91 -25.21
C PRO H 150 11.40 22.53 -25.37
N TYR H 151 12.59 22.51 -25.96
CA TYR H 151 13.25 21.26 -26.27
C TYR H 151 14.04 20.76 -25.07
N ASP H 152 13.85 19.49 -24.76
CA ASP H 152 14.63 18.79 -23.74
C ASP H 152 15.53 17.78 -24.41
N GLY H 153 16.65 17.48 -23.76
CA GLY H 153 17.59 16.52 -24.32
C GLY H 153 16.95 15.16 -24.50
N ALA H 154 16.64 14.81 -25.75
CA ALA H 154 16.05 13.52 -26.09
C ALA H 154 16.81 12.96 -27.28
N VAL H 155 17.20 11.69 -27.22
CA VAL H 155 17.88 11.09 -28.36
C VAL H 155 17.46 9.64 -28.56
N LYS H 156 17.84 9.06 -29.69
CA LYS H 156 17.48 7.67 -29.97
C LYS H 156 18.69 6.84 -30.37
N LEU H 157 18.97 5.78 -29.61
CA LEU H 157 20.08 4.89 -29.96
C LEU H 157 19.79 4.28 -31.31
N GLY H 158 20.82 3.91 -32.05
CA GLY H 158 20.58 3.41 -33.39
C GLY H 158 21.53 2.34 -33.90
N ALA H 159 22.09 1.52 -33.02
CA ALA H 159 23.00 0.47 -33.44
C ALA H 159 22.30 -0.50 -34.38
N LYS H 160 22.96 -0.80 -35.50
CA LYS H 160 22.36 -1.63 -36.54
C LYS H 160 22.58 -3.11 -36.22
N SER H 161 21.56 -3.91 -36.49
CA SER H 161 21.58 -5.34 -36.17
C SER H 161 22.68 -6.07 -36.94
N GLY H 162 23.37 -6.98 -36.26
CA GLY H 162 24.41 -7.77 -36.88
C GLY H 162 25.47 -8.20 -35.88
N ARG H 163 25.97 -9.44 -36.02
CA ARG H 163 27.04 -9.89 -35.15
C ARG H 163 28.29 -9.03 -35.32
N GLU H 164 28.65 -8.73 -36.56
CA GLU H 164 29.81 -7.86 -36.82
C GLU H 164 29.40 -6.44 -36.43
N LYS H 165 30.25 -5.78 -35.65
CA LYS H 165 29.99 -4.43 -35.19
C LYS H 165 31.12 -3.53 -35.66
N ASP H 166 30.99 -3.04 -36.88
CA ASP H 166 31.95 -2.11 -37.45
C ASP H 166 31.46 -0.68 -37.21
N SER H 167 32.06 0.28 -37.91
CA SER H 167 31.68 1.68 -37.73
C SER H 167 30.32 1.92 -38.39
N THR H 168 29.91 3.19 -38.47
CA THR H 168 28.61 3.57 -39.01
C THR H 168 27.48 2.90 -38.24
N SER H 169 27.76 2.56 -36.98
CA SER H 169 26.76 2.02 -36.07
C SER H 169 26.74 2.89 -34.81
N LEU H 170 25.74 2.65 -33.97
CA LEU H 170 25.45 3.52 -32.83
C LEU H 170 25.24 4.97 -33.29
N HIS H 171 24.26 5.15 -34.17
CA HIS H 171 23.90 6.51 -34.49
C HIS H 171 22.87 7.02 -33.49
N PHE H 172 22.84 8.34 -33.32
CA PHE H 172 21.96 8.98 -32.36
C PHE H 172 21.09 9.98 -33.11
N THR H 173 19.78 9.90 -32.90
CA THR H 173 18.82 10.76 -33.58
C THR H 173 18.08 11.57 -32.52
N GLU H 174 18.43 12.84 -32.41
CA GLU H 174 17.73 13.73 -31.48
C GLU H 174 16.32 13.99 -31.99
N TYR H 175 15.34 13.71 -31.14
CA TYR H 175 13.93 13.82 -31.51
C TYR H 175 13.22 14.73 -30.53
N HIS H 176 11.96 15.02 -30.84
CA HIS H 176 11.19 15.96 -30.05
C HIS H 176 9.72 15.57 -30.11
N ALA H 177 9.06 15.55 -28.96
CA ALA H 177 7.64 15.20 -28.86
C ALA H 177 6.87 16.47 -28.53
N THR H 178 6.54 17.24 -29.56
CA THR H 178 5.87 18.52 -29.40
C THR H 178 4.93 18.73 -30.58
N ARG H 179 4.31 19.91 -30.63
CA ARG H 179 3.55 20.36 -31.78
C ARG H 179 4.31 21.50 -32.45
N TYR H 180 4.21 21.57 -33.77
CA TYR H 180 4.90 22.58 -34.55
C TYR H 180 3.91 23.60 -35.07
N GLN H 181 4.24 24.88 -34.91
CA GLN H 181 3.37 25.98 -35.30
C GLN H 181 4.15 26.93 -36.19
N TYR H 182 3.62 27.19 -37.39
CA TYR H 182 4.29 28.05 -38.35
C TYR H 182 3.31 29.05 -38.92
N TYR H 183 3.84 30.17 -39.41
CA TYR H 183 3.05 31.31 -39.85
C TYR H 183 3.39 31.63 -41.30
N PHE H 184 2.37 31.90 -42.10
CA PHE H 184 2.56 32.20 -43.52
C PHE H 184 1.70 33.39 -43.90
N GLY H 185 2.08 34.02 -45.01
CA GLY H 185 1.32 35.11 -45.56
C GLY H 185 1.45 35.21 -47.07
N ILE H 186 0.33 35.37 -47.77
CA ILE H 186 0.32 35.46 -49.23
C ILE H 186 -0.38 36.74 -49.65
N ASP H 187 0.23 37.49 -50.56
CA ASP H 187 -0.44 38.58 -51.25
C ASP H 187 -1.15 38.00 -52.48
N ALA H 188 -2.47 37.78 -52.36
CA ALA H 188 -3.22 37.23 -53.48
C ALA H 188 -3.19 38.16 -54.69
N THR H 189 -3.08 39.47 -54.44
CA THR H 189 -3.01 40.43 -55.53
C THR H 189 -1.76 40.23 -56.39
N HIS H 190 -0.62 39.95 -55.75
CA HIS H 190 0.62 39.76 -56.48
C HIS H 190 0.59 38.56 -57.40
N LEU H 191 -0.34 37.63 -57.20
CA LEU H 191 -0.43 36.46 -58.05
C LEU H 191 -0.77 36.86 -59.49
N LYS H 192 -0.11 36.22 -60.45
CA LYS H 192 -0.44 36.46 -61.85
C LYS H 192 -1.81 35.90 -62.19
N ASP H 193 -2.15 34.74 -61.64
CA ASP H 193 -3.48 34.16 -61.78
C ASP H 193 -4.14 34.14 -60.41
N PHE H 194 -5.23 34.87 -60.27
CA PHE H 194 -5.86 35.01 -58.95
C PHE H 194 -6.52 33.72 -58.50
N SER H 195 -6.71 32.76 -59.41
CA SER H 195 -7.32 31.50 -59.04
C SER H 195 -6.33 30.54 -58.40
N ARG H 196 -5.06 30.90 -58.34
CA ARG H 196 -4.05 30.00 -57.78
C ARG H 196 -4.01 30.04 -56.26
N ILE H 197 -4.78 30.92 -55.62
CA ILE H 197 -4.83 30.95 -54.17
C ILE H 197 -5.45 29.67 -53.61
N LEU H 198 -6.49 29.15 -54.28
CA LEU H 198 -7.17 27.97 -53.77
C LEU H 198 -6.29 26.73 -53.70
N PRO H 199 -5.53 26.36 -54.76
CA PRO H 199 -4.65 25.20 -54.62
C PRO H 199 -3.66 25.33 -53.48
N MET H 200 -3.19 26.55 -53.20
CA MET H 200 -2.32 26.74 -52.04
C MET H 200 -3.06 26.46 -50.74
N ILE H 201 -4.34 26.82 -50.68
CA ILE H 201 -5.14 26.51 -49.48
C ILE H 201 -5.25 25.01 -49.31
N ASP H 202 -5.55 24.29 -50.40
CA ASP H 202 -5.62 22.83 -50.29
C ASP H 202 -4.26 22.24 -49.90
N GLY H 203 -3.17 22.81 -50.41
CA GLY H 203 -1.86 22.32 -50.08
C GLY H 203 -1.49 22.54 -48.62
N ILE H 204 -1.79 23.72 -48.10
CA ILE H 204 -1.50 23.99 -46.70
C ILE H 204 -2.38 23.13 -45.80
N MET H 205 -3.65 22.93 -46.19
CA MET H 205 -4.50 22.02 -45.43
C MET H 205 -3.98 20.58 -45.50
N ASN H 206 -3.76 20.09 -46.71
CA ASN H 206 -3.18 18.76 -46.92
C ASN H 206 -1.68 18.87 -47.24
N LEU H 207 -0.90 19.32 -46.27
CA LEU H 207 0.54 19.40 -46.46
C LEU H 207 1.12 17.99 -46.51
N PRO H 208 1.75 17.59 -47.61
CA PRO H 208 2.18 16.19 -47.73
C PRO H 208 3.25 15.79 -46.72
N LYS H 209 4.41 16.44 -46.75
CA LYS H 209 5.49 16.01 -45.87
C LYS H 209 6.54 17.10 -45.81
N VAL H 210 6.91 17.52 -44.60
CA VAL H 210 8.10 18.34 -44.42
C VAL H 210 9.31 17.42 -44.39
N GLY H 211 10.38 17.83 -45.07
CA GLY H 211 11.57 17.00 -45.19
C GLY H 211 12.11 16.53 -43.85
N GLY H 212 11.97 15.24 -43.58
CA GLY H 212 12.38 14.73 -42.29
C GLY H 212 12.51 13.22 -42.30
N SER H 213 12.93 12.69 -41.16
CA SER H 213 13.22 11.27 -41.03
C SER H 213 11.89 10.51 -40.97
N SER H 214 11.23 10.44 -42.12
CA SER H 214 9.97 9.70 -42.21
C SER H 214 10.18 8.22 -41.93
N ASN H 215 11.39 7.72 -42.19
CA ASN H 215 11.67 6.31 -41.93
C ASN H 215 11.64 6.00 -40.44
N ILE H 216 12.16 6.91 -39.62
CA ILE H 216 12.21 6.73 -38.17
C ILE H 216 11.10 7.48 -37.46
N PHE H 217 10.80 8.70 -37.90
CA PHE H 217 9.84 9.58 -37.23
C PHE H 217 8.88 10.12 -38.29
N ASN H 218 7.80 9.38 -38.54
CA ASN H 218 6.78 9.83 -39.49
C ASN H 218 5.88 10.82 -38.77
N TYR H 219 6.16 12.10 -38.96
CA TYR H 219 5.42 13.15 -38.27
C TYR H 219 4.49 13.85 -39.26
N PRO H 220 3.18 13.66 -39.17
CA PRO H 220 2.26 14.39 -40.05
C PRO H 220 2.28 15.88 -39.74
N PHE H 221 2.06 16.68 -40.78
CA PHE H 221 2.07 18.13 -40.65
C PHE H 221 0.74 18.76 -41.01
N CYS H 222 -0.34 17.98 -41.02
CA CYS H 222 -1.66 18.54 -41.29
C CYS H 222 -2.07 19.45 -40.14
N PRO H 223 -2.79 20.53 -40.43
CA PRO H 223 -3.21 21.45 -39.36
C PRO H 223 -4.15 20.79 -38.37
N ASP H 224 -4.03 21.21 -37.11
CA ASP H 224 -4.96 20.83 -36.06
C ASP H 224 -5.73 22.02 -35.50
N SER H 225 -5.25 23.24 -35.72
CA SER H 225 -5.94 24.45 -35.26
C SER H 225 -5.42 25.61 -36.09
N LEU H 226 -6.33 26.37 -36.69
CA LEU H 226 -5.99 27.41 -37.64
C LEU H 226 -6.41 28.78 -37.11
N VAL H 227 -5.64 29.80 -37.49
CA VAL H 227 -6.01 31.19 -37.27
C VAL H 227 -5.73 31.90 -38.59
N PHE H 228 -6.75 32.06 -39.42
CA PHE H 228 -6.63 32.72 -40.70
C PHE H 228 -7.24 34.12 -40.65
N GLN H 229 -6.73 34.99 -41.51
CA GLN H 229 -7.30 36.33 -41.65
C GLN H 229 -7.11 36.76 -43.11
N TRP H 230 -8.21 37.18 -43.73
CA TRP H 230 -8.21 37.63 -45.11
C TRP H 230 -8.57 39.11 -45.10
N THR H 231 -7.55 39.95 -45.20
CA THR H 231 -7.75 41.39 -45.06
C THR H 231 -6.98 42.14 -46.14
N ASN H 232 -7.41 43.36 -46.43
CA ASN H 232 -6.67 44.26 -47.29
C ASN H 232 -5.57 45.00 -46.54
N HIS H 233 -5.48 44.82 -45.23
CA HIS H 233 -4.41 45.45 -44.46
C HIS H 233 -3.11 44.67 -44.61
N PHE H 234 -2.00 45.41 -44.67
CA PHE H 234 -0.69 44.77 -44.86
C PHE H 234 -0.21 44.05 -43.61
N ALA H 235 -0.56 44.53 -42.43
CA ALA H 235 -0.07 43.98 -41.17
C ALA H 235 -1.17 43.18 -40.49
N SER H 236 -0.86 41.92 -40.17
CA SER H 236 -1.76 41.05 -39.41
C SER H 236 -1.06 40.65 -38.12
N TYR H 237 -1.68 40.96 -37.00
CA TYR H 237 -1.07 40.73 -35.69
C TYR H 237 -1.47 39.37 -35.13
N ILE H 238 -1.32 38.33 -35.95
CA ILE H 238 -1.71 36.97 -35.56
C ILE H 238 -0.58 36.00 -35.87
N SER H 239 0.65 36.50 -35.92
CA SER H 239 1.77 35.70 -36.42
C SER H 239 1.95 34.41 -35.61
N TYR H 240 2.07 34.53 -34.29
CA TYR H 240 2.23 33.36 -33.43
C TYR H 240 1.28 33.50 -32.25
N CYS H 241 0.06 32.98 -32.42
CA CYS H 241 -0.98 33.09 -31.40
C CYS H 241 -1.13 31.82 -30.58
N PHE H 242 -0.73 30.67 -31.11
CA PHE H 242 -0.73 29.44 -30.31
C PHE H 242 0.50 29.39 -29.42
N GLU H 243 0.28 29.36 -28.12
CA GLU H 243 1.38 29.28 -27.16
C GLU H 243 0.85 28.66 -25.88
N TYR H 244 1.55 27.66 -25.39
CA TYR H 244 1.18 27.04 -24.12
C TYR H 244 2.33 26.97 -23.13
N CYS H 245 3.57 26.82 -23.63
CA CYS H 245 4.70 26.47 -22.78
C CYS H 245 4.32 25.27 -21.93
N ASP H 246 4.38 25.41 -20.60
CA ASP H 246 4.01 24.36 -19.67
C ASP H 246 4.68 23.06 -20.10
N PRO H 247 5.99 22.93 -19.88
CA PRO H 247 6.78 21.94 -20.64
C PRO H 247 6.21 20.54 -20.58
N LYS H 248 6.36 19.82 -21.70
CA LYS H 248 5.86 18.46 -21.87
C LYS H 248 4.35 18.38 -21.65
N SER H 249 3.62 19.07 -22.52
CA SER H 249 2.16 19.09 -22.45
C SER H 249 1.61 19.45 -23.83
N LYS H 250 0.30 19.22 -24.01
CA LYS H 250 -0.33 19.35 -25.31
C LYS H 250 -1.57 20.24 -25.33
N GLU H 251 -1.89 20.93 -24.23
CA GLU H 251 -3.13 21.69 -24.20
C GLU H 251 -3.18 22.74 -25.29
N ALA H 252 -2.07 23.46 -25.50
CA ALA H 252 -1.93 24.41 -26.61
C ALA H 252 -3.06 25.45 -26.62
N LYS H 253 -3.16 26.16 -25.50
CA LYS H 253 -4.14 27.23 -25.39
C LYS H 253 -3.75 28.40 -26.29
N LEU H 254 -4.74 29.22 -26.61
CA LEU H 254 -4.46 30.46 -27.33
C LEU H 254 -3.73 31.44 -26.43
N SER H 255 -2.69 32.08 -26.95
CA SER H 255 -1.87 32.95 -26.14
C SER H 255 -2.68 34.14 -25.63
N GLN H 256 -2.37 34.58 -24.41
CA GLN H 256 -3.12 35.66 -23.79
C GLN H 256 -2.98 36.96 -24.59
N GLU H 257 -1.79 37.23 -25.12
CA GLU H 257 -1.56 38.47 -25.84
C GLU H 257 -2.44 38.58 -27.08
N PHE H 258 -2.65 37.47 -27.78
CA PHE H 258 -3.55 37.49 -28.94
C PHE H 258 -4.97 37.88 -28.53
N ILE H 259 -5.45 37.30 -27.42
CA ILE H 259 -6.79 37.62 -26.94
C ILE H 259 -6.89 39.08 -26.52
N ASP H 260 -5.85 39.59 -25.83
CA ASP H 260 -5.86 40.99 -25.45
C ASP H 260 -5.86 41.90 -26.67
N GLU H 261 -5.09 41.54 -27.71
CA GLU H 261 -5.07 42.32 -28.93
C GLU H 261 -6.43 42.31 -29.61
N VAL H 262 -7.12 41.16 -29.60
CA VAL H 262 -8.47 41.10 -30.16
C VAL H 262 -9.42 41.99 -29.37
N GLU H 263 -9.33 41.93 -28.03
CA GLU H 263 -10.22 42.73 -27.19
C GLU H 263 -9.92 44.23 -27.30
N CYS H 264 -8.70 44.60 -27.68
CA CYS H 264 -8.31 46.01 -27.70
C CYS H 264 -9.16 46.81 -28.68
N GLY H 265 -9.42 46.25 -29.86
CA GLY H 265 -10.16 46.96 -30.88
C GLY H 265 -9.55 46.79 -32.25
N GLN H 266 -8.22 46.66 -32.30
CA GLN H 266 -7.54 46.32 -33.53
C GLN H 266 -7.74 44.84 -33.85
N ILE H 267 -7.03 44.38 -34.89
CA ILE H 267 -7.10 43.02 -35.41
C ILE H 267 -8.56 42.59 -35.49
N ASP H 268 -9.28 43.14 -36.46
CA ASP H 268 -10.73 43.12 -36.49
C ASP H 268 -11.27 41.69 -36.47
N PRO H 269 -12.13 41.34 -35.51
CA PRO H 269 -12.67 39.98 -35.45
C PRO H 269 -13.46 39.57 -36.69
N SER H 270 -14.05 40.52 -37.42
CA SER H 270 -14.83 40.17 -38.59
C SER H 270 -13.95 39.51 -39.65
N LYS H 271 -12.69 39.89 -39.74
CA LYS H 271 -11.77 39.29 -40.70
C LYS H 271 -11.08 38.04 -40.15
N LEU H 272 -11.25 37.74 -38.87
CA LEU H 272 -10.62 36.56 -38.29
C LEU H 272 -11.36 35.29 -38.72
N TRP H 273 -10.60 34.19 -38.75
CA TRP H 273 -11.16 32.86 -39.02
C TRP H 273 -10.47 31.89 -38.08
N ILE H 274 -11.21 31.34 -37.12
CA ILE H 274 -10.66 30.43 -36.12
C ILE H 274 -11.27 29.06 -36.34
N GLY H 275 -10.41 28.05 -36.48
CA GLY H 275 -10.87 26.69 -36.71
C GLY H 275 -9.88 25.68 -36.18
N GLY H 276 -10.41 24.52 -35.82
CA GLY H 276 -9.60 23.45 -35.28
C GLY H 276 -10.05 23.00 -33.91
N THR H 277 -9.11 22.36 -33.20
CA THR H 277 -9.41 21.87 -31.85
C THR H 277 -9.43 23.00 -30.84
N ILE H 278 -8.81 24.14 -31.16
CA ILE H 278 -8.80 25.28 -30.25
C ILE H 278 -10.20 25.86 -30.10
N VAL H 279 -11.10 25.56 -31.04
CA VAL H 279 -12.47 26.03 -30.97
C VAL H 279 -13.16 25.49 -29.72
N LYS H 280 -12.86 24.23 -29.36
CA LYS H 280 -13.44 23.66 -28.15
C LYS H 280 -13.06 24.46 -26.91
N ASP H 281 -11.77 24.75 -26.77
CA ASP H 281 -11.30 25.52 -25.62
C ASP H 281 -11.87 26.93 -25.63
N LEU H 282 -11.99 27.54 -26.82
CA LEU H 282 -12.61 28.86 -26.91
C LEU H 282 -14.06 28.83 -26.46
N GLN H 283 -14.82 27.80 -26.86
CA GLN H 283 -16.21 27.69 -26.44
C GLN H 283 -16.35 27.31 -24.98
N GLN H 284 -15.33 26.72 -24.38
CA GLN H 284 -15.34 26.47 -22.94
C GLN H 284 -14.86 27.66 -22.13
N LEU H 285 -14.41 28.74 -22.78
CA LEU H 285 -14.00 29.93 -22.06
C LEU H 285 -15.21 30.66 -21.51
N ASP H 286 -15.08 31.17 -20.28
CA ASP H 286 -16.14 31.97 -19.68
C ASP H 286 -16.28 33.31 -20.39
N ASN H 287 -17.51 33.81 -20.45
CA ASN H 287 -17.89 35.07 -21.08
C ASN H 287 -17.58 35.10 -22.57
N PHE H 288 -17.26 33.96 -23.18
CA PHE H 288 -16.93 33.94 -24.60
C PHE H 288 -18.13 34.34 -25.47
N GLU H 289 -19.35 34.06 -25.00
CA GLU H 289 -20.54 34.44 -25.75
C GLU H 289 -20.70 35.95 -25.86
N SER H 290 -20.05 36.72 -24.99
CA SER H 290 -20.10 38.17 -25.05
C SER H 290 -18.79 38.82 -25.47
N SER H 291 -17.71 38.05 -25.58
CA SER H 291 -16.43 38.62 -25.96
C SER H 291 -16.44 38.98 -27.45
N PRO H 292 -15.62 39.96 -27.86
CA PRO H 292 -15.52 40.27 -29.29
C PRO H 292 -15.03 39.10 -30.13
N LEU H 293 -14.31 38.15 -29.52
CA LEU H 293 -13.88 36.96 -30.26
C LEU H 293 -15.06 36.11 -30.71
N ASN H 294 -16.24 36.29 -30.09
CA ASN H 294 -17.41 35.51 -30.49
C ASN H 294 -17.84 35.78 -31.92
N LYS H 295 -17.79 37.05 -32.35
CA LYS H 295 -18.28 37.44 -33.67
C LYS H 295 -17.24 37.20 -34.76
N ALA H 296 -16.25 36.35 -34.51
CA ALA H 296 -15.31 35.94 -35.54
C ALA H 296 -15.75 34.62 -36.15
N HIS H 297 -15.39 34.41 -37.41
CA HIS H 297 -15.74 33.17 -38.09
C HIS H 297 -15.09 31.99 -37.38
N ILE H 298 -15.92 31.16 -36.76
CA ILE H 298 -15.46 30.09 -35.88
C ILE H 298 -16.17 28.80 -36.26
N TYR H 299 -15.39 27.76 -36.55
CA TYR H 299 -15.94 26.46 -36.89
C TYR H 299 -15.06 25.37 -36.29
N ARG H 300 -15.71 24.37 -35.67
CA ARG H 300 -14.96 23.19 -35.24
C ARG H 300 -14.44 22.41 -36.44
N ASN H 301 -15.28 22.23 -37.46
CA ASN H 301 -14.88 21.46 -38.62
C ASN H 301 -13.93 22.28 -39.47
N ARG H 302 -12.77 21.70 -39.79
CA ARG H 302 -11.77 22.40 -40.59
C ARG H 302 -12.25 22.62 -42.03
N ASN H 303 -12.91 21.61 -42.61
CA ASN H 303 -13.35 21.72 -43.99
C ASN H 303 -14.43 22.78 -44.17
N GLU H 304 -15.31 22.94 -43.17
CA GLU H 304 -16.30 24.01 -43.24
C GLU H 304 -15.64 25.37 -43.21
N MET H 305 -14.64 25.55 -42.35
CA MET H 305 -13.79 26.74 -42.38
C MET H 305 -13.21 27.00 -43.76
N ILE H 306 -12.63 25.97 -44.37
CA ILE H 306 -11.96 26.15 -45.65
C ILE H 306 -12.99 26.52 -46.73
N GLU H 307 -14.15 25.88 -46.71
CA GLU H 307 -15.20 26.20 -47.68
C GLU H 307 -15.66 27.64 -47.53
N ALA H 308 -15.92 28.08 -46.29
CA ALA H 308 -16.40 29.44 -46.07
C ALA H 308 -15.35 30.47 -46.50
N LEU H 309 -14.08 30.24 -46.11
CA LEU H 309 -13.03 31.18 -46.49
C LEU H 309 -12.83 31.20 -47.99
N LYS H 310 -12.88 30.06 -48.65
CA LYS H 310 -12.71 30.02 -50.09
C LYS H 310 -13.87 30.71 -50.79
N THR H 311 -15.09 30.56 -50.28
CA THR H 311 -16.23 31.29 -50.84
C THR H 311 -16.03 32.79 -50.71
N VAL H 312 -15.57 33.25 -49.54
CA VAL H 312 -15.35 34.68 -49.34
C VAL H 312 -14.26 35.18 -50.28
N ILE H 313 -13.17 34.43 -50.41
CA ILE H 313 -12.05 34.84 -51.26
C ILE H 313 -12.49 34.90 -52.72
N LYS H 314 -13.23 33.89 -53.18
CA LYS H 314 -13.71 33.88 -54.55
C LYS H 314 -14.67 35.02 -54.82
N ARG H 315 -15.55 35.32 -53.86
CA ARG H 315 -16.47 36.45 -54.04
C ARG H 315 -15.71 37.77 -54.11
N ASP H 316 -14.70 37.95 -53.26
CA ASP H 316 -13.98 39.22 -53.24
C ASP H 316 -13.05 39.38 -54.45
N LEU H 317 -12.46 38.30 -54.93
CA LEU H 317 -11.55 38.35 -56.07
C LEU H 317 -12.24 38.17 -57.41
N GLY H 318 -13.54 37.91 -57.41
CA GLY H 318 -14.28 37.80 -58.66
C GLY H 318 -13.98 36.56 -59.48
N LEU H 319 -13.59 35.47 -58.84
CA LEU H 319 -13.33 34.22 -59.55
C LEU H 319 -14.63 33.64 -60.10
N THR I 13 55.44 65.04 -44.41
CA THR I 13 54.85 65.35 -45.72
C THR I 13 53.41 64.88 -45.79
N GLN I 14 52.78 65.05 -46.95
CA GLN I 14 51.38 64.66 -47.11
C GLN I 14 51.26 63.14 -47.06
N PRO I 15 50.17 62.60 -46.52
CA PRO I 15 50.04 61.14 -46.42
C PRO I 15 49.47 60.54 -47.70
N LYS I 16 50.27 59.71 -48.37
CA LYS I 16 49.74 58.95 -49.50
C LYS I 16 48.85 57.81 -49.01
N ILE I 17 49.12 57.31 -47.81
CA ILE I 17 48.28 56.30 -47.15
C ILE I 17 47.92 56.83 -45.77
N SER I 18 46.62 56.97 -45.52
CA SER I 18 46.11 57.45 -44.24
C SER I 18 45.17 56.41 -43.67
N LEU I 19 45.38 56.05 -42.40
CA LEU I 19 44.60 55.01 -41.73
C LEU I 19 44.34 55.42 -40.29
N SER I 20 43.06 55.41 -39.90
CA SER I 20 42.67 55.74 -38.54
C SER I 20 41.62 54.75 -38.06
N LEU I 21 41.74 54.34 -36.80
CA LEU I 21 40.74 53.45 -36.20
C LEU I 21 39.38 54.12 -36.07
N HIS I 22 39.35 55.45 -35.98
CA HIS I 22 38.10 56.18 -35.81
C HIS I 22 37.29 56.29 -37.09
N ALA I 23 37.83 55.84 -38.22
CA ALA I 23 37.11 55.91 -39.49
C ALA I 23 35.84 55.08 -39.42
N ALA I 24 34.74 55.62 -39.96
CA ALA I 24 33.44 54.98 -39.85
C ALA I 24 33.34 53.72 -40.72
N ASP I 25 33.90 53.75 -41.93
CA ASP I 25 33.71 52.65 -42.87
C ASP I 25 34.43 51.37 -42.45
N THR I 26 35.35 51.44 -41.50
CA THR I 26 36.13 50.26 -41.13
C THR I 26 35.27 49.24 -40.39
N THR I 27 35.65 47.98 -40.53
CA THR I 27 35.05 46.88 -39.80
C THR I 27 36.05 46.34 -38.78
N ILE I 28 35.67 45.27 -38.09
CA ILE I 28 36.56 44.67 -37.11
C ILE I 28 37.80 44.12 -37.78
N MET I 29 37.65 43.46 -38.92
CA MET I 29 38.80 42.88 -39.62
C MET I 29 39.75 43.97 -40.08
N HIS I 30 39.22 45.11 -40.54
CA HIS I 30 40.07 46.22 -40.91
C HIS I 30 40.86 46.72 -39.71
N ARG I 31 40.23 46.79 -38.54
CA ARG I 31 40.93 47.23 -37.33
C ARG I 31 42.04 46.27 -36.93
N VAL I 32 41.78 44.96 -37.00
CA VAL I 32 42.82 44.01 -36.62
C VAL I 32 43.95 44.01 -37.65
N GLY I 33 43.64 44.22 -38.93
CA GLY I 33 44.69 44.43 -39.90
C GLY I 33 45.49 45.70 -39.64
N MET I 34 44.82 46.74 -39.16
CA MET I 34 45.51 47.97 -38.79
C MET I 34 46.49 47.71 -37.65
N THR I 35 46.05 46.92 -36.66
CA THR I 35 46.93 46.53 -35.56
C THR I 35 48.11 45.71 -36.08
N GLY I 36 47.86 44.81 -37.03
CA GLY I 36 48.95 44.06 -37.64
C GLY I 36 49.95 44.97 -38.32
N LEU I 37 49.47 45.98 -39.05
CA LEU I 37 50.35 47.00 -39.61
C LEU I 37 51.17 47.67 -38.52
N TYR I 38 50.52 48.06 -37.42
CA TYR I 38 51.22 48.75 -36.34
C TYR I 38 52.36 47.90 -35.79
N MET I 39 52.08 46.63 -35.50
CA MET I 39 53.10 45.79 -34.90
C MET I 39 54.21 45.44 -35.88
N THR I 40 53.87 45.22 -37.16
CA THR I 40 54.94 44.89 -38.10
C THR I 40 55.84 46.09 -38.34
N LEU I 41 55.27 47.31 -38.33
CA LEU I 41 56.12 48.49 -38.47
C LEU I 41 56.95 48.74 -37.21
N LYS I 42 56.39 48.43 -36.04
CA LYS I 42 57.18 48.49 -34.81
C LYS I 42 58.37 47.54 -34.88
N ARG I 43 58.14 46.30 -35.33
CA ARG I 43 59.23 45.35 -35.44
C ARG I 43 60.22 45.76 -36.52
N LEU I 44 59.74 46.43 -37.57
CA LEU I 44 60.64 46.90 -38.61
C LEU I 44 61.55 48.02 -38.10
N GLU I 45 60.99 48.97 -37.36
CA GLU I 45 61.85 50.03 -36.81
C GLU I 45 62.76 49.48 -35.73
N LYS I 46 62.36 48.40 -35.06
CA LYS I 46 63.31 47.68 -34.22
C LYS I 46 64.42 47.06 -35.05
N GLN I 47 64.09 46.55 -36.24
CA GLN I 47 65.10 45.92 -37.08
C GLN I 47 65.82 46.93 -37.95
N TYR I 48 65.10 47.91 -38.50
CA TYR I 48 65.68 48.95 -39.34
C TYR I 48 65.33 50.31 -38.77
N PRO I 49 66.06 50.75 -37.73
CA PRO I 49 65.78 52.07 -37.16
C PRO I 49 66.07 53.23 -38.11
N LEU I 50 67.02 53.07 -39.03
CA LEU I 50 67.47 54.19 -39.84
C LEU I 50 66.71 54.26 -41.15
N SER I 51 66.52 55.49 -41.65
CA SER I 51 65.62 55.72 -42.78
C SER I 51 66.11 55.03 -44.05
N ARG I 52 67.41 55.10 -44.34
CA ARG I 52 67.89 54.64 -45.64
C ARG I 52 68.01 53.12 -45.69
N GLN I 53 67.85 52.45 -44.56
CA GLN I 53 67.83 51.00 -44.58
C GLN I 53 66.45 50.56 -45.03
N ARG I 54 65.46 51.42 -44.78
CA ARG I 54 64.10 51.10 -45.20
C ARG I 54 63.93 51.31 -46.69
N GLY I 55 63.51 50.27 -47.39
CA GLY I 55 63.32 50.36 -48.83
C GLY I 55 62.42 51.52 -49.22
N GLY I 56 62.70 52.11 -50.37
CA GLY I 56 61.89 53.23 -50.84
C GLY I 56 61.81 54.34 -49.83
N HIS I 57 62.78 54.39 -48.92
CA HIS I 57 62.77 55.42 -47.88
C HIS I 57 61.36 55.69 -47.37
N ILE I 58 60.72 54.62 -46.89
CA ILE I 58 59.44 54.71 -46.22
C ILE I 58 59.64 55.34 -44.84
N SER I 59 58.66 56.11 -44.38
CA SER I 59 58.68 56.69 -43.06
C SER I 59 57.29 56.56 -42.45
N TRP I 60 57.20 55.90 -41.30
CA TRP I 60 55.93 55.69 -40.64
C TRP I 60 55.85 56.48 -39.34
N PHE I 61 54.75 57.19 -39.16
CA PHE I 61 54.44 57.84 -37.89
C PHE I 61 53.33 57.06 -37.21
N LEU I 62 53.58 56.61 -35.99
CA LEU I 62 52.66 55.72 -35.28
C LEU I 62 52.14 56.41 -34.02
N THR I 63 50.84 56.34 -33.83
CA THR I 63 50.17 56.86 -32.64
C THR I 63 49.42 55.74 -31.93
N ALA I 64 48.61 56.11 -30.94
CA ALA I 64 47.83 55.12 -30.22
C ALA I 64 46.80 54.45 -31.13
N ASP I 65 46.16 55.21 -32.03
CA ASP I 65 45.13 54.65 -32.89
C ASP I 65 45.27 55.12 -34.34
N THR I 66 46.44 55.61 -34.73
CA THR I 66 46.66 56.07 -36.10
C THR I 66 48.00 55.56 -36.60
N ILE I 67 48.02 55.10 -37.85
CA ILE I 67 49.25 54.71 -38.52
C ILE I 67 49.39 55.57 -39.77
N GLU I 68 50.57 56.16 -39.96
CA GLU I 68 50.77 57.23 -40.91
C GLU I 68 51.96 56.89 -41.78
N LEU I 69 51.82 57.01 -43.10
CA LEU I 69 52.83 56.54 -44.03
C LEU I 69 53.25 57.63 -45.02
N PHE I 70 54.57 57.78 -45.19
CA PHE I 70 55.16 58.58 -46.26
C PHE I 70 56.33 57.79 -46.86
N TRP I 71 56.56 57.94 -48.15
CA TRP I 71 57.76 57.41 -48.78
C TRP I 71 58.22 58.31 -49.91
N GLU I 72 59.31 57.89 -50.56
CA GLU I 72 59.95 58.62 -51.64
C GLU I 72 59.88 57.83 -52.93
N GLY I 73 59.74 58.54 -54.05
CA GLY I 73 59.74 57.90 -55.35
C GLY I 73 58.44 57.20 -55.67
N SER I 74 58.53 56.23 -56.58
CA SER I 74 57.36 55.47 -56.99
C SER I 74 56.90 54.56 -55.86
N ASP I 75 55.58 54.37 -55.78
CA ASP I 75 55.02 53.56 -54.71
C ASP I 75 55.40 52.09 -54.84
N PHE I 76 55.42 51.57 -56.07
CA PHE I 76 55.54 50.14 -56.29
C PHE I 76 56.73 49.54 -55.54
N ILE I 77 57.89 50.18 -55.65
CA ILE I 77 59.09 49.66 -55.00
C ILE I 77 58.93 49.71 -53.48
N ALA I 78 58.32 50.78 -52.97
CA ALA I 78 58.15 50.92 -51.53
C ALA I 78 57.26 49.82 -50.96
N LEU I 79 56.08 49.63 -51.54
CA LEU I 79 55.20 48.57 -51.05
C LEU I 79 55.78 47.19 -51.33
N SER I 80 56.57 47.04 -52.40
CA SER I 80 57.21 45.76 -52.66
C SER I 80 58.21 45.43 -51.56
N TRP I 81 59.03 46.40 -51.17
CA TRP I 81 59.97 46.19 -50.06
C TRP I 81 59.21 45.89 -48.77
N LEU I 82 58.15 46.65 -48.50
CA LEU I 82 57.39 46.46 -47.28
C LEU I 82 56.80 45.06 -47.21
N ILE I 83 56.21 44.61 -48.32
CA ILE I 83 55.57 43.29 -48.35
C ILE I 83 56.61 42.19 -48.24
N ASN I 84 57.72 42.31 -49.00
CA ASN I 84 58.75 41.28 -48.96
C ASN I 84 59.35 41.15 -47.57
N GLU I 85 59.60 42.26 -46.90
CA GLU I 85 60.12 42.20 -45.54
C GLU I 85 59.08 41.68 -44.56
N SER I 86 57.80 42.03 -44.77
CA SER I 86 56.76 41.67 -43.81
C SER I 86 56.54 40.16 -43.76
N PHE I 87 56.36 39.54 -44.91
CA PHE I 87 56.11 38.10 -45.00
C PHE I 87 57.33 37.41 -45.58
N GLN I 88 57.80 36.38 -44.88
CA GLN I 88 59.00 35.65 -45.26
C GLN I 88 58.82 34.18 -44.90
N LEU I 89 59.72 33.35 -45.41
CA LEU I 89 59.71 31.92 -45.13
C LEU I 89 61.12 31.50 -44.73
N ASP I 90 61.24 30.82 -43.59
CA ASP I 90 62.53 30.37 -43.12
C ASP I 90 62.98 29.13 -43.92
N ASP I 91 64.15 28.61 -43.56
CA ASP I 91 64.68 27.45 -44.26
C ASP I 91 63.80 26.23 -44.06
N THR I 92 63.24 26.06 -42.86
CA THR I 92 62.38 24.92 -42.57
C THR I 92 61.04 24.99 -43.29
N GLY I 93 60.71 26.11 -43.93
CA GLY I 93 59.46 26.26 -44.64
C GLY I 93 58.33 26.85 -43.83
N LEU I 94 58.51 27.05 -42.53
CA LEU I 94 57.47 27.63 -41.70
C LEU I 94 57.29 29.11 -42.04
N ILE I 95 56.13 29.63 -41.66
CA ILE I 95 55.83 31.04 -41.88
C ILE I 95 56.79 31.90 -41.05
N HIS I 96 57.12 33.07 -41.57
CA HIS I 96 57.97 34.04 -40.87
C HIS I 96 57.33 35.41 -41.00
N LEU I 97 56.56 35.80 -39.98
CA LEU I 97 55.92 37.11 -39.93
C LEU I 97 56.69 37.96 -38.93
N VAL I 98 57.30 39.04 -39.43
CA VAL I 98 58.14 39.88 -38.59
C VAL I 98 57.35 40.53 -37.47
N GLY I 99 56.04 40.68 -37.62
CA GLY I 99 55.23 41.28 -36.58
C GLY I 99 55.30 40.50 -35.27
N LEU I 100 55.35 39.17 -35.37
CA LEU I 100 55.50 38.34 -34.19
C LEU I 100 56.97 38.05 -33.92
N ASP I 101 57.33 38.00 -32.65
CA ASP I 101 58.73 37.84 -32.23
C ASP I 101 59.12 36.37 -32.34
N ASN I 102 59.63 35.99 -33.52
CA ASN I 102 59.98 34.59 -33.78
C ASN I 102 61.17 34.12 -32.96
N ASP I 103 62.04 35.04 -32.50
CA ASP I 103 63.24 34.63 -31.78
C ASP I 103 62.88 33.86 -30.50
N ARG I 104 61.94 34.37 -29.72
CA ARG I 104 61.59 33.71 -28.47
C ARG I 104 60.44 32.73 -28.66
N ILE I 105 59.90 32.64 -29.87
CA ILE I 105 58.94 31.59 -30.19
C ILE I 105 59.69 30.33 -30.60
N ASP I 106 59.38 29.22 -29.95
CA ASP I 106 60.04 27.96 -30.25
C ASP I 106 59.50 27.39 -31.57
N LEU I 107 60.05 26.24 -31.96
CA LEU I 107 59.70 25.67 -33.26
C LEU I 107 58.31 25.05 -33.24
N ARG I 108 57.88 24.52 -32.08
CA ARG I 108 56.56 23.93 -31.99
C ARG I 108 55.47 24.97 -32.22
N GLN I 109 55.59 26.14 -31.59
CA GLN I 109 54.61 27.19 -31.79
C GLN I 109 54.68 27.74 -33.20
N LYS I 110 55.88 27.77 -33.80
CA LYS I 110 56.01 28.19 -35.19
C LYS I 110 55.26 27.24 -36.11
N ILE I 111 55.41 25.93 -35.88
CA ILE I 111 54.65 24.95 -36.66
C ILE I 111 53.16 25.16 -36.45
N HIS I 112 52.75 25.42 -35.20
CA HIS I 112 51.34 25.66 -34.91
C HIS I 112 50.79 26.83 -35.73
N ILE I 113 51.47 27.98 -35.68
CA ILE I 113 50.95 29.16 -36.37
C ILE I 113 51.00 28.95 -37.88
N HIS I 114 52.07 28.35 -38.39
CA HIS I 114 52.16 28.13 -39.84
C HIS I 114 51.05 27.20 -40.31
N GLU I 115 50.81 26.10 -39.59
CA GLU I 115 49.74 25.19 -39.97
C GLU I 115 48.40 25.89 -39.92
N GLY I 116 48.16 26.70 -38.88
CA GLY I 116 46.92 27.45 -38.80
C GLY I 116 46.72 28.37 -39.98
N ILE I 117 47.77 29.13 -40.35
CA ILE I 117 47.60 30.13 -41.40
C ILE I 117 47.39 29.47 -42.75
N CYS I 118 48.07 28.34 -43.02
CA CYS I 118 47.77 27.67 -44.29
C CYS I 118 46.40 27.02 -44.24
N GLY I 119 45.92 26.67 -43.05
CA GLY I 119 44.62 26.03 -42.94
C GLY I 119 43.43 26.96 -42.97
N VAL I 120 43.62 28.25 -42.70
CA VAL I 120 42.52 29.21 -42.67
C VAL I 120 42.67 30.28 -43.76
N PHE I 121 43.85 30.88 -43.89
CA PHE I 121 44.05 31.91 -44.91
C PHE I 121 44.41 31.30 -46.25
N LEU I 122 45.53 30.59 -46.32
CA LEU I 122 45.97 29.97 -47.56
C LEU I 122 45.32 28.60 -47.75
N ARG I 123 43.99 28.56 -47.64
CA ARG I 123 43.27 27.30 -47.79
C ARG I 123 43.33 26.77 -49.22
N LEU I 124 43.62 27.64 -50.19
CA LEU I 124 43.60 27.29 -51.59
C LEU I 124 45.00 27.32 -52.17
N ASN I 125 45.34 26.31 -52.97
CA ASN I 125 46.67 26.24 -53.57
C ASN I 125 46.83 27.19 -54.75
N LYS I 126 45.75 27.81 -55.21
CA LYS I 126 45.88 28.83 -56.26
C LYS I 126 46.64 30.06 -55.77
N PHE I 127 46.80 30.22 -54.46
CA PHE I 127 47.47 31.38 -53.90
C PHE I 127 48.86 31.08 -53.38
N TYR I 128 49.20 29.81 -53.17
CA TYR I 128 50.50 29.46 -52.60
C TYR I 128 51.06 28.22 -53.28
N GLN I 129 52.38 28.14 -53.32
CA GLN I 129 53.09 26.95 -53.77
C GLN I 129 53.86 26.35 -52.61
N ALA I 130 53.67 25.06 -52.37
CA ALA I 130 54.24 24.39 -51.22
C ALA I 130 55.56 23.71 -51.58
N GLY I 131 56.38 23.49 -50.57
CA GLY I 131 57.64 22.77 -50.70
C GLY I 131 57.49 21.31 -50.41
N GLU I 132 58.55 20.71 -49.86
CA GLU I 132 58.54 19.31 -49.50
C GLU I 132 58.12 19.13 -48.05
N ILE I 133 57.43 18.02 -47.77
CA ILE I 133 56.97 17.71 -46.42
C ILE I 133 58.20 17.46 -45.55
N ILE I 134 58.43 18.34 -44.58
CA ILE I 134 59.60 18.26 -43.71
C ILE I 134 59.17 17.66 -42.38
N ASN I 135 59.85 16.59 -41.97
CA ASN I 135 59.56 15.90 -40.72
C ASN I 135 60.75 16.04 -39.78
N THR I 136 60.49 16.49 -38.56
CA THR I 136 61.53 16.65 -37.54
C THR I 136 61.08 15.99 -36.25
N GLU I 137 62.02 15.31 -35.59
CA GLU I 137 61.74 14.55 -34.37
C GLU I 137 62.19 15.38 -33.18
N LEU I 138 61.27 16.19 -32.65
CA LEU I 138 61.56 17.01 -31.48
C LEU I 138 61.47 16.17 -30.21
N ARG I 139 62.34 16.48 -29.25
CA ARG I 139 62.58 15.62 -28.10
C ARG I 139 61.83 16.18 -26.88
N PHE I 140 60.89 15.39 -26.36
CA PHE I 140 60.18 15.70 -25.12
C PHE I 140 60.19 14.46 -24.25
N GLU I 141 60.73 14.59 -23.04
CA GLU I 141 60.80 13.50 -22.06
C GLU I 141 61.34 12.21 -22.69
N GLU I 142 62.49 12.34 -23.35
CA GLU I 142 63.15 11.21 -24.01
C GLU I 142 62.24 10.54 -25.04
N LYS I 143 61.44 11.35 -25.72
CA LYS I 143 60.59 10.87 -26.81
C LYS I 143 60.75 11.83 -27.99
N GLN I 144 61.23 11.30 -29.11
CA GLN I 144 61.43 12.11 -30.32
C GLN I 144 60.20 11.95 -31.21
N VAL I 145 59.18 12.75 -30.94
CA VAL I 145 57.98 12.75 -31.76
C VAL I 145 58.26 13.49 -33.05
N GLU I 146 57.97 12.84 -34.18
CA GLU I 146 58.28 13.39 -35.50
C GLU I 146 57.16 14.33 -35.92
N TYR I 147 57.44 15.63 -35.87
CA TYR I 147 56.48 16.61 -36.36
C TYR I 147 56.55 16.70 -37.88
N GLN I 148 55.47 16.33 -38.54
CA GLN I 148 55.41 16.29 -40.00
C GLN I 148 54.52 17.41 -40.47
N TYR I 149 55.06 18.28 -41.32
CA TYR I 149 54.35 19.42 -41.85
C TYR I 149 54.80 19.69 -43.28
N LYS I 150 53.94 20.38 -44.04
CA LYS I 150 54.23 20.71 -45.44
C LYS I 150 54.90 22.08 -45.48
N SER I 151 56.15 22.12 -45.94
CA SER I 151 56.85 23.38 -46.10
C SER I 151 56.31 24.15 -47.29
N LEU I 152 56.49 25.47 -47.26
CA LEU I 152 56.00 26.35 -48.30
C LEU I 152 57.16 26.98 -49.07
N THR I 153 56.85 27.50 -50.25
CA THR I 153 57.83 28.19 -51.09
C THR I 153 57.41 29.60 -51.46
N TRP I 154 56.12 29.84 -51.73
CA TRP I 154 55.63 31.16 -52.09
C TRP I 154 54.15 31.21 -51.81
N TYR I 155 53.62 32.43 -51.65
CA TYR I 155 52.20 32.62 -51.44
C TYR I 155 51.81 34.03 -51.90
N ALA I 156 50.51 34.22 -52.08
CA ALA I 156 50.00 35.47 -52.65
C ALA I 156 50.28 36.67 -51.77
N HIS I 157 50.52 36.45 -50.47
CA HIS I 157 50.84 37.56 -49.59
C HIS I 157 52.13 38.24 -50.00
N GLN I 158 53.13 37.46 -50.41
CA GLN I 158 54.42 38.03 -50.80
C GLN I 158 54.32 38.89 -52.07
N THR I 159 53.31 38.65 -52.90
CA THR I 159 53.23 39.30 -54.20
C THR I 159 51.91 40.03 -54.42
N PHE I 160 51.18 40.35 -53.36
CA PHE I 160 49.99 41.18 -53.53
C PHE I 160 50.33 42.59 -54.01
N ALA I 161 51.59 43.01 -53.90
CA ALA I 161 51.97 44.36 -54.30
C ALA I 161 51.67 44.63 -55.77
N GLU I 162 51.75 43.61 -56.62
CA GLU I 162 51.40 43.79 -58.02
C GLU I 162 49.95 44.21 -58.19
N LYS I 163 49.04 43.56 -57.45
CA LYS I 163 47.63 43.91 -57.53
C LYS I 163 47.35 45.24 -56.85
N LEU I 164 48.06 45.55 -55.76
CA LEU I 164 47.81 46.78 -55.03
C LEU I 164 48.12 48.01 -55.88
N CYS I 165 49.21 47.97 -56.63
CA CYS I 165 49.65 49.12 -57.39
C CYS I 165 49.27 48.97 -58.86
N GLU I 166 49.12 50.12 -59.54
CA GLU I 166 48.83 50.10 -60.96
C GLU I 166 49.99 49.53 -61.74
N ALA I 167 49.68 48.79 -62.81
CA ALA I 167 50.72 48.15 -63.61
C ALA I 167 51.53 49.19 -64.38
N ASP I 168 50.86 50.11 -65.06
CA ASP I 168 51.56 51.03 -65.94
C ASP I 168 52.31 52.10 -65.16
N THR I 169 51.69 52.67 -64.13
CA THR I 169 52.27 53.79 -63.40
C THR I 169 53.06 53.37 -62.17
N GLN I 170 53.00 52.10 -61.77
CA GLN I 170 53.69 51.62 -60.58
C GLN I 170 53.31 52.43 -59.34
N GLN I 171 52.03 52.79 -59.26
CA GLN I 171 51.51 53.59 -58.16
C GLN I 171 50.21 52.97 -57.66
N LEU I 172 49.81 53.38 -56.46
CA LEU I 172 48.59 52.85 -55.86
C LEU I 172 47.38 53.21 -56.70
N ARG I 173 46.44 52.28 -56.82
CA ARG I 173 45.25 52.50 -57.62
C ARG I 173 44.31 53.49 -56.93
N HIS I 174 43.59 54.27 -57.74
CA HIS I 174 42.65 55.26 -57.25
C HIS I 174 41.21 54.79 -57.34
N ASP I 175 40.99 53.48 -57.41
CA ASP I 175 39.66 52.91 -57.48
C ASP I 175 39.61 51.67 -56.60
N TYR I 176 38.41 51.13 -56.43
CA TYR I 176 38.23 49.95 -55.59
C TYR I 176 38.88 48.74 -56.22
N ILE I 177 39.44 47.87 -55.38
CA ILE I 177 40.15 46.68 -55.83
C ILE I 177 39.36 45.45 -55.40
N GLN I 178 39.11 44.54 -56.34
CA GLN I 178 38.42 43.31 -56.02
C GLN I 178 39.31 42.43 -55.15
N ILE I 179 38.74 41.92 -54.06
CA ILE I 179 39.48 41.09 -53.13
C ILE I 179 38.88 39.69 -53.12
N THR I 180 39.51 38.79 -52.36
CA THR I 180 39.11 37.40 -52.33
C THR I 180 39.08 36.89 -50.90
N SER I 181 38.64 35.65 -50.68
CA SER I 181 38.47 35.12 -49.33
C SER I 181 39.79 34.99 -48.58
N TRP I 182 40.91 34.75 -49.28
CA TRP I 182 42.18 34.63 -48.59
C TRP I 182 42.58 35.93 -47.91
N LEU I 183 42.17 37.07 -48.49
CA LEU I 183 42.44 38.36 -47.87
C LEU I 183 41.45 38.65 -46.74
N TYR I 184 40.16 38.53 -47.03
CA TYR I 184 39.10 38.74 -46.04
C TYR I 184 38.39 37.41 -45.83
N LEU I 185 38.54 36.85 -44.62
CA LEU I 185 37.90 35.59 -44.29
C LEU I 185 36.39 35.71 -44.45
N GLY I 186 35.79 34.73 -45.12
CA GLY I 186 34.37 34.74 -45.35
C GLY I 186 33.92 35.48 -46.60
N GLY I 187 34.83 36.13 -47.31
CA GLY I 187 34.46 36.87 -48.51
C GLY I 187 34.54 36.07 -49.79
N ILE I 188 33.94 34.90 -49.82
CA ILE I 188 33.92 34.07 -51.02
C ILE I 188 32.85 34.62 -51.97
N VAL I 189 33.04 34.38 -53.26
CA VAL I 189 32.02 34.70 -54.25
C VAL I 189 30.95 33.63 -54.20
N ARG I 190 29.73 34.01 -53.80
CA ARG I 190 28.65 33.03 -53.69
C ARG I 190 28.33 32.40 -55.04
N HIS I 191 28.25 33.22 -56.09
CA HIS I 191 27.87 32.76 -57.42
C HIS I 191 29.10 32.80 -58.31
N ALA I 192 29.68 31.62 -58.57
CA ALA I 192 30.91 31.55 -59.35
C ALA I 192 30.72 32.04 -60.77
N ARG I 193 29.53 31.83 -61.36
CA ARG I 193 29.28 32.26 -62.72
C ARG I 193 29.31 33.78 -62.85
N THR I 194 29.20 34.51 -61.74
CA THR I 194 29.30 35.97 -61.73
C THR I 194 30.57 36.42 -61.02
N GLN I 195 31.68 35.73 -61.29
CA GLN I 195 32.91 35.97 -60.54
C GLN I 195 33.48 37.36 -60.82
N ASN I 196 33.38 37.83 -62.07
CA ASN I 196 33.99 39.11 -62.42
C ASN I 196 33.29 40.27 -61.72
N THR I 197 31.96 40.25 -61.65
CA THR I 197 31.20 41.37 -61.13
C THR I 197 31.01 41.30 -59.62
N THR I 198 30.39 40.23 -59.13
CA THR I 198 30.09 40.10 -57.71
C THR I 198 31.32 39.66 -56.92
N LYS I 199 32.26 40.59 -56.79
CA LYS I 199 33.48 40.40 -56.01
C LYS I 199 33.61 41.57 -55.04
N LEU I 200 33.98 41.27 -53.80
CA LEU I 200 34.12 42.32 -52.80
C LEU I 200 35.21 43.30 -53.21
N GLU I 201 34.95 44.58 -52.99
CA GLU I 201 35.86 45.65 -53.39
C GLU I 201 36.21 46.51 -52.19
N GLU I 202 37.43 47.02 -52.18
CA GLU I 202 37.93 47.79 -51.05
C GLU I 202 38.97 48.79 -51.52
N LYS I 203 39.21 49.81 -50.69
CA LYS I 203 40.25 50.78 -50.98
C LYS I 203 41.64 50.16 -50.73
N PRO I 204 42.69 50.71 -51.35
CA PRO I 204 44.01 50.08 -51.22
C PRO I 204 44.52 49.96 -49.79
N GLU I 205 44.28 50.96 -48.95
CA GLU I 205 44.78 50.93 -47.58
C GLU I 205 44.09 49.83 -46.77
N TYR I 206 42.78 49.71 -46.93
CA TYR I 206 42.06 48.61 -46.28
C TYR I 206 42.50 47.27 -46.85
N ALA I 207 42.88 47.23 -48.13
CA ALA I 207 43.45 46.02 -48.71
C ALA I 207 44.76 45.66 -48.04
N LEU I 208 45.59 46.66 -47.72
CA LEU I 208 46.83 46.40 -46.99
C LEU I 208 46.53 45.88 -45.59
N ALA I 209 45.50 46.44 -44.94
CA ALA I 209 45.10 45.92 -43.64
C ALA I 209 44.64 44.46 -43.74
N LEU I 210 43.90 44.14 -44.80
CA LEU I 210 43.49 42.75 -45.01
C LEU I 210 44.68 41.86 -45.37
N LEU I 211 45.75 42.46 -45.90
CA LEU I 211 47.00 41.73 -46.06
C LEU I 211 47.60 41.38 -44.70
N PHE I 212 47.62 42.34 -43.78
CA PHE I 212 48.34 42.19 -42.52
C PHE I 212 47.48 41.71 -41.36
N VAL I 213 46.22 41.34 -41.62
CA VAL I 213 45.41 40.74 -40.56
C VAL I 213 46.03 39.49 -39.92
N PRO I 214 46.63 38.55 -40.68
CA PRO I 214 46.97 37.25 -40.05
C PRO I 214 47.88 37.36 -38.84
N VAL I 215 48.71 38.40 -38.73
CA VAL I 215 49.69 38.46 -37.65
C VAL I 215 48.99 38.55 -36.31
N VAL I 216 47.95 39.39 -36.20
CA VAL I 216 47.29 39.61 -34.92
C VAL I 216 46.58 38.36 -34.44
N CYS I 217 45.77 37.75 -35.30
CA CYS I 217 44.90 36.66 -34.86
C CYS I 217 45.72 35.41 -34.53
N HIS I 218 45.40 34.79 -33.40
CA HIS I 218 45.99 33.53 -33.00
C HIS I 218 45.13 32.36 -33.50
N TYR I 219 45.69 31.16 -33.39
CA TYR I 219 45.06 29.96 -33.92
C TYR I 219 45.07 28.87 -32.86
N CYS I 220 43.92 28.20 -32.71
CA CYS I 220 43.78 27.16 -31.72
C CYS I 220 43.19 25.92 -32.37
N LEU I 221 43.43 24.77 -31.76
CA LEU I 221 42.91 23.50 -32.23
C LEU I 221 41.77 23.03 -31.32
N LEU I 222 40.69 22.58 -31.94
CA LEU I 222 39.49 22.18 -31.23
C LEU I 222 39.38 20.66 -31.22
N HIS I 223 39.05 20.12 -30.05
CA HIS I 223 38.90 18.68 -29.86
C HIS I 223 37.44 18.39 -29.50
N ILE I 224 36.82 17.50 -30.26
CA ILE I 224 35.44 17.11 -30.01
C ILE I 224 35.41 16.18 -28.80
N PRO I 225 34.70 16.53 -27.73
CA PRO I 225 34.64 15.63 -26.56
C PRO I 225 34.05 14.27 -26.89
N SER I 226 33.06 14.21 -27.78
CA SER I 226 32.47 12.92 -28.14
C SER I 226 33.49 12.05 -28.88
N GLU I 227 34.31 12.66 -29.73
CA GLU I 227 35.32 11.92 -30.46
C GLU I 227 36.52 11.63 -29.58
N ASP I 228 36.90 10.36 -29.50
CA ASP I 228 38.13 9.99 -28.82
C ASP I 228 39.32 10.61 -29.54
N LEU I 229 40.16 11.32 -28.79
CA LEU I 229 41.29 12.02 -29.40
C LEU I 229 42.29 11.02 -29.97
N LYS I 230 42.39 9.84 -29.36
CA LYS I 230 43.22 8.78 -29.92
C LYS I 230 42.75 8.38 -31.32
N GLU I 231 41.44 8.24 -31.51
CA GLU I 231 40.90 7.81 -32.80
C GLU I 231 40.70 8.97 -33.76
N ARG I 232 40.94 10.21 -33.35
CA ARG I 232 40.74 11.36 -34.22
C ARG I 232 41.72 12.45 -33.83
N LYS I 233 42.73 12.67 -34.66
CA LYS I 233 43.63 13.79 -34.45
C LYS I 233 42.89 15.11 -34.71
N PRO I 234 43.21 16.17 -33.99
CA PRO I 234 42.47 17.43 -34.16
C PRO I 234 42.78 18.07 -35.50
N HIS I 235 41.73 18.56 -36.17
CA HIS I 235 41.90 19.29 -37.42
C HIS I 235 41.05 20.56 -37.50
N ARG I 236 40.06 20.73 -36.64
CA ARG I 236 39.30 21.98 -36.61
C ARG I 236 40.17 23.11 -36.12
N TYR I 237 40.09 24.26 -36.77
CA TYR I 237 40.92 25.42 -36.46
C TYR I 237 40.04 26.58 -36.01
N LEU I 238 40.28 27.07 -34.80
CA LEU I 238 39.60 28.24 -34.26
C LEU I 238 40.50 29.45 -34.45
N VAL I 239 39.95 30.50 -35.05
CA VAL I 239 40.68 31.75 -35.26
C VAL I 239 40.11 32.79 -34.32
N VAL I 240 40.93 33.30 -33.42
CA VAL I 240 40.52 34.30 -32.44
C VAL I 240 40.93 35.67 -32.96
N ILE I 241 39.94 36.51 -33.25
CA ILE I 241 40.19 37.85 -33.76
C ILE I 241 39.72 38.86 -32.73
N PRO I 242 40.60 39.66 -32.14
CA PRO I 242 40.19 40.54 -31.04
C PRO I 242 39.72 41.89 -31.53
N GLU I 243 38.71 42.43 -30.84
CA GLU I 243 38.30 43.80 -31.08
C GLU I 243 39.41 44.74 -30.66
N ILE I 244 39.65 45.78 -31.45
CA ILE I 244 40.79 46.66 -31.24
C ILE I 244 40.31 47.94 -30.56
N LYS I 245 40.90 48.24 -29.40
CA LYS I 245 40.67 49.49 -28.70
C LYS I 245 41.87 50.42 -28.75
N ASP I 246 43.08 49.87 -28.87
CA ASP I 246 44.30 50.65 -28.93
C ASP I 246 45.40 49.79 -29.54
N PHE I 247 46.24 50.40 -30.36
CA PHE I 247 47.32 49.66 -31.01
C PHE I 247 48.29 49.07 -29.99
N GLU I 248 48.73 49.88 -29.04
CA GLU I 248 49.73 49.43 -28.08
C GLU I 248 49.17 48.34 -27.17
N ASP I 249 47.92 48.49 -26.74
CA ASP I 249 47.31 47.47 -25.89
C ASP I 249 47.23 46.13 -26.61
N ALA I 250 46.79 46.16 -27.87
CA ALA I 250 46.71 44.92 -28.65
C ALA I 250 48.09 44.32 -28.88
N SER I 251 49.09 45.16 -29.17
CA SER I 251 50.44 44.65 -29.39
C SER I 251 51.00 43.98 -28.14
N GLN I 252 50.85 44.64 -27.00
CA GLN I 252 51.30 44.06 -25.74
C GLN I 252 50.55 42.78 -25.43
N ARG I 253 49.24 42.75 -25.67
CA ARG I 253 48.46 41.55 -25.41
C ARG I 253 48.93 40.39 -26.29
N ARG I 254 49.14 40.64 -27.58
CA ARG I 254 49.57 39.58 -28.47
C ARG I 254 50.96 39.05 -28.08
N TRP I 255 51.87 39.98 -27.75
CA TRP I 255 53.21 39.55 -27.34
C TRP I 255 53.18 38.79 -26.03
N ARG I 256 52.29 39.15 -25.11
CA ARG I 256 52.12 38.35 -23.90
C ARG I 256 51.58 36.96 -24.21
N LEU I 257 50.53 36.88 -25.03
CA LEU I 257 49.96 35.59 -25.40
C LEU I 257 50.96 34.72 -26.16
N GLN I 258 51.99 35.31 -26.75
CA GLN I 258 53.04 34.51 -27.37
C GLN I 258 53.72 33.57 -26.37
N GLN I 259 53.71 33.90 -25.08
CA GLN I 259 54.42 33.09 -24.08
C GLN I 259 53.80 31.72 -23.87
N LEU I 260 52.52 31.54 -24.16
CA LEU I 260 51.82 30.33 -23.73
C LEU I 260 52.32 29.10 -24.51
N GLU I 261 52.13 27.95 -23.88
CA GLU I 261 52.51 26.66 -24.43
C GLU I 261 51.46 26.17 -25.43
N THR I 262 51.92 25.42 -26.42
CA THR I 262 51.03 24.90 -27.44
C THR I 262 49.94 24.02 -26.84
N LYS I 263 50.27 23.25 -25.80
CA LYS I 263 49.28 22.39 -25.17
C LYS I 263 48.12 23.17 -24.57
N GLN I 264 48.34 24.45 -24.23
CA GLN I 264 47.24 25.30 -23.81
C GLN I 264 46.30 25.60 -24.98
N PHE I 265 46.87 25.79 -26.16
CA PHE I 265 46.08 26.21 -27.32
C PHE I 265 45.05 25.17 -27.71
N HIS I 266 45.33 23.90 -27.44
CA HIS I 266 44.36 22.85 -27.70
C HIS I 266 43.23 22.95 -26.69
N VAL I 267 42.04 23.33 -27.15
CA VAL I 267 40.89 23.58 -26.30
C VAL I 267 39.72 22.72 -26.75
N SER I 268 38.69 22.67 -25.90
CA SER I 268 37.50 21.88 -26.17
C SER I 268 36.27 22.73 -26.48
N SER I 269 36.41 24.05 -26.52
CA SER I 269 35.28 24.91 -26.83
C SER I 269 35.79 26.24 -27.36
N LEU I 270 34.93 26.90 -28.15
CA LEU I 270 35.28 28.21 -28.70
C LEU I 270 35.49 29.22 -27.58
N GLY I 271 34.61 29.21 -26.58
CA GLY I 271 34.77 30.10 -25.45
C GLY I 271 36.07 29.87 -24.70
N GLU I 272 36.52 28.62 -24.63
CA GLU I 272 37.79 28.32 -23.99
C GLU I 272 38.94 29.02 -24.71
N ALA I 273 38.95 28.95 -26.04
CA ALA I 273 40.00 29.63 -26.81
C ALA I 273 39.91 31.14 -26.64
N GLY I 274 38.69 31.69 -26.65
CA GLY I 274 38.53 33.11 -26.44
C GLY I 274 39.05 33.56 -25.08
N LEU I 275 38.73 32.79 -24.03
CA LEU I 275 39.21 33.13 -22.70
C LEU I 275 40.72 32.98 -22.61
N LEU I 276 41.28 31.98 -23.29
CA LEU I 276 42.73 31.82 -23.31
C LEU I 276 43.40 33.02 -23.96
N TYR I 277 42.79 33.56 -25.02
CA TYR I 277 43.32 34.77 -25.64
C TYR I 277 43.39 35.93 -24.66
N TYR I 278 42.49 35.97 -23.68
CA TYR I 278 42.48 37.02 -22.68
C TYR I 278 42.93 36.54 -21.31
N SER I 279 43.53 35.35 -21.24
CA SER I 279 43.96 34.81 -19.94
C SER I 279 45.14 35.59 -19.38
N LEU I 280 46.07 36.03 -20.25
CA LEU I 280 47.28 36.70 -19.80
C LEU I 280 47.11 38.21 -19.66
N ASP I 281 45.91 38.74 -19.87
CA ASP I 281 45.70 40.17 -19.69
C ASP I 281 45.83 40.55 -18.22
N ASP I 282 46.45 41.70 -17.98
CA ASP I 282 46.57 42.20 -16.62
C ASP I 282 45.22 42.65 -16.09
N ILE I 283 44.99 42.43 -14.80
CA ILE I 283 43.75 42.83 -14.14
C ILE I 283 44.04 44.04 -13.26
N GLN I 284 43.31 45.12 -13.48
CA GLN I 284 43.45 46.35 -12.71
C GLN I 284 42.14 46.61 -11.99
N PRO I 285 42.13 46.77 -10.66
CA PRO I 285 40.85 46.95 -9.96
C PRO I 285 40.27 48.35 -10.08
N GLU I 286 41.10 49.36 -10.35
CA GLU I 286 40.56 50.70 -10.57
C GLU I 286 39.96 50.83 -11.97
N VAL I 287 40.50 50.12 -12.95
CA VAL I 287 40.07 50.22 -14.33
C VAL I 287 39.01 49.16 -14.61
N ALA I 288 37.88 49.59 -15.17
CA ALA I 288 36.81 48.65 -15.53
C ALA I 288 37.24 47.85 -16.75
N TYR I 289 37.65 46.60 -16.53
CA TYR I 289 38.16 45.79 -17.62
C TYR I 289 37.01 45.24 -18.47
N TYR I 290 37.16 45.38 -19.79
CA TYR I 290 36.17 44.84 -20.72
C TYR I 290 36.85 44.61 -22.06
N GLN I 291 36.85 43.36 -22.53
CA GLN I 291 37.50 43.02 -23.79
C GLN I 291 36.56 42.15 -24.61
N ALA I 292 36.56 42.36 -25.92
CA ALA I 292 35.73 41.61 -26.85
C ALA I 292 36.59 41.02 -27.95
N CYS I 293 36.23 39.82 -28.38
CA CYS I 293 36.94 39.14 -29.46
C CYS I 293 35.98 38.23 -30.20
N GLN I 294 36.36 37.89 -31.43
CA GLN I 294 35.58 36.99 -32.28
C GLN I 294 36.33 35.68 -32.44
N VAL I 295 35.60 34.58 -32.42
CA VAL I 295 36.17 33.25 -32.64
C VAL I 295 35.57 32.70 -33.91
N TRP I 296 36.42 32.40 -34.89
CA TRP I 296 36.00 31.90 -36.19
C TRP I 296 36.40 30.44 -36.32
N LEU I 297 35.41 29.57 -36.45
CA LEU I 297 35.64 28.12 -36.50
C LEU I 297 35.77 27.70 -37.96
N TYR I 298 36.86 27.00 -38.27
CA TYR I 298 37.09 26.45 -39.60
C TYR I 298 37.20 24.94 -39.49
N GLU I 299 36.41 24.23 -40.30
CA GLU I 299 36.28 22.79 -40.17
C GLU I 299 35.95 22.21 -41.54
N LYS I 300 36.55 21.06 -41.84
CA LYS I 300 36.23 20.35 -43.07
C LYS I 300 34.79 19.85 -43.00
N THR I 301 34.03 20.10 -44.06
CA THR I 301 32.61 19.69 -44.08
C THR I 301 32.47 18.18 -44.00
N ASN I 302 33.31 17.45 -44.73
CA ASN I 302 33.27 15.99 -44.74
C ASN I 302 34.69 15.45 -44.57
N LYS I 303 34.80 14.12 -44.59
CA LYS I 303 36.10 13.49 -44.40
C LYS I 303 37.05 13.84 -45.54
N ALA I 304 36.55 13.88 -46.77
CA ALA I 304 37.38 14.12 -47.94
C ALA I 304 37.37 15.58 -48.39
N SER I 305 36.99 16.50 -47.51
CA SER I 305 36.97 17.92 -47.86
C SER I 305 38.39 18.41 -48.16
N ARG I 306 38.53 19.10 -49.29
CA ARG I 306 39.85 19.57 -49.70
C ARG I 306 40.32 20.74 -48.85
N GLN I 307 39.40 21.61 -48.45
CA GLN I 307 39.74 22.81 -47.71
C GLN I 307 38.69 23.06 -46.64
N ARG I 308 39.08 23.83 -45.62
CA ARG I 308 38.20 24.10 -44.49
C ARG I 308 37.17 25.17 -44.86
N THR I 309 36.02 25.08 -44.19
CA THR I 309 34.92 26.02 -44.40
C THR I 309 34.53 26.62 -43.06
N LEU I 310 34.14 27.89 -43.10
CA LEU I 310 33.75 28.63 -41.90
C LEU I 310 32.42 28.08 -41.37
N MET I 311 32.47 27.40 -40.23
CA MET I 311 31.31 26.73 -39.66
C MET I 311 30.67 27.46 -38.50
N SER I 312 31.41 28.34 -37.82
CA SER I 312 30.81 29.07 -36.70
C SER I 312 31.61 30.34 -36.42
N ILE I 313 30.88 31.42 -36.13
CA ILE I 313 31.44 32.65 -35.60
C ILE I 313 30.66 33.01 -34.35
N GLU I 314 31.37 33.29 -33.25
CA GLU I 314 30.76 33.57 -31.97
C GLU I 314 31.50 34.70 -31.28
N GLU I 315 30.74 35.64 -30.72
CA GLU I 315 31.28 36.81 -30.04
C GLU I 315 31.45 36.52 -28.55
N ILE I 316 32.60 36.90 -28.01
CA ILE I 316 32.90 36.75 -26.59
C ILE I 316 33.17 38.14 -26.01
N LYS I 317 32.40 38.52 -24.99
CA LYS I 317 32.63 39.75 -24.24
C LYS I 317 32.98 39.36 -22.81
N ILE I 318 34.22 39.66 -22.42
CA ILE I 318 34.74 39.26 -21.11
C ILE I 318 34.87 40.48 -20.23
N ASP I 319 34.24 40.44 -19.06
CA ASP I 319 34.34 41.48 -18.05
C ASP I 319 35.30 41.03 -16.96
N LYS I 320 35.38 41.82 -15.89
CA LYS I 320 36.27 41.48 -14.78
C LYS I 320 35.85 40.18 -14.11
N ASN I 321 34.57 40.08 -13.75
CA ASN I 321 34.09 38.94 -12.97
C ASN I 321 34.29 37.62 -13.73
N ILE I 322 33.95 37.61 -15.02
CA ILE I 322 34.10 36.41 -15.82
C ILE I 322 35.56 35.97 -15.87
N LEU I 323 36.47 36.92 -16.06
CA LEU I 323 37.88 36.56 -16.21
C LEU I 323 38.45 36.06 -14.89
N ILE I 324 38.11 36.69 -13.76
CA ILE I 324 38.65 36.22 -12.48
C ILE I 324 38.06 34.85 -12.14
N THR I 325 36.80 34.63 -12.47
CA THR I 325 36.22 33.31 -12.28
C THR I 325 36.92 32.27 -13.14
N TYR I 326 37.28 32.64 -14.37
CA TYR I 326 37.98 31.70 -15.24
C TYR I 326 39.37 31.39 -14.70
N GLN I 327 40.07 32.40 -14.17
CA GLN I 327 41.36 32.13 -13.53
C GLN I 327 41.20 31.23 -12.31
N GLN I 328 40.15 31.45 -11.53
CA GLN I 328 39.89 30.59 -10.38
C GLN I 328 39.64 29.14 -10.82
N VAL I 329 38.88 28.96 -11.90
CA VAL I 329 38.64 27.63 -12.43
C VAL I 329 39.95 27.00 -12.92
N GLN I 330 40.77 27.79 -13.63
CA GLN I 330 42.06 27.29 -14.10
C GLN I 330 42.93 26.85 -12.93
N LYS I 331 42.93 27.62 -11.85
CA LYS I 331 43.74 27.28 -10.68
C LYS I 331 43.25 26.00 -10.02
N TYR I 332 41.95 25.90 -9.74
CA TYR I 332 41.45 24.75 -9.00
C TYR I 332 41.40 23.50 -9.87
N PHE I 333 40.92 23.63 -11.10
CA PHE I 333 40.75 22.47 -11.96
C PHE I 333 42.05 22.13 -12.69
N LYS I 334 42.25 20.83 -12.92
CA LYS I 334 43.50 20.34 -13.47
C LYS I 334 43.68 20.79 -14.91
N THR I 335 44.95 20.85 -15.32
CA THR I 335 45.30 21.23 -16.69
C THR I 335 45.20 20.02 -17.62
N ASN I 336 45.56 20.23 -18.87
CA ASN I 336 45.48 19.17 -19.87
C ASN I 336 46.59 18.14 -19.65
N TYR I 337 46.27 16.88 -19.91
CA TYR I 337 47.27 15.84 -19.79
C TYR I 337 47.93 15.70 -21.15
N GLN I 338 49.22 15.99 -21.22
CA GLN I 338 49.91 15.94 -22.49
C GLN I 338 50.32 14.52 -22.83
N ILE I 339 49.34 13.68 -23.12
CA ILE I 339 49.66 12.31 -23.50
C ILE I 339 50.61 12.33 -24.68
N ILE I 340 51.69 11.57 -24.59
CA ILE I 340 52.64 11.51 -25.70
C ILE I 340 52.85 10.08 -26.14
N LYS I 341 52.56 9.79 -27.41
CA LYS I 341 52.74 8.44 -27.93
C LYS I 341 53.57 8.48 -29.19
N TYR I 342 53.57 7.39 -29.95
CA TYR I 342 54.36 7.35 -31.17
C TYR I 342 54.05 8.57 -32.01
N LYS I 343 54.88 9.60 -31.90
CA LYS I 343 54.63 10.83 -32.64
C LYS I 343 53.19 11.23 -32.40
N GLN I 344 52.72 11.05 -31.17
CA GLN I 344 51.33 11.34 -30.85
C GLN I 344 51.18 12.10 -29.54
N ILE I 345 51.38 13.40 -29.58
CA ILE I 345 51.28 14.21 -28.38
C ILE I 345 49.84 14.62 -28.13
N PHE I 346 49.01 13.68 -27.71
CA PHE I 346 47.62 13.98 -27.43
C PHE I 346 47.48 14.90 -26.23
N ILE I 347 46.38 15.64 -26.17
CA ILE I 347 46.18 16.57 -25.08
C ILE I 347 44.82 16.35 -24.42
N LYS I 348 44.82 16.03 -23.13
CA LYS I 348 43.57 15.74 -22.44
C LYS I 348 42.94 16.97 -21.81
N VAL I 349 41.94 17.54 -22.47
CA VAL I 349 41.29 18.73 -21.94
C VAL I 349 40.21 18.40 -20.92
N ASN I 350 40.14 19.16 -19.83
CA ASN I 350 39.13 18.94 -18.83
C ASN I 350 37.82 19.55 -19.30
N PRO I 351 36.82 18.70 -19.55
CA PRO I 351 35.53 19.19 -20.06
C PRO I 351 34.89 20.16 -19.09
N ILE I 352 35.01 19.90 -17.80
CA ILE I 352 34.37 20.76 -16.81
C ILE I 352 34.80 22.21 -16.96
N ARG I 353 36.09 22.44 -17.14
CA ARG I 353 36.57 23.81 -17.25
C ARG I 353 35.80 24.48 -18.38
N SER I 354 35.69 23.80 -19.51
CA SER I 354 34.98 24.37 -20.64
C SER I 354 33.52 24.59 -20.31
N LEU I 355 32.90 23.62 -19.65
CA LEU I 355 31.51 23.75 -19.29
C LEU I 355 31.29 25.00 -18.45
N ILE I 356 32.13 25.18 -17.44
CA ILE I 356 32.03 26.36 -16.59
C ILE I 356 32.22 27.59 -17.44
N ALA I 357 33.27 27.60 -18.25
CA ALA I 357 33.56 28.75 -19.08
C ALA I 357 32.36 29.09 -19.95
N ASP I 358 31.76 28.07 -20.54
CA ASP I 358 30.61 28.30 -21.40
C ASP I 358 29.49 28.96 -20.62
N ASN I 359 29.17 28.41 -19.46
CA ASN I 359 28.11 28.97 -18.64
C ASN I 359 28.44 30.39 -18.25
N LEU I 360 29.72 30.64 -17.96
CA LEU I 360 30.14 31.98 -17.60
C LEU I 360 29.86 32.94 -18.74
N VAL I 361 30.24 32.56 -19.94
CA VAL I 361 29.99 33.40 -21.09
C VAL I 361 28.49 33.59 -21.25
N LYS I 362 27.74 32.50 -21.07
CA LYS I 362 26.29 32.59 -21.16
C LYS I 362 25.77 33.52 -20.07
N GLY I 363 26.52 33.64 -18.99
CA GLY I 363 26.08 34.47 -17.88
C GLY I 363 25.25 33.64 -16.93
N ILE I 364 24.97 32.40 -17.31
CA ILE I 364 24.18 31.52 -16.46
C ILE I 364 25.06 30.89 -15.37
N HIS I 365 24.43 30.29 -14.37
CA HIS I 365 25.19 29.69 -13.28
C HIS I 365 26.15 28.64 -13.80
N TRP I 366 27.38 28.67 -13.29
CA TRP I 366 28.37 27.69 -13.71
C TRP I 366 27.83 26.31 -13.42
N TRP I 367 27.22 26.13 -12.26
CA TRP I 367 26.67 24.83 -11.90
C TRP I 367 25.38 24.56 -12.63
N SER I 368 25.38 24.73 -13.95
CA SER I 368 24.20 24.46 -14.74
C SER I 368 23.82 23.00 -14.62
N ASN I 369 24.79 22.11 -14.76
CA ASN I 369 24.52 20.68 -14.69
C ASN I 369 25.82 19.88 -14.70
N PHE I 370 26.76 20.23 -13.82
CA PHE I 370 28.04 19.54 -13.80
C PHE I 370 27.89 18.04 -13.61
N TRP I 371 27.09 17.64 -12.63
CA TRP I 371 26.93 16.21 -12.34
C TRP I 371 26.49 15.45 -13.57
N GLU I 372 25.56 16.03 -14.32
CA GLU I 372 25.09 15.39 -15.53
C GLU I 372 26.27 15.08 -16.41
N LYS I 373 27.12 16.07 -16.63
CA LYS I 373 28.28 15.88 -17.48
C LYS I 373 29.30 14.97 -16.82
N LEU I 374 29.52 15.16 -15.52
CA LEU I 374 30.53 14.38 -14.80
C LEU I 374 30.19 12.90 -14.65
N VAL I 375 28.93 12.59 -14.39
CA VAL I 375 28.56 11.20 -14.15
C VAL I 375 27.55 10.68 -15.15
N ILE I 376 26.36 11.27 -15.18
CA ILE I 376 25.33 10.80 -16.08
C ILE I 376 25.90 10.60 -17.47
N GLU I 377 26.41 11.69 -18.04
CA GLU I 377 27.00 11.61 -19.37
C GLU I 377 28.35 10.93 -19.33
N ASP I 378 29.17 11.28 -18.34
CA ASP I 378 30.52 10.73 -18.28
C ASP I 378 30.58 9.44 -17.49
N SER I 379 30.04 8.37 -18.06
CA SER I 379 30.12 7.07 -17.41
C SER I 379 31.59 6.68 -17.36
N LYS I 380 32.33 7.03 -18.40
CA LYS I 380 33.75 6.70 -18.47
C LYS I 380 34.54 7.44 -17.40
N GLU I 381 33.94 8.45 -16.80
CA GLU I 381 34.61 9.22 -15.75
C GLU I 381 35.80 9.99 -16.29
N TYR I 382 35.80 10.31 -17.58
CA TYR I 382 36.87 11.10 -18.16
C TYR I 382 36.99 12.41 -17.42
N LEU I 383 35.87 13.11 -17.27
CA LEU I 383 35.88 14.36 -16.50
C LEU I 383 35.42 14.09 -15.08
N PHE I 384 34.83 12.92 -14.85
CA PHE I 384 34.43 12.57 -13.49
C PHE I 384 35.69 12.42 -12.67
N ASN I 385 36.74 11.88 -13.27
CA ASN I 385 38.01 11.80 -12.57
C ASN I 385 38.46 13.21 -12.29
N GLN I 386 38.26 14.09 -13.26
CA GLN I 386 38.59 15.50 -13.03
C GLN I 386 37.77 15.98 -11.86
N LEU I 387 36.53 15.50 -11.77
CA LEU I 387 35.71 15.86 -10.62
C LEU I 387 36.44 15.40 -9.38
N PHE I 388 36.93 14.17 -9.40
CA PHE I 388 37.65 13.65 -8.26
C PHE I 388 38.85 14.53 -8.00
N SER I 389 39.53 14.93 -9.07
CA SER I 389 40.70 15.79 -8.93
C SER I 389 40.30 17.21 -8.55
N ASN I 390 39.10 17.62 -8.93
CA ASN I 390 38.68 19.00 -8.68
C ASN I 390 37.38 19.10 -7.91
N ARG I 391 37.04 18.07 -7.14
CA ARG I 391 35.79 18.07 -6.40
C ARG I 391 35.73 19.26 -5.46
N GLU I 392 36.87 19.56 -4.83
CA GLU I 392 36.91 20.72 -3.95
C GLU I 392 36.55 21.96 -4.74
N GLY I 393 37.11 22.08 -5.94
CA GLY I 393 36.81 23.23 -6.78
C GLY I 393 35.32 23.31 -7.07
N PHE I 394 34.71 22.16 -7.35
CA PHE I 394 33.28 22.13 -7.58
C PHE I 394 32.57 22.66 -6.36
N ILE I 395 32.95 22.15 -5.20
CA ILE I 395 32.33 22.59 -3.96
C ILE I 395 32.56 24.08 -3.77
N ILE I 396 33.75 24.56 -4.10
CA ILE I 396 34.06 25.97 -3.93
C ILE I 396 33.05 26.82 -4.69
N MET I 397 32.82 26.49 -5.96
CA MET I 397 31.87 27.24 -6.76
C MET I 397 30.48 27.06 -6.19
N ALA I 398 30.15 25.84 -5.78
CA ALA I 398 28.84 25.59 -5.18
C ALA I 398 28.68 26.45 -3.94
N GLU I 399 29.76 26.62 -3.18
CA GLU I 399 29.71 27.47 -2.00
C GLU I 399 29.33 28.86 -2.44
N ASN I 400 29.92 29.32 -3.53
CA ASN I 400 29.60 30.64 -4.06
C ASN I 400 28.11 30.70 -4.34
N SER I 401 27.56 29.59 -4.82
CA SER I 401 26.13 29.53 -5.10
C SER I 401 25.32 29.63 -3.82
N GLU I 402 24.54 30.70 -3.70
CA GLU I 402 23.69 30.85 -2.51
C GLU I 402 22.58 29.82 -2.48
N GLU I 403 21.97 29.58 -3.64
CA GLU I 403 20.87 28.62 -3.71
C GLU I 403 21.33 27.26 -3.20
N ASP I 404 22.59 26.94 -3.44
CA ASP I 404 23.13 25.67 -2.97
C ASP I 404 22.96 25.55 -1.46
N LYS I 405 23.05 26.67 -0.77
CA LYS I 405 22.95 26.65 0.69
C LYS I 405 22.12 25.48 1.21
N GLN I 406 20.84 25.45 0.87
CA GLN I 406 19.98 24.40 1.40
C GLN I 406 20.56 23.03 1.15
N TYR I 407 21.07 22.80 -0.06
CA TYR I 407 21.67 21.50 -0.35
C TYR I 407 22.97 21.30 0.41
N LEU I 408 23.69 22.38 0.72
CA LEU I 408 24.86 22.25 1.58
C LEU I 408 24.47 21.83 2.98
N ILE I 409 23.38 22.39 3.51
CA ILE I 409 22.89 21.98 4.82
C ILE I 409 22.48 20.51 4.78
N PHE I 410 21.85 20.09 3.69
CA PHE I 410 21.49 18.68 3.54
C PHE I 410 22.74 17.80 3.45
N ILE I 411 23.80 18.30 2.81
CA ILE I 411 25.07 17.57 2.74
C ILE I 411 25.60 17.35 4.14
N LYS I 412 25.60 18.40 4.97
CA LYS I 412 26.05 18.28 6.34
C LYS I 412 25.18 17.31 7.13
N VAL I 413 23.87 17.34 6.88
CA VAL I 413 22.94 16.44 7.56
C VAL I 413 23.27 14.99 7.24
N PHE I 414 23.46 14.69 5.95
CA PHE I 414 23.76 13.32 5.56
C PHE I 414 25.13 12.89 6.06
N GLN I 415 26.09 13.81 6.10
CA GLN I 415 27.41 13.47 6.64
C GLN I 415 27.32 13.14 8.12
N GLN I 416 26.53 13.91 8.87
CA GLN I 416 26.33 13.59 10.29
C GLN I 416 25.65 12.24 10.46
N ALA I 417 24.66 11.95 9.62
CA ALA I 417 23.96 10.66 9.71
C ALA I 417 24.91 9.50 9.43
N MET I 418 25.75 9.63 8.41
CA MET I 418 26.69 8.56 8.12
C MET I 418 27.79 8.47 9.17
N LYS I 419 28.13 9.60 9.81
CA LYS I 419 29.03 9.56 10.95
C LYS I 419 28.42 8.73 12.08
N GLY I 420 27.13 8.93 12.35
CA GLY I 420 26.47 8.13 13.36
C GLY I 420 26.43 6.66 13.01
N ASN I 421 26.15 6.35 11.74
CA ASN I 421 26.12 4.95 11.31
C ASN I 421 27.50 4.31 11.43
N PHE I 422 28.56 5.04 11.06
CA PHE I 422 29.91 4.51 11.19
C PHE I 422 30.29 4.34 12.66
N ALA I 423 29.82 5.22 13.53
CA ALA I 423 30.02 5.04 14.96
C ALA I 423 29.33 3.77 15.46
N LYS I 424 28.11 3.52 14.98
CA LYS I 424 27.41 2.30 15.35
C LYS I 424 28.18 1.07 14.88
N ILE I 425 28.72 1.11 13.67
CA ILE I 425 29.50 -0.01 13.17
C ILE I 425 30.77 -0.20 13.98
N TYR I 426 31.43 0.91 14.35
CA TYR I 426 32.61 0.83 15.18
C TYR I 426 32.30 0.18 16.52
N ALA I 427 31.17 0.54 17.12
CA ALA I 427 30.73 -0.12 18.35
C ALA I 427 30.48 -1.60 18.11
N LYS I 428 29.85 -1.95 16.98
CA LYS I 428 29.61 -3.34 16.66
C LYS I 428 30.90 -4.10 16.36
N THR I 429 31.95 -3.40 15.90
CA THR I 429 33.17 -4.07 15.48
C THR I 429 33.84 -4.77 16.65
N GLU I 430 34.20 -6.03 16.43
CA GLU I 430 34.91 -6.80 17.45
C GLU I 430 36.35 -6.32 17.59
N GLU I 431 36.91 -6.54 18.77
CA GLU I 431 38.30 -6.18 19.02
C GLU I 431 39.22 -7.02 18.14
N GLY I 432 40.24 -6.37 17.56
CA GLY I 432 41.17 -7.00 16.66
C GLY I 432 40.73 -7.04 15.22
N LYS I 433 39.44 -7.29 14.97
CA LYS I 433 38.93 -7.30 13.61
C LYS I 433 38.95 -5.89 13.01
N ASP I 434 39.16 -5.83 11.70
CA ASP I 434 39.17 -4.56 10.98
C ASP I 434 37.76 -4.23 10.52
N PRO I 435 37.18 -3.12 10.96
CA PRO I 435 35.83 -2.76 10.51
C PRO I 435 35.80 -2.51 9.01
N PRO I 436 34.76 -2.94 8.32
CA PRO I 436 34.67 -2.75 6.86
C PRO I 436 33.98 -1.44 6.50
N ILE I 437 34.62 -0.32 6.86
CA ILE I 437 34.05 0.99 6.57
C ILE I 437 34.04 1.24 5.06
N LYS I 438 35.12 0.85 4.37
CA LYS I 438 35.13 0.96 2.92
C LYS I 438 34.03 0.10 2.29
N LYS I 439 33.87 -1.12 2.77
CA LYS I 439 32.81 -1.98 2.28
C LYS I 439 31.44 -1.40 2.58
N LYS I 440 31.26 -0.80 3.76
CA LYS I 440 30.00 -0.17 4.09
C LYS I 440 29.71 1.03 3.19
N VAL I 441 30.74 1.82 2.87
CA VAL I 441 30.56 2.95 1.97
C VAL I 441 30.16 2.46 0.58
N GLU I 442 30.83 1.42 0.09
CA GLU I 442 30.46 0.84 -1.19
C GLU I 442 29.02 0.33 -1.17
N ARG I 443 28.62 -0.29 -0.05
CA ARG I 443 27.24 -0.73 0.09
C ARG I 443 26.28 0.45 0.06
N LEU I 444 26.65 1.56 0.69
CA LEU I 444 25.81 2.76 0.66
C LEU I 444 25.62 3.26 -0.76
N ARG I 445 26.72 3.35 -1.52
CA ARG I 445 26.62 3.78 -2.92
C ARG I 445 25.75 2.84 -3.72
N ALA I 446 25.94 1.53 -3.55
CA ALA I 446 25.15 0.56 -4.30
C ALA I 446 23.67 0.63 -3.95
N GLU I 447 23.36 0.77 -2.66
CA GLU I 447 21.97 0.85 -2.23
C GLU I 447 21.31 2.11 -2.76
N LEU I 448 22.01 3.25 -2.69
CA LEU I 448 21.45 4.49 -3.21
C LEU I 448 21.23 4.39 -4.72
N ASN I 449 22.19 3.83 -5.45
CA ASN I 449 22.02 3.67 -6.89
C ASN I 449 20.91 2.68 -7.21
N TYR I 450 20.62 1.73 -6.32
CA TYR I 450 19.56 0.77 -6.59
C TYR I 450 18.18 1.41 -6.58
N CYS I 451 17.98 2.44 -5.75
CA CYS I 451 16.66 3.04 -5.61
C CYS I 451 16.14 3.50 -6.96
N TYR I 452 14.90 3.11 -7.27
CA TYR I 452 14.37 3.24 -8.61
C TYR I 452 13.24 4.24 -8.75
N ASP I 453 12.62 4.66 -7.66
CA ASP I 453 11.54 5.63 -7.72
C ASP I 453 11.63 6.55 -6.51
N GLU I 454 10.67 7.47 -6.41
CA GLU I 454 10.67 8.43 -5.31
C GLU I 454 10.40 7.75 -3.98
N LEU I 455 9.44 6.81 -3.95
CA LEU I 455 9.00 6.22 -2.70
C LEU I 455 10.12 5.39 -2.06
N SER I 456 10.76 4.51 -2.83
CA SER I 456 11.79 3.65 -2.28
C SER I 456 13.00 4.47 -1.82
N PHE I 457 13.41 5.45 -2.64
CA PHE I 457 14.56 6.27 -2.28
C PHE I 457 14.29 7.08 -1.02
N LYS I 458 13.09 7.65 -0.91
CA LYS I 458 12.75 8.41 0.30
C LYS I 458 12.66 7.50 1.51
N GLU I 459 12.12 6.29 1.34
CA GLU I 459 12.14 5.30 2.40
C GLU I 459 13.56 5.08 2.91
N TYR I 460 14.49 4.79 1.99
CA TYR I 460 15.85 4.48 2.40
C TYR I 460 16.52 5.69 3.04
N LEU I 461 16.32 6.88 2.47
CA LEU I 461 16.92 8.09 3.01
C LEU I 461 16.43 8.38 4.43
N SER I 462 15.11 8.29 4.64
CA SER I 462 14.56 8.53 5.96
C SER I 462 15.03 7.48 6.96
N ASP I 463 15.08 6.21 6.55
CA ASP I 463 15.55 5.16 7.44
C ASP I 463 17.01 5.37 7.82
N PHE I 464 17.84 5.75 6.86
CA PHE I 464 19.24 6.02 7.14
C PHE I 464 19.40 7.21 8.07
N LEU I 465 18.62 8.26 7.85
CA LEU I 465 18.68 9.43 8.74
C LEU I 465 18.27 9.05 10.16
N VAL I 466 17.24 8.22 10.30
CA VAL I 466 16.84 7.77 11.63
C VAL I 466 17.94 6.95 12.28
N ARG I 467 18.52 6.01 11.53
CA ARG I 467 19.59 5.18 12.07
C ARG I 467 20.83 6.00 12.44
N GLY I 468 21.04 7.15 11.79
CA GLY I 468 22.19 7.96 12.12
C GLY I 468 22.19 8.42 13.57
N GLY I 469 21.03 8.74 14.10
CA GLY I 469 20.92 9.20 15.49
C GLY I 469 20.50 10.65 15.59
N LEU I 470 20.90 11.30 16.68
CA LEU I 470 20.58 12.72 16.87
C LEU I 470 21.48 13.55 15.99
N ASN I 471 20.87 14.31 15.07
CA ASN I 471 21.58 15.15 14.13
C ASN I 471 21.38 16.61 14.54
N LYS I 472 22.47 17.31 14.83
CA LYS I 472 22.37 18.72 15.20
C LYS I 472 21.88 19.55 14.02
N TYR I 473 22.47 19.36 12.84
CA TYR I 473 22.13 20.18 11.69
C TYR I 473 20.67 20.01 11.29
N PHE I 474 20.18 18.76 11.33
CA PHE I 474 18.79 18.51 10.97
C PHE I 474 17.85 19.10 12.02
N ASN I 475 18.34 19.27 13.25
CA ASN I 475 17.54 19.95 14.28
C ASN I 475 17.50 21.46 14.04
N GLU I 476 18.64 22.06 13.70
CA GLU I 476 18.68 23.52 13.52
C GLU I 476 17.85 23.96 12.32
N HIS I 477 17.88 23.19 11.24
CA HIS I 477 17.20 23.55 10.01
C HIS I 477 16.07 22.57 9.72
N GLN I 478 15.27 22.27 10.74
CA GLN I 478 14.19 21.29 10.63
C GLN I 478 13.28 21.56 9.43
N GLU I 479 12.61 22.72 9.44
CA GLU I 479 11.60 22.99 8.42
C GLU I 479 12.22 23.06 7.03
N GLU I 480 13.38 23.70 6.90
CA GLU I 480 14.00 23.86 5.59
C GLU I 480 14.37 22.50 4.99
N ILE I 481 15.01 21.64 5.78
CA ILE I 481 15.41 20.33 5.27
C ILE I 481 14.19 19.47 4.99
N ALA I 482 13.17 19.56 5.85
CA ALA I 482 11.95 18.80 5.62
C ALA I 482 11.30 19.19 4.30
N LEU I 483 11.20 20.51 4.04
CA LEU I 483 10.61 20.97 2.80
C LEU I 483 11.48 20.61 1.60
N LEU I 484 12.80 20.65 1.77
CA LEU I 484 13.69 20.25 0.68
C LEU I 484 13.49 18.78 0.32
N ILE I 485 13.34 17.92 1.34
CA ILE I 485 13.08 16.51 1.07
C ILE I 485 11.72 16.33 0.40
N LYS I 486 10.71 17.07 0.87
CA LYS I 486 9.36 16.89 0.33
C LYS I 486 9.26 17.37 -1.12
N LYS I 487 9.94 18.47 -1.45
CA LYS I 487 9.78 19.12 -2.75
C LYS I 487 10.72 18.59 -3.83
N SER I 488 12.01 18.46 -3.51
CA SER I 488 13.00 18.19 -4.54
C SER I 488 12.73 16.83 -5.19
N PRO I 489 12.91 16.71 -6.51
CA PRO I 489 12.79 15.39 -7.15
C PRO I 489 13.81 14.42 -6.57
N TRP I 490 13.40 13.17 -6.45
CA TRP I 490 14.22 12.19 -5.74
C TRP I 490 15.55 11.94 -6.44
N GLN I 491 15.60 12.10 -7.76
CA GLN I 491 16.87 11.95 -8.47
C GLN I 491 17.89 12.98 -7.99
N GLU I 492 17.46 14.22 -7.83
CA GLU I 492 18.36 15.27 -7.35
C GLU I 492 18.85 14.95 -5.93
N ILE I 493 17.94 14.55 -5.06
CA ILE I 493 18.34 14.23 -3.69
C ILE I 493 19.32 13.07 -3.66
N ARG I 494 19.11 12.09 -4.54
CA ARG I 494 20.07 10.99 -4.67
C ARG I 494 21.43 11.50 -5.13
N ILE I 495 21.43 12.43 -6.09
CA ILE I 495 22.70 12.98 -6.58
C ILE I 495 23.45 13.66 -5.45
N TRP I 496 22.78 14.54 -4.72
CA TRP I 496 23.46 15.23 -3.63
C TRP I 496 23.85 14.29 -2.49
N SER I 497 23.07 13.22 -2.27
CA SER I 497 23.49 12.22 -1.28
C SER I 497 24.78 11.52 -1.72
N LEU I 498 24.88 11.19 -3.00
CA LEU I 498 26.12 10.60 -3.51
C LEU I 498 27.28 11.56 -3.36
N LEU I 499 27.05 12.85 -3.65
CA LEU I 499 28.10 13.84 -3.44
C LEU I 499 28.51 13.92 -1.98
N ALA I 500 27.54 13.86 -1.07
CA ALA I 500 27.85 13.87 0.36
C ALA I 500 28.71 12.67 0.73
N ILE I 501 28.38 11.50 0.21
CA ILE I 501 29.19 10.32 0.48
C ILE I 501 30.61 10.51 -0.05
N ALA I 502 30.71 11.04 -1.27
CA ALA I 502 32.03 11.24 -1.87
C ALA I 502 32.81 12.36 -1.18
N SER I 503 32.11 13.33 -0.60
CA SER I 503 32.77 14.47 0.04
C SER I 503 32.99 14.27 1.53
N TYR I 504 32.69 13.08 2.07
CA TYR I 504 32.88 12.82 3.49
C TYR I 504 34.36 12.84 3.82
N LYS I 505 34.72 13.65 4.82
CA LYS I 505 36.12 13.79 5.24
C LYS I 505 36.12 14.10 6.73
N PRO I 506 36.35 13.09 7.59
CA PRO I 506 36.35 13.25 9.05
C PRO I 506 37.43 14.21 9.55
N ASN J 4 -31.99 3.57 -0.40
CA ASN J 4 -31.04 2.57 -0.90
C ASN J 4 -30.71 1.55 0.17
N SER J 5 -30.33 0.34 -0.26
CA SER J 5 -29.85 -0.72 0.62
C SER J 5 -30.88 -1.01 1.74
N GLU J 6 -31.99 -1.61 1.30
CA GLU J 6 -33.20 -1.78 2.10
C GLU J 6 -32.97 -2.21 3.54
N GLU J 7 -31.97 -3.04 3.82
CA GLU J 7 -31.73 -3.44 5.20
C GLU J 7 -31.29 -2.26 6.04
N ASP J 8 -30.52 -1.33 5.46
CA ASP J 8 -30.19 -0.11 6.18
C ASP J 8 -31.41 0.78 6.35
N LYS J 9 -32.37 0.71 5.41
CA LYS J 9 -33.64 1.39 5.65
C LYS J 9 -34.35 0.82 6.86
N GLN J 10 -34.39 -0.51 6.99
CA GLN J 10 -34.98 -1.12 8.18
C GLN J 10 -34.25 -0.68 9.44
N TYR J 11 -32.92 -0.61 9.37
CA TYR J 11 -32.13 -0.18 10.52
C TYR J 11 -32.48 1.25 10.92
N LEU J 12 -32.63 2.15 9.95
CA LEU J 12 -32.96 3.54 10.25
C LEU J 12 -34.37 3.67 10.81
N ILE J 13 -35.34 2.93 10.25
CA ILE J 13 -36.69 3.02 10.80
C ILE J 13 -36.76 2.38 12.18
N PHE J 14 -35.93 1.39 12.46
CA PHE J 14 -35.82 0.88 13.82
C PHE J 14 -35.27 1.94 14.76
N ILE J 15 -34.26 2.68 14.30
CA ILE J 15 -33.72 3.79 15.09
C ILE J 15 -34.83 4.78 15.43
N LYS J 16 -35.61 5.17 14.41
CA LYS J 16 -36.69 6.13 14.63
C LYS J 16 -37.76 5.58 15.55
N VAL J 17 -38.10 4.30 15.42
CA VAL J 17 -39.10 3.68 16.29
C VAL J 17 -38.64 3.72 17.74
N PHE J 18 -37.38 3.35 17.97
CA PHE J 18 -36.84 3.38 19.34
C PHE J 18 -36.84 4.79 19.89
N GLN J 19 -36.46 5.77 19.06
CA GLN J 19 -36.45 7.16 19.52
C GLN J 19 -37.86 7.63 19.89
N GLN J 20 -38.86 7.27 19.07
CA GLN J 20 -40.23 7.69 19.37
C GLN J 20 -40.75 7.01 20.63
N ALA J 21 -40.41 5.74 20.82
CA ALA J 21 -40.83 5.03 22.03
C ALA J 21 -40.22 5.67 23.27
N MET J 22 -38.94 6.01 23.21
CA MET J 22 -38.33 6.68 24.36
C MET J 22 -38.85 8.10 24.53
N LYS J 23 -39.28 8.76 23.46
CA LYS J 23 -39.97 10.04 23.60
C LYS J 23 -41.26 9.86 24.39
N GLY J 24 -42.02 8.81 24.08
CA GLY J 24 -43.22 8.53 24.84
C GLY J 24 -42.93 8.25 26.30
N ASN J 25 -41.89 7.46 26.56
CA ASN J 25 -41.51 7.17 27.95
C ASN J 25 -41.10 8.44 28.69
N PHE J 26 -40.34 9.31 28.02
CA PHE J 26 -39.93 10.57 28.64
C PHE J 26 -41.15 11.44 28.94
N ALA J 27 -42.11 11.49 28.01
CA ALA J 27 -43.33 12.25 28.27
C ALA J 27 -44.08 11.68 29.47
N LYS J 28 -44.15 10.35 29.57
CA LYS J 28 -44.78 9.72 30.72
C LYS J 28 -44.12 10.15 32.03
N ILE J 29 -42.79 10.08 32.10
CA ILE J 29 -42.13 10.36 33.38
C ILE J 29 -42.18 11.85 33.69
N TYR J 30 -42.11 12.72 32.67
CA TYR J 30 -42.35 14.15 32.90
C TYR J 30 -43.74 14.38 33.48
N ALA J 31 -44.74 13.64 32.98
CA ALA J 31 -46.08 13.75 33.52
C ALA J 31 -46.13 13.29 34.98
N LYS J 32 -45.35 12.25 35.31
CA LYS J 32 -45.38 11.72 36.67
C LYS J 32 -44.91 12.73 37.70
N THR J 33 -43.82 13.43 37.41
CA THR J 33 -43.24 14.35 38.39
C THR J 33 -44.07 15.62 38.51
N GLU J 34 -43.88 16.32 39.63
CA GLU J 34 -44.63 17.55 39.90
C GLU J 34 -43.76 18.46 40.76
N GLU J 35 -44.07 19.76 40.69
CA GLU J 35 -43.43 20.81 41.48
C GLU J 35 -41.95 20.89 41.07
N GLY J 36 -41.15 21.72 41.72
CA GLY J 36 -39.86 22.13 41.23
C GLY J 36 -38.74 21.11 41.20
N LYS J 37 -38.98 19.86 41.60
CA LYS J 37 -37.92 18.86 41.53
C LYS J 37 -37.55 18.60 40.07
N ASP J 38 -36.26 18.45 39.81
CA ASP J 38 -35.80 18.23 38.45
C ASP J 38 -36.23 16.82 38.03
N PRO J 39 -37.01 16.67 36.97
CA PRO J 39 -37.44 15.33 36.54
C PRO J 39 -36.25 14.47 36.20
N PRO J 40 -36.20 13.23 36.68
CA PRO J 40 -35.00 12.40 36.47
C PRO J 40 -34.94 11.86 35.06
N ILE J 41 -34.07 12.41 34.24
CA ILE J 41 -33.95 12.06 32.83
C ILE J 41 -32.57 11.54 32.50
N LYS J 42 -31.53 12.26 32.90
CA LYS J 42 -30.17 11.72 32.82
C LYS J 42 -30.06 10.45 33.64
N LYS J 43 -30.67 10.44 34.82
CA LYS J 43 -30.77 9.21 35.60
C LYS J 43 -31.60 8.16 34.85
N LYS J 44 -32.69 8.60 34.20
CA LYS J 44 -33.48 7.67 33.40
C LYS J 44 -32.69 7.12 32.23
N VAL J 45 -31.88 7.97 31.58
CA VAL J 45 -31.03 7.50 30.49
C VAL J 45 -30.02 6.49 30.99
N GLU J 46 -29.42 6.76 32.16
CA GLU J 46 -28.47 5.81 32.74
C GLU J 46 -29.15 4.48 33.06
N ARG J 47 -30.36 4.54 33.63
CA ARG J 47 -31.10 3.32 33.91
C ARG J 47 -31.41 2.55 32.64
N LEU J 48 -31.82 3.26 31.59
CA LEU J 48 -32.12 2.62 30.32
C LEU J 48 -30.89 1.92 29.76
N ARG J 49 -29.74 2.61 29.79
CA ARG J 49 -28.51 2.00 29.31
C ARG J 49 -28.16 0.77 30.13
N ALA J 50 -28.25 0.87 31.46
CA ALA J 50 -27.87 -0.25 32.32
C ALA J 50 -28.76 -1.46 32.08
N GLU J 51 -30.06 -1.22 31.94
CA GLU J 51 -30.99 -2.32 31.67
C GLU J 51 -30.76 -2.91 30.28
N LEU J 52 -30.37 -2.08 29.32
CA LEU J 52 -30.02 -2.60 28.00
C LEU J 52 -28.77 -3.47 28.06
N ASN J 53 -27.77 -3.02 28.82
CA ASN J 53 -26.53 -3.79 28.96
C ASN J 53 -26.80 -5.13 29.64
N TYR J 54 -27.64 -5.14 30.66
CA TYR J 54 -27.99 -6.37 31.35
C TYR J 54 -28.89 -7.21 30.44
N CYS J 55 -28.36 -8.32 29.94
CA CYS J 55 -29.14 -9.28 29.16
C CYS J 55 -28.30 -10.52 28.94
N TYR J 56 -28.99 -11.64 28.72
CA TYR J 56 -28.35 -12.94 28.54
C TYR J 56 -28.96 -13.68 27.35
N ASP J 57 -29.10 -12.96 26.23
CA ASP J 57 -29.38 -13.53 24.92
C ASP J 57 -30.83 -13.93 24.73
N GLU J 58 -31.32 -13.81 23.49
CA GLU J 58 -32.65 -14.24 23.06
C GLU J 58 -33.76 -13.66 23.92
N LEU J 59 -34.45 -14.52 24.70
CA LEU J 59 -35.62 -14.09 25.44
C LEU J 59 -35.31 -12.86 26.28
N SER J 60 -34.23 -12.90 27.05
CA SER J 60 -33.76 -11.71 27.72
C SER J 60 -33.33 -10.68 26.68
N PHE J 61 -33.69 -9.42 26.92
CA PHE J 61 -33.53 -8.27 26.04
C PHE J 61 -34.53 -8.27 24.89
N LYS J 62 -35.17 -9.40 24.58
CA LYS J 62 -36.25 -9.33 23.62
C LYS J 62 -37.58 -9.03 24.28
N GLU J 63 -37.88 -9.72 25.38
CA GLU J 63 -38.97 -9.26 26.24
C GLU J 63 -38.72 -7.83 26.67
N TYR J 64 -37.46 -7.46 26.92
CA TYR J 64 -37.16 -6.09 27.34
C TYR J 64 -37.45 -5.08 26.24
N LEU J 65 -37.03 -5.36 25.00
CA LEU J 65 -37.29 -4.43 23.92
C LEU J 65 -38.78 -4.33 23.65
N SER J 66 -39.49 -5.45 23.68
CA SER J 66 -40.94 -5.41 23.48
C SER J 66 -41.62 -4.60 24.58
N ASP J 67 -41.22 -4.80 25.84
CA ASP J 67 -41.81 -4.05 26.93
C ASP J 67 -41.49 -2.57 26.82
N PHE J 68 -40.26 -2.23 26.41
CA PHE J 68 -39.91 -0.83 26.21
C PHE J 68 -40.75 -0.20 25.12
N LEU J 69 -40.95 -0.90 24.01
CA LEU J 69 -41.78 -0.37 22.94
C LEU J 69 -43.23 -0.21 23.40
N VAL J 70 -43.71 -1.12 24.25
CA VAL J 70 -45.08 -1.03 24.76
C VAL J 70 -45.22 0.18 25.68
N ARG J 71 -44.29 0.32 26.65
CA ARG J 71 -44.35 1.44 27.58
C ARG J 71 -44.07 2.77 26.91
N GLY J 72 -43.47 2.76 25.72
CA GLY J 72 -43.32 3.99 24.97
C GLY J 72 -44.65 4.58 24.56
N GLY J 73 -45.64 3.75 24.29
CA GLY J 73 -46.96 4.19 23.89
C GLY J 73 -47.26 3.80 22.45
N LEU J 74 -47.92 4.72 21.75
CA LEU J 74 -48.22 4.51 20.34
C LEU J 74 -47.08 5.04 19.48
N ASN J 75 -46.54 4.18 18.63
CA ASN J 75 -45.40 4.50 17.77
C ASN J 75 -45.91 4.59 16.34
N LYS J 76 -45.98 5.81 15.80
CA LYS J 76 -46.48 6.00 14.44
C LYS J 76 -45.61 5.27 13.43
N TYR J 77 -44.28 5.39 13.56
CA TYR J 77 -43.40 4.69 12.65
C TYR J 77 -43.57 3.19 12.73
N PHE J 78 -43.74 2.66 13.95
CA PHE J 78 -44.06 1.25 14.09
C PHE J 78 -45.40 0.92 13.46
N ASN J 79 -46.37 1.82 13.56
CA ASN J 79 -47.68 1.59 12.95
C ASN J 79 -47.56 1.45 11.43
N GLU J 80 -46.80 2.35 10.79
CA GLU J 80 -46.64 2.23 9.34
C GLU J 80 -45.70 1.09 8.98
N HIS J 81 -44.80 0.70 9.87
CA HIS J 81 -43.79 -0.30 9.54
C HIS J 81 -43.85 -1.51 10.48
N GLN J 82 -45.04 -2.08 10.65
CA GLN J 82 -45.19 -3.24 11.53
C GLN J 82 -44.36 -4.42 11.03
N GLU J 83 -44.54 -4.80 9.77
CA GLU J 83 -43.94 -6.04 9.27
C GLU J 83 -42.42 -5.94 9.22
N GLU J 84 -41.90 -4.83 8.70
CA GLU J 84 -40.45 -4.69 8.58
C GLU J 84 -39.79 -4.70 9.95
N ILE J 85 -40.34 -3.95 10.89
CA ILE J 85 -39.75 -3.89 12.23
C ILE J 85 -39.82 -5.26 12.90
N ALA J 86 -40.97 -5.93 12.81
CA ALA J 86 -41.11 -7.24 13.44
C ALA J 86 -40.15 -8.25 12.84
N LEU J 87 -40.02 -8.27 11.51
CA LEU J 87 -39.11 -9.21 10.86
C LEU J 87 -37.66 -8.91 11.23
N LEU J 88 -37.30 -7.62 11.29
CA LEU J 88 -35.94 -7.25 11.67
C LEU J 88 -35.65 -7.67 13.10
N ILE J 89 -36.62 -7.49 14.00
CA ILE J 89 -36.42 -7.86 15.40
C ILE J 89 -36.28 -9.38 15.54
N LYS J 90 -37.15 -10.14 14.86
CA LYS J 90 -37.10 -11.60 14.96
C LYS J 90 -35.77 -12.14 14.45
N LYS J 91 -35.25 -11.58 13.36
CA LYS J 91 -33.97 -11.98 12.80
C LYS J 91 -32.86 -11.12 13.42
N SER J 92 -31.62 -11.32 12.95
CA SER J 92 -30.42 -10.57 13.32
C SER J 92 -29.96 -10.93 14.73
N PRO J 93 -28.65 -10.96 14.97
CA PRO J 93 -28.16 -11.26 16.32
C PRO J 93 -28.61 -10.21 17.32
N TRP J 94 -28.98 -10.68 18.51
CA TRP J 94 -29.51 -9.78 19.54
C TRP J 94 -28.48 -8.75 19.97
N GLN J 95 -27.19 -9.09 19.89
CA GLN J 95 -26.15 -8.11 20.19
C GLN J 95 -26.17 -6.96 19.20
N GLU J 96 -26.40 -7.26 17.92
CA GLU J 96 -26.51 -6.21 16.92
C GLU J 96 -27.71 -5.30 17.20
N ILE J 97 -28.83 -5.90 17.61
CA ILE J 97 -30.00 -5.10 17.95
C ILE J 97 -29.72 -4.23 19.19
N ARG J 98 -28.98 -4.77 20.16
CA ARG J 98 -28.60 -3.96 21.32
C ARG J 98 -27.70 -2.81 20.92
N ILE J 99 -26.78 -3.04 19.99
CA ILE J 99 -25.91 -1.97 19.51
C ILE J 99 -26.73 -0.89 18.82
N TRP J 100 -27.68 -1.31 17.97
CA TRP J 100 -28.55 -0.35 17.31
C TRP J 100 -29.36 0.44 18.33
N SER J 101 -29.85 -0.25 19.36
CA SER J 101 -30.63 0.43 20.40
C SER J 101 -29.78 1.43 21.16
N LEU J 102 -28.52 1.11 21.44
CA LEU J 102 -27.64 2.06 22.11
C LEU J 102 -27.34 3.26 21.22
N LEU J 103 -27.16 3.03 19.92
CA LEU J 103 -27.00 4.15 19.00
C LEU J 103 -28.24 5.04 19.02
N ALA J 104 -29.43 4.43 19.03
CA ALA J 104 -30.66 5.20 19.15
C ALA J 104 -30.72 5.96 20.47
N ILE J 105 -30.23 5.33 21.54
CA ILE J 105 -30.15 6.01 22.84
C ILE J 105 -29.36 7.30 22.69
N ALA J 106 -28.27 7.25 21.94
CA ALA J 106 -27.50 8.47 21.70
C ALA J 106 -28.07 9.28 20.53
N SER J 107 -29.08 8.75 19.84
CA SER J 107 -29.60 9.43 18.65
C SER J 107 -30.89 10.22 18.85
N TYR J 108 -31.48 10.18 20.04
CA TYR J 108 -32.78 10.82 20.26
C TYR J 108 -32.72 12.32 20.55
N LYS J 109 -31.58 12.84 20.96
CA LYS J 109 -31.49 14.24 21.35
C LYS J 109 -31.98 15.25 20.32
N PRO J 110 -31.73 15.11 19.00
CA PRO J 110 -32.25 16.12 18.07
C PRO J 110 -33.76 16.23 18.06
N LYS J 111 -34.48 15.24 18.61
CA LYS J 111 -35.93 15.35 18.69
C LYS J 111 -36.33 16.57 19.51
N ASP J 112 -35.65 16.80 20.64
CA ASP J 112 -35.81 18.00 21.44
C ASP J 112 -34.61 18.19 22.36
N ASN K 4 -16.17 18.47 0.52
CA ASN K 4 -15.57 17.61 -0.49
C ASN K 4 -15.34 16.20 0.04
N SER K 5 -15.73 15.19 -0.76
CA SER K 5 -15.61 13.79 -0.39
C SER K 5 -16.36 13.51 0.91
N GLU K 6 -17.69 13.59 0.80
CA GLU K 6 -18.61 13.55 1.94
C GLU K 6 -18.29 12.43 2.95
N GLU K 7 -17.64 11.35 2.49
CA GLU K 7 -17.17 10.35 3.44
C GLU K 7 -16.18 10.96 4.43
N ASP K 8 -15.28 11.81 3.95
CA ASP K 8 -14.36 12.50 4.85
C ASP K 8 -15.10 13.45 5.78
N LYS K 9 -16.16 14.10 5.29
CA LYS K 9 -16.98 14.93 6.16
C LYS K 9 -17.60 14.10 7.29
N GLN K 10 -18.15 12.94 6.94
CA GLN K 10 -18.72 12.06 7.96
C GLN K 10 -17.65 11.61 8.95
N TYR K 11 -16.44 11.33 8.46
CA TYR K 11 -15.35 10.93 9.35
C TYR K 11 -15.00 12.04 10.33
N LEU K 12 -14.94 13.28 9.83
CA LEU K 12 -14.63 14.41 10.71
C LEU K 12 -15.72 14.63 11.74
N ILE K 13 -16.99 14.57 11.33
CA ILE K 13 -18.07 14.75 12.29
C ILE K 13 -18.12 13.59 13.28
N PHE K 14 -17.71 12.38 12.87
CA PHE K 14 -17.60 11.29 13.83
C PHE K 14 -16.51 11.56 14.85
N ILE K 15 -15.37 12.10 14.40
CA ILE K 15 -14.32 12.51 15.33
C ILE K 15 -14.87 13.51 16.34
N LYS K 16 -15.63 14.49 15.86
CA LYS K 16 -16.21 15.48 16.76
C LYS K 16 -17.22 14.84 17.72
N VAL K 17 -18.00 13.89 17.23
CA VAL K 17 -18.99 13.20 18.08
C VAL K 17 -18.28 12.47 19.22
N PHE K 18 -17.21 11.75 18.88
CA PHE K 18 -16.47 11.02 19.91
C PHE K 18 -15.83 11.97 20.90
N GLN K 19 -15.33 13.10 20.41
CA GLN K 19 -14.75 14.11 21.30
C GLN K 19 -15.80 14.64 22.27
N GLN K 20 -17.00 14.92 21.78
CA GLN K 20 -18.06 15.45 22.65
C GLN K 20 -18.50 14.40 23.66
N ALA K 21 -18.54 13.13 23.25
CA ALA K 21 -18.87 12.06 24.19
C ALA K 21 -17.82 11.96 25.29
N MET K 22 -16.54 12.07 24.93
CA MET K 22 -15.51 12.01 25.97
C MET K 22 -15.58 13.25 26.86
N LYS K 23 -15.98 14.40 26.30
CA LYS K 23 -16.23 15.57 27.12
C LYS K 23 -17.32 15.31 28.15
N GLY K 24 -18.40 14.67 27.71
CA GLY K 24 -19.47 14.33 28.64
C GLY K 24 -19.00 13.40 29.74
N ASN K 25 -18.20 12.39 29.38
CA ASN K 25 -17.68 11.48 30.40
C ASN K 25 -16.71 12.18 31.33
N PHE K 26 -15.92 13.13 30.82
CA PHE K 26 -15.05 13.93 31.67
C PHE K 26 -15.86 14.75 32.66
N ALA K 27 -16.95 15.36 32.19
CA ALA K 27 -17.83 16.07 33.10
C ALA K 27 -18.41 15.14 34.15
N LYS K 28 -18.77 13.91 33.75
CA LYS K 28 -19.31 12.95 34.70
C LYS K 28 -18.30 12.60 35.79
N ILE K 29 -17.05 12.32 35.39
CA ILE K 29 -16.05 11.93 36.39
C ILE K 29 -15.69 13.12 37.27
N TYR K 30 -15.65 14.33 36.69
CA TYR K 30 -15.42 15.52 37.50
C TYR K 30 -16.53 15.75 38.50
N ALA K 31 -17.77 15.44 38.13
CA ALA K 31 -18.88 15.54 39.08
C ALA K 31 -18.76 14.46 40.16
N LYS K 32 -18.31 13.26 39.79
CA LYS K 32 -18.23 12.16 40.74
C LYS K 32 -17.19 12.41 41.82
N THR K 33 -16.03 12.94 41.47
CA THR K 33 -14.97 13.12 42.45
C THR K 33 -15.36 14.17 43.49
N GLU K 34 -14.78 14.03 44.69
CA GLU K 34 -15.17 14.86 45.82
C GLU K 34 -13.93 15.14 46.68
N GLU K 35 -14.07 16.08 47.60
CA GLU K 35 -13.00 16.55 48.48
C GLU K 35 -11.87 17.13 47.62
N GLY K 36 -10.66 17.16 48.16
CA GLY K 36 -9.50 17.65 47.47
C GLY K 36 -8.78 16.62 46.62
N LYS K 37 -9.34 15.42 46.48
CA LYS K 37 -8.71 14.39 45.67
C LYS K 37 -8.59 14.84 44.22
N ASP K 38 -7.46 14.53 43.60
CA ASP K 38 -7.24 14.90 42.21
C ASP K 38 -8.18 14.08 41.32
N PRO K 39 -9.03 14.71 40.52
CA PRO K 39 -9.90 13.95 39.61
C PRO K 39 -9.08 13.14 38.63
N PRO K 40 -9.32 11.83 38.55
CA PRO K 40 -8.54 10.99 37.62
C PRO K 40 -8.89 11.28 36.17
N ILE K 41 -7.98 11.93 35.46
CA ILE K 41 -8.20 12.24 34.05
C ILE K 41 -7.14 11.51 33.22
N LYS K 42 -5.87 11.66 33.59
CA LYS K 42 -4.82 10.89 32.94
C LYS K 42 -5.05 9.39 33.12
N LYS K 43 -5.41 8.99 34.34
CA LYS K 43 -5.76 7.59 34.58
C LYS K 43 -6.95 7.17 33.74
N LYS K 44 -7.97 8.03 33.66
CA LYS K 44 -9.16 7.71 32.88
C LYS K 44 -8.84 7.64 31.40
N VAL K 45 -8.00 8.55 30.89
CA VAL K 45 -7.63 8.54 29.49
C VAL K 45 -6.85 7.28 29.14
N GLU K 46 -5.89 6.90 30.01
CA GLU K 46 -5.11 5.70 29.77
C GLU K 46 -6.00 4.45 29.85
N ARG K 47 -6.95 4.44 30.78
CA ARG K 47 -7.91 3.34 30.85
C ARG K 47 -8.74 3.25 29.58
N LEU K 48 -9.19 4.38 29.07
CA LEU K 48 -9.96 4.40 27.83
C LEU K 48 -9.13 3.86 26.67
N ARG K 49 -7.87 4.29 26.57
CA ARG K 49 -7.01 3.82 25.49
C ARG K 49 -6.77 2.31 25.60
N ALA K 50 -6.53 1.83 26.82
CA ALA K 50 -6.29 0.40 27.01
C ALA K 50 -7.52 -0.43 26.65
N GLU K 51 -8.71 0.02 27.05
CA GLU K 51 -9.91 -0.70 26.68
C GLU K 51 -10.19 -0.60 25.18
N LEU K 52 -9.81 0.51 24.56
CA LEU K 52 -9.99 0.64 23.11
C LEU K 52 -9.08 -0.33 22.37
N ASN K 53 -7.84 -0.47 22.81
CA ASN K 53 -6.93 -1.42 22.17
C ASN K 53 -7.41 -2.85 22.35
N TYR K 54 -7.99 -3.15 23.51
CA TYR K 54 -8.51 -4.49 23.79
C TYR K 54 -9.84 -4.68 23.08
N CYS K 55 -9.87 -5.56 22.08
CA CYS K 55 -11.08 -5.82 21.31
C CYS K 55 -10.85 -7.01 20.40
N TYR K 56 -11.92 -7.76 20.16
CA TYR K 56 -11.86 -8.99 19.36
C TYR K 56 -13.02 -9.06 18.37
N ASP K 57 -13.21 -7.97 17.60
CA ASP K 57 -14.00 -7.98 16.36
C ASP K 57 -15.50 -7.78 16.58
N GLU K 58 -16.14 -7.07 15.64
CA GLU K 58 -17.57 -6.84 15.57
C GLU K 58 -18.20 -6.47 16.92
N LEU K 59 -18.87 -7.44 17.55
CA LEU K 59 -19.59 -7.17 18.79
C LEU K 59 -18.71 -6.47 19.80
N SER K 60 -17.51 -7.02 20.02
CA SER K 60 -16.54 -6.34 20.86
C SER K 60 -16.08 -5.06 20.21
N PHE K 61 -15.93 -4.02 21.02
CA PHE K 61 -15.53 -2.66 20.66
C PHE K 61 -16.63 -1.90 19.95
N LYS K 62 -17.63 -2.60 19.40
CA LYS K 62 -18.77 -1.85 18.88
C LYS K 62 -19.80 -1.65 19.98
N GLU K 63 -20.03 -2.68 20.78
CA GLU K 63 -20.76 -2.51 22.03
C GLU K 63 -20.09 -1.43 22.88
N TYR K 64 -18.75 -1.45 22.95
CA TYR K 64 -18.03 -0.48 23.75
C TYR K 64 -18.15 0.93 23.17
N LEU K 65 -18.08 1.07 21.84
CA LEU K 65 -18.28 2.36 21.21
C LEU K 65 -19.65 2.93 21.54
N SER K 66 -20.69 2.11 21.36
CA SER K 66 -22.05 2.57 21.64
C SER K 66 -22.22 2.93 23.12
N ASP K 67 -21.68 2.10 24.01
CA ASP K 67 -21.81 2.35 25.44
C ASP K 67 -21.08 3.64 25.84
N PHE K 68 -19.89 3.87 25.27
CA PHE K 68 -19.15 5.09 25.56
C PHE K 68 -19.89 6.31 25.04
N LEU K 69 -20.46 6.23 23.84
CA LEU K 69 -21.23 7.36 23.32
C LEU K 69 -22.44 7.64 24.20
N VAL K 70 -23.12 6.60 24.68
CA VAL K 70 -24.24 6.80 25.59
C VAL K 70 -23.77 7.44 26.89
N ARG K 71 -22.65 6.95 27.44
CA ARG K 71 -22.08 7.54 28.64
C ARG K 71 -21.74 9.01 28.44
N GLY K 72 -21.37 9.39 27.22
CA GLY K 72 -21.09 10.79 26.96
C GLY K 72 -22.31 11.67 27.18
N GLY K 73 -23.49 11.17 26.85
CA GLY K 73 -24.70 11.94 27.04
C GLY K 73 -25.03 12.82 25.86
N LEU K 74 -25.66 13.96 26.12
CA LEU K 74 -26.06 14.89 25.07
C LEU K 74 -24.88 15.29 24.21
N ASN K 75 -24.95 14.97 22.91
CA ASN K 75 -23.91 15.33 21.96
C ASN K 75 -24.53 15.93 20.71
N LYS K 76 -24.25 17.22 20.48
CA LYS K 76 -24.92 17.96 19.42
C LYS K 76 -24.47 17.52 18.03
N TYR K 77 -23.17 17.25 17.87
CA TYR K 77 -22.66 16.88 16.55
C TYR K 77 -23.33 15.61 16.04
N PHE K 78 -23.58 14.66 16.92
CA PHE K 78 -24.35 13.48 16.55
C PHE K 78 -25.81 13.81 16.34
N ASN K 79 -26.32 14.84 17.03
CA ASN K 79 -27.71 15.25 16.85
C ASN K 79 -27.97 15.76 15.43
N GLU K 80 -27.03 16.55 14.90
CA GLU K 80 -27.25 17.15 13.58
C GLU K 80 -27.39 16.09 12.50
N HIS K 81 -26.57 15.05 12.55
CA HIS K 81 -26.47 14.07 11.47
C HIS K 81 -26.75 12.67 12.04
N GLN K 82 -27.98 12.20 11.86
CA GLN K 82 -28.38 10.90 12.38
C GLN K 82 -28.00 9.77 11.43
N GLU K 83 -28.58 9.79 10.22
CA GLU K 83 -28.44 8.65 9.31
C GLU K 83 -26.99 8.42 8.91
N GLU K 84 -26.25 9.50 8.64
CA GLU K 84 -24.87 9.35 8.19
C GLU K 84 -24.01 8.63 9.23
N ILE K 85 -24.04 9.11 10.47
CA ILE K 85 -23.21 8.49 11.51
C ILE K 85 -23.75 7.11 11.86
N ALA K 86 -25.07 6.92 11.86
CA ALA K 86 -25.61 5.59 12.15
C ALA K 86 -25.13 4.57 11.12
N LEU K 87 -25.17 4.94 9.84
CA LEU K 87 -24.69 4.04 8.80
C LEU K 87 -23.18 3.83 8.90
N LEU K 88 -22.45 4.90 9.23
CA LEU K 88 -21.00 4.77 9.39
C LEU K 88 -20.65 3.79 10.50
N ILE K 89 -21.39 3.84 11.61
CA ILE K 89 -21.12 2.93 12.72
C ILE K 89 -21.52 1.51 12.35
N LYS K 90 -22.70 1.34 11.75
CA LYS K 90 -23.13 -0.02 11.38
C LYS K 90 -22.22 -0.60 10.30
N LYS K 91 -21.85 0.20 9.31
CA LYS K 91 -20.94 -0.24 8.27
C LYS K 91 -19.50 0.02 8.69
N SER K 92 -18.57 -0.11 7.73
CA SER K 92 -17.15 0.14 7.88
C SER K 92 -16.50 -0.94 8.74
N PRO K 93 -15.30 -1.40 8.38
CA PRO K 93 -14.58 -2.32 9.26
C PRO K 93 -14.31 -1.67 10.60
N TRP K 94 -14.45 -2.46 11.67
CA TRP K 94 -14.33 -1.94 13.02
C TRP K 94 -12.93 -1.40 13.30
N GLN K 95 -11.91 -1.93 12.64
CA GLN K 95 -10.55 -1.45 12.87
C GLN K 95 -10.40 0.01 12.45
N GLU K 96 -10.99 0.41 11.32
CA GLU K 96 -10.92 1.81 10.91
C GLU K 96 -11.65 2.70 11.88
N ILE K 97 -12.78 2.22 12.42
CA ILE K 97 -13.49 2.97 13.45
C ILE K 97 -12.61 3.12 14.69
N ARG K 98 -11.83 2.08 15.01
CA ARG K 98 -10.88 2.19 16.11
C ARG K 98 -9.81 3.24 15.82
N ILE K 99 -9.31 3.28 14.57
CA ILE K 99 -8.34 4.30 14.20
C ILE K 99 -8.92 5.69 14.39
N TRP K 100 -10.15 5.88 13.92
CA TRP K 100 -10.80 7.19 14.04
C TRP K 100 -11.01 7.56 15.50
N SER K 101 -11.42 6.60 16.32
CA SER K 101 -11.66 6.88 17.73
C SER K 101 -10.36 7.22 18.45
N LEU K 102 -9.29 6.50 18.13
CA LEU K 102 -8.01 6.79 18.74
C LEU K 102 -7.57 8.19 18.34
N LEU K 103 -7.69 8.51 17.07
CA LEU K 103 -7.35 9.85 16.63
C LEU K 103 -8.12 10.82 17.49
N ALA K 104 -9.43 10.61 17.59
CA ALA K 104 -10.27 11.48 18.40
C ALA K 104 -9.74 11.62 19.81
N ILE K 105 -9.23 10.52 20.38
CA ILE K 105 -8.60 10.59 21.70
C ILE K 105 -7.48 11.61 21.66
N ALA K 106 -6.65 11.55 20.62
CA ALA K 106 -5.54 12.50 20.50
C ALA K 106 -5.99 13.89 20.06
N SER K 107 -7.21 14.02 19.53
CA SER K 107 -7.69 15.30 19.03
C SER K 107 -8.87 15.84 19.81
N TYR K 108 -9.15 15.31 21.00
CA TYR K 108 -10.11 15.99 21.87
C TYR K 108 -9.45 17.14 22.61
N LYS K 109 -8.19 16.98 22.96
CA LYS K 109 -7.36 17.90 23.71
C LYS K 109 -7.35 19.34 23.17
N PRO K 110 -7.59 19.55 21.86
CA PRO K 110 -7.83 20.93 21.41
C PRO K 110 -8.97 21.62 22.14
N LYS K 111 -10.03 20.90 22.47
CA LYS K 111 -11.16 21.52 23.16
C LYS K 111 -10.73 22.07 24.51
N ASP K 112 -9.94 21.30 25.26
CA ASP K 112 -9.28 21.77 26.48
C ASP K 112 -8.13 20.84 26.84
N ASN L 4 4.64 28.86 0.95
CA ASN L 4 4.43 27.42 0.84
C ASN L 4 2.95 27.10 0.64
N SER L 5 2.67 26.04 -0.12
CA SER L 5 1.30 25.62 -0.35
C SER L 5 0.72 24.99 0.91
N GLU L 6 -0.59 24.71 0.86
CA GLU L 6 -1.26 24.17 2.04
C GLU L 6 -0.72 22.80 2.42
N GLU L 7 -0.42 21.95 1.44
CA GLU L 7 0.06 20.60 1.74
C GLU L 7 1.35 20.64 2.54
N ASP L 8 2.24 21.58 2.23
CA ASP L 8 3.48 21.69 2.98
C ASP L 8 3.22 22.10 4.42
N LYS L 9 2.28 23.02 4.64
CA LYS L 9 1.92 23.36 6.01
C LYS L 9 1.37 22.15 6.75
N GLN L 10 0.48 21.39 6.12
CA GLN L 10 -0.06 20.20 6.78
C GLN L 10 1.05 19.22 7.14
N TYR L 11 2.01 19.04 6.22
CA TYR L 11 3.13 18.13 6.48
C TYR L 11 3.98 18.62 7.64
N LEU L 12 4.20 19.93 7.74
CA LEU L 12 4.95 20.47 8.86
C LEU L 12 4.22 20.27 10.18
N ILE L 13 2.90 20.49 10.20
CA ILE L 13 2.15 20.24 11.43
C ILE L 13 2.19 18.77 11.80
N PHE L 14 2.17 17.88 10.81
CA PHE L 14 2.26 16.46 11.13
C PHE L 14 3.61 16.13 11.75
N ILE L 15 4.69 16.72 11.21
CA ILE L 15 6.02 16.50 11.79
C ILE L 15 6.06 16.98 13.23
N LYS L 16 5.53 18.18 13.48
CA LYS L 16 5.53 18.72 14.84
C LYS L 16 4.65 17.89 15.77
N VAL L 17 3.54 17.36 15.25
CA VAL L 17 2.65 16.53 16.05
C VAL L 17 3.37 15.27 16.48
N PHE L 18 4.05 14.62 15.54
CA PHE L 18 4.81 13.42 15.88
C PHE L 18 5.90 13.72 16.89
N GLN L 19 6.58 14.87 16.71
CA GLN L 19 7.64 15.23 17.65
C GLN L 19 7.09 15.45 19.06
N GLN L 20 5.93 16.10 19.17
CA GLN L 20 5.32 16.29 20.49
C GLN L 20 4.88 14.95 21.09
N ALA L 21 4.38 14.04 20.25
CA ALA L 21 4.03 12.71 20.74
C ALA L 21 5.26 11.98 21.28
N MET L 22 6.38 12.08 20.58
CA MET L 22 7.62 11.48 21.07
C MET L 22 8.08 12.15 22.36
N LYS L 23 7.89 13.47 22.45
CA LYS L 23 8.18 14.17 23.71
C LYS L 23 7.40 13.54 24.85
N GLY L 24 6.10 13.34 24.64
CA GLY L 24 5.28 12.74 25.69
C GLY L 24 5.70 11.33 26.04
N ASN L 25 5.99 10.51 25.02
CA ASN L 25 6.39 9.13 25.28
C ASN L 25 7.73 9.07 26.02
N PHE L 26 8.69 9.90 25.62
CA PHE L 26 9.99 9.92 26.30
C PHE L 26 9.85 10.43 27.72
N ALA L 27 8.95 11.41 27.94
CA ALA L 27 8.70 11.86 29.31
C ALA L 27 8.12 10.74 30.16
N LYS L 28 7.19 9.96 29.60
CA LYS L 28 6.64 8.83 30.33
C LYS L 28 7.71 7.79 30.63
N ILE L 29 8.61 7.55 29.67
CA ILE L 29 9.69 6.60 29.88
C ILE L 29 10.62 7.09 31.00
N TYR L 30 10.96 8.38 30.99
CA TYR L 30 11.80 8.94 32.04
C TYR L 30 11.14 8.81 33.40
N ALA L 31 9.85 9.12 33.48
CA ALA L 31 9.15 9.08 34.77
C ALA L 31 9.01 7.65 35.28
N LYS L 32 8.76 6.70 34.37
CA LYS L 32 8.48 5.34 34.78
C LYS L 32 9.75 4.61 35.23
N THR L 33 10.89 4.91 34.62
CA THR L 33 12.12 4.17 34.90
C THR L 33 13.20 5.16 35.32
N GLU L 34 12.92 5.96 36.35
CA GLU L 34 13.93 6.85 36.90
C GLU L 34 15.04 6.08 37.62
N GLU L 35 14.77 4.85 38.05
CA GLU L 35 15.78 4.05 38.73
C GLU L 35 16.88 3.65 37.74
N GLY L 36 18.07 3.42 38.28
CA GLY L 36 19.23 3.08 37.47
C GLY L 36 20.01 4.32 37.06
N LYS L 37 21.10 4.08 36.34
CA LYS L 37 21.95 5.17 35.88
C LYS L 37 21.21 6.09 34.92
N ASP L 38 20.49 5.51 33.96
CA ASP L 38 19.78 6.28 32.96
C ASP L 38 18.72 5.43 32.27
N PRO L 39 17.50 5.93 32.12
CA PRO L 39 16.49 5.20 31.35
C PRO L 39 16.93 5.01 29.91
N PRO L 40 16.41 3.99 29.23
CA PRO L 40 16.75 3.83 27.80
C PRO L 40 15.94 4.78 26.93
N ILE L 41 16.65 5.63 26.17
CA ILE L 41 16.05 6.44 25.12
C ILE L 41 16.58 6.04 23.74
N LYS L 42 17.90 5.87 23.62
CA LYS L 42 18.47 5.43 22.36
C LYS L 42 17.94 4.07 21.97
N LYS L 43 17.85 3.14 22.92
CA LYS L 43 17.21 1.86 22.65
C LYS L 43 15.73 2.06 22.33
N LYS L 44 15.08 2.99 23.02
CA LYS L 44 13.68 3.28 22.72
C LYS L 44 13.52 3.84 21.31
N VAL L 45 14.42 4.74 20.90
CA VAL L 45 14.35 5.29 19.54
C VAL L 45 14.58 4.19 18.51
N GLU L 46 15.55 3.32 18.76
CA GLU L 46 15.81 2.21 17.83
C GLU L 46 14.60 1.28 17.75
N ARG L 47 13.98 0.99 18.89
CA ARG L 47 12.79 0.15 18.89
C ARG L 47 11.64 0.82 18.16
N LEU L 48 11.49 2.14 18.32
CA LEU L 48 10.45 2.87 17.60
C LEU L 48 10.66 2.78 16.09
N ARG L 49 11.91 2.96 15.66
CA ARG L 49 12.22 2.84 14.23
C ARG L 49 11.94 1.44 13.73
N ALA L 50 12.32 0.42 14.52
CA ALA L 50 12.08 -0.96 14.11
C ALA L 50 10.59 -1.25 14.00
N GLU L 51 9.80 -0.75 14.94
CA GLU L 51 8.36 -0.95 14.89
C GLU L 51 7.75 -0.25 13.68
N LEU L 52 8.18 0.98 13.40
CA LEU L 52 7.65 1.69 12.24
C LEU L 52 8.01 0.98 10.94
N ASN L 53 9.24 0.48 10.83
CA ASN L 53 9.63 -0.26 9.64
C ASN L 53 8.96 -1.63 9.57
N TYR L 54 8.52 -2.16 10.71
CA TYR L 54 7.85 -3.46 10.71
C TYR L 54 6.51 -3.40 10.00
N CYS L 55 5.80 -2.28 10.16
CA CYS L 55 4.45 -2.14 9.61
C CYS L 55 4.44 -2.41 8.11
N TYR L 56 3.52 -3.26 7.67
CA TYR L 56 3.53 -3.79 6.31
C TYR L 56 2.41 -3.25 5.43
N ASP L 57 1.27 -2.88 6.00
CA ASP L 57 0.17 -2.31 5.23
C ASP L 57 -0.39 -1.09 5.96
N GLU L 58 -1.43 -0.49 5.36
CA GLU L 58 -1.99 0.74 5.90
C GLU L 58 -2.66 0.50 7.25
N LEU L 59 -3.32 -0.64 7.43
CA LEU L 59 -4.07 -0.89 8.65
C LEU L 59 -3.16 -0.96 9.86
N SER L 60 -2.12 -1.79 9.80
CA SER L 60 -1.23 -1.95 10.94
C SER L 60 -0.45 -0.69 11.23
N PHE L 61 0.04 -0.02 10.18
CA PHE L 61 0.82 1.20 10.38
C PHE L 61 -0.04 2.31 10.97
N LYS L 62 -1.26 2.46 10.48
CA LYS L 62 -2.16 3.47 11.05
C LYS L 62 -2.52 3.13 12.48
N GLU L 63 -2.70 1.84 12.78
CA GLU L 63 -2.97 1.44 14.16
C GLU L 63 -1.82 1.84 15.06
N TYR L 64 -0.59 1.53 14.65
CA TYR L 64 0.57 1.88 15.48
C TYR L 64 0.71 3.39 15.62
N LEU L 65 0.48 4.13 14.53
CA LEU L 65 0.60 5.59 14.60
C LEU L 65 -0.43 6.19 15.55
N SER L 66 -1.69 5.75 15.45
CA SER L 66 -2.73 6.26 16.34
C SER L 66 -2.43 5.89 17.79
N ASP L 67 -1.96 4.65 18.02
CA ASP L 67 -1.64 4.23 19.38
C ASP L 67 -0.51 5.07 19.95
N PHE L 68 0.53 5.35 19.15
CA PHE L 68 1.60 6.21 19.61
C PHE L 68 1.11 7.63 19.88
N LEU L 69 0.22 8.14 19.01
CA LEU L 69 -0.30 9.49 19.19
C LEU L 69 -1.09 9.62 20.48
N VAL L 70 -1.94 8.63 20.78
CA VAL L 70 -2.70 8.70 22.03
C VAL L 70 -1.77 8.50 23.22
N ARG L 71 -0.79 7.59 23.10
CA ARG L 71 0.17 7.39 24.19
C ARG L 71 0.98 8.64 24.48
N GLY L 72 1.18 9.51 23.49
CA GLY L 72 1.98 10.71 23.72
C GLY L 72 1.37 11.64 24.75
N GLY L 73 0.07 11.88 24.65
CA GLY L 73 -0.61 12.80 25.54
C GLY L 73 -1.16 14.00 24.79
N LEU L 74 -1.27 15.11 25.52
CA LEU L 74 -1.75 16.34 24.91
C LEU L 74 -0.78 16.81 23.82
N ASN L 75 -1.34 17.23 22.69
CA ASN L 75 -0.57 17.50 21.47
C ASN L 75 -0.95 18.88 20.95
N LYS L 76 -0.23 19.91 21.41
CA LYS L 76 -0.57 21.30 21.08
C LYS L 76 -0.69 21.50 19.57
N TYR L 77 0.27 20.97 18.81
CA TYR L 77 0.20 21.08 17.36
C TYR L 77 -1.01 20.34 16.82
N PHE L 78 -1.34 19.19 17.42
CA PHE L 78 -2.55 18.47 17.05
C PHE L 78 -3.78 19.07 17.69
N ASN L 79 -3.62 19.93 18.69
CA ASN L 79 -4.75 20.70 19.18
C ASN L 79 -5.17 21.76 18.18
N GLU L 80 -4.22 22.58 17.72
CA GLU L 80 -4.57 23.73 16.90
C GLU L 80 -5.18 23.32 15.57
N HIS L 81 -4.86 22.11 15.09
CA HIS L 81 -5.31 21.65 13.78
C HIS L 81 -5.90 20.25 13.89
N GLN L 82 -7.23 20.19 14.06
CA GLN L 82 -7.91 18.90 14.12
C GLN L 82 -8.20 18.34 12.73
N GLU L 83 -9.05 19.05 11.98
CA GLU L 83 -9.58 18.51 10.74
C GLU L 83 -8.49 18.34 9.69
N GLU L 84 -7.60 19.32 9.59
CA GLU L 84 -6.55 19.27 8.59
C GLU L 84 -5.68 18.02 8.76
N ILE L 85 -5.17 17.82 9.97
CA ILE L 85 -4.25 16.71 10.21
C ILE L 85 -5.00 15.38 10.15
N ALA L 86 -6.23 15.35 10.65
CA ALA L 86 -7.02 14.13 10.59
C ALA L 86 -7.26 13.70 9.15
N LEU L 87 -7.64 14.64 8.29
CA LEU L 87 -7.84 14.33 6.88
C LEU L 87 -6.53 13.93 6.22
N LEU L 88 -5.43 14.59 6.59
CA LEU L 88 -4.12 14.24 6.04
C LEU L 88 -3.76 12.80 6.39
N ILE L 89 -4.04 12.39 7.62
CA ILE L 89 -3.73 11.03 8.04
C ILE L 89 -4.62 10.02 7.32
N LYS L 90 -5.91 10.31 7.21
CA LYS L 90 -6.83 9.34 6.60
C LYS L 90 -6.59 9.21 5.10
N LYS L 91 -6.34 10.31 4.41
CA LYS L 91 -6.29 10.31 2.95
C LYS L 91 -4.94 9.85 2.41
N SER L 92 -3.85 10.45 2.88
CA SER L 92 -2.55 10.23 2.27
C SER L 92 -2.13 8.77 2.43
N PRO L 93 -1.39 8.23 1.45
CA PRO L 93 -0.97 6.83 1.53
C PRO L 93 -0.08 6.60 2.76
N TRP L 94 -0.23 5.42 3.35
CA TRP L 94 0.43 5.14 4.63
C TRP L 94 1.94 5.19 4.51
N GLN L 95 2.49 4.85 3.33
CA GLN L 95 3.93 4.91 3.15
C GLN L 95 4.44 6.33 3.32
N GLU L 96 3.78 7.31 2.71
CA GLU L 96 4.20 8.70 2.86
C GLU L 96 4.12 9.12 4.32
N ILE L 97 3.12 8.64 5.04
CA ILE L 97 3.04 8.90 6.49
C ILE L 97 4.25 8.30 7.19
N ARG L 98 4.71 7.12 6.74
CA ARG L 98 5.88 6.51 7.33
C ARG L 98 7.14 7.35 7.10
N ILE L 99 7.31 7.86 5.88
CA ILE L 99 8.42 8.77 5.63
C ILE L 99 8.33 10.00 6.52
N TRP L 100 7.14 10.57 6.66
CA TRP L 100 6.99 11.78 7.46
C TRP L 100 7.31 11.50 8.92
N SER L 101 6.85 10.35 9.44
CA SER L 101 7.12 9.99 10.83
C SER L 101 8.61 9.76 11.05
N LEU L 102 9.28 9.08 10.11
CA LEU L 102 10.72 8.86 10.25
C LEU L 102 11.49 10.17 10.19
N LEU L 103 11.08 11.08 9.30
CA LEU L 103 11.74 12.39 9.24
C LEU L 103 11.54 13.15 10.53
N ALA L 104 10.34 13.10 11.11
CA ALA L 104 10.11 13.73 12.41
C ALA L 104 10.98 13.09 13.49
N ILE L 105 11.14 11.78 13.42
CA ILE L 105 12.01 11.08 14.38
C ILE L 105 13.43 11.61 14.27
N ALA L 106 13.94 11.71 13.04
CA ALA L 106 15.32 12.15 12.85
C ALA L 106 15.49 13.63 13.16
N SER L 107 14.40 14.40 13.11
CA SER L 107 14.44 15.83 13.35
C SER L 107 14.10 16.22 14.78
N TYR L 108 13.95 15.26 15.69
CA TYR L 108 13.54 15.55 17.04
C TYR L 108 14.57 16.43 17.76
N LYS L 109 14.19 17.67 18.05
CA LYS L 109 15.06 18.57 18.78
C LYS L 109 14.97 18.26 20.27
N PRO L 110 16.07 17.89 20.93
CA PRO L 110 16.02 17.66 22.38
C PRO L 110 15.71 18.96 23.12
N LYS L 111 15.02 18.83 24.25
CA LYS L 111 14.69 19.99 25.06
C LYS L 111 15.94 20.43 25.84
N ASP L 112 16.34 21.68 25.63
CA ASP L 112 17.53 22.21 26.27
C ASP L 112 17.33 22.43 27.76
#